data_6G94
#
_entry.id   6G94
#
_cell.length_a   124.410
_cell.length_b   165.030
_cell.length_c   206.220
_cell.angle_alpha   90.000
_cell.angle_beta   90.000
_cell.angle_gamma   90.000
#
_symmetry.space_group_name_H-M   'P 21 21 21'
#
loop_
_entity.id
_entity.type
_entity.pdbx_description
1 polymer 'Hydrogenase-1 small chain'
2 polymer 'Hydrogenase-1 large chain'
3 polymer 'Probable Ni/Fe-hydrogenase 1 B-type cytochrome subunit'
4 non-polymer 'IRON/SULFUR CLUSTER'
5 non-polymer 'FE3-S4 CLUSTER'
6 non-polymer Fe4S4
7 non-polymer 'CARBONMONOXIDE-(DICYANO) IRON'
8 non-polymer 'NICKEL (II) ION'
9 non-polymer 'MAGNESIUM ION'
10 non-polymer 'CHLORIDE ION'
11 non-polymer 'PROTOPORPHYRIN IX CONTAINING FE'
12 water water
#
loop_
_entity_poly.entity_id
_entity_poly.type
_entity_poly.pdbx_seq_one_letter_code
_entity_poly.pdbx_strand_id
1 'polypeptide(L)'
;LENKPRIPVVWIHGLECTGCTESFIRSAHPLAKDVILSLISLDYDDTLMAAAGTQAEEVFEDIITQYNGKYILAVEGNPP
LGEQGMFCISSGRPFIEKLKRAAAGASAIIAWGTCASWGCVQAARPNPTQATPIDKVITDKPIIKVPGCPPIPDVMSAII
TYMVTFDRLPDVDRMGRPLMFYGQRIHDKCYRRAHFDAGEFVQSWDDDAARKGYCLYKMGCKGPTTYNACSSTRWNDGVS
FPIQSGHGCLGCAENGFWDRGSFYSRVVDIPQMGTHSTADTVGLTALGVVAAAVGVHAVASAVDQRRRHNQQPTETEHQP
GNEDKQARSHHHHHH
;
S,T,Q,R
2 'polypeptide(L)'
;MSTQYETQGYTINNAGRRLVVDPITRIEGHMRCEVNINDQNVITNAVSCGTMFRGLEIILQGRDPRDAWAFVERICGVCT
GVHALASVYAIEDAIGIKVPDNANIIRNIMLATLWCHDHLVHFYQLAGMDWIDVLDALKADPRKTSELAQSLSSWPKSSP
GYFFDVQNRLKKFVEGGQLGIFRNGYWGHPQYKLPPEANLMGFAHYLEALDFQREIVKIHAVFGGKNPHPNWIVGGMPCA
INIDESGAVGAVNMERLNLVQSIITRTADFINNVMIPDALAIGQFNKPWSEIGTGLSDKCVLSYGAFPDIANDFGEKSLL
MPGGAVINGDFNNVLPVDLVDPQQVQEFVDHAWYRYPNDQVGRHPFDGITDPWYNPGDVKGSDTNIQQLNEQERYSWIKA
PRWRGNAMEVGPLARTLIAYHKGDAATVESVDRMMSALNLPLSGIQSTLGRILCRAHEAQWAAGKLQYFFDKLMTNLKNG
NLATASTEKWEPATWPTECRGVGFTEAPRGALGHWAAIRDGKIDLYQCVVPTTWNASPRDPKGQIGAYEAALMNTKMAIP
EQPLEILRTLHSFDPCLACSTH
;
L,M,J,K
3 'polypeptide(L)'
;MQQKSDNVVSHYVFEAPVRIWHWLTVLCMAVLMVTGYFIGKPLPSVSGEATYLFYMGYIRLIHFSAGMVFTVVLLMRIYW
AFVGNRYSRELFIVPVWRKSWWQGVWYEIRWYLFLAKRPSADIGHNPIAQAAMFGYFLMSVFMIITGFALYSEHSQYAIF
APFRYVVEFFYWTGGNSMDIHSWHRLGMWLIGAFVIGHVYMALREDIMSDDTVISTMVNGYRSHKFGKISNKERS
;
A,B
#
loop_
_chem_comp.id
_chem_comp.type
_chem_comp.name
_chem_comp.formula
CL non-polymer 'CHLORIDE ION' 'Cl -1'
ER2 non-polymer Fe4S4 'Fe4 S4'
F3S non-polymer 'FE3-S4 CLUSTER' 'Fe3 S4'
FCO non-polymer 'CARBONMONOXIDE-(DICYANO) IRON' 'C3 Fe N2 O'
HEM non-polymer 'PROTOPORPHYRIN IX CONTAINING FE' 'C34 H32 Fe N4 O4'
MG non-polymer 'MAGNESIUM ION' 'Mg 2'
NI non-polymer 'NICKEL (II) ION' 'Ni 2'
SF4 non-polymer 'IRON/SULFUR CLUSTER' 'Fe4 S4'
#
# COMPACT_ATOMS: atom_id res chain seq x y z
N ASN A 3 -29.41 6.73 16.68
CA ASN A 3 -29.09 6.78 15.24
C ASN A 3 -27.68 7.34 14.89
N LYS A 4 -27.43 7.63 13.60
CA LYS A 4 -26.19 8.25 13.13
C LYS A 4 -26.48 9.09 11.86
N PRO A 5 -25.97 10.38 11.83
CA PRO A 5 -26.09 11.13 10.57
C PRO A 5 -25.23 10.53 9.47
N ARG A 6 -25.71 10.66 8.25
CA ARG A 6 -24.98 10.23 7.07
C ARG A 6 -24.29 11.42 6.45
N ILE A 7 -23.23 11.16 5.71
CA ILE A 7 -22.43 12.22 5.14
C ILE A 7 -23.22 12.85 3.98
N PRO A 8 -23.37 14.20 3.98
CA PRO A 8 -24.15 14.90 2.94
C PRO A 8 -23.44 14.83 1.60
N VAL A 9 -24.21 14.50 0.56
CA VAL A 9 -23.71 14.41 -0.82
C VAL A 9 -24.52 15.29 -1.78
N VAL A 10 -23.81 16.13 -2.52
CA VAL A 10 -24.42 16.98 -3.53
C VAL A 10 -24.02 16.48 -4.92
N TRP A 11 -24.99 16.07 -5.72
CA TRP A 11 -24.72 15.50 -7.03
C TRP A 11 -25.23 16.45 -8.11
N ILE A 12 -24.32 17.12 -8.80
CA ILE A 12 -24.70 18.08 -9.83
C ILE A 12 -24.42 17.54 -11.23
N HIS A 13 -25.09 18.11 -12.22
CA HIS A 13 -24.99 17.62 -13.61
C HIS A 13 -24.63 18.74 -14.57
N GLY A 14 -23.58 18.53 -15.36
CA GLY A 14 -23.26 19.49 -16.41
C GLY A 14 -23.73 18.94 -17.72
N LEU A 15 -22.91 19.07 -18.76
CA LEU A 15 -23.22 18.48 -20.06
C LEU A 15 -22.93 17.03 -19.92
N GLU A 16 -23.96 16.19 -20.12
CA GLU A 16 -23.80 14.76 -19.92
C GLU A 16 -24.90 14.00 -20.60
N CYS A 17 -24.86 12.67 -20.48
CA CYS A 17 -25.87 11.78 -21.08
C CYS A 17 -26.68 11.09 -20.00
N THR A 18 -26.30 11.35 -18.75
CA THR A 18 -26.90 10.75 -17.56
C THR A 18 -26.65 9.22 -17.51
N GLY A 19 -25.73 8.73 -18.34
CA GLY A 19 -25.28 7.35 -18.23
C GLY A 19 -24.61 7.00 -16.90
N CYS A 20 -23.91 7.94 -16.29
CA CYS A 20 -23.21 7.71 -15.03
C CYS A 20 -24.20 7.53 -13.89
N THR A 21 -25.21 8.40 -13.82
CA THR A 21 -26.30 8.24 -12.86
C THR A 21 -26.99 6.88 -13.05
N GLU A 22 -27.26 6.52 -14.30
CA GLU A 22 -27.87 5.23 -14.61
C GLU A 22 -27.00 4.08 -14.10
N SER A 23 -25.69 4.22 -14.31
CA SER A 23 -24.75 3.18 -13.89
C SER A 23 -24.83 3.02 -12.37
N PHE A 24 -24.80 4.15 -11.68
CA PHE A 24 -24.85 4.17 -10.23
C PHE A 24 -26.02 3.35 -9.67
N ILE A 25 -27.19 3.49 -10.27
CA ILE A 25 -28.35 2.78 -9.75
C ILE A 25 -28.41 1.33 -10.20
N ARG A 26 -27.41 0.89 -10.97
CA ARG A 26 -27.34 -0.52 -11.36
C ARG A 26 -26.67 -1.37 -10.31
N SER A 27 -26.08 -0.68 -9.32
CA SER A 27 -25.24 -1.32 -8.29
C SER A 27 -25.89 -2.54 -7.69
N ALA A 28 -25.16 -3.65 -7.69
CA ALA A 28 -25.66 -4.92 -7.18
C ALA A 28 -25.41 -5.09 -5.67
N HIS A 29 -24.33 -4.47 -5.19
CA HIS A 29 -23.91 -4.63 -3.81
C HIS A 29 -22.93 -3.57 -3.40
N PRO A 30 -23.35 -2.61 -2.57
CA PRO A 30 -24.73 -2.45 -2.09
C PRO A 30 -25.67 -1.91 -3.15
N LEU A 31 -26.94 -2.28 -3.07
CA LEU A 31 -27.99 -1.70 -3.91
C LEU A 31 -28.02 -0.18 -3.73
N ALA A 32 -28.34 0.53 -4.81
CA ALA A 32 -28.38 1.98 -4.79
C ALA A 32 -29.36 2.45 -3.74
N LYS A 33 -30.44 1.67 -3.59
CA LYS A 33 -31.44 1.91 -2.57
C LYS A 33 -30.81 2.01 -1.19
N ASP A 34 -29.95 1.06 -0.86
CA ASP A 34 -29.33 1.03 0.47
C ASP A 34 -28.25 2.07 0.65
N VAL A 35 -27.55 2.40 -0.44
CA VAL A 35 -26.59 3.52 -0.43
C VAL A 35 -27.31 4.81 -0.04
N ILE A 36 -28.45 5.07 -0.66
CA ILE A 36 -29.21 6.28 -0.42
C ILE A 36 -29.84 6.24 0.94
N LEU A 37 -30.30 5.07 1.35
CA LEU A 37 -30.99 4.90 2.63
C LEU A 37 -30.08 4.94 3.84
N SER A 38 -28.93 4.26 3.76
CA SER A 38 -28.05 4.01 4.92
C SER A 38 -26.61 4.54 4.93
N LEU A 39 -25.91 4.58 3.79
CA LEU A 39 -24.52 5.04 3.79
C LEU A 39 -24.32 6.53 3.64
N ILE A 40 -25.14 7.18 2.82
CA ILE A 40 -24.94 8.61 2.57
C ILE A 40 -26.26 9.38 2.65
N SER A 41 -26.14 10.70 2.59
CA SER A 41 -27.30 11.55 2.48
C SER A 41 -27.23 12.25 1.14
N LEU A 42 -27.93 11.70 0.15
CA LEU A 42 -27.99 12.29 -1.19
C LEU A 42 -28.92 13.50 -1.10
N ASP A 43 -28.32 14.65 -0.83
CA ASP A 43 -29.11 15.82 -0.51
C ASP A 43 -29.52 16.67 -1.70
N TYR A 44 -28.87 16.46 -2.84
CA TYR A 44 -29.21 17.17 -4.07
C TYR A 44 -28.83 16.31 -5.28
N ASP A 45 -29.78 16.13 -6.19
CA ASP A 45 -29.57 15.30 -7.38
C ASP A 45 -30.75 15.49 -8.30
N ASP A 46 -30.54 16.27 -9.35
CA ASP A 46 -31.60 16.64 -10.28
C ASP A 46 -32.39 15.46 -10.82
N THR A 47 -31.75 14.32 -10.98
CA THR A 47 -32.39 13.19 -11.63
C THR A 47 -33.43 12.52 -10.76
N LEU A 48 -33.23 12.60 -9.44
CA LEU A 48 -34.03 11.80 -8.53
C LEU A 48 -34.90 12.60 -7.54
N MET A 49 -34.56 13.88 -7.33
CA MET A 49 -35.15 14.64 -6.24
C MET A 49 -36.59 15.06 -6.55
N ALA A 50 -37.38 15.19 -5.51
CA ALA A 50 -38.79 15.57 -5.65
C ALA A 50 -38.96 17.05 -6.04
N ALA A 51 -38.25 17.93 -5.32
CA ALA A 51 -38.31 19.37 -5.55
C ALA A 51 -37.77 19.76 -6.93
N ALA A 52 -38.47 20.70 -7.57
CA ALA A 52 -38.00 21.29 -8.82
C ALA A 52 -37.97 22.79 -8.69
N GLY A 53 -37.39 23.45 -9.68
CA GLY A 53 -37.43 24.89 -9.75
C GLY A 53 -36.91 25.58 -8.52
N THR A 54 -37.69 26.51 -7.98
CA THR A 54 -37.26 27.35 -6.88
C THR A 54 -37.13 26.54 -5.61
N GLN A 55 -37.87 25.44 -5.54
CA GLN A 55 -37.77 24.50 -4.42
C GLN A 55 -36.42 23.76 -4.47
N ALA A 56 -36.04 23.38 -5.67
CA ALA A 56 -34.76 22.74 -5.89
C ALA A 56 -33.61 23.69 -5.57
N GLU A 57 -33.75 24.96 -5.95
CA GLU A 57 -32.74 25.98 -5.66
C GLU A 57 -32.55 26.15 -4.17
N GLU A 58 -33.68 26.14 -3.43
CA GLU A 58 -33.65 26.31 -1.98
C GLU A 58 -32.91 25.16 -1.32
N VAL A 59 -33.18 23.95 -1.77
CA VAL A 59 -32.48 22.78 -1.27
C VAL A 59 -30.98 22.92 -1.42
N PHE A 60 -30.55 23.19 -2.67
CA PHE A 60 -29.16 23.42 -3.05
C PHE A 60 -28.49 24.43 -2.12
N GLU A 61 -29.07 25.62 -2.01
CA GLU A 61 -28.51 26.68 -1.18
C GLU A 61 -28.40 26.26 0.29
N ASP A 62 -29.47 25.66 0.78
CA ASP A 62 -29.55 25.26 2.18
C ASP A 62 -28.46 24.24 2.53
N ILE A 63 -28.30 23.24 1.67
CA ILE A 63 -27.32 22.19 1.91
C ILE A 63 -25.86 22.69 1.93
N ILE A 64 -25.48 23.41 0.88
CA ILE A 64 -24.11 23.90 0.76
C ILE A 64 -23.78 24.96 1.78
N THR A 65 -24.80 25.55 2.39
CA THR A 65 -24.57 26.59 3.39
C THR A 65 -24.53 26.02 4.76
N GLN A 66 -25.52 25.20 5.07
CA GLN A 66 -25.58 24.54 6.34
C GLN A 66 -24.36 23.64 6.49
N TYR A 67 -24.18 22.72 5.54
CA TYR A 67 -23.07 21.76 5.58
C TYR A 67 -21.79 22.21 4.88
N ASN A 68 -21.53 23.51 4.87
CA ASN A 68 -20.37 24.10 4.22
C ASN A 68 -19.07 23.51 4.75
N GLY A 69 -18.22 23.05 3.83
CA GLY A 69 -16.96 22.42 4.18
C GLY A 69 -17.07 20.95 4.56
N LYS A 70 -18.27 20.39 4.56
CA LYS A 70 -18.49 19.07 5.11
C LYS A 70 -19.19 18.09 4.19
N TYR A 71 -19.66 18.56 3.03
CA TYR A 71 -20.32 17.66 2.10
C TYR A 71 -19.39 17.19 0.98
N ILE A 72 -19.73 16.06 0.37
CA ILE A 72 -19.01 15.57 -0.79
C ILE A 72 -19.73 16.06 -2.04
N LEU A 73 -18.97 16.66 -2.97
CA LEU A 73 -19.54 17.04 -4.26
C LEU A 73 -19.28 15.98 -5.33
N ALA A 74 -20.35 15.36 -5.81
CA ALA A 74 -20.25 14.43 -6.93
C ALA A 74 -20.64 15.18 -8.19
N VAL A 75 -19.79 15.10 -9.20
CA VAL A 75 -20.02 15.82 -10.45
C VAL A 75 -20.19 14.86 -11.63
N GLU A 76 -21.32 14.94 -12.29
CA GLU A 76 -21.54 14.19 -13.51
C GLU A 76 -21.59 15.20 -14.64
N GLY A 77 -20.99 14.87 -15.78
CA GLY A 77 -20.87 15.82 -16.89
C GLY A 77 -19.80 16.90 -16.68
N ASN A 78 -19.77 17.90 -17.56
CA ASN A 78 -18.73 18.92 -17.50
C ASN A 78 -19.23 20.27 -17.97
N PRO A 79 -18.54 21.36 -17.56
CA PRO A 79 -18.96 22.68 -17.98
C PRO A 79 -18.42 23.07 -19.36
N PRO A 80 -19.28 23.68 -20.21
CA PRO A 80 -18.84 24.29 -21.48
C PRO A 80 -18.40 25.72 -21.28
N LEU A 81 -17.31 26.09 -21.94
CA LEU A 81 -16.79 27.43 -21.80
C LEU A 81 -17.30 28.32 -22.92
N GLY A 82 -17.78 27.69 -23.99
CA GLY A 82 -18.32 28.42 -25.14
C GLY A 82 -19.60 29.19 -24.86
N GLU A 83 -19.80 30.31 -25.59
CA GLU A 83 -21.01 31.12 -25.49
C GLU A 83 -21.25 31.59 -24.08
N GLN A 84 -20.16 31.99 -23.44
CA GLN A 84 -20.18 32.42 -22.04
C GLN A 84 -20.72 31.40 -21.06
N GLY A 85 -20.65 30.13 -21.46
CA GLY A 85 -21.14 29.03 -20.64
C GLY A 85 -22.62 28.70 -20.81
N MET A 86 -23.30 29.43 -21.68
CA MET A 86 -24.73 29.24 -21.85
C MET A 86 -25.10 28.06 -22.76
N PHE A 87 -24.12 27.22 -23.04
CA PHE A 87 -24.37 25.92 -23.69
C PHE A 87 -24.99 24.93 -22.66
N CYS A 88 -24.85 25.29 -21.38
CA CYS A 88 -25.45 24.56 -20.30
C CYS A 88 -25.93 25.56 -19.27
N ILE A 89 -27.25 25.72 -19.20
CA ILE A 89 -27.89 26.74 -18.37
C ILE A 89 -28.64 26.11 -17.21
N SER A 90 -28.32 26.55 -15.99
CA SER A 90 -29.02 26.12 -14.79
C SER A 90 -29.50 27.33 -14.01
N SER A 91 -30.82 27.39 -13.79
CA SER A 91 -31.48 28.53 -13.13
C SER A 91 -31.16 29.83 -13.84
N GLY A 92 -31.17 29.78 -15.17
CA GLY A 92 -30.93 30.96 -16.00
C GLY A 92 -29.50 31.49 -16.00
N ARG A 93 -28.60 30.71 -15.44
CA ARG A 93 -27.21 31.13 -15.33
C ARG A 93 -26.31 30.04 -15.87
N PRO A 94 -25.03 30.37 -16.23
CA PRO A 94 -24.04 29.37 -16.67
C PRO A 94 -23.87 28.28 -15.63
N PHE A 95 -23.92 27.01 -16.06
CA PHE A 95 -23.69 25.88 -15.19
C PHE A 95 -22.38 26.01 -14.40
N ILE A 96 -21.34 26.53 -15.04
CA ILE A 96 -20.05 26.68 -14.38
C ILE A 96 -20.12 27.46 -13.06
N GLU A 97 -21.08 28.38 -12.95
CA GLU A 97 -21.26 29.16 -11.73
C GLU A 97 -21.76 28.29 -10.58
N LYS A 98 -22.66 27.37 -10.91
CA LYS A 98 -23.16 26.40 -9.97
C LYS A 98 -22.04 25.48 -9.49
N LEU A 99 -21.26 24.97 -10.45
CA LEU A 99 -20.12 24.11 -10.19
C LEU A 99 -19.13 24.77 -9.23
N LYS A 100 -18.78 26.02 -9.51
CA LYS A 100 -17.80 26.72 -8.70
C LYS A 100 -18.34 26.94 -7.30
N ARG A 101 -19.61 27.31 -7.22
CA ARG A 101 -20.27 27.57 -5.94
C ARG A 101 -20.36 26.29 -5.10
N ALA A 102 -20.66 25.17 -5.77
CA ALA A 102 -20.70 23.87 -5.10
C ALA A 102 -19.31 23.40 -4.64
N ALA A 103 -18.31 23.50 -5.50
CA ALA A 103 -16.94 23.09 -5.16
C ALA A 103 -16.31 23.91 -4.05
N ALA A 104 -16.71 25.16 -3.90
CA ALA A 104 -16.11 26.02 -2.88
C ALA A 104 -16.41 25.53 -1.47
N GLY A 105 -17.56 24.89 -1.29
CA GLY A 105 -17.95 24.35 0.00
C GLY A 105 -17.72 22.86 0.20
N ALA A 106 -17.26 22.16 -0.84
CA ALA A 106 -17.05 20.72 -0.75
C ALA A 106 -15.77 20.42 0.00
N SER A 107 -15.72 19.25 0.65
CA SER A 107 -14.50 18.81 1.31
C SER A 107 -13.63 18.07 0.30
N ALA A 108 -14.32 17.34 -0.59
CA ALA A 108 -13.71 16.57 -1.66
C ALA A 108 -14.70 16.42 -2.84
N ILE A 109 -14.17 16.17 -4.03
CA ILE A 109 -15.00 16.11 -5.21
C ILE A 109 -14.80 14.76 -5.88
N ILE A 110 -15.91 14.14 -6.27
CA ILE A 110 -15.88 12.94 -7.12
C ILE A 110 -16.24 13.33 -8.53
N ALA A 111 -15.35 13.03 -9.46
CA ALA A 111 -15.59 13.27 -10.86
C ALA A 111 -16.06 11.98 -11.48
N TRP A 112 -17.38 11.84 -11.63
CA TRP A 112 -17.94 10.61 -12.22
C TRP A 112 -17.73 10.57 -13.73
N GLY A 113 -17.24 9.43 -14.22
CA GLY A 113 -17.16 9.16 -15.64
C GLY A 113 -16.10 9.94 -16.41
N THR A 114 -15.98 9.61 -17.69
CA THR A 114 -15.04 10.26 -18.60
C THR A 114 -15.36 11.74 -18.85
N CYS A 115 -16.66 12.07 -18.92
CA CYS A 115 -17.11 13.47 -18.97
C CYS A 115 -16.43 14.39 -17.94
N ALA A 116 -16.67 14.11 -16.66
CA ALA A 116 -16.15 14.94 -15.58
C ALA A 116 -14.63 14.81 -15.46
N SER A 117 -14.13 13.61 -15.74
CA SER A 117 -12.69 13.32 -15.65
C SER A 117 -11.87 13.98 -16.74
N TRP A 118 -12.36 13.85 -17.98
CA TRP A 118 -11.57 14.18 -19.18
C TRP A 118 -12.29 15.10 -20.18
N GLY A 119 -13.57 14.83 -20.45
CA GLY A 119 -14.33 15.62 -21.39
C GLY A 119 -15.29 14.78 -22.18
N CYS A 120 -14.88 13.54 -22.47
CA CYS A 120 -15.70 12.55 -23.18
C CYS A 120 -16.22 13.06 -24.54
N VAL A 121 -17.37 12.55 -24.97
CA VAL A 121 -17.85 12.72 -26.34
C VAL A 121 -18.03 14.17 -26.79
N GLN A 122 -18.54 15.03 -25.90
CA GLN A 122 -18.77 16.43 -26.27
C GLN A 122 -17.45 17.17 -26.47
N ALA A 123 -16.37 16.63 -25.90
CA ALA A 123 -15.06 17.27 -25.98
C ALA A 123 -14.30 16.76 -27.19
N ALA A 124 -14.85 15.79 -27.90
CA ALA A 124 -14.22 15.29 -29.12
C ALA A 124 -14.21 16.36 -30.24
N ARG A 125 -13.22 16.26 -31.14
CA ARG A 125 -13.06 17.15 -32.30
C ARG A 125 -14.41 17.37 -33.05
N PRO A 126 -14.88 18.65 -33.20
CA PRO A 126 -14.12 19.81 -32.78
C PRO A 126 -14.52 20.47 -31.47
N ASN A 127 -15.11 19.71 -30.54
CA ASN A 127 -15.51 20.29 -29.28
C ASN A 127 -16.25 21.63 -29.46
N PRO A 128 -17.41 21.58 -30.09
CA PRO A 128 -18.19 22.78 -30.42
C PRO A 128 -18.44 23.72 -29.22
N THR A 129 -18.59 23.16 -28.02
CA THR A 129 -19.01 23.95 -26.86
C THR A 129 -17.86 24.29 -25.93
N GLN A 130 -16.67 23.81 -26.25
CA GLN A 130 -15.52 23.94 -25.37
C GLN A 130 -15.79 23.26 -24.04
N ALA A 131 -16.24 22.02 -24.10
CA ALA A 131 -16.48 21.27 -22.88
C ALA A 131 -15.15 20.98 -22.20
N THR A 132 -15.10 21.19 -20.88
CA THR A 132 -13.85 21.18 -20.14
C THR A 132 -13.96 20.30 -18.92
N PRO A 133 -12.98 19.42 -18.69
CA PRO A 133 -13.04 18.58 -17.48
C PRO A 133 -12.95 19.41 -16.21
N ILE A 134 -13.48 18.88 -15.10
CA ILE A 134 -13.66 19.59 -13.84
C ILE A 134 -12.36 20.09 -13.26
N ASP A 135 -11.33 19.25 -13.38
CA ASP A 135 -10.03 19.59 -12.80
C ASP A 135 -9.30 20.73 -13.53
N LYS A 136 -9.81 21.11 -14.69
CA LYS A 136 -9.26 22.25 -15.40
C LYS A 136 -9.95 23.48 -14.93
N VAL A 137 -11.10 23.35 -14.27
CA VAL A 137 -11.85 24.51 -13.78
C VAL A 137 -11.67 24.72 -12.28
N ILE A 138 -11.71 23.60 -11.54
CA ILE A 138 -11.50 23.61 -10.10
C ILE A 138 -10.08 23.14 -9.80
N THR A 139 -9.29 24.00 -9.18
CA THR A 139 -7.87 23.73 -8.96
C THR A 139 -7.45 23.67 -7.48
N ASP A 140 -8.38 23.90 -6.56
CA ASP A 140 -8.01 24.01 -5.14
C ASP A 140 -8.69 22.97 -4.27
N LYS A 141 -9.16 21.89 -4.88
CA LYS A 141 -9.86 20.84 -4.16
C LYS A 141 -9.40 19.46 -4.62
N PRO A 142 -9.35 18.50 -3.69
CA PRO A 142 -9.08 17.11 -4.08
C PRO A 142 -10.16 16.60 -5.02
N ILE A 143 -9.78 16.17 -6.21
CA ILE A 143 -10.73 15.58 -7.15
C ILE A 143 -10.39 14.12 -7.47
N ILE A 144 -11.30 13.20 -7.19
CA ILE A 144 -11.09 11.80 -7.49
C ILE A 144 -11.74 11.49 -8.81
N LYS A 145 -10.93 11.11 -9.80
CA LYS A 145 -11.46 10.83 -11.13
C LYS A 145 -11.88 9.38 -11.18
N VAL A 146 -13.13 9.14 -11.53
CA VAL A 146 -13.62 7.78 -11.70
C VAL A 146 -14.06 7.56 -13.15
N PRO A 147 -13.10 7.40 -14.08
CA PRO A 147 -13.42 7.47 -15.52
C PRO A 147 -14.12 6.24 -16.05
N GLY A 148 -14.46 6.27 -17.34
CA GLY A 148 -15.26 5.23 -17.95
C GLY A 148 -16.51 5.87 -18.52
N CYS A 149 -17.09 5.23 -19.52
CA CYS A 149 -18.30 5.76 -20.17
C CYS A 149 -19.45 4.74 -20.25
N PRO A 150 -20.15 4.51 -19.12
CA PRO A 150 -19.88 5.03 -17.76
C PRO A 150 -18.90 4.12 -16.99
N PRO A 151 -18.48 4.54 -15.77
CA PRO A 151 -17.75 3.59 -14.95
C PRO A 151 -18.60 2.36 -14.61
N ILE A 152 -17.95 1.26 -14.22
CA ILE A 152 -18.66 0.08 -13.76
C ILE A 152 -19.51 0.38 -12.50
N PRO A 153 -20.80 0.01 -12.52
CA PRO A 153 -21.73 0.24 -11.44
C PRO A 153 -21.17 -0.14 -10.08
N ASP A 154 -20.65 -1.36 -9.96
CA ASP A 154 -20.14 -1.85 -8.68
C ASP A 154 -18.81 -1.23 -8.27
N VAL A 155 -18.12 -0.66 -9.24
CA VAL A 155 -16.90 0.07 -8.94
C VAL A 155 -17.31 1.38 -8.28
N MET A 156 -18.33 2.01 -8.83
CA MET A 156 -18.85 3.29 -8.32
C MET A 156 -19.26 3.16 -6.87
N SER A 157 -20.09 2.16 -6.59
CA SER A 157 -20.58 1.91 -5.23
C SER A 157 -19.45 1.49 -4.30
N ALA A 158 -18.49 0.71 -4.81
CA ALA A 158 -17.35 0.28 -3.99
C ALA A 158 -16.51 1.46 -3.57
N ILE A 159 -16.40 2.45 -4.45
CA ILE A 159 -15.62 3.63 -4.12
C ILE A 159 -16.36 4.43 -3.07
N ILE A 160 -17.68 4.50 -3.20
CA ILE A 160 -18.50 5.17 -2.20
C ILE A 160 -18.41 4.48 -0.84
N THR A 161 -18.57 3.15 -0.83
CA THR A 161 -18.53 2.40 0.43
C THR A 161 -17.18 2.51 1.07
N TYR A 162 -16.11 2.49 0.26
CA TYR A 162 -14.76 2.68 0.76
C TYR A 162 -14.64 3.99 1.53
N MET A 163 -15.12 5.08 0.93
CA MET A 163 -14.95 6.40 1.51
C MET A 163 -15.78 6.58 2.75
N VAL A 164 -16.94 5.94 2.79
CA VAL A 164 -17.80 5.92 4.00
C VAL A 164 -17.19 5.08 5.10
N THR A 165 -16.95 3.80 4.81
CA THR A 165 -16.37 2.85 5.77
C THR A 165 -15.00 3.26 6.34
N PHE A 166 -14.06 3.58 5.45
CA PHE A 166 -12.70 3.88 5.85
C PHE A 166 -12.49 5.35 6.16
N ASP A 167 -13.53 6.16 5.93
CA ASP A 167 -13.52 7.59 6.24
C ASP A 167 -12.32 8.35 5.64
N ARG A 168 -12.04 8.10 4.38
CA ARG A 168 -10.95 8.75 3.67
C ARG A 168 -11.09 8.60 2.17
N LEU A 169 -10.28 9.35 1.43
CA LEU A 169 -10.25 9.18 -0.02
C LEU A 169 -9.40 7.96 -0.43
N PRO A 170 -9.79 7.29 -1.53
CA PRO A 170 -9.00 6.17 -2.04
C PRO A 170 -7.66 6.65 -2.61
N ASP A 171 -6.63 5.80 -2.54
CA ASP A 171 -5.32 6.16 -3.05
C ASP A 171 -5.41 6.27 -4.56
N VAL A 172 -4.73 7.28 -5.11
CA VAL A 172 -4.83 7.58 -6.54
C VAL A 172 -3.50 7.62 -7.26
N ASP A 173 -3.54 7.37 -8.56
CA ASP A 173 -2.36 7.56 -9.42
C ASP A 173 -2.01 9.05 -9.63
N ARG A 174 -1.07 9.33 -10.52
CA ARG A 174 -0.67 10.71 -10.83
C ARG A 174 -1.76 11.45 -11.54
N MET A 175 -2.76 10.72 -11.99
CA MET A 175 -3.85 11.27 -12.77
C MET A 175 -5.11 11.48 -11.96
N GLY A 176 -5.11 11.00 -10.70
CA GLY A 176 -6.27 11.11 -9.78
C GLY A 176 -7.27 9.96 -9.85
N ARG A 177 -6.88 8.85 -10.45
CA ARG A 177 -7.76 7.68 -10.53
C ARG A 177 -7.47 6.74 -9.37
N PRO A 178 -8.52 6.15 -8.77
CA PRO A 178 -8.30 5.23 -7.65
C PRO A 178 -7.51 4.01 -8.09
N LEU A 179 -6.41 3.76 -7.38
CA LEU A 179 -5.51 2.66 -7.72
C LEU A 179 -6.23 1.34 -7.71
N MET A 180 -7.18 1.21 -6.79
CA MET A 180 -7.87 -0.06 -6.59
C MET A 180 -8.48 -0.66 -7.85
N PHE A 181 -9.09 0.19 -8.67
CA PHE A 181 -9.77 -0.27 -9.88
C PHE A 181 -9.12 0.20 -11.19
N TYR A 182 -8.25 1.19 -11.10
CA TYR A 182 -7.62 1.75 -12.29
C TYR A 182 -6.09 1.57 -12.30
N GLY A 183 -5.60 0.67 -11.44
CA GLY A 183 -4.17 0.47 -11.29
C GLY A 183 -3.60 -0.38 -12.38
N GLN A 184 -4.44 -1.20 -13.00
CA GLN A 184 -3.98 -2.10 -14.05
C GLN A 184 -4.77 -1.92 -15.34
N ARG A 185 -4.24 -2.49 -16.43
CA ARG A 185 -4.89 -2.39 -17.74
C ARG A 185 -5.84 -3.55 -18.02
N ILE A 186 -6.84 -3.29 -18.84
CA ILE A 186 -7.79 -4.31 -19.27
C ILE A 186 -7.05 -5.49 -19.84
N HIS A 187 -6.02 -5.18 -20.61
CA HIS A 187 -5.20 -6.13 -21.30
C HIS A 187 -4.40 -6.99 -20.33
N ASP A 188 -4.11 -6.49 -19.15
CA ASP A 188 -3.35 -7.26 -18.17
C ASP A 188 -4.23 -8.19 -17.31
N LYS A 189 -5.54 -8.16 -17.52
CA LYS A 189 -6.39 -9.08 -16.81
C LYS A 189 -7.43 -9.62 -17.72
N CYS A 190 -7.17 -9.60 -19.00
CA CYS A 190 -8.12 -10.09 -19.97
C CYS A 190 -8.05 -11.61 -20.13
N TYR A 191 -9.21 -12.26 -20.04
CA TYR A 191 -9.31 -13.71 -20.14
C TYR A 191 -9.05 -14.24 -21.54
N ARG A 192 -8.81 -13.34 -22.47
CA ARG A 192 -8.45 -13.72 -23.83
C ARG A 192 -6.97 -13.50 -24.15
N ARG A 193 -6.17 -13.14 -23.14
CA ARG A 193 -4.71 -12.98 -23.33
C ARG A 193 -4.05 -14.19 -23.91
N ALA A 194 -4.52 -15.37 -23.53
CA ALA A 194 -3.97 -16.61 -24.03
C ALA A 194 -3.92 -16.60 -25.55
N HIS A 195 -5.01 -16.16 -26.15
CA HIS A 195 -5.09 -16.09 -27.60
C HIS A 195 -4.19 -15.01 -28.16
N PHE A 196 -4.18 -13.84 -27.50
CA PHE A 196 -3.30 -12.73 -27.88
C PHE A 196 -1.86 -13.22 -27.96
N ASP A 197 -1.47 -13.90 -26.87
CA ASP A 197 -0.11 -14.36 -26.67
C ASP A 197 0.28 -15.47 -27.64
N ALA A 198 -0.72 -16.21 -28.12
CA ALA A 198 -0.50 -17.28 -29.10
C ALA A 198 -0.53 -16.78 -30.54
N GLY A 199 -1.06 -15.57 -30.74
CA GLY A 199 -1.28 -15.01 -32.07
C GLY A 199 -2.53 -15.56 -32.72
N GLU A 200 -3.56 -15.76 -31.91
CA GLU A 200 -4.86 -16.25 -32.38
C GLU A 200 -5.88 -15.11 -32.31
N PHE A 201 -6.22 -14.55 -33.47
CA PHE A 201 -7.04 -13.36 -33.56
C PHE A 201 -8.31 -13.51 -34.38
N VAL A 202 -9.36 -12.82 -33.96
CA VAL A 202 -10.53 -12.58 -34.83
C VAL A 202 -10.07 -11.66 -35.95
N GLN A 203 -10.38 -12.03 -37.19
CA GLN A 203 -10.00 -11.20 -38.32
C GLN A 203 -11.19 -10.51 -38.96
N SER A 204 -12.34 -11.14 -38.89
CA SER A 204 -13.57 -10.51 -39.31
C SER A 204 -14.69 -11.03 -38.40
N TRP A 205 -15.74 -10.22 -38.24
CA TRP A 205 -16.86 -10.54 -37.36
C TRP A 205 -17.47 -11.92 -37.68
N ASP A 206 -17.73 -12.71 -36.63
CA ASP A 206 -18.42 -13.99 -36.76
C ASP A 206 -17.66 -15.02 -37.63
N ASP A 207 -16.34 -14.89 -37.72
CA ASP A 207 -15.52 -15.97 -38.26
C ASP A 207 -15.37 -17.08 -37.20
N ASP A 208 -14.70 -18.17 -37.54
CA ASP A 208 -14.49 -19.26 -36.59
C ASP A 208 -13.73 -18.82 -35.35
N ALA A 209 -12.80 -17.88 -35.52
CA ALA A 209 -12.04 -17.31 -34.41
C ALA A 209 -12.96 -16.62 -33.40
N ALA A 210 -13.89 -15.83 -33.92
CA ALA A 210 -14.85 -15.11 -33.11
C ALA A 210 -15.75 -16.04 -32.34
N ARG A 211 -16.14 -17.15 -32.97
CA ARG A 211 -17.01 -18.13 -32.34
C ARG A 211 -16.31 -19.00 -31.28
N LYS A 212 -14.99 -18.86 -31.17
CA LYS A 212 -14.23 -19.56 -30.15
C LYS A 212 -13.74 -18.56 -29.09
N GLY A 213 -14.07 -17.28 -29.28
CA GLY A 213 -13.69 -16.26 -28.33
C GLY A 213 -12.22 -15.88 -28.36
N TYR A 214 -11.63 -15.86 -29.56
CA TYR A 214 -10.22 -15.44 -29.74
C TYR A 214 -10.05 -13.94 -29.50
N CYS A 215 -8.80 -13.51 -29.40
CA CYS A 215 -8.47 -12.12 -29.10
C CYS A 215 -9.01 -11.13 -30.17
N LEU A 216 -9.31 -9.92 -29.73
CA LEU A 216 -9.90 -8.90 -30.61
C LEU A 216 -8.93 -7.76 -30.91
N TYR A 217 -7.63 -8.06 -30.87
CA TYR A 217 -6.59 -7.05 -31.04
C TYR A 217 -6.60 -6.49 -32.44
N LYS A 218 -6.78 -7.38 -33.41
CA LYS A 218 -6.82 -7.01 -34.80
C LYS A 218 -8.17 -6.46 -35.21
N MET A 219 -9.14 -6.44 -34.30
CA MET A 219 -10.42 -5.79 -34.58
C MET A 219 -10.45 -4.41 -33.91
N GLY A 220 -9.32 -4.00 -33.34
CA GLY A 220 -9.20 -2.65 -32.83
C GLY A 220 -9.26 -2.49 -31.32
N CYS A 221 -9.24 -3.61 -30.60
CA CYS A 221 -9.35 -3.58 -29.16
C CYS A 221 -8.32 -2.64 -28.51
N LYS A 222 -8.81 -1.71 -27.72
CA LYS A 222 -7.94 -0.74 -27.06
C LYS A 222 -7.66 -1.12 -25.62
N GLY A 223 -7.97 -2.38 -25.29
CA GLY A 223 -7.56 -2.98 -24.04
C GLY A 223 -6.12 -2.69 -23.61
N PRO A 224 -5.13 -2.89 -24.53
CA PRO A 224 -3.71 -2.67 -24.17
C PRO A 224 -3.35 -1.30 -23.65
N THR A 225 -4.20 -0.30 -23.86
CA THR A 225 -3.85 1.06 -23.42
C THR A 225 -4.88 1.67 -22.47
N THR A 226 -5.79 0.83 -21.96
CA THR A 226 -6.92 1.30 -21.15
C THR A 226 -6.90 0.77 -19.73
N TYR A 227 -6.87 1.69 -18.77
CA TYR A 227 -6.93 1.35 -17.33
C TYR A 227 -8.37 1.34 -16.79
N ASN A 228 -8.80 0.18 -16.32
CA ASN A 228 -10.16 -0.04 -15.80
C ASN A 228 -10.27 -1.46 -15.23
N ALA A 229 -11.42 -1.79 -14.68
CA ALA A 229 -11.59 -3.07 -13.98
C ALA A 229 -12.48 -4.03 -14.75
N CYS A 230 -12.79 -3.71 -15.99
CA CYS A 230 -13.82 -4.44 -16.72
C CYS A 230 -13.53 -5.92 -16.91
N SER A 231 -12.24 -6.27 -16.99
CA SER A 231 -11.84 -7.64 -17.26
C SER A 231 -11.76 -8.49 -16.02
N SER A 232 -11.77 -7.86 -14.86
CA SER A 232 -11.77 -8.59 -13.60
C SER A 232 -13.11 -8.49 -12.88
N THR A 233 -13.49 -7.26 -12.49
CA THR A 233 -14.76 -6.96 -11.86
C THR A 233 -15.96 -7.24 -12.78
N ARG A 234 -15.84 -6.86 -14.04
CA ARG A 234 -16.89 -7.10 -15.01
C ARG A 234 -18.15 -6.24 -14.83
N TRP A 235 -19.12 -6.40 -15.71
CA TRP A 235 -20.27 -5.50 -15.77
C TRP A 235 -21.58 -6.13 -15.35
N ASN A 236 -22.39 -5.34 -14.64
CA ASN A 236 -23.77 -5.71 -14.34
C ASN A 236 -23.81 -7.03 -13.56
N ASP A 237 -23.28 -6.97 -12.33
CA ASP A 237 -23.19 -8.12 -11.41
C ASP A 237 -22.34 -9.22 -12.01
N GLY A 238 -21.22 -8.81 -12.62
CA GLY A 238 -20.25 -9.74 -13.22
C GLY A 238 -20.76 -10.60 -14.36
N VAL A 239 -21.79 -10.12 -15.05
CA VAL A 239 -22.38 -10.88 -16.17
C VAL A 239 -21.49 -10.91 -17.39
N SER A 240 -20.91 -9.75 -17.73
CA SER A 240 -20.09 -9.65 -18.92
C SER A 240 -19.25 -8.37 -18.90
N PHE A 241 -18.50 -8.17 -19.99
CA PHE A 241 -17.84 -6.90 -20.30
C PHE A 241 -17.62 -6.88 -21.82
N PRO A 242 -17.31 -5.69 -22.41
CA PRO A 242 -17.29 -5.55 -23.88
C PRO A 242 -16.59 -6.69 -24.65
N ILE A 243 -15.36 -7.01 -24.25
CA ILE A 243 -14.57 -8.05 -24.91
C ILE A 243 -15.25 -9.42 -24.83
N GLN A 244 -15.87 -9.72 -23.69
CA GLN A 244 -16.48 -11.03 -23.50
C GLN A 244 -17.68 -11.25 -24.43
N SER A 245 -18.38 -10.16 -24.73
CA SER A 245 -19.51 -10.23 -25.65
C SER A 245 -19.11 -9.98 -27.11
N GLY A 246 -17.81 -9.93 -27.38
CA GLY A 246 -17.31 -9.98 -28.73
C GLY A 246 -16.91 -8.66 -29.38
N HIS A 247 -16.94 -7.56 -28.63
CA HIS A 247 -16.44 -6.31 -29.19
C HIS A 247 -15.21 -5.84 -28.45
N GLY A 248 -14.23 -5.35 -29.20
CA GLY A 248 -13.02 -4.84 -28.58
C GLY A 248 -13.29 -3.62 -27.71
N CYS A 249 -12.46 -3.45 -26.70
CA CYS A 249 -12.48 -2.26 -25.88
C CYS A 249 -12.29 -1.00 -26.74
N LEU A 250 -13.16 -0.01 -26.53
CA LEU A 250 -13.10 1.27 -27.20
C LEU A 250 -12.11 2.20 -26.53
N GLY A 251 -11.74 1.86 -25.29
CA GLY A 251 -10.83 2.67 -24.49
C GLY A 251 -11.51 3.75 -23.70
N CYS A 252 -12.79 3.51 -23.39
CA CYS A 252 -13.71 4.54 -22.87
C CYS A 252 -13.35 5.13 -21.50
N ALA A 253 -12.43 4.48 -20.80
CA ALA A 253 -11.93 5.04 -19.56
C ALA A 253 -10.76 6.00 -19.75
N GLU A 254 -10.25 6.11 -20.98
CA GLU A 254 -9.07 6.91 -21.25
C GLU A 254 -9.34 8.31 -21.85
N ASN A 255 -8.58 9.29 -21.39
CA ASN A 255 -8.67 10.65 -21.88
C ASN A 255 -8.60 10.83 -23.41
N GLY A 256 -9.64 11.45 -23.98
CA GLY A 256 -9.74 11.72 -25.40
C GLY A 256 -9.81 10.50 -26.30
N PHE A 257 -10.32 9.40 -25.75
CA PHE A 257 -10.32 8.12 -26.47
C PHE A 257 -11.14 8.19 -27.75
N TRP A 258 -12.06 9.14 -27.81
CA TRP A 258 -12.91 9.34 -29.00
C TRP A 258 -12.07 9.72 -30.22
N ASP A 259 -10.99 10.48 -29.98
CA ASP A 259 -10.13 11.01 -31.03
C ASP A 259 -8.85 10.20 -31.29
N ARG A 260 -8.81 8.95 -30.86
CA ARG A 260 -7.66 8.09 -31.02
C ARG A 260 -7.83 7.19 -32.20
N GLY A 261 -8.40 7.75 -33.23
CA GLY A 261 -8.61 6.99 -34.45
C GLY A 261 -9.87 6.16 -34.35
N SER A 262 -10.18 5.47 -35.44
CA SER A 262 -11.25 4.49 -35.46
C SER A 262 -11.14 3.41 -34.37
N PHE A 263 -12.29 3.03 -33.82
CA PHE A 263 -12.36 1.93 -32.88
C PHE A 263 -11.97 0.61 -33.53
N TYR A 264 -12.00 0.53 -34.85
CA TYR A 264 -11.68 -0.72 -35.52
C TYR A 264 -10.26 -0.73 -36.13
N SER A 265 -9.45 0.20 -35.63
CA SER A 265 -8.09 0.33 -36.05
C SER A 265 -7.27 -0.15 -34.89
N ARG A 266 -6.21 -0.85 -35.21
CA ARG A 266 -5.36 -1.48 -34.25
C ARG A 266 -4.65 -0.50 -33.38
N VAL A 267 -4.36 -0.92 -32.17
CA VAL A 267 -3.65 -0.08 -31.25
C VAL A 267 -2.19 -0.08 -31.68
N VAL A 268 -1.46 0.98 -31.37
CA VAL A 268 -0.07 1.04 -31.78
C VAL A 268 0.89 1.09 -30.59
N ASP A 269 2.15 0.70 -30.83
CA ASP A 269 3.20 0.74 -29.82
C ASP A 269 2.92 -0.23 -28.69
N ILE A 270 2.17 -1.28 -29.00
CA ILE A 270 1.95 -2.38 -28.06
C ILE A 270 2.70 -3.63 -28.51
N PRO A 271 3.66 -4.09 -27.68
CA PRO A 271 4.47 -5.25 -28.07
C PRO A 271 3.57 -6.44 -28.36
N GLN A 272 3.79 -7.11 -29.48
CA GLN A 272 2.93 -8.23 -29.84
C GLN A 272 3.68 -9.21 -30.74
N MET A 273 4.14 -10.31 -30.16
CA MET A 273 4.76 -11.40 -30.93
C MET A 273 4.19 -12.72 -30.46
N GLY A 274 3.39 -13.34 -31.31
CA GLY A 274 2.66 -14.54 -30.92
C GLY A 274 3.59 -15.74 -30.86
N THR A 275 3.31 -16.66 -29.94
CA THR A 275 4.20 -17.78 -29.73
C THR A 275 3.95 -18.78 -30.83
N HIS A 276 2.70 -19.15 -31.02
CA HIS A 276 2.34 -20.16 -32.01
C HIS A 276 2.32 -19.61 -33.42
N SER A 277 2.16 -18.30 -33.52
CA SER A 277 2.15 -17.66 -34.83
C SER A 277 3.59 -17.57 -35.31
N THR A 278 4.52 -17.30 -34.41
CA THR A 278 5.93 -17.18 -34.77
C THR A 278 6.53 -18.54 -35.02
N ALA A 279 6.19 -19.51 -34.17
CA ALA A 279 6.76 -20.84 -34.30
C ALA A 279 6.19 -21.58 -35.48
N ASP A 280 4.97 -21.24 -35.90
CA ASP A 280 4.41 -21.84 -37.12
C ASP A 280 5.14 -21.31 -38.35
N THR A 281 5.51 -20.04 -38.30
CA THR A 281 6.24 -19.41 -39.38
C THR A 281 7.62 -20.02 -39.44
N VAL A 282 8.31 -20.08 -38.31
CA VAL A 282 9.66 -20.65 -38.25
C VAL A 282 9.68 -22.08 -38.81
N GLY A 283 8.64 -22.85 -38.53
CA GLY A 283 8.58 -24.21 -38.97
C GLY A 283 8.39 -24.34 -40.47
N LEU A 284 7.51 -23.53 -41.04
CA LEU A 284 7.22 -23.57 -42.47
C LEU A 284 8.35 -22.97 -43.29
N THR A 285 8.95 -21.90 -42.76
CA THR A 285 10.16 -21.34 -43.36
C THR A 285 11.22 -22.44 -43.52
N ALA A 286 11.42 -23.25 -42.47
CA ALA A 286 12.41 -24.32 -42.48
C ALA A 286 11.95 -25.51 -43.32
N LEU A 287 10.66 -25.81 -43.27
CA LEU A 287 10.08 -26.88 -44.06
C LEU A 287 10.08 -26.56 -45.55
N GLY A 288 9.99 -25.26 -45.86
CA GLY A 288 9.91 -24.81 -47.24
C GLY A 288 11.27 -24.63 -47.87
N VAL A 289 12.26 -24.26 -47.05
CA VAL A 289 13.66 -24.23 -47.44
C VAL A 289 14.15 -25.62 -47.83
N VAL A 290 13.79 -26.61 -47.02
CA VAL A 290 14.16 -27.99 -47.28
C VAL A 290 13.40 -28.55 -48.48
N ALA A 291 12.10 -28.28 -48.55
CA ALA A 291 11.27 -28.74 -49.66
C ALA A 291 11.75 -28.19 -51.00
N ALA A 292 12.31 -26.98 -50.97
CA ALA A 292 12.89 -26.36 -52.17
C ALA A 292 14.14 -27.12 -52.64
N ALA A 293 15.04 -27.40 -51.70
CA ALA A 293 16.31 -28.11 -51.97
C ALA A 293 16.13 -29.57 -52.42
N VAL A 294 15.13 -30.24 -51.87
CA VAL A 294 14.81 -31.62 -52.23
C VAL A 294 14.08 -31.66 -53.57
N GLY A 295 13.29 -30.64 -53.84
CA GLY A 295 12.62 -30.56 -55.12
C GLY A 295 11.17 -30.95 -55.09
N VAL A 296 10.60 -30.85 -53.90
CA VAL A 296 9.17 -31.08 -53.69
C VAL A 296 8.58 -29.75 -53.23
N HIS A 297 9.01 -28.68 -53.86
CA HIS A 297 8.52 -27.35 -53.57
C HIS A 297 6.99 -27.20 -53.74
N ALA A 298 6.50 -26.04 -53.32
CA ALA A 298 5.08 -25.67 -53.32
C ALA A 298 4.32 -26.22 -52.10
N SER B 2 -47.29 42.50 -23.24
CA SER B 2 -48.53 41.72 -23.41
C SER B 2 -48.76 41.42 -24.89
N THR B 3 -48.86 40.14 -25.24
CA THR B 3 -49.23 39.73 -26.60
C THR B 3 -50.25 38.59 -26.57
N GLN B 4 -51.03 38.44 -27.63
CA GLN B 4 -52.02 37.42 -27.64
C GLN B 4 -52.26 37.00 -29.06
N TYR B 5 -52.35 35.70 -29.31
CA TYR B 5 -52.59 35.15 -30.65
C TYR B 5 -53.24 33.78 -30.58
N GLU B 6 -53.79 33.30 -31.69
CA GLU B 6 -54.53 32.04 -31.71
CA GLU B 6 -54.48 32.06 -31.67
C GLU B 6 -53.78 31.00 -32.53
N THR B 7 -53.62 29.79 -31.99
CA THR B 7 -53.04 28.67 -32.74
C THR B 7 -53.52 27.31 -32.25
N GLN B 8 -53.78 26.42 -33.21
CA GLN B 8 -54.23 25.06 -32.93
C GLN B 8 -55.36 24.96 -31.89
N GLY B 9 -56.24 25.96 -31.89
CA GLY B 9 -57.36 26.07 -30.98
C GLY B 9 -57.04 26.73 -29.66
N TYR B 10 -55.80 27.18 -29.48
CA TYR B 10 -55.37 27.73 -28.19
C TYR B 10 -55.24 29.22 -28.29
N THR B 11 -55.48 29.91 -27.20
CA THR B 11 -55.25 31.34 -27.16
C THR B 11 -54.04 31.66 -26.27
N ILE B 12 -52.92 31.95 -26.94
CA ILE B 12 -51.64 32.15 -26.29
C ILE B 12 -51.57 33.59 -25.79
N ASN B 13 -51.54 33.76 -24.47
CA ASN B 13 -51.57 35.06 -23.85
C ASN B 13 -50.49 35.16 -22.78
N ASN B 14 -49.47 35.99 -23.01
CA ASN B 14 -48.37 36.15 -22.06
C ASN B 14 -48.50 37.38 -21.15
N ALA B 15 -49.73 37.86 -20.96
CA ALA B 15 -50.03 38.83 -19.91
C ALA B 15 -50.15 38.13 -18.57
N GLY B 16 -49.98 38.90 -17.50
CA GLY B 16 -50.08 38.35 -16.16
C GLY B 16 -48.80 37.85 -15.52
N ARG B 17 -48.97 37.10 -14.43
CA ARG B 17 -47.87 36.58 -13.65
C ARG B 17 -47.06 35.52 -14.41
N ARG B 18 -45.73 35.65 -14.36
CA ARG B 18 -44.81 34.75 -15.05
C ARG B 18 -44.16 33.78 -14.10
N LEU B 19 -44.32 32.50 -14.34
CA LEU B 19 -43.72 31.52 -13.43
C LEU B 19 -42.59 30.78 -14.11
N VAL B 20 -41.49 30.61 -13.37
CA VAL B 20 -40.29 29.95 -13.91
C VAL B 20 -39.93 28.69 -13.14
N VAL B 21 -39.84 27.57 -13.85
CA VAL B 21 -39.38 26.35 -13.24
C VAL B 21 -38.05 25.96 -13.87
N ASP B 22 -36.99 26.25 -13.15
CA ASP B 22 -35.64 25.99 -13.62
C ASP B 22 -34.75 25.75 -12.38
N PRO B 23 -34.27 24.50 -12.18
CA PRO B 23 -34.32 23.38 -13.13
C PRO B 23 -35.58 22.54 -13.00
N ILE B 24 -35.96 21.89 -14.08
CA ILE B 24 -36.93 20.80 -14.02
C ILE B 24 -36.20 19.54 -13.56
N THR B 25 -36.66 18.96 -12.46
CA THR B 25 -36.00 17.80 -11.93
C THR B 25 -36.78 16.54 -12.29
N ARG B 26 -36.21 15.39 -11.96
CA ARG B 26 -36.76 14.06 -12.28
C ARG B 26 -37.06 13.90 -13.76
N ILE B 27 -36.13 14.43 -14.55
CA ILE B 27 -36.06 14.24 -16.00
C ILE B 27 -34.60 13.95 -16.33
N GLU B 28 -34.35 13.52 -17.56
CA GLU B 28 -32.99 13.41 -18.06
C GLU B 28 -32.56 14.79 -18.58
N GLY B 29 -31.41 15.26 -18.11
CA GLY B 29 -30.82 16.44 -18.71
C GLY B 29 -31.36 17.74 -18.18
N HIS B 30 -31.18 18.80 -18.98
CA HIS B 30 -31.47 20.18 -18.56
C HIS B 30 -32.67 20.79 -19.31
N MET B 31 -33.69 21.17 -18.54
CA MET B 31 -34.89 21.82 -19.07
C MET B 31 -35.31 22.98 -18.19
N ARG B 32 -35.79 24.04 -18.83
CA ARG B 32 -36.38 25.19 -18.16
C ARG B 32 -37.77 25.37 -18.74
N CYS B 33 -38.74 25.59 -17.85
CA CYS B 33 -40.09 25.87 -18.27
C CYS B 33 -40.58 27.18 -17.68
N GLU B 34 -41.23 27.99 -18.51
CA GLU B 34 -41.87 29.20 -18.05
C GLU B 34 -43.33 29.22 -18.46
N VAL B 35 -44.19 29.71 -17.56
CA VAL B 35 -45.61 29.85 -17.85
C VAL B 35 -46.15 31.20 -17.41
N ASN B 36 -47.27 31.58 -18.01
CA ASN B 36 -48.05 32.71 -17.52
C ASN B 36 -49.39 32.21 -17.05
N ILE B 37 -49.83 32.69 -15.90
CA ILE B 37 -51.14 32.34 -15.37
C ILE B 37 -52.03 33.56 -15.19
N ASN B 38 -53.33 33.39 -15.41
CA ASN B 38 -54.29 34.49 -15.25
C ASN B 38 -54.70 34.66 -13.78
N ASP B 39 -55.75 35.43 -13.51
CA ASP B 39 -56.22 35.63 -12.14
C ASP B 39 -56.81 34.37 -11.54
N GLN B 40 -57.40 33.54 -12.38
CA GLN B 40 -57.98 32.25 -11.95
C GLN B 40 -56.92 31.15 -11.79
N ASN B 41 -55.64 31.53 -11.83
CA ASN B 41 -54.50 30.61 -11.73
C ASN B 41 -54.50 29.54 -12.83
N VAL B 42 -54.87 29.94 -14.02
CA VAL B 42 -54.89 29.05 -15.17
C VAL B 42 -53.75 29.45 -16.06
N ILE B 43 -53.08 28.46 -16.64
CA ILE B 43 -51.98 28.70 -17.53
C ILE B 43 -52.52 29.21 -18.85
N THR B 44 -52.04 30.39 -19.24
CA THR B 44 -52.45 31.03 -20.50
C THR B 44 -51.32 31.07 -21.51
N ASN B 45 -50.12 30.70 -21.06
CA ASN B 45 -48.91 30.70 -21.88
C ASN B 45 -47.92 29.70 -21.33
N ALA B 46 -47.30 28.93 -22.23
CA ALA B 46 -46.34 27.91 -21.85
C ALA B 46 -45.06 27.93 -22.71
N VAL B 47 -43.89 27.90 -22.07
CA VAL B 47 -42.60 28.02 -22.78
C VAL B 47 -41.67 26.84 -22.47
N SER B 48 -41.41 26.01 -23.47
CA SER B 48 -40.51 24.86 -23.28
C SER B 48 -39.09 25.18 -23.76
N CYS B 49 -38.13 25.10 -22.84
CA CYS B 49 -36.75 25.45 -23.15
C CYS B 49 -35.73 24.34 -22.82
N GLY B 50 -35.00 23.90 -23.83
CA GLY B 50 -33.85 23.01 -23.63
C GLY B 50 -32.64 23.85 -23.27
N THR B 51 -32.09 23.62 -22.09
CA THR B 51 -31.00 24.44 -21.56
C THR B 51 -29.61 23.76 -21.67
N MET B 52 -29.44 22.85 -22.62
CA MET B 52 -28.15 22.18 -22.83
C MET B 52 -27.89 21.90 -24.30
N PHE B 53 -26.61 21.88 -24.69
CA PHE B 53 -26.25 21.48 -26.05
C PHE B 53 -24.85 20.91 -26.04
N ARG B 54 -24.64 19.81 -26.78
CA ARG B 54 -23.31 19.20 -26.93
C ARG B 54 -22.76 19.21 -28.37
N GLY B 55 -23.60 18.87 -29.34
CA GLY B 55 -23.21 19.03 -30.73
C GLY B 55 -22.65 17.78 -31.37
N LEU B 56 -23.33 16.68 -31.18
CA LEU B 56 -22.92 15.44 -31.74
C LEU B 56 -22.92 15.41 -33.24
N GLU B 57 -23.91 16.06 -33.84
CA GLU B 57 -24.00 16.15 -35.28
C GLU B 57 -22.75 16.82 -35.89
N ILE B 58 -22.11 17.71 -35.14
CA ILE B 58 -20.92 18.39 -35.61
C ILE B 58 -19.72 17.46 -35.42
N ILE B 59 -19.68 16.80 -34.27
CA ILE B 59 -18.57 15.91 -33.89
C ILE B 59 -18.38 14.70 -34.82
N LEU B 60 -19.45 14.24 -35.44
CA LEU B 60 -19.42 13.08 -36.28
C LEU B 60 -18.92 13.31 -37.70
N GLN B 61 -18.76 14.58 -38.08
CA GLN B 61 -18.36 14.92 -39.43
C GLN B 61 -16.93 14.45 -39.62
N GLY B 62 -16.65 13.79 -40.74
CA GLY B 62 -15.30 13.31 -41.01
C GLY B 62 -14.93 11.95 -40.43
N ARG B 63 -15.76 11.41 -39.55
CA ARG B 63 -15.45 10.11 -38.90
C ARG B 63 -15.83 8.93 -39.80
N ASP B 64 -15.42 7.74 -39.39
CA ASP B 64 -15.77 6.51 -40.07
C ASP B 64 -17.17 6.04 -39.67
N PRO B 65 -18.06 5.87 -40.66
CA PRO B 65 -19.44 5.41 -40.49
C PRO B 65 -19.57 4.20 -39.58
N ARG B 66 -18.57 3.34 -39.55
CA ARG B 66 -18.61 2.17 -38.66
C ARG B 66 -18.44 2.52 -37.17
N ASP B 67 -17.88 3.69 -36.89
CA ASP B 67 -17.68 4.13 -35.51
C ASP B 67 -18.87 4.92 -34.99
N ALA B 68 -19.75 5.33 -35.92
CA ALA B 68 -20.81 6.30 -35.63
C ALA B 68 -21.67 5.89 -34.43
N TRP B 69 -22.13 4.63 -34.42
CA TRP B 69 -23.00 4.11 -33.36
C TRP B 69 -22.51 4.43 -31.94
N ALA B 70 -21.18 4.38 -31.77
CA ALA B 70 -20.58 4.54 -30.46
C ALA B 70 -20.66 5.98 -30.01
N PHE B 71 -20.48 6.90 -30.96
CA PHE B 71 -20.61 8.32 -30.68
C PHE B 71 -22.06 8.67 -30.33
N VAL B 72 -22.99 8.27 -31.18
CA VAL B 72 -24.36 8.73 -31.01
C VAL B 72 -25.06 8.04 -29.86
N GLU B 73 -24.58 6.85 -29.48
CA GLU B 73 -25.13 6.16 -28.31
C GLU B 73 -25.03 7.06 -27.07
N ARG B 74 -23.93 7.81 -27.00
CA ARG B 74 -23.69 8.74 -25.89
C ARG B 74 -24.56 10.01 -25.95
N ILE B 75 -25.45 10.09 -26.92
CA ILE B 75 -26.48 11.13 -26.89
C ILE B 75 -27.28 11.02 -25.58
N CYS B 76 -27.60 9.79 -25.16
CA CYS B 76 -28.38 9.55 -23.95
C CYS B 76 -28.06 8.23 -23.26
N GLY B 77 -27.78 8.30 -21.96
CA GLY B 77 -27.55 7.12 -21.12
C GLY B 77 -28.82 6.50 -20.54
N VAL B 78 -29.93 7.23 -20.60
CA VAL B 78 -31.20 6.72 -20.11
C VAL B 78 -31.82 5.82 -21.18
N CYS B 79 -32.01 6.35 -22.39
CA CYS B 79 -32.49 5.54 -23.51
C CYS B 79 -31.28 4.91 -24.20
N THR B 80 -30.38 4.38 -23.40
CA THR B 80 -29.13 3.87 -23.89
C THR B 80 -29.31 2.70 -24.85
N GLY B 81 -28.72 2.85 -26.04
CA GLY B 81 -28.73 1.79 -27.03
C GLY B 81 -29.58 2.10 -28.24
N VAL B 82 -30.57 2.97 -28.07
CA VAL B 82 -31.53 3.21 -29.15
C VAL B 82 -30.87 3.98 -30.28
N HIS B 83 -30.02 4.95 -29.95
CA HIS B 83 -29.32 5.77 -30.94
C HIS B 83 -28.34 4.93 -31.70
N ALA B 84 -27.72 3.96 -31.03
CA ALA B 84 -26.81 3.02 -31.66
C ALA B 84 -27.56 2.15 -32.67
N LEU B 85 -28.78 1.74 -32.32
CA LEU B 85 -29.64 0.95 -33.20
C LEU B 85 -30.02 1.76 -34.43
N ALA B 86 -30.41 3.00 -34.21
CA ALA B 86 -30.75 3.92 -35.30
C ALA B 86 -29.56 4.13 -36.19
N SER B 87 -28.39 4.22 -35.56
CA SER B 87 -27.15 4.50 -36.27
C SER B 87 -26.76 3.39 -37.23
N VAL B 88 -26.75 2.17 -36.75
CA VAL B 88 -26.41 1.04 -37.60
C VAL B 88 -27.49 0.88 -38.67
N TYR B 89 -28.73 1.17 -38.33
CA TYR B 89 -29.83 1.14 -39.31
C TYR B 89 -29.54 2.09 -40.45
N ALA B 90 -29.17 3.33 -40.09
CA ALA B 90 -28.84 4.37 -41.06
C ALA B 90 -27.63 4.02 -41.96
N ILE B 91 -26.52 3.64 -41.34
CA ILE B 91 -25.32 3.31 -42.09
C ILE B 91 -25.51 2.08 -42.99
N GLU B 92 -26.27 1.09 -42.51
CA GLU B 92 -26.57 -0.09 -43.32
C GLU B 92 -27.52 0.27 -44.45
N ASP B 93 -28.36 1.28 -44.23
CA ASP B 93 -29.29 1.76 -45.24
C ASP B 93 -28.53 2.46 -46.34
N ALA B 94 -27.58 3.31 -45.94
CA ALA B 94 -26.75 4.07 -46.86
C ALA B 94 -25.91 3.18 -47.78
N ILE B 95 -25.18 2.24 -47.17
CA ILE B 95 -24.23 1.36 -47.88
C ILE B 95 -24.94 0.22 -48.63
N GLY B 96 -26.06 -0.26 -48.07
CA GLY B 96 -26.85 -1.35 -48.65
C GLY B 96 -26.45 -2.67 -48.07
N ILE B 97 -26.40 -2.73 -46.74
CA ILE B 97 -26.02 -3.94 -46.03
C ILE B 97 -27.25 -4.66 -45.51
N LYS B 98 -27.28 -5.97 -45.69
CA LYS B 98 -28.33 -6.81 -45.07
C LYS B 98 -27.74 -7.64 -43.91
N VAL B 99 -28.33 -7.53 -42.72
CA VAL B 99 -27.86 -8.29 -41.57
C VAL B 99 -28.55 -9.67 -41.48
N PRO B 100 -27.89 -10.66 -40.82
CA PRO B 100 -28.52 -11.98 -40.72
C PRO B 100 -29.70 -11.95 -39.76
N ASP B 101 -30.58 -12.94 -39.87
CA ASP B 101 -31.80 -12.98 -39.05
C ASP B 101 -31.57 -12.86 -37.53
N ASN B 102 -30.63 -13.64 -37.00
CA ASN B 102 -30.27 -13.61 -35.58
C ASN B 102 -29.81 -12.24 -35.13
N ALA B 103 -29.09 -11.53 -36.00
CA ALA B 103 -28.66 -10.17 -35.68
C ALA B 103 -29.87 -9.23 -35.52
N ASN B 104 -30.87 -9.40 -36.37
CA ASN B 104 -32.11 -8.63 -36.27
C ASN B 104 -32.89 -8.94 -34.99
N ILE B 105 -33.09 -10.23 -34.74
CA ILE B 105 -33.77 -10.69 -33.54
C ILE B 105 -33.08 -10.17 -32.27
N ILE B 106 -31.75 -10.28 -32.19
CA ILE B 106 -31.00 -9.78 -31.03
C ILE B 106 -31.19 -8.27 -30.87
N ARG B 107 -31.19 -7.54 -31.99
CA ARG B 107 -31.37 -6.09 -31.94
C ARG B 107 -32.77 -5.73 -31.44
N ASN B 108 -33.77 -6.46 -31.91
CA ASN B 108 -35.13 -6.39 -31.36
C ASN B 108 -35.17 -6.66 -29.87
N ILE B 109 -34.42 -7.65 -29.41
CA ILE B 109 -34.32 -7.97 -27.98
C ILE B 109 -33.67 -6.82 -27.22
N MET B 110 -32.64 -6.23 -27.81
CA MET B 110 -31.97 -5.10 -27.18
C MET B 110 -32.95 -3.94 -27.00
N LEU B 111 -33.79 -3.70 -28.01
CA LEU B 111 -34.77 -2.60 -27.95
C LEU B 111 -35.90 -2.88 -26.94
N ALA B 112 -36.46 -4.08 -27.01
CA ALA B 112 -37.52 -4.47 -26.09
C ALA B 112 -37.05 -4.38 -24.64
N THR B 113 -35.82 -4.83 -24.38
CA THR B 113 -35.20 -4.76 -23.06
C THR B 113 -35.15 -3.30 -22.59
N LEU B 114 -34.74 -2.42 -23.48
CA LEU B 114 -34.65 -1.02 -23.15
C LEU B 114 -36.01 -0.45 -22.79
N TRP B 115 -37.02 -0.76 -23.60
CA TRP B 115 -38.41 -0.34 -23.36
C TRP B 115 -38.83 -0.76 -21.95
N CYS B 116 -38.63 -2.03 -21.61
CA CYS B 116 -39.00 -2.53 -20.29
C CYS B 116 -38.30 -1.76 -19.16
N HIS B 117 -36.98 -1.65 -19.26
CA HIS B 117 -36.19 -0.96 -18.25
C HIS B 117 -36.55 0.53 -18.13
N ASP B 118 -36.62 1.20 -19.28
CA ASP B 118 -36.80 2.64 -19.31
C ASP B 118 -38.18 3.02 -18.76
N HIS B 119 -39.22 2.32 -19.20
CA HIS B 119 -40.58 2.60 -18.78
C HIS B 119 -40.76 2.36 -17.30
N LEU B 120 -40.11 1.30 -16.80
CA LEU B 120 -40.21 0.94 -15.41
C LEU B 120 -39.57 1.98 -14.51
N VAL B 121 -38.37 2.40 -14.86
CA VAL B 121 -37.64 3.39 -14.07
C VAL B 121 -38.34 4.76 -14.08
N HIS B 122 -38.86 5.15 -15.23
CA HIS B 122 -39.55 6.42 -15.35
C HIS B 122 -40.76 6.45 -14.46
N PHE B 123 -41.55 5.37 -14.49
CA PHE B 123 -42.80 5.26 -13.75
C PHE B 123 -42.59 5.51 -12.27
N TYR B 124 -41.53 4.90 -11.72
CA TYR B 124 -41.30 5.00 -10.29
C TYR B 124 -40.36 6.12 -9.93
N GLN B 125 -39.15 6.09 -10.48
CA GLN B 125 -38.08 6.99 -10.05
C GLN B 125 -38.21 8.41 -10.59
N LEU B 126 -38.88 8.55 -11.73
CA LEU B 126 -39.04 9.87 -12.33
C LEU B 126 -40.42 10.50 -12.14
N ALA B 127 -41.45 9.87 -12.72
CA ALA B 127 -42.83 10.38 -12.61
C ALA B 127 -43.51 10.07 -11.26
N GLY B 128 -43.10 9.00 -10.61
CA GLY B 128 -43.80 8.48 -9.45
C GLY B 128 -44.18 9.43 -8.33
N MET B 129 -43.23 10.22 -7.83
CA MET B 129 -43.47 11.10 -6.69
C MET B 129 -44.38 12.28 -7.02
N ASP B 130 -44.87 12.35 -8.25
CA ASP B 130 -45.87 13.34 -8.63
C ASP B 130 -47.24 12.88 -8.14
N TRP B 131 -47.35 11.56 -8.03
CA TRP B 131 -48.63 10.92 -7.73
C TRP B 131 -48.66 10.31 -6.34
N ILE B 132 -47.49 9.88 -5.84
CA ILE B 132 -47.36 9.23 -4.55
C ILE B 132 -46.84 10.23 -3.54
N ASP B 133 -47.62 10.44 -2.48
CA ASP B 133 -47.18 11.32 -1.41
C ASP B 133 -46.38 10.46 -0.46
N VAL B 134 -45.05 10.56 -0.58
CA VAL B 134 -44.13 9.71 0.17
C VAL B 134 -44.28 9.91 1.69
N LEU B 135 -44.35 11.17 2.14
CA LEU B 135 -44.46 11.48 3.58
C LEU B 135 -45.81 11.08 4.18
N ASP B 136 -46.82 11.01 3.33
CA ASP B 136 -48.15 10.60 3.75
C ASP B 136 -48.16 9.10 4.03
N ALA B 137 -47.24 8.35 3.40
CA ALA B 137 -47.14 6.92 3.66
C ALA B 137 -46.87 6.62 5.14
N LEU B 138 -46.30 7.57 5.85
CA LEU B 138 -46.03 7.40 7.27
C LEU B 138 -47.27 7.40 8.12
N LYS B 139 -48.41 7.65 7.51
CA LYS B 139 -49.68 7.77 8.21
C LYS B 139 -50.59 6.61 7.91
N ALA B 140 -50.13 5.70 7.08
CA ALA B 140 -50.93 4.57 6.64
C ALA B 140 -51.07 3.52 7.69
N ASP B 141 -52.05 2.65 7.51
CA ASP B 141 -52.11 1.47 8.32
C ASP B 141 -51.65 0.29 7.46
N PRO B 142 -50.62 -0.42 7.92
CA PRO B 142 -49.97 -1.54 7.22
C PRO B 142 -50.89 -2.68 6.89
N ARG B 143 -51.87 -2.91 7.77
CA ARG B 143 -52.77 -4.02 7.60
C ARG B 143 -53.70 -3.78 6.43
N LYS B 144 -54.11 -2.53 6.24
CA LYS B 144 -54.98 -2.14 5.12
C LYS B 144 -54.14 -1.94 3.85
N THR B 145 -52.90 -1.49 4.03
CA THR B 145 -51.97 -1.44 2.91
C THR B 145 -51.83 -2.83 2.31
N SER B 146 -51.65 -3.82 3.17
CA SER B 146 -51.64 -5.21 2.76
C SER B 146 -52.92 -5.60 2.01
N GLU B 147 -54.06 -5.25 2.59
CA GLU B 147 -55.36 -5.56 1.99
C GLU B 147 -55.51 -4.90 0.64
N LEU B 148 -55.11 -3.66 0.56
CA LEU B 148 -55.19 -2.94 -0.69
C LEU B 148 -54.38 -3.64 -1.78
N ALA B 149 -53.11 -3.91 -1.48
CA ALA B 149 -52.19 -4.55 -2.43
C ALA B 149 -52.69 -5.92 -2.88
N GLN B 150 -53.16 -6.71 -1.91
CA GLN B 150 -53.65 -8.05 -2.19
C GLN B 150 -54.98 -8.03 -2.95
N SER B 151 -55.69 -6.91 -2.88
CA SER B 151 -56.93 -6.73 -3.63
C SER B 151 -56.65 -6.34 -5.10
N LEU B 152 -55.45 -5.84 -5.36
CA LEU B 152 -55.07 -5.38 -6.68
C LEU B 152 -54.23 -6.36 -7.45
N SER B 153 -53.40 -7.15 -6.77
CA SER B 153 -52.42 -7.99 -7.48
C SER B 153 -52.09 -9.31 -6.85
N SER B 154 -51.49 -10.19 -7.63
CA SER B 154 -51.03 -11.48 -7.13
C SER B 154 -49.55 -11.48 -6.70
N TRP B 155 -48.91 -10.31 -6.81
CA TRP B 155 -47.56 -10.12 -6.36
C TRP B 155 -47.40 -10.65 -4.96
N PRO B 156 -46.38 -11.47 -4.72
CA PRO B 156 -46.17 -12.12 -3.42
C PRO B 156 -45.88 -11.16 -2.28
N LYS B 157 -45.09 -10.14 -2.53
CA LYS B 157 -44.61 -9.24 -1.48
C LYS B 157 -45.67 -8.24 -0.98
N SER B 158 -46.49 -8.66 -0.02
CA SER B 158 -47.65 -7.87 0.36
C SER B 158 -48.06 -8.01 1.80
N SER B 159 -47.20 -8.60 2.64
CA SER B 159 -47.56 -8.85 4.05
C SER B 159 -47.61 -7.55 4.86
N PRO B 160 -48.49 -7.51 5.87
CA PRO B 160 -48.54 -6.38 6.79
C PRO B 160 -47.18 -6.09 7.41
N GLY B 161 -46.46 -7.13 7.78
CA GLY B 161 -45.14 -6.99 8.36
C GLY B 161 -44.19 -6.27 7.43
N TYR B 162 -44.24 -6.65 6.14
CA TYR B 162 -43.42 -6.06 5.08
C TYR B 162 -43.67 -4.55 4.96
N PHE B 163 -44.94 -4.18 4.85
CA PHE B 163 -45.29 -2.76 4.73
C PHE B 163 -44.94 -2.02 6.00
N PHE B 164 -45.07 -2.69 7.12
CA PHE B 164 -44.70 -2.07 8.35
C PHE B 164 -43.19 -1.81 8.36
N ASP B 165 -42.41 -2.74 7.80
CA ASP B 165 -40.95 -2.62 7.75
C ASP B 165 -40.59 -1.45 6.85
N VAL B 166 -41.26 -1.34 5.73
CA VAL B 166 -40.99 -0.25 4.81
C VAL B 166 -41.29 1.08 5.47
N GLN B 167 -42.45 1.19 6.08
CA GLN B 167 -42.85 2.41 6.75
C GLN B 167 -41.89 2.77 7.86
N ASN B 168 -41.39 1.74 8.54
CA ASN B 168 -40.45 1.93 9.61
C ASN B 168 -39.11 2.47 9.15
N ARG B 169 -38.54 1.90 8.08
CA ARG B 169 -37.32 2.41 7.54
C ARG B 169 -37.53 3.90 7.17
N LEU B 170 -38.62 4.21 6.48
CA LEU B 170 -38.93 5.56 6.04
C LEU B 170 -39.04 6.52 7.19
N LYS B 171 -39.65 6.03 8.25
CA LYS B 171 -39.79 6.80 9.49
C LYS B 171 -38.43 7.13 10.11
N LYS B 172 -37.55 6.15 10.12
CA LYS B 172 -36.23 6.32 10.63
C LYS B 172 -35.43 7.30 9.75
N PHE B 173 -35.53 7.13 8.42
CA PHE B 173 -34.83 7.93 7.42
C PHE B 173 -35.07 9.42 7.64
N VAL B 174 -36.34 9.79 7.78
CA VAL B 174 -36.73 11.17 7.98
C VAL B 174 -36.49 11.68 9.39
N GLU B 175 -36.67 10.84 10.40
CA GLU B 175 -36.48 11.25 11.80
C GLU B 175 -35.21 12.05 12.07
N GLY B 176 -34.18 11.89 11.24
CA GLY B 176 -32.94 12.63 11.42
C GLY B 176 -32.90 13.99 10.78
N GLY B 177 -33.93 14.32 10.01
CA GLY B 177 -34.00 15.60 9.31
C GLY B 177 -33.32 15.56 7.96
N GLN B 178 -32.62 14.46 7.68
CA GLN B 178 -31.95 14.27 6.39
C GLN B 178 -32.88 13.60 5.39
N LEU B 179 -33.81 14.39 4.86
CA LEU B 179 -34.85 13.87 3.98
C LEU B 179 -34.37 13.55 2.57
N GLY B 180 -33.13 13.97 2.25
CA GLY B 180 -32.49 13.64 0.99
C GLY B 180 -33.28 14.07 -0.22
N ILE B 181 -33.67 13.09 -1.05
CA ILE B 181 -34.44 13.34 -2.25
C ILE B 181 -35.89 13.76 -1.98
N PHE B 182 -36.30 13.65 -0.72
CA PHE B 182 -37.67 14.02 -0.37
C PHE B 182 -37.75 15.41 0.23
N ARG B 183 -36.65 16.11 0.29
CA ARG B 183 -36.66 17.40 0.96
C ARG B 183 -37.27 18.52 0.18
N ASN B 184 -38.03 19.33 0.88
CA ASN B 184 -38.65 20.51 0.33
C ASN B 184 -39.56 20.11 -0.80
N GLY B 185 -40.13 18.91 -0.74
CA GLY B 185 -41.03 18.42 -1.76
C GLY B 185 -42.39 19.06 -1.69
N TYR B 186 -43.32 18.53 -2.47
CA TYR B 186 -44.68 19.07 -2.57
C TYR B 186 -45.70 18.28 -1.75
N TRP B 187 -45.20 17.52 -0.80
CA TRP B 187 -46.02 16.70 0.08
C TRP B 187 -47.13 17.49 0.76
N GLY B 188 -48.34 16.95 0.70
CA GLY B 188 -49.49 17.64 1.25
C GLY B 188 -50.27 18.53 0.28
N HIS B 189 -49.74 18.70 -0.91
CA HIS B 189 -50.43 19.42 -1.97
C HIS B 189 -51.79 18.79 -2.21
N PRO B 190 -52.84 19.63 -2.37
CA PRO B 190 -54.23 19.17 -2.52
C PRO B 190 -54.43 18.24 -3.70
N GLN B 191 -53.55 18.28 -4.68
CA GLN B 191 -53.65 17.37 -5.82
C GLN B 191 -53.17 15.94 -5.53
N TYR B 192 -52.48 15.72 -4.40
CA TYR B 192 -52.17 14.36 -3.91
C TYR B 192 -53.45 13.68 -3.39
N LYS B 193 -53.93 12.68 -4.11
CA LYS B 193 -55.25 12.08 -3.88
C LYS B 193 -55.24 10.62 -3.41
N LEU B 194 -54.07 10.00 -3.33
CA LEU B 194 -53.98 8.63 -2.87
C LEU B 194 -54.26 8.61 -1.39
N PRO B 195 -54.99 7.59 -0.92
CA PRO B 195 -55.07 7.35 0.52
C PRO B 195 -53.70 6.92 1.07
N PRO B 196 -53.46 7.13 2.37
CA PRO B 196 -52.16 6.78 2.93
C PRO B 196 -51.71 5.36 2.60
N GLU B 197 -52.65 4.44 2.54
CA GLU B 197 -52.34 3.05 2.26
C GLU B 197 -51.86 2.86 0.85
N ALA B 198 -52.38 3.65 -0.05
CA ALA B 198 -51.95 3.59 -1.44
C ALA B 198 -50.55 4.21 -1.60
N ASN B 199 -50.26 5.24 -0.83
CA ASN B 199 -48.94 5.86 -0.85
C ASN B 199 -47.87 4.92 -0.32
N LEU B 200 -48.18 4.19 0.74
CA LEU B 200 -47.24 3.22 1.29
C LEU B 200 -47.02 2.10 0.28
N MET B 201 -48.08 1.59 -0.33
CA MET B 201 -47.95 0.58 -1.36
C MET B 201 -47.08 1.08 -2.51
N GLY B 202 -47.34 2.29 -2.95
CA GLY B 202 -46.57 2.91 -4.02
C GLY B 202 -45.09 3.08 -3.71
N PHE B 203 -44.79 3.57 -2.52
CA PHE B 203 -43.41 3.79 -2.11
C PHE B 203 -42.64 2.50 -1.97
N ALA B 204 -43.29 1.48 -1.42
CA ALA B 204 -42.69 0.14 -1.31
C ALA B 204 -42.31 -0.39 -2.68
N HIS B 205 -43.20 -0.20 -3.65
CA HIS B 205 -42.95 -0.62 -5.01
C HIS B 205 -41.85 0.22 -5.68
N TYR B 206 -41.75 1.49 -5.28
CA TYR B 206 -40.70 2.38 -5.78
C TYR B 206 -39.35 1.78 -5.45
N LEU B 207 -39.21 1.34 -4.20
CA LEU B 207 -38.01 0.68 -3.74
C LEU B 207 -37.77 -0.68 -4.46
N GLU B 208 -38.82 -1.49 -4.61
CA GLU B 208 -38.70 -2.76 -5.30
C GLU B 208 -38.26 -2.58 -6.76
N ALA B 209 -38.72 -1.50 -7.39
CA ALA B 209 -38.42 -1.22 -8.78
C ALA B 209 -37.00 -0.72 -8.90
N LEU B 210 -36.59 0.14 -7.98
CA LEU B 210 -35.22 0.62 -7.94
C LEU B 210 -34.23 -0.55 -7.87
N ASP B 211 -34.53 -1.54 -7.04
CA ASP B 211 -33.75 -2.76 -6.96
C ASP B 211 -33.81 -3.57 -8.24
N PHE B 212 -35.00 -3.93 -8.67
CA PHE B 212 -35.13 -4.89 -9.77
C PHE B 212 -34.64 -4.40 -11.14
N GLN B 213 -34.77 -3.11 -11.41
CA GLN B 213 -34.42 -2.55 -12.72
C GLN B 213 -32.99 -2.97 -13.15
N ARG B 214 -32.09 -3.14 -12.17
CA ARG B 214 -30.70 -3.53 -12.42
C ARG B 214 -30.61 -4.91 -13.06
N GLU B 215 -31.62 -5.74 -12.82
CA GLU B 215 -31.61 -7.10 -13.34
C GLU B 215 -31.92 -7.13 -14.83
N ILE B 216 -32.88 -6.31 -15.23
CA ILE B 216 -33.39 -6.28 -16.62
C ILE B 216 -32.26 -6.12 -17.65
N VAL B 217 -31.33 -5.20 -17.36
CA VAL B 217 -30.26 -4.83 -18.30
C VAL B 217 -29.17 -5.89 -18.42
N LYS B 218 -29.26 -6.94 -17.62
CA LYS B 218 -28.36 -8.07 -17.78
C LYS B 218 -28.46 -8.68 -19.19
N ILE B 219 -29.63 -8.54 -19.82
CA ILE B 219 -29.83 -8.98 -21.20
C ILE B 219 -28.94 -8.18 -22.14
N HIS B 220 -28.85 -6.87 -21.90
CA HIS B 220 -27.91 -6.03 -22.63
C HIS B 220 -26.45 -6.47 -22.41
N ALA B 221 -26.12 -6.85 -21.17
CA ALA B 221 -24.77 -7.27 -20.85
C ALA B 221 -24.39 -8.54 -21.61
N VAL B 222 -25.32 -9.48 -21.76
CA VAL B 222 -25.03 -10.71 -22.48
C VAL B 222 -24.75 -10.46 -23.96
N PHE B 223 -25.66 -9.75 -24.64
CA PHE B 223 -25.55 -9.52 -26.07
C PHE B 223 -24.67 -8.33 -26.43
N GLY B 224 -24.58 -7.35 -25.54
CA GLY B 224 -23.88 -6.13 -25.85
C GLY B 224 -22.75 -5.76 -24.91
N GLY B 225 -22.37 -6.68 -24.02
CA GLY B 225 -21.21 -6.48 -23.15
C GLY B 225 -21.45 -5.73 -21.85
N LYS B 226 -22.30 -4.71 -21.89
CA LYS B 226 -22.44 -3.80 -20.74
C LYS B 226 -23.66 -2.90 -20.89
N ASN B 227 -24.18 -2.44 -19.76
CA ASN B 227 -25.22 -1.43 -19.71
C ASN B 227 -24.92 -0.54 -18.54
N PRO B 228 -24.98 0.79 -18.70
CA PRO B 228 -25.36 1.52 -19.91
C PRO B 228 -24.34 1.43 -21.06
N HIS B 229 -24.82 1.76 -22.26
CA HIS B 229 -24.01 1.89 -23.49
C HIS B 229 -23.42 0.57 -23.99
N PRO B 230 -24.29 -0.39 -24.35
CA PRO B 230 -23.79 -1.66 -24.91
C PRO B 230 -23.11 -1.46 -26.27
N ASN B 231 -22.51 -2.51 -26.82
CA ASN B 231 -21.79 -2.42 -28.09
C ASN B 231 -22.57 -3.06 -29.23
N TRP B 232 -22.32 -2.57 -30.44
CA TRP B 232 -23.05 -2.94 -31.66
C TRP B 232 -22.04 -2.96 -32.80
N ILE B 233 -22.40 -3.54 -33.94
CA ILE B 233 -21.60 -3.38 -35.16
C ILE B 233 -22.44 -3.13 -36.40
N VAL B 234 -21.87 -2.40 -37.35
CA VAL B 234 -22.51 -2.28 -38.66
C VAL B 234 -22.37 -3.64 -39.33
N GLY B 235 -23.50 -4.24 -39.70
CA GLY B 235 -23.50 -5.58 -40.29
C GLY B 235 -24.11 -6.64 -39.40
N GLY B 236 -24.38 -6.29 -38.13
CA GLY B 236 -25.11 -7.19 -37.25
C GLY B 236 -24.85 -6.93 -35.78
N MET B 237 -24.38 -7.95 -35.08
CA MET B 237 -23.98 -7.82 -33.69
C MET B 237 -22.67 -8.54 -33.48
N PRO B 238 -21.84 -8.08 -32.53
CA PRO B 238 -20.52 -8.73 -32.33
C PRO B 238 -20.57 -9.96 -31.45
N CYS B 239 -21.73 -10.23 -30.86
CA CYS B 239 -21.88 -11.38 -29.95
C CYS B 239 -22.06 -12.70 -30.74
N ALA B 240 -20.94 -13.23 -31.20
CA ALA B 240 -20.93 -14.49 -31.92
C ALA B 240 -21.58 -15.61 -31.12
N ILE B 241 -22.26 -16.52 -31.80
CA ILE B 241 -22.98 -17.59 -31.15
C ILE B 241 -22.29 -18.93 -31.38
N ASN B 242 -22.15 -19.69 -30.31
CA ASN B 242 -21.63 -21.03 -30.40
C ASN B 242 -22.32 -21.89 -29.33
N ILE B 243 -23.13 -22.84 -29.78
CA ILE B 243 -23.88 -23.70 -28.86
C ILE B 243 -23.22 -25.05 -28.62
N ASP B 244 -22.80 -25.72 -29.69
CA ASP B 244 -22.47 -27.13 -29.64
C ASP B 244 -21.04 -27.44 -30.07
N GLU B 245 -20.21 -26.42 -30.22
CA GLU B 245 -18.84 -26.65 -30.67
C GLU B 245 -17.79 -26.22 -29.66
N SER B 246 -16.58 -26.71 -29.84
CA SER B 246 -15.47 -26.42 -28.96
C SER B 246 -15.24 -24.93 -28.92
N GLY B 247 -14.97 -24.39 -27.74
CA GLY B 247 -14.78 -22.94 -27.61
C GLY B 247 -16.06 -22.14 -27.43
N ALA B 248 -17.18 -22.84 -27.24
CA ALA B 248 -18.46 -22.22 -26.88
C ALA B 248 -18.36 -21.37 -25.63
N VAL B 249 -17.40 -21.67 -24.78
CA VAL B 249 -17.12 -20.88 -23.58
C VAL B 249 -16.71 -19.44 -23.88
N GLY B 250 -16.35 -19.17 -25.13
CA GLY B 250 -15.93 -17.84 -25.56
C GLY B 250 -16.97 -17.09 -26.39
N ALA B 251 -18.20 -17.58 -26.39
CA ALA B 251 -19.26 -17.04 -27.21
C ALA B 251 -20.61 -17.10 -26.50
N VAL B 252 -21.65 -16.66 -27.18
CA VAL B 252 -23.00 -16.81 -26.62
C VAL B 252 -23.37 -18.29 -26.69
N ASN B 253 -23.39 -18.94 -25.54
CA ASN B 253 -23.71 -20.35 -25.47
C ASN B 253 -25.04 -20.61 -24.79
N MET B 254 -25.34 -21.88 -24.60
CA MET B 254 -26.57 -22.29 -23.94
C MET B 254 -26.71 -21.65 -22.57
N GLU B 255 -25.64 -21.67 -21.78
CA GLU B 255 -25.69 -21.06 -20.47
C GLU B 255 -26.01 -19.59 -20.55
N ARG B 256 -25.49 -18.92 -21.56
CA ARG B 256 -25.68 -17.51 -21.73
C ARG B 256 -27.11 -17.18 -22.05
N LEU B 257 -27.69 -18.01 -22.89
CA LEU B 257 -29.06 -17.81 -23.29
C LEU B 257 -29.95 -18.16 -22.14
N ASN B 258 -29.56 -19.15 -21.32
CA ASN B 258 -30.31 -19.52 -20.13
C ASN B 258 -30.49 -18.31 -19.22
N LEU B 259 -29.43 -17.52 -19.11
CA LEU B 259 -29.49 -16.35 -18.26
C LEU B 259 -30.48 -15.33 -18.80
N VAL B 260 -30.40 -15.10 -20.09
CA VAL B 260 -31.33 -14.22 -20.80
C VAL B 260 -32.79 -14.64 -20.53
N GLN B 261 -33.07 -15.93 -20.66
CA GLN B 261 -34.42 -16.45 -20.45
C GLN B 261 -34.91 -16.20 -19.03
N SER B 262 -34.02 -16.33 -18.05
CA SER B 262 -34.39 -16.15 -16.66
C SER B 262 -34.75 -14.69 -16.39
N ILE B 263 -34.06 -13.77 -17.07
CA ILE B 263 -34.33 -12.34 -16.91
C ILE B 263 -35.65 -11.89 -17.56
N ILE B 264 -35.95 -12.45 -18.72
CA ILE B 264 -37.21 -12.23 -19.43
C ILE B 264 -38.39 -12.56 -18.54
N THR B 265 -38.42 -13.77 -17.98
CA THR B 265 -39.51 -14.22 -17.13
C THR B 265 -39.72 -13.28 -15.93
N ARG B 266 -38.62 -12.90 -15.29
CA ARG B 266 -38.68 -12.09 -14.08
C ARG B 266 -39.14 -10.67 -14.41
N THR B 267 -38.79 -10.20 -15.61
CA THR B 267 -39.13 -8.86 -16.05
C THR B 267 -40.64 -8.75 -16.35
N ALA B 268 -41.17 -9.77 -17.04
CA ALA B 268 -42.58 -9.83 -17.34
C ALA B 268 -43.40 -9.94 -16.06
N ASP B 269 -42.88 -10.72 -15.11
CA ASP B 269 -43.47 -10.88 -13.78
C ASP B 269 -43.55 -9.57 -13.00
N PHE B 270 -42.48 -8.79 -12.96
CA PHE B 270 -42.49 -7.55 -12.22
C PHE B 270 -43.41 -6.48 -12.86
N ILE B 271 -43.33 -6.34 -14.18
CA ILE B 271 -44.12 -5.37 -14.90
C ILE B 271 -45.62 -5.69 -14.82
N ASN B 272 -45.98 -6.94 -15.02
CA ASN B 272 -47.37 -7.33 -15.03
C ASN B 272 -48.05 -7.24 -13.67
N ASN B 273 -47.30 -7.49 -12.60
CA ASN B 273 -47.90 -7.65 -11.27
C ASN B 273 -47.55 -6.55 -10.26
N VAL B 274 -46.64 -5.68 -10.62
CA VAL B 274 -46.33 -4.53 -9.78
C VAL B 274 -46.67 -3.22 -10.49
N MET B 275 -46.03 -2.98 -11.63
CA MET B 275 -46.21 -1.75 -12.38
C MET B 275 -47.61 -1.59 -12.91
N ILE B 276 -48.08 -2.60 -13.63
CA ILE B 276 -49.44 -2.56 -14.19
C ILE B 276 -50.51 -2.26 -13.14
N PRO B 277 -50.58 -3.05 -12.04
CA PRO B 277 -51.60 -2.71 -11.05
C PRO B 277 -51.40 -1.33 -10.42
N ASP B 278 -50.15 -0.90 -10.25
CA ASP B 278 -49.89 0.44 -9.73
C ASP B 278 -50.33 1.54 -10.68
N ALA B 279 -50.23 1.28 -11.99
CA ALA B 279 -50.63 2.25 -12.99
C ALA B 279 -52.14 2.40 -12.91
N LEU B 280 -52.86 1.29 -12.94
CA LEU B 280 -54.33 1.30 -12.81
C LEU B 280 -54.76 2.00 -11.52
N ALA B 281 -54.04 1.69 -10.43
CA ALA B 281 -54.32 2.27 -9.13
C ALA B 281 -54.24 3.79 -9.16
N ILE B 282 -53.19 4.33 -9.73
CA ILE B 282 -53.04 5.77 -9.87
C ILE B 282 -54.19 6.32 -10.70
N GLY B 283 -54.55 5.62 -11.77
CA GLY B 283 -55.70 6.00 -12.56
C GLY B 283 -57.01 6.09 -11.77
N GLN B 284 -57.25 5.14 -10.87
CA GLN B 284 -58.44 5.08 -10.02
C GLN B 284 -58.58 6.26 -9.08
N PHE B 285 -57.48 6.67 -8.49
CA PHE B 285 -57.51 7.78 -7.56
C PHE B 285 -57.23 9.14 -8.18
N ASN B 286 -56.87 9.19 -9.47
CA ASN B 286 -56.62 10.47 -10.11
C ASN B 286 -57.40 10.65 -11.42
N LYS B 287 -58.65 10.21 -11.44
CA LYS B 287 -59.47 10.23 -12.65
C LYS B 287 -59.70 11.58 -13.35
N PRO B 288 -59.77 12.71 -12.60
CA PRO B 288 -59.81 14.03 -13.25
C PRO B 288 -58.65 14.30 -14.24
N TRP B 289 -57.50 13.66 -14.02
CA TRP B 289 -56.34 13.89 -14.86
C TRP B 289 -56.43 13.13 -16.16
N SER B 290 -57.54 12.42 -16.36
CA SER B 290 -57.86 11.83 -17.67
C SER B 290 -58.38 12.89 -18.63
N GLU B 291 -58.43 14.12 -18.14
CA GLU B 291 -59.01 15.25 -18.86
C GLU B 291 -58.09 16.46 -18.78
N ILE B 292 -56.91 16.25 -18.21
CA ILE B 292 -55.93 17.32 -18.07
C ILE B 292 -54.70 17.00 -18.93
N GLY B 293 -54.16 18.01 -19.61
CA GLY B 293 -52.93 17.87 -20.40
C GLY B 293 -53.11 17.07 -21.67
N THR B 294 -54.29 17.15 -22.29
CA THR B 294 -54.52 16.53 -23.60
C THR B 294 -53.52 17.02 -24.66
N GLY B 295 -53.34 18.34 -24.75
CA GLY B 295 -52.41 18.94 -25.70
C GLY B 295 -52.71 18.49 -27.11
N LEU B 296 -51.69 18.03 -27.82
CA LEU B 296 -51.83 17.70 -29.25
C LEU B 296 -52.33 16.28 -29.48
N SER B 297 -52.48 15.52 -28.40
CA SER B 297 -52.79 14.11 -28.52
C SER B 297 -54.16 13.79 -29.13
N ASP B 298 -55.07 14.76 -29.13
CA ASP B 298 -56.36 14.59 -29.81
C ASP B 298 -56.37 15.24 -31.20
N LYS B 299 -55.20 15.73 -31.62
CA LYS B 299 -55.08 16.48 -32.86
C LYS B 299 -54.05 15.85 -33.78
N CYS B 300 -52.78 15.82 -33.34
CA CYS B 300 -51.66 15.38 -34.18
C CYS B 300 -50.67 14.44 -33.48
N VAL B 301 -50.61 13.19 -33.95
CA VAL B 301 -49.72 12.19 -33.37
C VAL B 301 -48.90 11.48 -34.47
N LEU B 302 -47.67 11.08 -34.10
CA LEU B 302 -46.72 10.52 -35.06
C LEU B 302 -45.94 9.30 -34.55
N SER B 303 -45.82 8.29 -35.40
CA SER B 303 -44.97 7.16 -35.11
C SER B 303 -44.29 6.70 -36.39
N TYR B 304 -42.99 6.41 -36.33
CA TYR B 304 -42.26 5.87 -37.48
C TYR B 304 -42.45 4.36 -37.58
N GLY B 305 -42.71 3.72 -36.43
CA GLY B 305 -42.80 2.27 -36.39
C GLY B 305 -41.47 1.66 -35.92
N ALA B 306 -41.53 0.40 -35.50
CA ALA B 306 -40.36 -0.25 -34.92
C ALA B 306 -40.51 -1.75 -34.90
N PHE B 307 -39.44 -2.42 -34.46
CA PHE B 307 -39.40 -3.87 -34.32
C PHE B 307 -39.69 -4.62 -35.63
N PRO B 308 -38.79 -4.51 -36.61
CA PRO B 308 -38.99 -5.27 -37.84
C PRO B 308 -38.89 -6.76 -37.58
N ASP B 309 -39.96 -7.50 -37.81
CA ASP B 309 -39.94 -8.92 -37.56
C ASP B 309 -39.38 -9.69 -38.74
N ILE B 310 -39.43 -9.08 -39.92
CA ILE B 310 -38.73 -9.63 -41.07
C ILE B 310 -37.40 -8.88 -41.20
N ALA B 311 -36.29 -9.63 -41.17
CA ALA B 311 -34.96 -9.01 -41.19
C ALA B 311 -34.74 -8.15 -42.44
N ASN B 312 -34.30 -6.91 -42.20
CA ASN B 312 -33.94 -5.93 -43.26
C ASN B 312 -35.15 -5.35 -44.00
N ASP B 313 -36.35 -5.74 -43.56
CA ASP B 313 -37.62 -5.24 -44.10
C ASP B 313 -38.24 -4.26 -43.09
N PHE B 314 -38.31 -3.00 -43.48
CA PHE B 314 -38.85 -1.99 -42.62
C PHE B 314 -40.22 -1.55 -43.10
N GLY B 315 -40.86 -2.42 -43.87
CA GLY B 315 -42.19 -2.16 -44.40
C GLY B 315 -43.27 -2.38 -43.37
N GLU B 316 -44.49 -2.11 -43.78
CA GLU B 316 -45.64 -2.24 -42.92
C GLU B 316 -46.00 -3.68 -42.57
N LYS B 317 -45.61 -4.60 -43.43
CA LYS B 317 -45.86 -6.01 -43.21
C LYS B 317 -44.86 -6.62 -42.25
N SER B 318 -43.84 -5.84 -41.86
CA SER B 318 -42.75 -6.30 -40.99
C SER B 318 -42.72 -5.70 -39.56
N LEU B 319 -42.86 -4.38 -39.47
CA LEU B 319 -42.82 -3.68 -38.18
C LEU B 319 -43.94 -4.13 -37.23
N LEU B 320 -43.55 -4.67 -36.08
CA LEU B 320 -44.51 -5.16 -35.07
C LEU B 320 -45.16 -4.00 -34.32
N MET B 321 -44.44 -2.87 -34.24
CA MET B 321 -44.99 -1.64 -33.69
C MET B 321 -45.32 -0.73 -34.86
N PRO B 322 -46.62 -0.51 -35.12
CA PRO B 322 -47.08 0.20 -36.32
C PRO B 322 -46.60 1.65 -36.38
N GLY B 323 -46.32 2.10 -37.60
CA GLY B 323 -46.02 3.52 -37.85
C GLY B 323 -47.20 4.21 -38.51
N GLY B 324 -47.18 5.55 -38.49
CA GLY B 324 -48.21 6.36 -39.14
C GLY B 324 -48.38 7.73 -38.50
N ALA B 325 -49.09 8.61 -39.19
CA ALA B 325 -49.35 9.93 -38.68
C ALA B 325 -50.85 10.28 -38.74
N VAL B 326 -51.31 11.02 -37.74
CA VAL B 326 -52.66 11.56 -37.76
C VAL B 326 -52.55 13.07 -37.61
N ILE B 327 -53.27 13.79 -38.43
CA ILE B 327 -53.32 15.25 -38.29
C ILE B 327 -54.76 15.74 -38.25
N ASN B 328 -54.97 16.95 -37.71
CA ASN B 328 -56.28 17.64 -37.61
C ASN B 328 -57.32 16.81 -36.88
N GLY B 329 -56.87 16.01 -35.91
CA GLY B 329 -57.75 15.14 -35.15
C GLY B 329 -58.45 14.05 -35.95
N ASP B 330 -58.04 13.86 -37.21
CA ASP B 330 -58.64 12.83 -38.06
C ASP B 330 -57.99 11.45 -37.88
N PHE B 331 -58.45 10.72 -36.88
CA PHE B 331 -57.86 9.42 -36.54
C PHE B 331 -58.37 8.28 -37.44
N ASN B 332 -59.32 8.59 -38.33
CA ASN B 332 -59.91 7.60 -39.25
C ASN B 332 -59.09 7.46 -40.51
N ASN B 333 -58.11 8.34 -40.63
CA ASN B 333 -57.22 8.37 -41.77
C ASN B 333 -55.77 8.41 -41.28
N VAL B 334 -55.20 7.25 -40.97
CA VAL B 334 -53.79 7.16 -40.57
C VAL B 334 -52.90 7.24 -41.81
N LEU B 335 -52.05 8.27 -41.85
CA LEU B 335 -51.25 8.59 -43.04
C LEU B 335 -49.90 7.92 -42.96
N PRO B 336 -49.36 7.43 -44.12
CA PRO B 336 -48.05 6.78 -44.18
C PRO B 336 -46.92 7.79 -44.04
N VAL B 337 -45.83 7.36 -43.40
CA VAL B 337 -44.69 8.24 -43.18
C VAL B 337 -43.51 7.84 -44.05
N ASP B 338 -42.88 8.82 -44.69
CA ASP B 338 -41.67 8.59 -45.46
C ASP B 338 -40.61 9.58 -45.01
N LEU B 339 -39.49 9.02 -44.53
CA LEU B 339 -38.42 9.83 -43.99
C LEU B 339 -37.44 10.38 -45.03
N VAL B 340 -37.62 9.98 -46.28
CA VAL B 340 -36.82 10.51 -47.39
C VAL B 340 -37.50 11.76 -47.98
N ASP B 341 -38.84 11.74 -48.00
CA ASP B 341 -39.65 12.85 -48.51
C ASP B 341 -39.28 14.17 -47.83
N PRO B 342 -38.74 15.14 -48.61
CA PRO B 342 -38.29 16.42 -48.05
C PRO B 342 -39.44 17.31 -47.56
N GLN B 343 -40.66 16.87 -47.83
CA GLN B 343 -41.85 17.63 -47.49
C GLN B 343 -42.53 17.17 -46.23
N GLN B 344 -42.08 16.07 -45.67
CA GLN B 344 -42.65 15.55 -44.45
C GLN B 344 -41.90 16.08 -43.24
N VAL B 345 -40.79 15.48 -42.88
CA VAL B 345 -40.06 15.92 -41.70
C VAL B 345 -39.16 17.09 -41.99
N GLN B 346 -39.37 18.20 -41.31
CA GLN B 346 -38.53 19.36 -41.46
C GLN B 346 -38.30 19.99 -40.11
N GLU B 347 -37.18 20.69 -39.94
CA GLU B 347 -36.87 21.34 -38.67
C GLU B 347 -36.72 22.85 -38.83
N PHE B 348 -37.34 23.59 -37.92
CA PHE B 348 -37.28 25.04 -37.93
C PHE B 348 -36.42 25.54 -36.79
N VAL B 349 -35.74 26.66 -36.97
CA VAL B 349 -34.87 27.21 -35.93
C VAL B 349 -35.08 28.70 -35.63
N ASP B 350 -36.19 29.24 -36.12
CA ASP B 350 -36.52 30.67 -35.89
C ASP B 350 -36.73 31.04 -34.43
N HIS B 351 -37.08 30.05 -33.61
CA HIS B 351 -37.25 30.24 -32.17
C HIS B 351 -36.23 29.42 -31.36
N ALA B 352 -35.18 28.94 -32.05
CA ALA B 352 -34.11 28.14 -31.44
C ALA B 352 -32.75 28.79 -31.64
N TRP B 353 -31.79 28.42 -30.81
CA TRP B 353 -30.46 29.02 -30.83
C TRP B 353 -29.53 28.43 -31.91
N TYR B 354 -29.99 28.47 -33.15
CA TYR B 354 -29.23 27.96 -34.26
C TYR B 354 -29.30 28.94 -35.41
N ARG B 355 -28.66 28.63 -36.52
CA ARG B 355 -28.62 29.57 -37.61
C ARG B 355 -28.90 28.88 -38.91
N TYR B 356 -29.78 29.48 -39.68
CA TYR B 356 -30.08 29.00 -40.99
C TYR B 356 -29.82 30.12 -41.98
N PRO B 357 -29.63 29.80 -43.25
CA PRO B 357 -29.61 30.87 -44.27
C PRO B 357 -30.95 31.64 -44.29
N ASN B 358 -32.04 30.91 -44.07
CA ASN B 358 -33.37 31.50 -43.97
C ASN B 358 -34.16 30.79 -42.88
N ASP B 359 -34.26 31.42 -41.72
CA ASP B 359 -34.95 30.80 -40.58
C ASP B 359 -36.48 30.71 -40.71
N GLN B 360 -37.02 31.18 -41.83
CA GLN B 360 -38.46 31.16 -42.05
C GLN B 360 -38.91 29.91 -42.81
N VAL B 361 -37.96 29.02 -43.08
CA VAL B 361 -38.27 27.77 -43.77
C VAL B 361 -37.71 26.60 -42.99
N GLY B 362 -38.34 25.45 -43.15
CA GLY B 362 -37.88 24.25 -42.47
C GLY B 362 -36.93 23.45 -43.35
N ARG B 363 -36.00 22.73 -42.74
CA ARG B 363 -35.06 21.93 -43.48
C ARG B 363 -35.19 20.46 -43.12
N HIS B 364 -35.39 19.63 -44.14
CA HIS B 364 -35.35 18.19 -44.01
C HIS B 364 -33.96 17.81 -43.54
N PRO B 365 -33.84 16.78 -42.69
CA PRO B 365 -32.54 16.48 -42.11
C PRO B 365 -31.42 16.22 -43.11
N PHE B 366 -31.73 15.72 -44.31
CA PHE B 366 -30.71 15.60 -45.37
C PHE B 366 -30.16 16.96 -45.81
N ASP B 367 -30.89 18.00 -45.46
CA ASP B 367 -30.49 19.37 -45.73
C ASP B 367 -30.26 20.06 -44.40
N GLY B 368 -30.16 19.28 -43.33
CA GLY B 368 -30.02 19.81 -41.99
C GLY B 368 -28.78 20.65 -41.75
N ILE B 369 -28.91 21.66 -40.89
CA ILE B 369 -27.78 22.47 -40.48
C ILE B 369 -27.78 22.61 -38.96
N THR B 370 -26.64 22.28 -38.33
CA THR B 370 -26.46 22.50 -36.90
C THR B 370 -25.36 23.52 -36.69
N ASP B 371 -25.77 24.78 -36.65
CA ASP B 371 -24.85 25.89 -36.47
C ASP B 371 -25.28 26.66 -35.21
N PRO B 372 -24.67 26.32 -34.04
CA PRO B 372 -24.99 26.96 -32.76
C PRO B 372 -24.84 28.47 -32.79
N TRP B 373 -25.90 29.14 -32.32
CA TRP B 373 -25.93 30.60 -32.27
C TRP B 373 -26.75 30.99 -31.05
N TYR B 374 -26.07 31.20 -29.93
CA TYR B 374 -26.76 31.58 -28.69
C TYR B 374 -27.16 33.06 -28.75
N ASN B 375 -28.47 33.29 -28.86
CA ASN B 375 -28.99 34.64 -29.05
C ASN B 375 -30.38 34.75 -28.38
N PRO B 376 -30.39 35.12 -27.07
CA PRO B 376 -31.62 35.07 -26.28
C PRO B 376 -32.45 36.37 -26.37
N GLY B 377 -31.86 37.43 -26.91
CA GLY B 377 -32.55 38.70 -26.99
C GLY B 377 -32.55 39.38 -25.66
N ASP B 378 -33.53 40.24 -25.43
CA ASP B 378 -33.74 40.88 -24.14
C ASP B 378 -34.48 39.91 -23.25
N VAL B 379 -33.84 39.49 -22.18
CA VAL B 379 -34.42 38.51 -21.30
C VAL B 379 -34.66 39.05 -19.92
N LYS B 380 -34.70 40.38 -19.83
CA LYS B 380 -34.89 41.10 -18.58
C LYS B 380 -33.73 40.91 -17.59
N GLY B 381 -32.59 40.49 -18.10
CA GLY B 381 -31.44 40.25 -17.26
C GLY B 381 -30.20 40.52 -18.05
N SER B 382 -29.50 39.47 -18.45
CA SER B 382 -28.29 39.55 -19.29
C SER B 382 -28.11 38.24 -20.02
N ASP B 383 -27.13 38.19 -20.91
CA ASP B 383 -26.84 36.98 -21.69
C ASP B 383 -26.47 35.79 -20.80
N THR B 384 -25.86 36.09 -19.65
CA THR B 384 -25.52 35.09 -18.63
C THR B 384 -26.47 35.11 -17.44
N ASN B 385 -27.60 35.83 -17.57
CA ASN B 385 -28.61 35.90 -16.51
C ASN B 385 -30.03 36.00 -17.03
N ILE B 386 -30.59 34.85 -17.44
CA ILE B 386 -31.97 34.78 -17.92
C ILE B 386 -33.01 34.84 -16.77
N GLN B 387 -33.64 36.00 -16.60
CA GLN B 387 -34.76 36.14 -15.69
C GLN B 387 -36.08 35.70 -16.36
N GLN B 388 -36.24 36.06 -17.62
CA GLN B 388 -37.39 35.65 -18.38
C GLN B 388 -37.00 35.46 -19.84
N LEU B 389 -37.23 34.26 -20.35
CA LEU B 389 -37.02 33.94 -21.75
C LEU B 389 -37.90 34.81 -22.60
N ASN B 390 -37.47 35.07 -23.81
CA ASN B 390 -38.25 35.82 -24.77
C ASN B 390 -38.80 34.86 -25.82
N GLU B 391 -40.05 34.46 -25.68
CA GLU B 391 -40.61 33.43 -26.55
C GLU B 391 -41.06 33.99 -27.87
N GLN B 392 -40.97 35.31 -28.01
CA GLN B 392 -41.21 35.99 -29.27
C GLN B 392 -40.13 35.63 -30.25
N GLU B 393 -38.91 35.45 -29.73
CA GLU B 393 -37.74 35.13 -30.52
C GLU B 393 -37.10 33.78 -30.23
N ARG B 394 -35.81 33.73 -30.00
CA ARG B 394 -35.12 32.45 -29.83
C ARG B 394 -35.01 32.10 -28.39
N TYR B 395 -35.54 30.94 -28.03
CA TYR B 395 -35.56 30.58 -26.63
C TYR B 395 -35.15 29.17 -26.22
N SER B 396 -34.55 28.40 -27.11
CA SER B 396 -34.24 27.02 -26.78
C SER B 396 -33.09 26.41 -27.61
N TRP B 397 -32.41 25.42 -27.05
CA TRP B 397 -31.39 24.68 -27.78
C TRP B 397 -32.01 23.55 -28.60
N ILE B 398 -33.33 23.42 -28.49
CA ILE B 398 -34.05 22.36 -29.19
C ILE B 398 -34.57 22.88 -30.54
N LYS B 399 -34.33 22.13 -31.61
CA LYS B 399 -34.88 22.49 -32.92
C LYS B 399 -36.37 22.20 -32.92
N ALA B 400 -37.10 22.81 -33.85
CA ALA B 400 -38.53 22.63 -33.96
C ALA B 400 -38.89 21.73 -35.13
N PRO B 401 -39.05 20.42 -34.90
CA PRO B 401 -39.46 19.52 -35.99
C PRO B 401 -40.95 19.65 -36.30
N ARG B 402 -41.30 19.54 -37.58
CA ARG B 402 -42.70 19.48 -37.99
C ARG B 402 -42.89 18.39 -39.04
N TRP B 403 -44.08 17.81 -39.11
CA TRP B 403 -44.40 16.84 -40.16
C TRP B 403 -45.45 17.42 -41.10
N ARG B 404 -45.06 17.67 -42.35
CA ARG B 404 -45.90 18.38 -43.31
C ARG B 404 -46.38 19.70 -42.74
N GLY B 405 -45.53 20.36 -41.95
CA GLY B 405 -45.87 21.64 -41.34
C GLY B 405 -46.67 21.55 -40.04
N ASN B 406 -47.08 20.34 -39.67
CA ASN B 406 -47.90 20.13 -38.46
C ASN B 406 -47.06 19.82 -37.22
N ALA B 407 -47.44 20.42 -36.09
CA ALA B 407 -46.83 20.07 -34.80
C ALA B 407 -47.38 18.74 -34.31
N MET B 408 -46.51 17.81 -33.91
CA MET B 408 -46.92 16.45 -33.60
C MET B 408 -46.56 16.09 -32.18
N GLU B 409 -47.35 15.20 -31.59
CA GLU B 409 -46.94 14.55 -30.36
C GLU B 409 -46.40 13.16 -30.72
N VAL B 410 -45.28 12.79 -30.09
CA VAL B 410 -44.73 11.42 -30.20
C VAL B 410 -44.66 10.72 -28.82
N GLY B 411 -44.50 9.39 -28.85
CA GLY B 411 -44.33 8.64 -27.64
C GLY B 411 -45.34 7.54 -27.50
N PRO B 412 -45.39 6.93 -26.30
CA PRO B 412 -46.28 5.82 -25.99
C PRO B 412 -47.75 6.10 -26.31
N LEU B 413 -48.27 7.27 -25.91
CA LEU B 413 -49.67 7.64 -26.19
C LEU B 413 -49.88 7.76 -27.70
N ALA B 414 -49.00 8.50 -28.37
CA ALA B 414 -49.05 8.61 -29.82
C ALA B 414 -49.08 7.24 -30.52
N ARG B 415 -48.10 6.38 -30.19
CA ARG B 415 -48.04 5.05 -30.78
C ARG B 415 -49.31 4.25 -30.54
N THR B 416 -49.83 4.32 -29.31
CA THR B 416 -51.03 3.60 -28.92
C THR B 416 -52.23 4.01 -29.78
N LEU B 417 -52.41 5.32 -29.94
CA LEU B 417 -53.47 5.86 -30.79
C LEU B 417 -53.30 5.38 -32.23
N ILE B 418 -52.07 5.44 -32.74
CA ILE B 418 -51.79 5.01 -34.11
C ILE B 418 -52.12 3.53 -34.28
N ALA B 419 -51.62 2.71 -33.36
CA ALA B 419 -51.84 1.26 -33.41
C ALA B 419 -53.32 0.91 -33.27
N TYR B 420 -54.01 1.62 -32.38
CA TYR B 420 -55.45 1.42 -32.13
C TYR B 420 -56.29 1.70 -33.38
N HIS B 421 -56.00 2.83 -34.04
CA HIS B 421 -56.82 3.29 -35.15
C HIS B 421 -56.41 2.65 -36.47
N LYS B 422 -55.25 2.00 -36.49
CA LYS B 422 -54.87 1.14 -37.62
C LYS B 422 -55.55 -0.23 -37.50
N GLY B 423 -56.19 -0.46 -36.35
CA GLY B 423 -56.93 -1.67 -36.08
C GLY B 423 -56.12 -2.87 -35.64
N ASP B 424 -54.99 -2.62 -34.96
CA ASP B 424 -54.17 -3.70 -34.40
C ASP B 424 -54.95 -4.39 -33.28
N ALA B 425 -55.32 -5.65 -33.52
CA ALA B 425 -56.26 -6.37 -32.65
C ALA B 425 -55.80 -6.38 -31.19
N ALA B 426 -54.53 -6.67 -30.96
CA ALA B 426 -53.98 -6.75 -29.61
C ALA B 426 -54.08 -5.43 -28.86
N THR B 427 -53.74 -4.34 -29.54
CA THR B 427 -53.80 -2.99 -28.95
C THR B 427 -55.25 -2.60 -28.64
N VAL B 428 -56.15 -2.86 -29.58
CA VAL B 428 -57.57 -2.53 -29.39
C VAL B 428 -58.10 -3.21 -28.14
N GLU B 429 -57.92 -4.51 -28.08
CA GLU B 429 -58.30 -5.28 -26.92
C GLU B 429 -57.66 -4.78 -25.63
N SER B 430 -56.36 -4.62 -25.66
CA SER B 430 -55.59 -4.16 -24.53
C SER B 430 -56.08 -2.81 -24.00
N VAL B 431 -56.25 -1.82 -24.88
CA VAL B 431 -56.70 -0.47 -24.52
C VAL B 431 -58.13 -0.52 -23.96
N ASP B 432 -58.97 -1.29 -24.65
CA ASP B 432 -60.36 -1.46 -24.30
C ASP B 432 -60.52 -2.03 -22.93
N ARG B 433 -59.86 -3.16 -22.72
CA ARG B 433 -59.75 -3.82 -21.42
C ARG B 433 -59.27 -2.87 -20.33
N MET B 434 -58.23 -2.11 -20.65
CA MET B 434 -57.60 -1.25 -19.67
C MET B 434 -58.49 -0.08 -19.31
N MET B 435 -59.21 0.46 -20.29
CA MET B 435 -60.10 1.59 -20.02
C MET B 435 -61.37 1.16 -19.32
N SER B 436 -61.89 -0.01 -19.69
CA SER B 436 -63.05 -0.62 -19.03
C SER B 436 -62.84 -0.70 -17.55
N ALA B 437 -61.67 -1.15 -17.17
CA ALA B 437 -61.28 -1.31 -15.77
C ALA B 437 -61.30 0.00 -14.98
N LEU B 438 -61.12 1.13 -15.64
CA LEU B 438 -61.13 2.40 -14.93
C LEU B 438 -62.44 3.12 -15.04
N ASN B 439 -63.38 2.53 -15.79
CA ASN B 439 -64.66 3.12 -16.14
C ASN B 439 -64.45 4.46 -16.78
N LEU B 440 -63.59 4.47 -17.80
CA LEU B 440 -63.28 5.68 -18.53
C LEU B 440 -63.54 5.47 -20.01
N PRO B 441 -63.95 6.54 -20.71
CA PRO B 441 -64.10 6.44 -22.16
C PRO B 441 -62.73 6.37 -22.83
N LEU B 442 -62.69 5.91 -24.08
CA LEU B 442 -61.46 5.89 -24.87
C LEU B 442 -60.74 7.26 -24.91
N SER B 443 -61.50 8.35 -25.00
CA SER B 443 -60.95 9.72 -25.01
C SER B 443 -60.07 10.03 -23.80
N GLY B 444 -60.30 9.30 -22.71
CA GLY B 444 -59.57 9.49 -21.46
C GLY B 444 -58.09 9.18 -21.56
N ILE B 445 -57.74 8.42 -22.59
CA ILE B 445 -56.36 8.08 -22.87
C ILE B 445 -55.56 9.29 -23.40
N GLN B 446 -56.26 10.21 -24.05
CA GLN B 446 -55.64 11.42 -24.60
C GLN B 446 -55.48 12.47 -23.51
N SER B 447 -54.53 12.20 -22.60
CA SER B 447 -54.31 13.05 -21.43
C SER B 447 -53.00 12.77 -20.74
N THR B 448 -52.70 13.57 -19.73
CA THR B 448 -51.55 13.36 -18.85
C THR B 448 -51.59 11.97 -18.20
N LEU B 449 -52.72 11.63 -17.59
CA LEU B 449 -52.93 10.29 -17.05
C LEU B 449 -52.76 9.20 -18.12
N GLY B 450 -53.36 9.43 -19.28
CA GLY B 450 -53.32 8.48 -20.40
C GLY B 450 -51.93 8.13 -20.87
N ARG B 451 -51.04 9.13 -20.87
CA ARG B 451 -49.63 8.91 -21.23
C ARG B 451 -49.00 7.89 -20.30
N ILE B 452 -49.20 8.10 -19.00
CA ILE B 452 -48.68 7.19 -17.98
C ILE B 452 -49.25 5.79 -18.14
N LEU B 453 -50.56 5.70 -18.38
CA LEU B 453 -51.24 4.42 -18.62
C LEU B 453 -50.70 3.72 -19.86
N CYS B 454 -50.47 4.50 -20.91
CA CYS B 454 -49.97 3.93 -22.15
C CYS B 454 -48.54 3.43 -22.01
N ARG B 455 -47.74 4.17 -21.25
CA ARG B 455 -46.36 3.77 -20.96
C ARG B 455 -46.32 2.41 -20.28
N ALA B 456 -47.17 2.23 -19.27
CA ALA B 456 -47.21 0.98 -18.52
C ALA B 456 -47.61 -0.17 -19.41
N HIS B 457 -48.61 0.07 -20.25
CA HIS B 457 -49.11 -0.95 -21.17
C HIS B 457 -48.05 -1.36 -22.19
N GLU B 458 -47.20 -0.39 -22.54
CA GLU B 458 -46.10 -0.61 -23.50
C GLU B 458 -45.06 -1.51 -22.90
N ALA B 459 -44.77 -1.31 -21.61
CA ALA B 459 -43.82 -2.15 -20.89
C ALA B 459 -44.28 -3.60 -20.90
N GLN B 460 -45.58 -3.78 -20.73
CA GLN B 460 -46.17 -5.09 -20.72
C GLN B 460 -46.03 -5.67 -22.11
N TRP B 461 -46.33 -4.85 -23.11
CA TRP B 461 -46.21 -5.26 -24.52
C TRP B 461 -44.79 -5.67 -24.86
N ALA B 462 -43.81 -4.86 -24.43
CA ALA B 462 -42.41 -5.14 -24.69
C ALA B 462 -41.95 -6.43 -23.99
N ALA B 463 -42.38 -6.62 -22.73
CA ALA B 463 -42.06 -7.82 -21.98
C ALA B 463 -42.54 -9.10 -22.68
N GLY B 464 -43.72 -9.02 -23.27
CA GLY B 464 -44.26 -10.13 -24.04
C GLY B 464 -43.43 -10.40 -25.28
N LYS B 465 -43.02 -9.32 -25.94
CA LYS B 465 -42.24 -9.42 -27.16
C LYS B 465 -40.86 -10.03 -26.90
N LEU B 466 -40.26 -9.70 -25.76
CA LEU B 466 -39.01 -10.31 -25.35
C LEU B 466 -39.03 -11.81 -25.53
N GLN B 467 -40.06 -12.45 -24.98
CA GLN B 467 -40.21 -13.89 -25.07
C GLN B 467 -40.37 -14.34 -26.52
N TYR B 468 -41.16 -13.59 -27.27
CA TYR B 468 -41.41 -13.92 -28.66
C TYR B 468 -40.10 -13.92 -29.44
N PHE B 469 -39.31 -12.86 -29.29
CA PHE B 469 -38.00 -12.74 -29.95
C PHE B 469 -37.03 -13.84 -29.51
N PHE B 470 -37.01 -14.13 -28.22
CA PHE B 470 -36.11 -15.14 -27.70
C PHE B 470 -36.43 -16.49 -28.33
N ASP B 471 -37.72 -16.78 -28.48
CA ASP B 471 -38.15 -18.06 -29.02
C ASP B 471 -37.77 -18.15 -30.47
N LYS B 472 -37.90 -17.01 -31.15
CA LYS B 472 -37.52 -16.89 -32.54
C LYS B 472 -36.04 -17.20 -32.73
N LEU B 473 -35.20 -16.67 -31.85
CA LEU B 473 -33.75 -16.91 -31.87
C LEU B 473 -33.41 -18.39 -31.69
N MET B 474 -33.99 -18.99 -30.66
CA MET B 474 -33.78 -20.39 -30.32
C MET B 474 -34.21 -21.29 -31.44
N THR B 475 -35.30 -20.94 -32.11
CA THR B 475 -35.78 -21.69 -33.28
C THR B 475 -34.73 -21.74 -34.39
N ASN B 476 -34.08 -20.61 -34.64
CA ASN B 476 -33.01 -20.53 -35.61
C ASN B 476 -31.85 -21.43 -35.21
N LEU B 477 -31.47 -21.38 -33.93
CA LEU B 477 -30.37 -22.18 -33.41
C LEU B 477 -30.67 -23.66 -33.51
N LYS B 478 -31.93 -24.03 -33.29
CA LYS B 478 -32.36 -25.42 -33.43
C LYS B 478 -32.21 -25.88 -34.86
N ASN B 479 -32.42 -24.94 -35.79
CA ASN B 479 -32.29 -25.22 -37.23
C ASN B 479 -30.87 -25.02 -37.76
N GLY B 480 -29.92 -24.78 -36.87
CA GLY B 480 -28.53 -24.58 -37.24
C GLY B 480 -28.23 -23.24 -37.88
N ASN B 481 -29.06 -22.24 -37.63
CA ASN B 481 -28.83 -20.91 -38.16
C ASN B 481 -28.20 -20.04 -37.09
N LEU B 482 -26.89 -19.84 -37.18
CA LEU B 482 -26.14 -19.21 -36.11
C LEU B 482 -25.60 -17.83 -36.43
N ALA B 483 -25.60 -17.46 -37.71
CA ALA B 483 -24.92 -16.26 -38.19
C ALA B 483 -25.42 -14.99 -37.47
N THR B 484 -24.48 -14.14 -37.06
CA THR B 484 -24.85 -12.88 -36.37
C THR B 484 -24.30 -11.62 -37.01
N ALA B 485 -23.50 -11.79 -38.08
CA ALA B 485 -22.87 -10.66 -38.75
C ALA B 485 -22.68 -10.91 -40.23
N SER B 486 -22.86 -9.85 -41.02
CA SER B 486 -22.52 -9.85 -42.44
C SER B 486 -21.34 -8.92 -42.63
N THR B 487 -20.27 -9.46 -43.21
CA THR B 487 -19.05 -8.68 -43.36
C THR B 487 -18.69 -8.45 -44.82
N GLU B 488 -19.56 -8.92 -45.70
CA GLU B 488 -19.44 -8.71 -47.14
C GLU B 488 -19.08 -7.27 -47.49
N LYS B 489 -19.69 -6.31 -46.79
CA LYS B 489 -19.47 -4.89 -47.00
C LYS B 489 -18.95 -4.15 -45.77
N TRP B 490 -18.05 -4.78 -45.04
CA TRP B 490 -17.40 -4.15 -43.88
C TRP B 490 -16.28 -3.17 -44.26
N GLU B 491 -15.54 -3.52 -45.31
CA GLU B 491 -14.42 -2.71 -45.77
C GLU B 491 -14.91 -1.52 -46.56
N PRO B 492 -14.45 -0.30 -46.18
CA PRO B 492 -14.87 0.95 -46.85
C PRO B 492 -14.70 0.91 -48.37
N ALA B 493 -13.77 0.08 -48.84
CA ALA B 493 -13.51 -0.07 -50.27
C ALA B 493 -14.72 -0.62 -51.04
N THR B 494 -15.63 -1.28 -50.31
CA THR B 494 -16.80 -1.92 -50.92
C THR B 494 -18.01 -1.00 -50.91
N TRP B 495 -17.86 0.16 -50.27
CA TRP B 495 -18.96 1.13 -50.19
C TRP B 495 -19.07 1.98 -51.43
N PRO B 496 -20.30 2.43 -51.75
CA PRO B 496 -20.41 3.47 -52.77
C PRO B 496 -19.60 4.69 -52.36
N THR B 497 -18.99 5.36 -53.31
CA THR B 497 -18.21 6.56 -53.03
C THR B 497 -19.07 7.61 -52.33
N GLU B 498 -20.32 7.68 -52.77
CA GLU B 498 -21.26 8.62 -52.22
C GLU B 498 -22.59 7.91 -52.04
N CYS B 499 -23.14 7.99 -50.83
CA CYS B 499 -24.44 7.39 -50.54
C CYS B 499 -25.09 8.05 -49.32
N ARG B 500 -26.38 7.81 -49.15
CA ARG B 500 -27.07 8.28 -47.95
C ARG B 500 -28.14 7.32 -47.48
N GLY B 501 -28.45 7.36 -46.19
CA GLY B 501 -29.47 6.48 -45.66
C GLY B 501 -30.17 7.00 -44.43
N VAL B 502 -31.28 6.34 -44.12
CA VAL B 502 -32.09 6.70 -42.95
C VAL B 502 -32.23 5.51 -42.00
N GLY B 503 -32.04 5.79 -40.71
CA GLY B 503 -32.29 4.82 -39.69
C GLY B 503 -33.38 5.31 -38.79
N PHE B 504 -34.42 4.50 -38.62
CA PHE B 504 -35.52 4.90 -37.75
C PHE B 504 -36.02 3.77 -36.86
N THR B 505 -36.52 4.15 -35.71
CA THR B 505 -37.14 3.20 -34.79
C THR B 505 -38.01 3.97 -33.82
N GLU B 506 -38.70 3.25 -32.94
CA GLU B 506 -39.46 3.91 -31.87
C GLU B 506 -38.72 3.78 -30.54
N ALA B 507 -38.09 4.87 -30.11
CA ALA B 507 -37.46 4.93 -28.81
C ALA B 507 -38.54 4.95 -27.72
N PRO B 508 -38.18 4.64 -26.46
CA PRO B 508 -39.15 4.74 -25.36
C PRO B 508 -40.03 6.01 -25.35
N ARG B 509 -39.47 7.11 -25.82
CA ARG B 509 -40.14 8.39 -25.78
C ARG B 509 -40.76 8.80 -27.11
N GLY B 510 -40.55 8.00 -28.16
CA GLY B 510 -41.20 8.22 -29.46
C GLY B 510 -40.36 8.01 -30.68
N ALA B 511 -40.77 8.61 -31.77
CA ALA B 511 -40.17 8.42 -33.10
C ALA B 511 -38.74 8.99 -33.22
N LEU B 512 -37.76 8.11 -33.49
CA LEU B 512 -36.36 8.52 -33.61
C LEU B 512 -35.85 8.29 -35.02
N GLY B 513 -35.08 9.26 -35.52
CA GLY B 513 -34.50 9.12 -36.83
C GLY B 513 -33.08 9.64 -36.93
N HIS B 514 -32.24 8.85 -37.61
CA HIS B 514 -30.88 9.25 -37.98
C HIS B 514 -30.76 9.36 -39.48
N TRP B 515 -30.28 10.51 -39.94
CA TRP B 515 -30.05 10.77 -41.37
C TRP B 515 -28.56 10.95 -41.60
N ALA B 516 -28.00 10.07 -42.43
CA ALA B 516 -26.55 10.03 -42.61
C ALA B 516 -26.19 10.07 -44.08
N ALA B 517 -25.19 10.88 -44.40
CA ALA B 517 -24.60 10.91 -45.74
C ALA B 517 -23.12 10.49 -45.69
N ILE B 518 -22.75 9.57 -46.56
CA ILE B 518 -21.35 9.16 -46.63
C ILE B 518 -20.68 9.61 -47.92
N ARG B 519 -19.48 10.17 -47.79
CA ARG B 519 -18.70 10.51 -48.98
C ARG B 519 -17.26 10.14 -48.77
N ASP B 520 -16.77 9.23 -49.63
CA ASP B 520 -15.37 8.74 -49.65
C ASP B 520 -14.98 8.12 -48.36
N GLY B 521 -15.86 7.29 -47.86
CA GLY B 521 -15.64 6.51 -46.65
C GLY B 521 -15.78 7.28 -45.34
N LYS B 522 -16.16 8.56 -45.43
CA LYS B 522 -16.30 9.40 -44.25
C LYS B 522 -17.70 9.95 -44.15
N ILE B 523 -18.15 10.18 -42.91
CA ILE B 523 -19.41 10.89 -42.65
C ILE B 523 -19.34 12.31 -43.25
N ASP B 524 -20.27 12.60 -44.15
CA ASP B 524 -20.40 13.93 -44.70
C ASP B 524 -21.41 14.76 -43.90
N LEU B 525 -22.59 14.20 -43.75
CA LEU B 525 -23.63 14.78 -42.91
C LEU B 525 -24.24 13.73 -42.01
N TYR B 526 -24.48 14.11 -40.76
CA TYR B 526 -25.21 13.28 -39.81
C TYR B 526 -26.17 14.16 -39.04
N GLN B 527 -27.47 13.95 -39.29
CA GLN B 527 -28.51 14.72 -38.61
C GLN B 527 -29.49 13.82 -37.84
N CYS B 528 -29.79 14.24 -36.60
CA CYS B 528 -30.68 13.48 -35.73
C CYS B 528 -31.91 14.28 -35.41
N VAL B 529 -33.06 13.64 -35.52
CA VAL B 529 -34.31 14.20 -35.05
C VAL B 529 -34.83 13.22 -34.00
N VAL B 530 -34.81 13.67 -32.75
CA VAL B 530 -35.09 12.81 -31.62
C VAL B 530 -36.48 13.04 -31.05
N PRO B 531 -37.08 11.97 -30.41
CA PRO B 531 -38.46 12.18 -29.85
C PRO B 531 -38.71 13.43 -28.95
N THR B 532 -37.88 13.65 -27.95
CA THR B 532 -38.05 14.84 -27.14
C THR B 532 -37.82 16.11 -27.96
N THR B 533 -37.22 15.98 -29.14
CA THR B 533 -37.02 17.14 -29.98
C THR B 533 -38.38 17.52 -30.46
N TRP B 534 -39.19 16.54 -30.82
CA TRP B 534 -40.57 16.78 -31.24
C TRP B 534 -41.41 17.36 -30.12
N ASN B 535 -41.49 16.64 -29.00
CA ASN B 535 -42.38 17.00 -27.90
C ASN B 535 -42.00 18.30 -27.20
N ALA B 536 -40.71 18.56 -27.02
CA ALA B 536 -40.25 19.74 -26.31
C ALA B 536 -39.95 20.90 -27.26
N SER B 537 -40.32 20.72 -28.52
CA SER B 537 -40.12 21.71 -29.57
C SER B 537 -40.52 23.13 -29.20
N PRO B 538 -39.73 24.12 -29.62
CA PRO B 538 -40.18 25.50 -29.55
C PRO B 538 -41.10 25.80 -30.74
N ARG B 539 -41.52 27.05 -30.84
CA ARG B 539 -42.49 27.47 -31.86
C ARG B 539 -41.84 27.59 -33.26
N ASP B 540 -42.70 27.65 -34.29
CA ASP B 540 -42.24 27.75 -35.68
C ASP B 540 -42.63 29.13 -36.27
N PRO B 541 -42.30 29.37 -37.56
CA PRO B 541 -42.69 30.68 -38.11
C PRO B 541 -44.19 30.99 -38.12
N LYS B 542 -45.03 29.96 -38.09
CA LYS B 542 -46.47 30.16 -37.93
C LYS B 542 -46.89 30.38 -36.46
N GLY B 543 -45.93 30.27 -35.54
CA GLY B 543 -46.20 30.39 -34.09
C GLY B 543 -46.90 29.18 -33.50
N GLN B 544 -46.89 28.07 -34.22
CA GLN B 544 -47.47 26.83 -33.75
C GLN B 544 -46.66 26.30 -32.58
N ILE B 545 -47.36 25.86 -31.54
CA ILE B 545 -46.71 25.37 -30.34
C ILE B 545 -46.50 23.85 -30.37
N GLY B 546 -45.44 23.39 -29.70
CA GLY B 546 -45.13 21.96 -29.58
C GLY B 546 -45.95 21.23 -28.53
N ALA B 547 -45.73 19.93 -28.40
CA ALA B 547 -46.54 19.06 -27.55
C ALA B 547 -46.54 19.45 -26.05
N TYR B 548 -45.39 19.81 -25.50
CA TYR B 548 -45.31 20.22 -24.10
C TYR B 548 -46.13 21.47 -23.84
N GLU B 549 -45.91 22.51 -24.66
CA GLU B 549 -46.54 23.81 -24.45
C GLU B 549 -48.04 23.69 -24.64
N ALA B 550 -48.45 22.83 -25.58
CA ALA B 550 -49.89 22.58 -25.81
C ALA B 550 -50.53 21.87 -24.61
N ALA B 551 -49.86 20.86 -24.09
CA ALA B 551 -50.37 20.09 -22.96
C ALA B 551 -50.48 20.90 -21.69
N LEU B 552 -49.63 21.92 -21.55
CA LEU B 552 -49.63 22.75 -20.36
C LEU B 552 -50.69 23.85 -20.39
N MET B 553 -51.15 24.19 -21.60
CA MET B 553 -52.16 25.22 -21.82
C MET B 553 -53.44 24.88 -21.07
N ASN B 554 -54.09 25.93 -20.55
CA ASN B 554 -55.42 25.82 -19.90
C ASN B 554 -55.38 24.97 -18.61
N THR B 555 -54.19 24.75 -18.06
CA THR B 555 -54.04 23.95 -16.86
C THR B 555 -54.24 24.81 -15.61
N LYS B 556 -55.10 24.31 -14.72
CA LYS B 556 -55.36 24.94 -13.42
C LYS B 556 -54.27 24.57 -12.42
N MET B 557 -53.76 25.58 -11.73
CA MET B 557 -52.80 25.36 -10.65
C MET B 557 -53.38 25.76 -9.29
N ALA B 558 -53.32 24.83 -8.33
CA ALA B 558 -53.88 25.08 -6.99
C ALA B 558 -53.00 26.02 -6.17
N ILE B 559 -51.68 25.90 -6.30
CA ILE B 559 -50.71 26.78 -5.64
C ILE B 559 -49.61 27.17 -6.63
N PRO B 560 -49.63 28.44 -7.11
CA PRO B 560 -48.74 28.95 -8.18
C PRO B 560 -47.24 28.74 -7.93
N GLU B 561 -46.80 28.88 -6.69
CA GLU B 561 -45.41 28.71 -6.32
C GLU B 561 -45.00 27.25 -6.22
N GLN B 562 -45.98 26.37 -6.20
CA GLN B 562 -45.74 24.93 -6.21
C GLN B 562 -46.20 24.25 -7.50
N PRO B 563 -45.28 24.09 -8.48
CA PRO B 563 -45.66 23.69 -9.85
C PRO B 563 -45.94 22.20 -10.05
N LEU B 564 -46.64 21.58 -9.10
CA LEU B 564 -46.91 20.16 -9.17
C LEU B 564 -47.64 19.74 -10.44
N GLU B 565 -48.61 20.55 -10.87
CA GLU B 565 -49.38 20.28 -12.07
C GLU B 565 -48.52 20.33 -13.32
N ILE B 566 -47.66 21.34 -13.37
CA ILE B 566 -46.71 21.48 -14.48
C ILE B 566 -45.83 20.23 -14.53
N LEU B 567 -45.31 19.84 -13.36
CA LEU B 567 -44.45 18.68 -13.27
C LEU B 567 -45.18 17.43 -13.75
N ARG B 568 -46.42 17.26 -13.30
CA ARG B 568 -47.18 16.06 -13.62
C ARG B 568 -47.32 15.91 -15.11
N THR B 569 -47.65 16.99 -15.79
CA THR B 569 -47.84 16.95 -17.23
C THR B 569 -46.51 16.73 -17.95
N LEU B 570 -45.50 17.51 -17.59
CA LEU B 570 -44.19 17.35 -18.25
C LEU B 570 -43.66 15.93 -18.09
N HIS B 571 -43.66 15.45 -16.84
CA HIS B 571 -43.15 14.13 -16.55
C HIS B 571 -43.92 13.02 -17.27
N SER B 572 -45.19 13.27 -17.57
CA SER B 572 -45.98 12.29 -18.29
C SER B 572 -45.43 12.04 -19.69
N PHE B 573 -44.67 13.01 -20.20
CA PHE B 573 -44.05 12.87 -21.53
C PHE B 573 -42.72 12.11 -21.47
N ASP B 574 -42.16 12.06 -20.27
CA ASP B 574 -40.88 11.41 -20.02
C ASP B 574 -39.78 12.17 -20.77
N PRO B 575 -39.60 13.47 -20.46
CA PRO B 575 -38.59 14.29 -21.15
C PRO B 575 -37.16 13.76 -21.04
N CYS B 576 -36.49 13.62 -22.18
CA CYS B 576 -35.05 13.38 -22.23
C CYS B 576 -34.36 14.53 -22.98
N LEU B 577 -33.78 15.46 -22.23
CA LEU B 577 -33.30 16.70 -22.81
C LEU B 577 -31.97 16.56 -23.54
N ALA B 578 -31.09 15.68 -23.07
CA ALA B 578 -29.88 15.36 -23.82
C ALA B 578 -30.23 14.77 -25.17
N CYS B 579 -31.22 13.88 -25.21
CA CYS B 579 -31.79 13.39 -26.46
C CYS B 579 -32.30 14.51 -27.37
N SER B 580 -33.02 15.45 -26.79
CA SER B 580 -33.70 16.47 -27.58
C SER B 580 -32.70 17.41 -28.27
N THR B 581 -31.58 17.66 -27.60
CA THR B 581 -30.60 18.64 -28.09
C THR B 581 -29.37 18.00 -28.78
N HIS B 582 -28.88 16.89 -28.22
CA HIS B 582 -27.73 16.13 -28.69
C HIS B 582 -26.61 17.04 -29.18
N LYS C 4 -47.07 -30.56 -21.68
CA LYS C 4 -46.68 -31.86 -22.27
C LYS C 4 -45.97 -32.76 -21.26
N PRO C 5 -45.86 -34.10 -21.59
CA PRO C 5 -45.06 -34.95 -20.70
C PRO C 5 -43.59 -34.56 -20.75
N ARG C 6 -42.88 -34.70 -19.62
CA ARG C 6 -41.46 -34.38 -19.55
C ARG C 6 -40.64 -35.66 -19.61
N ILE C 7 -39.40 -35.55 -20.04
CA ILE C 7 -38.56 -36.74 -20.20
C ILE C 7 -38.18 -37.31 -18.84
N PRO C 8 -38.42 -38.63 -18.68
CA PRO C 8 -38.09 -39.33 -17.43
C PRO C 8 -36.58 -39.40 -17.17
N VAL C 9 -36.17 -39.02 -15.97
CA VAL C 9 -34.76 -39.09 -15.58
C VAL C 9 -34.58 -39.87 -14.28
N VAL C 10 -33.72 -40.87 -14.34
CA VAL C 10 -33.38 -41.67 -13.16
C VAL C 10 -31.98 -41.31 -12.68
N TRP C 11 -31.91 -40.78 -11.46
CA TRP C 11 -30.63 -40.35 -10.87
C TRP C 11 -30.18 -41.28 -9.73
N ILE C 12 -29.17 -42.09 -10.00
CA ILE C 12 -28.64 -43.06 -9.03
C ILE C 12 -27.32 -42.61 -8.45
N HIS C 13 -27.00 -43.16 -7.28
CA HIS C 13 -25.80 -42.77 -6.58
C HIS C 13 -24.97 -44.01 -6.19
N GLY C 14 -23.69 -44.01 -6.56
CA GLY C 14 -22.73 -45.02 -6.14
C GLY C 14 -21.86 -44.46 -5.03
N LEU C 15 -20.56 -44.73 -5.07
CA LEU C 15 -19.66 -44.17 -4.08
C LEU C 15 -19.40 -42.73 -4.45
N GLU C 16 -19.62 -41.81 -3.52
CA GLU C 16 -19.80 -40.39 -3.86
C GLU C 16 -19.72 -39.53 -2.61
N CYS C 17 -19.60 -38.22 -2.80
CA CYS C 17 -19.69 -37.28 -1.68
C CYS C 17 -20.96 -36.43 -1.76
N THR C 18 -21.74 -36.67 -2.82
CA THR C 18 -23.00 -35.96 -3.10
C THR C 18 -22.74 -34.48 -3.44
N GLY C 19 -21.49 -34.13 -3.71
CA GLY C 19 -21.16 -32.80 -4.20
C GLY C 19 -21.75 -32.45 -5.55
N CYS C 20 -21.93 -33.45 -6.41
CA CYS C 20 -22.48 -33.24 -7.76
C CYS C 20 -23.97 -32.90 -7.69
N THR C 21 -24.69 -33.63 -6.83
CA THR C 21 -26.09 -33.29 -6.55
C THR C 21 -26.18 -31.87 -5.99
N GLU C 22 -25.29 -31.54 -5.05
CA GLU C 22 -25.26 -30.22 -4.44
C GLU C 22 -25.02 -29.15 -5.49
N SER C 23 -24.08 -29.40 -6.39
CA SER C 23 -23.79 -28.46 -7.46
C SER C 23 -25.04 -28.20 -8.31
N PHE C 24 -25.71 -29.28 -8.69
CA PHE C 24 -26.88 -29.22 -9.55
C PHE C 24 -27.93 -28.25 -9.03
N ILE C 25 -28.20 -28.29 -7.73
CA ILE C 25 -29.18 -27.42 -7.14
C ILE C 25 -28.67 -25.98 -6.92
N ARG C 26 -27.40 -25.72 -7.24
CA ARG C 26 -26.90 -24.33 -7.17
C ARG C 26 -27.23 -23.54 -8.44
N SER C 27 -27.70 -24.26 -9.48
CA SER C 27 -27.98 -23.66 -10.78
C SER C 27 -28.75 -22.34 -10.68
N ALA C 28 -28.22 -21.30 -11.31
CA ALA C 28 -28.81 -19.97 -11.28
C ALA C 28 -29.82 -19.77 -12.40
N HIS C 29 -29.61 -20.47 -13.52
CA HIS C 29 -30.44 -20.28 -14.71
C HIS C 29 -30.27 -21.44 -15.67
N PRO C 30 -31.29 -22.28 -15.78
CA PRO C 30 -32.51 -22.21 -14.99
C PRO C 30 -32.28 -22.66 -13.56
N LEU C 31 -33.11 -22.20 -12.63
CA LEU C 31 -33.10 -22.71 -11.26
C LEU C 31 -33.40 -24.21 -11.25
N ALA C 32 -32.75 -24.94 -10.34
CA ALA C 32 -32.99 -26.38 -10.19
C ALA C 32 -34.49 -26.69 -10.01
N LYS C 33 -35.17 -25.81 -9.29
CA LYS C 33 -36.60 -25.85 -9.08
C LYS C 33 -37.36 -25.94 -10.42
N ASP C 34 -36.98 -25.07 -11.35
CA ASP C 34 -37.67 -25.01 -12.64
C ASP C 34 -37.31 -26.18 -13.53
N VAL C 35 -36.08 -26.68 -13.40
CA VAL C 35 -35.65 -27.89 -14.11
C VAL C 35 -36.54 -29.06 -13.72
N ILE C 36 -36.71 -29.24 -12.41
CA ILE C 36 -37.49 -30.35 -11.84
C ILE C 36 -38.96 -30.24 -12.14
N LEU C 37 -39.46 -29.02 -12.03
CA LEU C 37 -40.87 -28.78 -12.24
C LEU C 37 -41.31 -28.70 -13.69
N SER C 38 -40.50 -28.07 -14.53
CA SER C 38 -40.94 -27.78 -15.87
C SER C 38 -40.24 -28.50 -17.00
N LEU C 39 -38.95 -28.79 -16.83
CA LEU C 39 -38.12 -29.30 -17.93
C LEU C 39 -37.97 -30.79 -18.06
N ILE C 40 -37.82 -31.47 -16.93
CA ILE C 40 -37.67 -32.92 -16.91
C ILE C 40 -38.57 -33.52 -15.87
N SER C 41 -38.64 -34.85 -15.86
CA SER C 41 -39.31 -35.58 -14.81
C SER C 41 -38.29 -36.37 -13.98
N LEU C 42 -37.82 -35.76 -12.89
CA LEU C 42 -36.90 -36.41 -11.99
C LEU C 42 -37.65 -37.49 -11.22
N ASP C 43 -37.59 -38.72 -11.75
CA ASP C 43 -38.45 -39.80 -11.28
C ASP C 43 -37.83 -40.66 -10.17
N TYR C 44 -36.52 -40.58 -10.02
CA TYR C 44 -35.81 -41.28 -8.95
C TYR C 44 -34.53 -40.52 -8.60
N ASP C 45 -34.35 -40.23 -7.32
CA ASP C 45 -33.19 -39.53 -6.81
C ASP C 45 -33.19 -39.64 -5.30
N ASP C 46 -32.32 -40.51 -4.78
CA ASP C 46 -32.21 -40.83 -3.35
C ASP C 46 -32.10 -39.61 -2.43
N THR C 47 -31.46 -38.57 -2.93
CA THR C 47 -31.23 -37.37 -2.13
C THR C 47 -32.51 -36.54 -1.89
N LEU C 48 -33.43 -36.59 -2.84
CA LEU C 48 -34.55 -35.67 -2.83
C LEU C 48 -35.93 -36.31 -2.76
N MET C 49 -36.02 -37.62 -3.06
CA MET C 49 -37.33 -38.26 -3.19
C MET C 49 -37.99 -38.53 -1.84
N ALA C 50 -39.31 -38.52 -1.81
CA ALA C 50 -40.04 -38.73 -0.57
C ALA C 50 -39.96 -40.18 -0.11
N ALA C 51 -40.19 -41.11 -1.04
CA ALA C 51 -40.24 -42.55 -0.76
C ALA C 51 -38.89 -43.10 -0.32
N ALA C 52 -38.92 -43.99 0.65
CA ALA C 52 -37.72 -44.67 1.10
C ALA C 52 -37.96 -46.17 1.07
N GLY C 53 -36.89 -46.95 1.31
CA GLY C 53 -36.99 -48.40 1.44
C GLY C 53 -37.73 -49.08 0.30
N THR C 54 -38.73 -49.89 0.67
CA THR C 54 -39.51 -50.66 -0.30
C THR C 54 -40.34 -49.76 -1.23
N GLN C 55 -40.73 -48.59 -0.72
CA GLN C 55 -41.47 -47.61 -1.53
C GLN C 55 -40.55 -47.03 -2.59
N ALA C 56 -39.30 -46.76 -2.21
CA ALA C 56 -38.27 -46.31 -3.14
C ALA C 56 -37.94 -47.36 -4.21
N GLU C 57 -37.88 -48.61 -3.80
CA GLU C 57 -37.65 -49.73 -4.72
C GLU C 57 -38.78 -49.86 -5.75
N GLU C 58 -40.03 -49.79 -5.29
CA GLU C 58 -41.18 -49.83 -6.20
C GLU C 58 -41.08 -48.74 -7.27
N VAL C 59 -40.76 -47.51 -6.85
CA VAL C 59 -40.59 -46.39 -7.79
C VAL C 59 -39.56 -46.71 -8.87
N PHE C 60 -38.36 -47.09 -8.43
CA PHE C 60 -37.28 -47.52 -9.32
C PHE C 60 -37.72 -48.54 -10.38
N GLU C 61 -38.23 -49.70 -9.93
CA GLU C 61 -38.66 -50.76 -10.84
C GLU C 61 -39.77 -50.29 -11.78
N ASP C 62 -40.73 -49.53 -11.23
CA ASP C 62 -41.86 -49.02 -12.01
C ASP C 62 -41.42 -48.08 -13.12
N ILE C 63 -40.48 -47.18 -12.80
CA ILE C 63 -40.00 -46.20 -13.78
C ILE C 63 -39.22 -46.86 -14.91
N ILE C 64 -38.25 -47.70 -14.54
CA ILE C 64 -37.40 -48.36 -15.53
C ILE C 64 -38.15 -49.37 -16.38
N THR C 65 -39.31 -49.79 -15.90
CA THR C 65 -40.12 -50.75 -16.64
C THR C 65 -41.09 -50.07 -17.55
N GLN C 66 -41.84 -49.13 -17.00
CA GLN C 66 -42.86 -48.39 -17.76
C GLN C 66 -42.22 -47.49 -18.80
N TYR C 67 -41.08 -46.88 -18.48
CA TYR C 67 -40.36 -46.05 -19.46
C TYR C 67 -39.11 -46.69 -20.05
N ASN C 68 -39.10 -48.01 -20.10
CA ASN C 68 -37.97 -48.77 -20.62
C ASN C 68 -37.55 -48.31 -22.02
N GLY C 69 -36.25 -48.03 -22.16
CA GLY C 69 -35.65 -47.54 -23.39
C GLY C 69 -35.92 -46.08 -23.66
N LYS C 70 -36.59 -45.40 -22.74
CA LYS C 70 -37.00 -44.01 -22.97
C LYS C 70 -36.51 -43.01 -21.94
N TYR C 71 -35.91 -43.49 -20.87
CA TYR C 71 -35.43 -42.59 -19.83
C TYR C 71 -33.95 -42.24 -19.87
N ILE C 72 -33.59 -41.09 -19.34
CA ILE C 72 -32.18 -40.77 -19.24
C ILE C 72 -31.68 -41.27 -17.89
N LEU C 73 -30.54 -41.96 -17.88
CA LEU C 73 -29.89 -42.33 -16.63
C LEU C 73 -28.79 -41.36 -16.22
N ALA C 74 -28.97 -40.69 -15.09
CA ALA C 74 -27.92 -39.82 -14.58
C ALA C 74 -27.18 -40.56 -13.47
N VAL C 75 -25.86 -40.63 -13.57
CA VAL C 75 -25.06 -41.38 -12.58
C VAL C 75 -24.11 -40.48 -11.80
N GLU C 76 -24.29 -40.47 -10.48
CA GLU C 76 -23.37 -39.77 -9.60
C GLU C 76 -22.60 -40.83 -8.82
N GLY C 77 -21.31 -40.62 -8.64
CA GLY C 77 -20.46 -41.61 -8.01
C GLY C 77 -20.09 -42.77 -8.93
N ASN C 78 -19.47 -43.80 -8.36
CA ASN C 78 -19.01 -44.94 -9.14
C ASN C 78 -19.13 -46.26 -8.36
N PRO C 79 -19.15 -47.39 -9.08
CA PRO C 79 -19.24 -48.68 -8.42
C PRO C 79 -17.87 -49.23 -7.97
N PRO C 80 -17.81 -49.80 -6.75
CA PRO C 80 -16.60 -50.48 -6.30
C PRO C 80 -16.63 -51.95 -6.72
N LEU C 81 -15.49 -52.48 -7.15
CA LEU C 81 -15.42 -53.88 -7.56
C LEU C 81 -14.92 -54.77 -6.44
N GLY C 82 -14.29 -54.14 -5.44
CA GLY C 82 -13.73 -54.86 -4.28
C GLY C 82 -14.80 -55.47 -3.39
N GLU C 83 -14.46 -56.56 -2.72
CA GLU C 83 -15.37 -57.26 -1.80
C GLU C 83 -16.69 -57.62 -2.43
N GLN C 84 -16.63 -58.11 -3.66
CA GLN C 84 -17.80 -58.46 -4.45
C GLN C 84 -18.80 -57.34 -4.66
N GLY C 85 -18.31 -56.10 -4.57
CA GLY C 85 -19.15 -54.92 -4.78
C GLY C 85 -19.84 -54.41 -3.53
N MET C 86 -19.63 -55.09 -2.40
CA MET C 86 -20.32 -54.75 -1.18
C MET C 86 -19.66 -53.59 -0.43
N PHE C 87 -18.75 -52.88 -1.09
CA PHE C 87 -18.27 -51.61 -0.57
C PHE C 87 -19.33 -50.51 -0.75
N CYS C 88 -20.32 -50.81 -1.58
CA CYS C 88 -21.46 -49.95 -1.75
C CYS C 88 -22.69 -50.82 -1.94
N ILE C 89 -23.54 -50.82 -0.91
CA ILE C 89 -24.69 -51.73 -0.85
C ILE C 89 -26.01 -50.96 -0.98
N SER C 90 -26.85 -51.41 -1.91
CA SER C 90 -28.15 -50.81 -2.12
C SER C 90 -29.20 -51.91 -2.13
N SER C 91 -30.16 -51.81 -1.19
CA SER C 91 -31.19 -52.80 -0.96
C SER C 91 -30.60 -54.19 -0.72
N GLY C 92 -29.56 -54.24 0.11
CA GLY C 92 -28.86 -55.47 0.43
C GLY C 92 -28.04 -56.15 -0.67
N ARG C 93 -27.86 -55.47 -1.80
CA ARG C 93 -27.13 -56.04 -2.93
C ARG C 93 -26.05 -55.06 -3.39
N PRO C 94 -25.05 -55.55 -4.17
CA PRO C 94 -24.00 -54.64 -4.69
C PRO C 94 -24.58 -53.58 -5.64
N PHE C 95 -24.16 -52.32 -5.43
CA PHE C 95 -24.67 -51.18 -6.19
C PHE C 95 -24.55 -51.39 -7.70
N ILE C 96 -23.49 -52.06 -8.11
CA ILE C 96 -23.25 -52.39 -9.51
C ILE C 96 -24.40 -53.10 -10.21
N GLU C 97 -25.26 -53.79 -9.45
CA GLU C 97 -26.37 -54.51 -10.03
C GLU C 97 -27.46 -53.53 -10.39
N LYS C 98 -27.64 -52.52 -9.55
CA LYS C 98 -28.59 -51.47 -9.76
C LYS C 98 -28.15 -50.69 -11.00
N LEU C 99 -26.89 -50.33 -11.02
CA LEU C 99 -26.29 -49.61 -12.11
C LEU C 99 -26.52 -50.33 -13.42
N LYS C 100 -26.21 -51.62 -13.44
CA LYS C 100 -26.35 -52.38 -14.66
C LYS C 100 -27.81 -52.44 -15.09
N ARG C 101 -28.69 -52.67 -14.12
CA ARG C 101 -30.13 -52.77 -14.36
C ARG C 101 -30.68 -51.47 -14.92
N ALA C 102 -30.24 -50.35 -14.35
CA ALA C 102 -30.65 -49.01 -14.77
C ALA C 102 -30.12 -48.66 -16.14
N ALA C 103 -28.86 -48.98 -16.35
CA ALA C 103 -28.19 -48.75 -17.63
C ALA C 103 -28.89 -49.48 -18.77
N ALA C 104 -29.41 -50.68 -18.49
CA ALA C 104 -29.95 -51.54 -19.54
C ALA C 104 -31.15 -50.94 -20.24
N GLY C 105 -31.94 -50.18 -19.48
CA GLY C 105 -33.16 -49.58 -20.00
C GLY C 105 -33.03 -48.11 -20.39
N ALA C 106 -31.85 -47.53 -20.15
CA ALA C 106 -31.60 -46.13 -20.46
C ALA C 106 -31.40 -45.95 -21.96
N SER C 107 -31.85 -44.80 -22.48
CA SER C 107 -31.60 -44.43 -23.86
C SER C 107 -30.24 -43.74 -23.96
N ALA C 108 -29.79 -43.17 -22.84
CA ALA C 108 -28.49 -42.55 -22.75
C ALA C 108 -28.10 -42.35 -21.28
N ILE C 109 -26.81 -42.12 -21.02
CA ILE C 109 -26.30 -42.07 -19.66
C ILE C 109 -25.47 -40.80 -19.46
N ILE C 110 -25.77 -40.07 -18.40
CA ILE C 110 -24.96 -38.93 -18.00
C ILE C 110 -24.07 -39.31 -16.81
N ALA C 111 -22.76 -39.19 -17.00
CA ALA C 111 -21.81 -39.43 -15.92
C ALA C 111 -21.41 -38.11 -15.27
N TRP C 112 -22.12 -37.76 -14.20
CA TRP C 112 -21.87 -36.51 -13.49
C TRP C 112 -20.54 -36.55 -12.75
N GLY C 113 -19.75 -35.50 -12.89
CA GLY C 113 -18.52 -35.33 -12.13
C GLY C 113 -17.37 -36.28 -12.46
N THR C 114 -16.25 -36.05 -11.78
CA THR C 114 -15.05 -36.86 -11.94
C THR C 114 -15.27 -38.30 -11.46
N CYS C 115 -16.07 -38.48 -10.39
CA CYS C 115 -16.40 -39.82 -9.88
C CYS C 115 -16.89 -40.77 -11.00
N ALA C 116 -18.00 -40.42 -11.63
CA ALA C 116 -18.62 -41.28 -12.63
C ALA C 116 -17.81 -41.30 -13.90
N SER C 117 -17.15 -40.18 -14.21
CA SER C 117 -16.34 -40.03 -15.44
C SER C 117 -15.01 -40.80 -15.37
N TRP C 118 -14.30 -40.65 -14.26
CA TRP C 118 -12.92 -41.11 -14.15
C TRP C 118 -12.69 -41.99 -12.94
N GLY C 119 -13.22 -41.61 -11.78
CA GLY C 119 -13.00 -42.37 -10.55
C GLY C 119 -12.88 -41.47 -9.33
N CYS C 120 -12.28 -40.30 -9.53
CA CYS C 120 -12.12 -39.27 -8.49
C CYS C 120 -11.41 -39.80 -7.26
N VAL C 121 -11.64 -39.18 -6.10
CA VAL C 121 -10.83 -39.39 -4.88
C VAL C 121 -10.74 -40.84 -4.38
N GLN C 122 -11.83 -41.58 -4.47
CA GLN C 122 -11.84 -42.96 -3.97
C GLN C 122 -11.00 -43.88 -4.85
N ALA C 123 -10.76 -43.48 -6.08
CA ALA C 123 -9.99 -44.28 -7.01
C ALA C 123 -8.51 -43.96 -6.97
N ALA C 124 -8.15 -42.98 -6.16
CA ALA C 124 -6.76 -42.60 -6.00
C ALA C 124 -5.98 -43.69 -5.24
N ARG C 125 -4.67 -43.69 -5.41
CA ARG C 125 -3.79 -44.66 -4.74
C ARG C 125 -4.06 -44.79 -3.25
N PRO C 126 -4.34 -46.02 -2.73
CA PRO C 126 -4.32 -47.20 -3.57
C PRO C 126 -5.68 -47.79 -3.96
N ASN C 127 -6.69 -46.94 -4.16
CA ASN C 127 -8.03 -47.39 -4.50
C ASN C 127 -8.47 -48.61 -3.68
N PRO C 128 -8.67 -48.44 -2.38
CA PRO C 128 -9.01 -49.53 -1.49
C PRO C 128 -10.21 -50.38 -1.95
N THR C 129 -11.17 -49.76 -2.60
CA THR C 129 -12.45 -50.41 -2.93
C THR C 129 -12.52 -50.85 -4.39
N GLN C 130 -11.49 -50.52 -5.16
CA GLN C 130 -11.48 -50.72 -6.60
C GLN C 130 -12.64 -49.98 -7.24
N ALA C 131 -12.78 -48.71 -6.89
CA ALA C 131 -13.77 -47.83 -7.50
C ALA C 131 -13.45 -47.67 -8.99
N THR C 132 -14.48 -47.84 -9.82
CA THR C 132 -14.32 -47.87 -11.28
C THR C 132 -15.29 -46.91 -11.98
N PRO C 133 -14.79 -46.11 -12.94
CA PRO C 133 -15.70 -45.21 -13.66
C PRO C 133 -16.73 -46.02 -14.45
N ILE C 134 -17.87 -45.39 -14.73
CA ILE C 134 -19.04 -46.03 -15.33
C ILE C 134 -18.77 -46.63 -16.71
N ASP C 135 -17.94 -45.96 -17.48
CA ASP C 135 -17.69 -46.39 -18.86
C ASP C 135 -16.79 -47.63 -18.91
N LYS C 136 -16.17 -47.98 -17.79
CA LYS C 136 -15.44 -49.25 -17.67
C LYS C 136 -16.40 -50.41 -17.37
N VAL C 137 -17.61 -50.09 -16.92
CA VAL C 137 -18.60 -51.10 -16.52
C VAL C 137 -19.73 -51.22 -17.54
N ILE C 138 -20.21 -50.08 -18.02
CA ILE C 138 -21.27 -50.05 -19.04
C ILE C 138 -20.64 -49.71 -20.38
N THR C 139 -20.68 -50.64 -21.31
CA THR C 139 -19.92 -50.46 -22.56
C THR C 139 -20.80 -50.45 -23.81
N ASP C 140 -22.12 -50.56 -23.62
CA ASP C 140 -23.08 -50.66 -24.74
C ASP C 140 -24.09 -49.50 -24.76
N LYS C 141 -23.73 -48.40 -24.09
CA LYS C 141 -24.61 -47.24 -24.01
C LYS C 141 -23.83 -45.96 -24.23
N PRO C 142 -24.47 -44.97 -24.88
CA PRO C 142 -23.85 -43.65 -25.00
C PRO C 142 -23.65 -43.02 -23.63
N ILE C 143 -22.41 -42.69 -23.30
CA ILE C 143 -22.11 -42.06 -22.02
C ILE C 143 -21.51 -40.65 -22.19
N ILE C 144 -22.20 -39.66 -21.62
CA ILE C 144 -21.74 -38.27 -21.65
C ILE C 144 -21.00 -37.97 -20.35
N LYS C 145 -19.70 -37.77 -20.43
CA LYS C 145 -18.92 -37.47 -19.27
C LYS C 145 -18.94 -35.98 -18.97
N VAL C 146 -19.45 -35.61 -17.80
CA VAL C 146 -19.43 -34.20 -17.41
C VAL C 146 -18.54 -34.08 -16.18
N PRO C 147 -17.22 -34.07 -16.36
CA PRO C 147 -16.30 -34.18 -15.22
C PRO C 147 -16.18 -32.89 -14.44
N GLY C 148 -15.41 -32.93 -13.37
CA GLY C 148 -15.28 -31.82 -12.44
C GLY C 148 -15.64 -32.34 -11.06
N CYS C 149 -15.05 -31.74 -10.02
CA CYS C 149 -15.32 -32.15 -8.62
C CYS C 149 -15.83 -31.00 -7.72
N PRO C 150 -17.11 -30.65 -7.85
CA PRO C 150 -18.09 -31.10 -8.86
C PRO C 150 -18.00 -30.28 -10.17
N PRO C 151 -18.80 -30.63 -11.19
CA PRO C 151 -18.87 -29.73 -12.36
C PRO C 151 -19.50 -28.39 -11.98
N ILE C 152 -19.30 -27.37 -12.81
CA ILE C 152 -19.97 -26.08 -12.63
C ILE C 152 -21.51 -26.20 -12.68
N PRO C 153 -22.20 -25.69 -11.64
CA PRO C 153 -23.68 -25.72 -11.55
C PRO C 153 -24.38 -25.36 -12.87
N ASP C 154 -24.02 -24.21 -13.44
CA ASP C 154 -24.68 -23.72 -14.63
C ASP C 154 -24.28 -24.49 -15.90
N VAL C 155 -23.13 -25.15 -15.85
CA VAL C 155 -22.71 -26.05 -16.92
C VAL C 155 -23.60 -27.28 -16.90
N MET C 156 -23.83 -27.83 -15.71
CA MET C 156 -24.72 -28.99 -15.53
C MET C 156 -26.11 -28.73 -16.09
N SER C 157 -26.70 -27.59 -15.72
CA SER C 157 -28.03 -27.20 -16.18
C SER C 157 -28.06 -26.86 -17.68
N ALA C 158 -27.00 -26.22 -18.18
CA ALA C 158 -26.93 -25.87 -19.61
C ALA C 158 -26.89 -27.12 -20.47
N ILE C 159 -26.25 -28.16 -19.96
CA ILE C 159 -26.19 -29.43 -20.69
C ILE C 159 -27.56 -30.06 -20.72
N ILE C 160 -28.24 -29.99 -19.58
CA ILE C 160 -29.60 -30.52 -19.44
C ILE C 160 -30.56 -29.78 -20.38
N THR C 161 -30.51 -28.44 -20.34
CA THR C 161 -31.43 -27.64 -21.16
C THR C 161 -31.14 -27.90 -22.65
N TYR C 162 -29.86 -28.06 -23.00
CA TYR C 162 -29.48 -28.35 -24.38
C TYR C 162 -30.16 -29.62 -24.87
N MET C 163 -30.07 -30.69 -24.09
CA MET C 163 -30.60 -31.98 -24.49
C MET C 163 -32.12 -31.96 -24.61
N VAL C 164 -32.76 -31.23 -23.70
CA VAL C 164 -34.21 -31.06 -23.74
C VAL C 164 -34.64 -30.21 -24.94
N THR C 165 -34.07 -29.00 -25.05
CA THR C 165 -34.40 -28.07 -26.13
C THR C 165 -34.09 -28.60 -27.54
N PHE C 166 -32.87 -29.09 -27.73
CA PHE C 166 -32.42 -29.53 -29.04
C PHE C 166 -32.71 -31.02 -29.31
N ASP C 167 -33.19 -31.72 -28.28
CA ASP C 167 -33.58 -33.13 -28.41
C ASP C 167 -32.46 -34.02 -29.01
N ARG C 168 -31.24 -33.81 -28.54
CA ARG C 168 -30.07 -34.55 -29.01
C ARG C 168 -28.96 -34.48 -27.95
N LEU C 169 -28.02 -35.42 -27.99
CA LEU C 169 -26.89 -35.37 -27.08
C LEU C 169 -25.91 -34.32 -27.56
N PRO C 170 -25.22 -33.64 -26.64
CA PRO C 170 -24.20 -32.67 -27.07
C PRO C 170 -23.04 -33.34 -27.79
N ASP C 171 -22.42 -32.66 -28.73
CA ASP C 171 -21.25 -33.25 -29.39
C ASP C 171 -20.15 -33.36 -28.37
N VAL C 172 -19.36 -34.42 -28.47
CA VAL C 172 -18.35 -34.74 -27.46
C VAL C 172 -16.97 -34.89 -28.07
N ASP C 173 -15.97 -34.64 -27.23
CA ASP C 173 -14.58 -34.88 -27.60
C ASP C 173 -14.27 -36.38 -27.63
N ARG C 174 -13.01 -36.71 -27.89
CA ARG C 174 -12.59 -38.09 -28.00
C ARG C 174 -12.66 -38.83 -26.65
N MET C 175 -12.95 -38.07 -25.59
CA MET C 175 -13.05 -38.58 -24.23
C MET C 175 -14.49 -38.63 -23.73
N GLY C 176 -15.44 -38.22 -24.57
CA GLY C 176 -16.85 -38.21 -24.18
C GLY C 176 -17.32 -36.98 -23.42
N ARG C 177 -16.50 -35.93 -23.35
CA ARG C 177 -16.87 -34.68 -22.71
C ARG C 177 -17.48 -33.72 -23.73
N PRO C 178 -18.56 -32.99 -23.34
CA PRO C 178 -19.22 -32.03 -24.23
C PRO C 178 -18.29 -30.91 -24.65
N LEU C 179 -18.16 -30.74 -25.95
CA LEU C 179 -17.21 -29.77 -26.52
C LEU C 179 -17.52 -28.36 -26.06
N MET C 180 -18.79 -28.06 -25.90
CA MET C 180 -19.22 -26.73 -25.52
C MET C 180 -18.54 -26.19 -24.26
N PHE C 181 -18.36 -27.02 -23.25
CA PHE C 181 -17.75 -26.53 -22.01
C PHE C 181 -16.38 -27.12 -21.69
N TYR C 182 -16.00 -28.18 -22.40
CA TYR C 182 -14.74 -28.87 -22.16
C TYR C 182 -13.81 -28.90 -23.38
N GLY C 183 -14.08 -28.06 -24.36
CA GLY C 183 -13.28 -28.04 -25.57
C GLY C 183 -12.00 -27.27 -25.38
N GLN C 184 -11.92 -26.46 -24.35
CA GLN C 184 -10.72 -25.66 -24.08
C GLN C 184 -10.23 -25.81 -22.65
N ARG C 185 -8.98 -25.45 -22.43
CA ARG C 185 -8.40 -25.56 -21.11
C ARG C 185 -8.58 -24.29 -20.30
N ILE C 186 -8.48 -24.39 -18.98
CA ILE C 186 -8.60 -23.24 -18.10
C ILE C 186 -7.55 -22.18 -18.46
N HIS C 187 -6.36 -22.65 -18.72
CA HIS C 187 -5.22 -21.82 -19.06
C HIS C 187 -5.44 -21.07 -20.38
N ASP C 188 -6.32 -21.61 -21.23
CA ASP C 188 -6.63 -20.98 -22.52
C ASP C 188 -7.56 -19.75 -22.38
N LYS C 189 -8.19 -19.61 -21.20
CA LYS C 189 -9.15 -18.53 -20.99
C LYS C 189 -9.01 -17.91 -19.61
N CYS C 190 -7.83 -18.03 -19.01
CA CYS C 190 -7.60 -17.49 -17.68
C CYS C 190 -7.20 -16.03 -17.74
N TYR C 191 -7.86 -15.23 -16.92
CA TYR C 191 -7.70 -13.78 -16.92
C TYR C 191 -6.36 -13.36 -16.33
N ARG C 192 -5.60 -14.34 -15.83
CA ARG C 192 -4.26 -14.06 -15.30
C ARG C 192 -3.15 -14.47 -16.26
N ARG C 193 -3.55 -14.89 -17.48
CA ARG C 193 -2.57 -15.23 -18.53
C ARG C 193 -1.56 -14.15 -18.84
N ALA C 194 -1.96 -12.89 -18.73
CA ALA C 194 -1.06 -11.75 -18.98
C ALA C 194 0.15 -11.82 -18.06
N HIS C 195 -0.08 -12.21 -16.81
CA HIS C 195 1.00 -12.35 -15.85
C HIS C 195 1.87 -13.59 -16.12
N PHE C 196 1.22 -14.68 -16.49
CA PHE C 196 1.91 -15.91 -16.85
C PHE C 196 2.94 -15.66 -17.92
N ASP C 197 2.54 -15.10 -19.04
CA ASP C 197 3.41 -14.86 -20.16
C ASP C 197 4.42 -13.77 -19.88
N ALA C 198 4.12 -12.88 -18.95
CA ALA C 198 5.08 -11.83 -18.57
C ALA C 198 6.14 -12.37 -17.60
N GLY C 199 5.85 -13.54 -17.03
CA GLY C 199 6.68 -14.14 -15.99
C GLY C 199 6.51 -13.48 -14.64
N GLU C 200 5.26 -13.12 -14.35
CA GLU C 200 4.87 -12.49 -13.08
C GLU C 200 4.06 -13.51 -12.25
N PHE C 201 4.72 -14.05 -11.22
CA PHE C 201 4.17 -15.18 -10.48
C PHE C 201 4.10 -14.95 -8.97
N VAL C 202 3.08 -15.52 -8.37
CA VAL C 202 3.01 -15.61 -6.91
C VAL C 202 4.05 -16.64 -6.53
N GLN C 203 4.89 -16.33 -5.54
CA GLN C 203 5.97 -17.26 -5.12
C GLN C 203 5.69 -17.85 -3.74
N SER C 204 5.04 -17.06 -2.91
CA SER C 204 4.55 -17.55 -1.63
C SER C 204 3.23 -16.86 -1.32
N TRP C 205 2.39 -17.51 -0.52
CA TRP C 205 1.03 -17.04 -0.25
C TRP C 205 1.05 -15.65 0.36
N ASP C 206 0.17 -14.78 -0.14
CA ASP C 206 -0.03 -13.46 0.41
C ASP C 206 1.20 -12.54 0.27
N ASP C 207 2.05 -12.81 -0.71
CA ASP C 207 3.10 -11.83 -1.06
C ASP C 207 2.47 -10.70 -1.88
N ASP C 208 3.25 -9.68 -2.24
CA ASP C 208 2.74 -8.59 -3.07
C ASP C 208 2.22 -9.06 -4.41
N ALA C 209 2.82 -10.13 -4.94
CA ALA C 209 2.39 -10.70 -6.20
C ALA C 209 0.96 -11.23 -6.09
N ALA C 210 0.69 -11.94 -5.00
CA ALA C 210 -0.65 -12.50 -4.76
C ALA C 210 -1.70 -11.42 -4.59
N ARG C 211 -1.30 -10.31 -3.95
CA ARG C 211 -2.17 -9.18 -3.70
C ARG C 211 -2.46 -8.35 -4.93
N LYS C 212 -1.77 -8.64 -6.03
CA LYS C 212 -2.02 -7.98 -7.31
C LYS C 212 -2.65 -8.94 -8.30
N GLY C 213 -2.91 -10.17 -7.86
CA GLY C 213 -3.56 -11.19 -8.69
C GLY C 213 -2.67 -11.78 -9.79
N TYR C 214 -1.37 -11.89 -9.51
CA TYR C 214 -0.41 -12.51 -10.42
C TYR C 214 -0.70 -13.98 -10.60
N CYS C 215 -0.08 -14.56 -11.64
CA CYS C 215 -0.27 -15.96 -12.01
C CYS C 215 0.16 -16.97 -10.90
N LEU C 216 -0.57 -18.09 -10.83
CA LEU C 216 -0.39 -19.07 -9.76
C LEU C 216 0.29 -20.34 -10.25
N TYR C 217 1.03 -20.21 -11.35
CA TYR C 217 1.68 -21.33 -12.01
C TYR C 217 2.73 -21.97 -11.08
N LYS C 218 3.52 -21.13 -10.40
CA LYS C 218 4.59 -21.57 -9.49
C LYS C 218 4.04 -21.99 -8.14
N MET C 219 2.72 -21.81 -7.96
CA MET C 219 2.07 -22.32 -6.77
C MET C 219 1.40 -23.65 -7.10
N GLY C 220 1.63 -24.12 -8.32
CA GLY C 220 1.21 -25.46 -8.71
C GLY C 220 -0.01 -25.52 -9.61
N CYS C 221 -0.49 -24.38 -10.09
CA CYS C 221 -1.73 -24.35 -10.86
C CYS C 221 -1.67 -25.34 -12.01
N LYS C 222 -2.69 -26.19 -12.10
CA LYS C 222 -2.74 -27.20 -13.15
C LYS C 222 -3.69 -26.78 -14.27
N GLY C 223 -4.03 -25.49 -14.27
CA GLY C 223 -4.81 -24.92 -15.35
C GLY C 223 -4.34 -25.32 -16.74
N PRO C 224 -3.00 -25.26 -16.98
CA PRO C 224 -2.46 -25.60 -18.31
C PRO C 224 -2.82 -26.97 -18.87
N THR C 225 -3.28 -27.89 -18.03
CA THR C 225 -3.55 -29.23 -18.49
C THR C 225 -4.97 -29.69 -18.18
N THR C 226 -5.82 -28.75 -17.78
CA THR C 226 -7.17 -29.07 -17.34
C THR C 226 -8.27 -28.47 -18.22
N TYR C 227 -9.11 -29.32 -18.79
CA TYR C 227 -10.21 -28.87 -19.63
C TYR C 227 -11.46 -28.66 -18.83
N ASN C 228 -11.95 -27.42 -18.81
CA ASN C 228 -13.18 -27.03 -18.10
C ASN C 228 -13.57 -25.60 -18.48
N ALA C 229 -14.70 -25.13 -17.98
CA ALA C 229 -15.22 -23.79 -18.29
C ALA C 229 -15.05 -22.75 -17.16
N CYS C 230 -14.23 -23.09 -16.17
CA CYS C 230 -14.16 -22.32 -14.94
C CYS C 230 -13.65 -20.89 -15.13
N SER C 231 -12.78 -20.71 -16.10
CA SER C 231 -12.16 -19.40 -16.31
C SER C 231 -13.04 -18.48 -17.18
N SER C 232 -14.09 -19.06 -17.77
CA SER C 232 -15.02 -18.29 -18.56
C SER C 232 -16.39 -18.25 -17.90
N THR C 233 -17.07 -19.38 -17.83
CA THR C 233 -18.39 -19.44 -17.19
C THR C 233 -18.33 -19.09 -15.70
N ARG C 234 -17.28 -19.58 -15.04
CA ARG C 234 -17.05 -19.32 -13.63
C ARG C 234 -18.07 -20.00 -12.75
N TRP C 235 -17.99 -19.75 -11.45
CA TRP C 235 -18.72 -20.55 -10.48
C TRP C 235 -19.79 -19.72 -9.77
N ASN C 236 -20.91 -20.37 -9.48
CA ASN C 236 -21.92 -19.83 -8.58
C ASN C 236 -22.41 -18.49 -9.08
N ASP C 237 -23.06 -18.52 -10.25
CA ASP C 237 -23.60 -17.33 -10.91
C ASP C 237 -22.48 -16.34 -11.26
N GLY C 238 -21.37 -16.89 -11.75
CA GLY C 238 -20.27 -16.10 -12.26
C GLY C 238 -19.52 -15.31 -11.20
N VAL C 239 -19.68 -15.68 -9.94
CA VAL C 239 -19.06 -14.92 -8.85
C VAL C 239 -17.53 -15.05 -8.83
N SER C 240 -17.04 -16.27 -9.00
CA SER C 240 -15.62 -16.51 -8.94
C SER C 240 -15.28 -17.87 -9.50
N PHE C 241 -13.99 -18.22 -9.42
CA PHE C 241 -13.49 -19.58 -9.66
C PHE C 241 -12.15 -19.70 -8.91
N PRO C 242 -11.62 -20.95 -8.74
CA PRO C 242 -10.46 -21.18 -7.88
C PRO C 242 -9.33 -20.16 -8.02
N ILE C 243 -8.87 -19.95 -9.25
CA ILE C 243 -7.76 -19.07 -9.50
C ILE C 243 -8.08 -17.62 -9.08
N GLN C 244 -9.32 -17.21 -9.32
CA GLN C 244 -9.71 -15.82 -9.04
C GLN C 244 -9.71 -15.53 -7.54
N SER C 245 -9.94 -16.58 -6.75
CA SER C 245 -9.87 -16.43 -5.30
C SER C 245 -8.50 -16.83 -4.74
N GLY C 246 -7.51 -17.01 -5.62
CA GLY C 246 -6.12 -17.07 -5.19
C GLY C 246 -5.47 -18.44 -5.00
N HIS C 247 -6.18 -19.49 -5.37
CA HIS C 247 -5.62 -20.83 -5.32
C HIS C 247 -5.53 -21.37 -6.72
N GLY C 248 -4.44 -22.07 -7.02
CA GLY C 248 -4.26 -22.65 -8.34
C GLY C 248 -5.26 -23.76 -8.61
N CYS C 249 -5.54 -24.00 -9.88
CA CYS C 249 -6.39 -25.09 -10.27
C CYS C 249 -5.73 -26.39 -9.85
N LEU C 250 -6.51 -27.26 -9.22
CA LEU C 250 -6.05 -28.60 -8.81
C LEU C 250 -6.03 -29.60 -9.96
N GLY C 251 -6.74 -29.29 -11.05
CA GLY C 251 -6.93 -30.23 -12.16
C GLY C 251 -8.15 -31.13 -11.98
N CYS C 252 -9.08 -30.72 -11.12
CA CYS C 252 -10.17 -31.59 -10.66
C CYS C 252 -11.10 -32.16 -11.74
N ALA C 253 -11.06 -31.57 -12.93
CA ALA C 253 -11.87 -32.04 -14.06
C ALA C 253 -11.16 -33.17 -14.83
N GLU C 254 -9.92 -33.44 -14.45
CA GLU C 254 -9.08 -34.36 -15.22
C GLU C 254 -8.92 -35.74 -14.58
N ASN C 255 -8.91 -36.74 -15.45
CA ASN C 255 -8.71 -38.12 -15.08
C ASN C 255 -7.45 -38.35 -14.23
N GLY C 256 -7.66 -38.86 -13.02
CA GLY C 256 -6.58 -39.25 -12.13
C GLY C 256 -5.78 -38.11 -11.55
N PHE C 257 -6.38 -36.95 -11.45
CA PHE C 257 -5.69 -35.74 -11.01
C PHE C 257 -5.16 -35.82 -9.59
N TRP C 258 -5.79 -36.66 -8.77
CA TRP C 258 -5.42 -36.85 -7.37
C TRP C 258 -3.99 -37.35 -7.24
N ASP C 259 -3.64 -38.31 -8.10
CA ASP C 259 -2.32 -38.93 -8.09
C ASP C 259 -1.25 -38.26 -8.94
N ARG C 260 -1.54 -37.03 -9.39
CA ARG C 260 -0.58 -36.25 -10.14
C ARG C 260 0.09 -35.29 -9.19
N GLY C 261 0.77 -35.88 -8.21
CA GLY C 261 1.77 -35.21 -7.39
C GLY C 261 1.24 -34.15 -6.53
N SER C 262 2.11 -33.37 -5.94
CA SER C 262 1.63 -32.27 -5.13
C SER C 262 0.85 -31.26 -5.95
N PHE C 263 -0.20 -30.74 -5.38
CA PHE C 263 -0.97 -29.72 -6.01
C PHE C 263 -0.15 -28.46 -6.07
N TYR C 264 0.83 -28.34 -5.19
CA TYR C 264 1.64 -27.13 -5.11
C TYR C 264 2.97 -27.18 -5.85
N SER C 265 3.17 -28.20 -6.68
CA SER C 265 4.40 -28.34 -7.43
C SER C 265 4.17 -28.41 -8.95
N ARG C 266 5.09 -27.81 -9.71
CA ARG C 266 5.04 -27.87 -11.17
C ARG C 266 5.39 -29.24 -11.69
N VAL C 267 6.38 -29.87 -11.08
CA VAL C 267 6.83 -31.20 -11.49
C VAL C 267 6.19 -32.20 -10.53
N VAL C 268 5.44 -33.15 -11.08
CA VAL C 268 4.57 -34.03 -10.29
C VAL C 268 4.78 -35.53 -10.47
N ASP C 269 4.22 -36.30 -9.54
CA ASP C 269 4.34 -37.75 -9.50
C ASP C 269 3.98 -38.38 -10.78
N ILE C 270 4.78 -39.37 -11.14
CA ILE C 270 4.49 -40.23 -12.27
C ILE C 270 4.04 -41.50 -11.57
N PRO C 271 2.71 -41.82 -11.69
CA PRO C 271 2.24 -43.01 -10.98
C PRO C 271 2.89 -44.32 -11.32
N GLN C 272 3.08 -44.64 -12.60
CA GLN C 272 3.62 -45.94 -13.01
C GLN C 272 5.07 -46.12 -12.67
N MET C 273 5.63 -45.20 -11.91
CA MET C 273 7.04 -45.24 -11.59
C MET C 273 7.42 -45.00 -10.11
N GLY C 274 6.69 -45.62 -9.20
CA GLY C 274 7.02 -45.49 -7.79
C GLY C 274 5.97 -44.76 -7.01
N THR C 275 6.28 -44.48 -5.75
CA THR C 275 5.31 -43.87 -4.84
C THR C 275 5.31 -42.38 -5.10
N HIS C 276 6.47 -41.77 -5.00
CA HIS C 276 6.58 -40.35 -5.21
C HIS C 276 7.74 -39.97 -6.13
N SER C 277 8.04 -40.83 -7.10
CA SER C 277 9.05 -40.49 -8.09
C SER C 277 8.44 -39.63 -9.17
N THR C 278 9.07 -38.49 -9.38
CA THR C 278 8.68 -37.59 -10.42
C THR C 278 9.73 -37.56 -11.48
N ALA C 279 9.56 -36.65 -12.42
CA ALA C 279 10.49 -36.50 -13.53
C ALA C 279 11.80 -35.88 -13.12
N ASP C 280 11.82 -35.14 -12.03
CA ASP C 280 13.05 -34.56 -11.53
C ASP C 280 13.76 -35.62 -10.67
N THR C 281 12.96 -36.41 -9.96
CA THR C 281 13.47 -37.47 -9.11
C THR C 281 14.22 -38.49 -9.93
N VAL C 282 13.48 -39.14 -10.83
CA VAL C 282 13.97 -40.16 -11.75
C VAL C 282 15.02 -39.58 -12.71
N GLY C 283 14.84 -38.33 -13.12
CA GLY C 283 15.75 -37.72 -14.07
C GLY C 283 17.09 -37.35 -13.48
N LEU C 284 17.07 -36.66 -12.35
CA LEU C 284 18.30 -36.27 -11.71
C LEU C 284 19.07 -37.45 -11.17
N THR C 285 18.35 -38.51 -10.75
CA THR C 285 19.00 -39.77 -10.31
C THR C 285 19.82 -40.38 -11.45
N ALA C 286 19.25 -40.37 -12.65
CA ALA C 286 19.92 -40.92 -13.82
C ALA C 286 21.10 -40.05 -14.23
N LEU C 287 20.97 -38.72 -14.06
CA LEU C 287 22.05 -37.76 -14.36
C LEU C 287 23.23 -37.89 -13.40
N GLY C 288 22.93 -38.17 -12.14
CA GLY C 288 23.95 -38.34 -11.14
C GLY C 288 24.57 -39.73 -11.22
N VAL C 289 23.89 -40.67 -11.86
CA VAL C 289 24.39 -42.03 -12.00
C VAL C 289 25.38 -42.18 -13.18
N VAL C 290 25.19 -41.34 -14.19
CA VAL C 290 26.13 -41.29 -15.31
C VAL C 290 27.37 -40.52 -14.91
N ALA C 291 27.17 -39.44 -14.15
CA ALA C 291 28.27 -38.64 -13.60
C ALA C 291 29.16 -39.50 -12.72
N ALA C 292 28.56 -40.48 -12.06
CA ALA C 292 29.29 -41.44 -11.24
C ALA C 292 30.16 -42.34 -12.11
N ALA C 293 29.57 -42.89 -13.17
CA ALA C 293 30.29 -43.72 -14.12
C ALA C 293 31.41 -42.95 -14.81
N VAL C 294 31.08 -41.74 -15.24
CA VAL C 294 31.96 -40.81 -15.93
C VAL C 294 33.13 -40.27 -15.07
N GLY C 295 33.04 -40.39 -13.76
CA GLY C 295 34.11 -39.89 -12.89
C GLY C 295 34.89 -40.97 -12.17
N VAL C 296 34.32 -42.18 -12.18
CA VAL C 296 34.92 -43.37 -11.57
C VAL C 296 35.87 -43.91 -12.60
N HIS C 297 35.35 -44.10 -13.80
CA HIS C 297 36.13 -44.59 -14.90
C HIS C 297 37.30 -43.64 -15.20
N ALA C 298 37.08 -42.32 -15.11
CA ALA C 298 38.14 -41.30 -15.32
C ALA C 298 39.23 -41.14 -14.22
N VAL C 299 39.54 -42.22 -13.48
CA VAL C 299 40.52 -42.21 -12.40
C VAL C 299 41.23 -43.55 -12.36
N SER D 2 -34.30 -65.92 19.75
CA SER D 2 -34.02 -64.50 19.76
C SER D 2 -33.21 -64.14 20.98
N THR D 3 -32.50 -63.04 20.89
CA THR D 3 -31.66 -62.59 21.98
C THR D 3 -32.41 -61.53 22.77
N GLN D 4 -32.08 -61.36 24.04
CA GLN D 4 -32.66 -60.28 24.84
C GLN D 4 -31.67 -59.71 25.86
N TYR D 5 -31.45 -58.39 25.86
CA TYR D 5 -30.50 -57.76 26.78
C TYR D 5 -30.73 -56.30 27.18
N GLU D 6 -30.06 -55.88 28.25
CA GLU D 6 -30.30 -54.59 28.88
C GLU D 6 -29.10 -53.66 28.72
N THR D 7 -29.34 -52.47 28.14
CA THR D 7 -28.28 -51.47 28.03
C THR D 7 -28.83 -50.05 28.02
N GLN D 8 -28.19 -49.18 28.81
CA GLN D 8 -28.53 -47.75 28.89
C GLN D 8 -30.02 -47.47 29.13
N GLY D 9 -30.66 -48.33 29.92
CA GLY D 9 -32.09 -48.25 30.21
C GLY D 9 -33.04 -48.83 29.17
N TYR D 10 -32.50 -49.44 28.11
CA TYR D 10 -33.33 -50.05 27.05
C TYR D 10 -33.35 -51.57 27.11
N THR D 11 -34.44 -52.17 26.62
CA THR D 11 -34.52 -53.63 26.43
C THR D 11 -34.38 -53.93 24.97
N ILE D 12 -33.26 -54.54 24.62
CA ILE D 12 -32.99 -54.81 23.23
C ILE D 12 -33.51 -56.21 22.97
N ASN D 13 -34.59 -56.30 22.19
CA ASN D 13 -35.25 -57.57 21.93
C ASN D 13 -35.52 -57.73 20.44
N ASN D 14 -34.85 -58.69 19.80
CA ASN D 14 -34.97 -58.93 18.34
C ASN D 14 -35.93 -60.06 18.00
N ALA D 15 -36.83 -60.37 18.93
CA ALA D 15 -37.96 -61.22 18.62
C ALA D 15 -39.01 -60.39 17.90
N GLY D 16 -40.01 -61.05 17.36
CA GLY D 16 -41.08 -60.28 16.78
C GLY D 16 -40.78 -60.09 15.35
N ARG D 17 -41.44 -59.11 14.81
CA ARG D 17 -41.37 -58.89 13.41
C ARG D 17 -40.23 -57.96 13.00
N ARG D 18 -39.57 -58.33 11.90
CA ARG D 18 -38.46 -57.55 11.37
C ARG D 18 -38.86 -56.65 10.21
N LEU D 19 -38.39 -55.40 10.27
CA LEU D 19 -38.64 -54.44 9.19
C LEU D 19 -37.33 -53.90 8.65
N VAL D 20 -37.25 -53.76 7.33
CA VAL D 20 -36.04 -53.29 6.66
C VAL D 20 -36.34 -52.02 5.86
N VAL D 21 -35.56 -50.97 6.11
CA VAL D 21 -35.64 -49.75 5.30
C VAL D 21 -34.30 -49.54 4.59
N ASP D 22 -34.26 -49.94 3.32
CA ASP D 22 -33.04 -49.86 2.49
C ASP D 22 -33.45 -49.67 1.03
N PRO D 23 -33.17 -48.50 0.45
CA PRO D 23 -32.30 -47.43 1.00
C PRO D 23 -33.03 -46.40 1.84
N ILE D 24 -32.31 -45.80 2.78
CA ILE D 24 -32.79 -44.61 3.48
C ILE D 24 -32.60 -43.43 2.54
N THR D 25 -33.69 -42.75 2.17
CA THR D 25 -33.60 -41.63 1.24
C THR D 25 -33.59 -40.29 1.97
N ARG D 26 -33.37 -39.20 1.22
CA ARG D 26 -33.35 -37.84 1.79
C ARG D 26 -32.37 -37.73 2.92
N ILE D 27 -31.24 -38.39 2.70
CA ILE D 27 -30.04 -38.28 3.52
C ILE D 27 -28.86 -38.16 2.55
N GLU D 28 -27.69 -37.84 3.08
CA GLU D 28 -26.47 -37.93 2.30
C GLU D 28 -25.98 -39.39 2.34
N GLY D 29 -25.62 -39.93 1.18
CA GLY D 29 -24.94 -41.20 1.09
C GLY D 29 -25.85 -42.39 1.28
N HIS D 30 -25.27 -43.51 1.73
CA HIS D 30 -25.94 -44.81 1.77
C HIS D 30 -26.16 -45.34 3.18
N MET D 31 -27.42 -45.54 3.57
CA MET D 31 -27.73 -46.10 4.89
C MET D 31 -28.80 -47.17 4.80
N ARG D 32 -28.64 -48.20 5.63
CA ARG D 32 -29.63 -49.24 5.79
C ARG D 32 -30.07 -49.30 7.26
N CYS D 33 -31.38 -49.38 7.47
CA CYS D 33 -31.92 -49.46 8.82
C CYS D 33 -32.82 -50.67 8.97
N GLU D 34 -32.66 -51.40 10.05
CA GLU D 34 -33.52 -52.54 10.31
C GLU D 34 -34.07 -52.42 11.70
N VAL D 35 -35.32 -52.82 11.87
CA VAL D 35 -35.94 -52.82 13.19
C VAL D 35 -36.75 -54.06 13.48
N ASN D 36 -36.99 -54.28 14.76
CA ASN D 36 -37.93 -55.28 15.20
C ASN D 36 -39.06 -54.61 15.98
N ILE D 37 -40.29 -54.97 15.67
CA ILE D 37 -41.45 -54.47 16.39
C ILE D 37 -42.23 -55.59 17.09
N ASN D 38 -42.75 -55.30 18.28
CA ASN D 38 -43.55 -56.27 19.00
C ASN D 38 -44.95 -56.40 18.43
N ASP D 39 -45.87 -56.99 19.19
CA ASP D 39 -47.28 -57.14 18.76
C ASP D 39 -48.06 -55.81 18.81
N GLN D 40 -47.62 -54.89 19.66
CA GLN D 40 -48.20 -53.56 19.74
C GLN D 40 -47.73 -52.61 18.66
N ASN D 41 -46.82 -53.04 17.80
CA ASN D 41 -46.18 -52.17 16.79
C ASN D 41 -45.16 -51.18 17.35
N VAL D 42 -44.51 -51.55 18.44
CA VAL D 42 -43.48 -50.71 19.02
C VAL D 42 -42.11 -51.27 18.75
N ILE D 43 -41.17 -50.40 18.44
CA ILE D 43 -39.80 -50.82 18.10
C ILE D 43 -39.08 -51.29 19.35
N THR D 44 -38.63 -52.55 19.31
CA THR D 44 -37.95 -53.17 20.46
C THR D 44 -36.48 -53.42 20.15
N ASN D 45 -36.09 -53.16 18.90
CA ASN D 45 -34.74 -53.35 18.43
C ASN D 45 -34.50 -52.47 17.22
N ALA D 46 -33.34 -51.82 17.16
CA ALA D 46 -32.98 -50.94 16.05
C ALA D 46 -31.54 -51.16 15.60
N VAL D 47 -31.34 -51.25 14.28
CA VAL D 47 -30.04 -51.55 13.69
C VAL D 47 -29.65 -50.47 12.69
N SER D 48 -28.58 -49.73 12.99
CA SER D 48 -28.00 -48.69 12.09
C SER D 48 -26.85 -49.22 11.25
N CYS D 49 -26.98 -49.12 9.93
CA CYS D 49 -25.97 -49.69 9.04
C CYS D 49 -25.51 -48.73 7.94
N GLY D 50 -24.22 -48.40 7.95
CA GLY D 50 -23.61 -47.62 6.88
C GLY D 50 -23.28 -48.56 5.74
N THR D 51 -23.89 -48.34 4.58
CA THR D 51 -23.75 -49.24 3.43
C THR D 51 -22.76 -48.75 2.35
N MET D 52 -21.79 -47.93 2.76
CA MET D 52 -20.77 -47.45 1.84
C MET D 52 -19.41 -47.32 2.52
N PHE D 53 -18.33 -47.44 1.73
CA PHE D 53 -16.98 -47.15 2.20
C PHE D 53 -16.10 -46.70 1.05
N ARG D 54 -15.26 -45.69 1.31
CA ARG D 54 -14.27 -45.24 0.31
C ARG D 54 -12.80 -45.41 0.75
N GLY D 55 -12.50 -45.08 2.00
CA GLY D 55 -11.19 -45.30 2.54
C GLY D 55 -10.22 -44.15 2.37
N LEU D 56 -10.65 -42.95 2.71
CA LEU D 56 -9.78 -41.79 2.59
C LEU D 56 -8.59 -41.86 3.51
N GLU D 57 -8.79 -42.41 4.69
CA GLU D 57 -7.71 -42.59 5.63
C GLU D 57 -6.58 -43.44 5.04
N ILE D 58 -6.93 -44.38 4.16
CA ILE D 58 -5.92 -45.20 3.48
C ILE D 58 -5.23 -44.43 2.33
N ILE D 59 -6.05 -43.73 1.57
CA ILE D 59 -5.62 -42.96 0.41
C ILE D 59 -4.66 -41.82 0.79
N LEU D 60 -4.82 -41.26 1.98
CA LEU D 60 -3.97 -40.15 2.42
C LEU D 60 -2.57 -40.57 2.85
N GLN D 61 -2.34 -41.88 2.95
CA GLN D 61 -1.05 -42.42 3.38
C GLN D 61 0.02 -41.96 2.41
N GLY D 62 1.06 -41.34 2.96
CA GLY D 62 2.27 -41.03 2.20
C GLY D 62 2.27 -39.73 1.43
N ARG D 63 1.12 -39.04 1.38
CA ARG D 63 0.98 -37.80 0.62
C ARG D 63 1.46 -36.59 1.40
N ASP D 64 1.61 -35.48 0.67
CA ASP D 64 2.02 -34.21 1.27
C ASP D 64 0.93 -33.61 2.17
N PRO D 65 1.26 -33.37 3.46
CA PRO D 65 0.33 -32.76 4.42
C PRO D 65 -0.37 -31.51 3.91
N ARG D 66 0.32 -30.73 3.07
CA ARG D 66 -0.25 -29.52 2.49
C ARG D 66 -1.39 -29.80 1.49
N ASP D 67 -1.41 -31.01 0.93
CA ASP D 67 -2.45 -31.42 -0.01
C ASP D 67 -3.65 -32.06 0.70
N ALA D 68 -3.50 -32.35 1.98
CA ALA D 68 -4.47 -33.18 2.71
C ALA D 68 -5.89 -32.62 2.66
N TRP D 69 -6.02 -31.32 2.93
CA TRP D 69 -7.31 -30.66 2.97
C TRP D 69 -8.18 -30.96 1.73
N ALA D 70 -7.52 -31.06 0.58
CA ALA D 70 -8.21 -31.21 -0.68
C ALA D 70 -8.81 -32.61 -0.81
N PHE D 71 -8.08 -33.62 -0.35
CA PHE D 71 -8.56 -34.99 -0.34
C PHE D 71 -9.74 -35.16 0.62
N VAL D 72 -9.55 -34.73 1.86
CA VAL D 72 -10.57 -34.94 2.91
C VAL D 72 -11.83 -34.11 2.71
N GLU D 73 -11.71 -32.98 2.02
CA GLU D 73 -12.89 -32.19 1.72
C GLU D 73 -13.91 -33.04 0.96
N ARG D 74 -13.40 -33.92 0.10
CA ARG D 74 -14.26 -34.79 -0.72
C ARG D 74 -14.88 -35.96 0.06
N ILE D 75 -14.64 -36.00 1.37
CA ILE D 75 -15.39 -36.91 2.24
C ILE D 75 -16.89 -36.60 2.09
N CYS D 76 -17.23 -35.31 1.97
CA CYS D 76 -18.64 -34.91 1.88
C CYS D 76 -18.86 -33.61 1.14
N GLY D 77 -19.75 -33.66 0.15
CA GLY D 77 -20.11 -32.47 -0.63
C GLY D 77 -21.25 -31.68 0.01
N VAL D 78 -21.90 -32.30 0.99
CA VAL D 78 -22.98 -31.62 1.72
C VAL D 78 -22.41 -30.72 2.81
N CYS D 79 -21.62 -31.30 3.69
CA CYS D 79 -20.93 -30.49 4.67
C CYS D 79 -19.61 -30.03 4.06
N THR D 80 -19.68 -29.49 2.86
CA THR D 80 -18.48 -29.20 2.12
C THR D 80 -17.68 -28.08 2.81
N GLY D 81 -16.39 -28.35 3.04
CA GLY D 81 -15.50 -27.34 3.60
C GLY D 81 -15.07 -27.64 5.02
N VAL D 82 -15.91 -28.36 5.77
CA VAL D 82 -15.68 -28.55 7.20
C VAL D 82 -14.48 -29.48 7.45
N HIS D 83 -14.36 -30.53 6.63
CA HIS D 83 -13.22 -31.45 6.68
C HIS D 83 -11.90 -30.76 6.30
N ALA D 84 -11.95 -29.88 5.31
CA ALA D 84 -10.80 -29.07 4.92
C ALA D 84 -10.37 -28.14 6.06
N LEU D 85 -11.35 -27.58 6.78
CA LEU D 85 -11.05 -26.76 7.96
C LEU D 85 -10.36 -27.60 9.02
N ALA D 86 -10.89 -28.81 9.23
CA ALA D 86 -10.34 -29.72 10.22
C ALA D 86 -8.93 -30.08 9.83
N SER D 87 -8.74 -30.29 8.54
CA SER D 87 -7.44 -30.76 8.03
C SER D 87 -6.32 -29.73 8.22
N VAL D 88 -6.58 -28.49 7.80
CA VAL D 88 -5.62 -27.42 7.99
C VAL D 88 -5.37 -27.18 9.47
N TYR D 89 -6.40 -27.35 10.30
CA TYR D 89 -6.27 -27.22 11.74
C TYR D 89 -5.27 -28.23 12.21
N ALA D 90 -5.42 -29.47 11.73
CA ALA D 90 -4.65 -30.61 12.20
C ALA D 90 -3.19 -30.45 11.82
N ILE D 91 -2.96 -30.11 10.54
CA ILE D 91 -1.61 -30.01 10.01
C ILE D 91 -0.87 -28.85 10.67
N GLU D 92 -1.59 -27.76 10.90
CA GLU D 92 -1.03 -26.58 11.58
C GLU D 92 -0.76 -26.86 13.05
N ASP D 93 -1.53 -27.77 13.63
CA ASP D 93 -1.29 -28.21 15.00
C ASP D 93 -0.01 -29.03 15.09
N ALA D 94 0.14 -29.96 14.15
CA ALA D 94 1.31 -30.85 14.05
C ALA D 94 2.61 -30.08 13.84
N ILE D 95 2.62 -29.22 12.82
CA ILE D 95 3.83 -28.49 12.44
C ILE D 95 4.13 -27.34 13.40
N GLY D 96 3.09 -26.74 13.93
CA GLY D 96 3.25 -25.61 14.81
C GLY D 96 3.12 -24.31 14.07
N ILE D 97 2.05 -24.17 13.28
CA ILE D 97 1.81 -22.97 12.48
C ILE D 97 0.72 -22.09 13.11
N LYS D 98 0.97 -20.78 13.15
CA LYS D 98 -0.01 -19.81 13.62
C LYS D 98 -0.47 -18.95 12.46
N VAL D 99 -1.75 -18.99 12.15
CA VAL D 99 -2.31 -18.21 11.03
C VAL D 99 -2.62 -16.76 11.44
N PRO D 100 -2.59 -15.82 10.49
CA PRO D 100 -2.98 -14.43 10.79
C PRO D 100 -4.45 -14.30 11.19
N ASP D 101 -4.78 -13.20 11.87
CA ASP D 101 -6.14 -12.94 12.33
C ASP D 101 -7.20 -13.03 11.23
N ASN D 102 -6.97 -12.35 10.12
CA ASN D 102 -7.89 -12.38 8.98
C ASN D 102 -8.14 -13.78 8.45
N ALA D 103 -7.10 -14.61 8.45
CA ALA D 103 -7.27 -15.97 8.00
C ALA D 103 -8.23 -16.75 8.92
N ASN D 104 -8.12 -16.51 10.22
CA ASN D 104 -9.01 -17.15 11.18
C ASN D 104 -10.44 -16.64 11.02
N ILE D 105 -10.60 -15.32 10.92
CA ILE D 105 -11.93 -14.73 10.71
C ILE D 105 -12.62 -15.28 9.46
N ILE D 106 -11.89 -15.31 8.36
CA ILE D 106 -12.39 -15.84 7.09
C ILE D 106 -12.79 -17.31 7.24
N ARG D 107 -12.00 -18.08 7.99
CA ARG D 107 -12.29 -19.48 8.19
C ARG D 107 -13.58 -19.65 8.99
N ASN D 108 -13.75 -18.81 10.02
CA ASN D 108 -15.00 -18.78 10.79
C ASN D 108 -16.19 -18.44 9.90
N ILE D 109 -16.00 -17.48 9.00
CA ILE D 109 -17.03 -17.09 8.03
C ILE D 109 -17.42 -18.26 7.14
N MET D 110 -16.42 -19.00 6.68
CA MET D 110 -16.62 -20.15 5.81
C MET D 110 -17.45 -21.19 6.54
N LEU D 111 -17.13 -21.41 7.82
CA LEU D 111 -17.86 -22.37 8.65
C LEU D 111 -19.32 -21.90 8.92
N ALA D 112 -19.46 -20.64 9.31
CA ALA D 112 -20.76 -20.07 9.60
C ALA D 112 -21.67 -20.17 8.37
N THR D 113 -21.11 -19.81 7.21
CA THR D 113 -21.80 -19.91 5.93
C THR D 113 -22.30 -21.32 5.68
N LEU D 114 -21.45 -22.31 5.95
CA LEU D 114 -21.82 -23.70 5.74
C LEU D 114 -22.95 -24.10 6.70
N TRP D 115 -22.84 -23.69 7.96
CA TRP D 115 -23.89 -23.94 8.94
C TRP D 115 -25.23 -23.43 8.45
N CYS D 116 -25.26 -22.18 7.97
CA CYS D 116 -26.50 -21.55 7.46
C CYS D 116 -27.05 -22.31 6.27
N HIS D 117 -26.21 -22.56 5.27
CA HIS D 117 -26.62 -23.30 4.09
C HIS D 117 -27.08 -24.73 4.38
N ASP D 118 -26.29 -25.45 5.17
CA ASP D 118 -26.53 -26.87 5.41
C ASP D 118 -27.81 -27.08 6.21
N HIS D 119 -27.95 -26.31 7.29
CA HIS D 119 -29.16 -26.38 8.12
C HIS D 119 -30.42 -26.08 7.33
N LEU D 120 -30.36 -25.07 6.47
CA LEU D 120 -31.51 -24.64 5.68
C LEU D 120 -31.98 -25.71 4.70
N VAL D 121 -31.03 -26.26 3.95
CA VAL D 121 -31.33 -27.25 2.95
C VAL D 121 -31.87 -28.50 3.61
N HIS D 122 -31.28 -28.88 4.74
CA HIS D 122 -31.72 -30.06 5.47
C HIS D 122 -33.17 -29.90 5.94
N PHE D 123 -33.47 -28.74 6.54
CA PHE D 123 -34.82 -28.46 7.03
C PHE D 123 -35.91 -28.67 5.98
N TYR D 124 -35.70 -28.12 4.79
CA TYR D 124 -36.71 -28.20 3.73
C TYR D 124 -36.54 -29.40 2.79
N GLN D 125 -35.38 -29.48 2.14
CA GLN D 125 -35.16 -30.50 1.10
C GLN D 125 -34.95 -31.91 1.62
N LEU D 126 -34.46 -32.04 2.85
CA LEU D 126 -34.22 -33.37 3.43
C LEU D 126 -35.27 -33.84 4.45
N ALA D 127 -35.36 -33.13 5.57
CA ALA D 127 -36.34 -33.44 6.63
C ALA D 127 -37.79 -32.96 6.34
N GLY D 128 -37.94 -31.92 5.52
CA GLY D 128 -39.22 -31.25 5.33
C GLY D 128 -40.44 -32.10 5.03
N MET D 129 -40.32 -33.01 4.07
CA MET D 129 -41.48 -33.79 3.63
C MET D 129 -41.93 -34.88 4.63
N ASP D 130 -41.20 -35.02 5.75
CA ASP D 130 -41.61 -35.89 6.83
C ASP D 130 -42.74 -35.27 7.61
N TRP D 131 -42.79 -33.94 7.58
CA TRP D 131 -43.72 -33.14 8.37
C TRP D 131 -44.75 -32.44 7.50
N ILE D 132 -44.37 -32.11 6.28
CA ILE D 132 -45.27 -31.42 5.35
C ILE D 132 -45.92 -32.40 4.39
N ASP D 133 -47.25 -32.50 4.43
CA ASP D 133 -47.96 -33.34 3.46
C ASP D 133 -48.13 -32.53 2.17
N VAL D 134 -47.27 -32.79 1.19
CA VAL D 134 -47.20 -32.00 -0.03
C VAL D 134 -48.49 -32.11 -0.82
N LEU D 135 -49.03 -33.32 -0.92
CA LEU D 135 -50.24 -33.53 -1.70
C LEU D 135 -51.48 -32.94 -1.02
N ASP D 136 -51.42 -32.80 0.30
CA ASP D 136 -52.50 -32.20 1.07
C ASP D 136 -52.60 -30.69 0.80
N ALA D 137 -51.49 -30.08 0.40
CA ALA D 137 -51.46 -28.66 0.04
C ALA D 137 -52.39 -28.32 -1.11
N LEU D 138 -52.73 -29.33 -1.92
CA LEU D 138 -53.68 -29.14 -3.02
C LEU D 138 -55.09 -28.84 -2.55
N LYS D 139 -55.35 -29.07 -1.28
CA LYS D 139 -56.69 -28.91 -0.70
C LYS D 139 -56.81 -27.65 0.14
N ALA D 140 -55.73 -26.85 0.17
CA ALA D 140 -55.69 -25.62 0.95
C ALA D 140 -56.45 -24.46 0.33
N ASP D 141 -56.86 -23.53 1.17
CA ASP D 141 -57.42 -22.30 0.69
C ASP D 141 -56.33 -21.26 0.68
N PRO D 142 -56.01 -20.71 -0.53
CA PRO D 142 -54.93 -19.70 -0.62
C PRO D 142 -55.10 -18.53 0.30
N ARG D 143 -56.29 -17.96 0.34
CA ARG D 143 -56.57 -16.84 1.22
C ARG D 143 -56.26 -17.18 2.70
N LYS D 144 -56.66 -18.38 3.13
CA LYS D 144 -56.39 -18.83 4.49
C LYS D 144 -54.90 -19.07 4.74
N THR D 145 -54.23 -19.67 3.77
CA THR D 145 -52.79 -19.87 3.81
C THR D 145 -52.09 -18.52 4.01
N SER D 146 -52.57 -17.52 3.31
CA SER D 146 -52.00 -16.19 3.44
C SER D 146 -52.14 -15.67 4.86
N GLU D 147 -53.32 -15.86 5.42
CA GLU D 147 -53.63 -15.37 6.77
C GLU D 147 -52.76 -16.09 7.81
N LEU D 148 -52.57 -17.40 7.64
CA LEU D 148 -51.70 -18.18 8.52
C LEU D 148 -50.28 -17.64 8.46
N ALA D 149 -49.72 -17.55 7.26
CA ALA D 149 -48.36 -17.07 7.06
C ALA D 149 -48.12 -15.71 7.67
N GLN D 150 -49.06 -14.79 7.43
CA GLN D 150 -48.95 -13.43 7.91
C GLN D 150 -49.09 -13.34 9.42
N SER D 151 -49.77 -14.32 10.03
CA SER D 151 -49.90 -14.39 11.50
C SER D 151 -48.58 -14.89 12.14
N LEU D 152 -47.75 -15.59 11.38
CA LEU D 152 -46.53 -16.15 11.92
C LEU D 152 -45.28 -15.37 11.59
N SER D 153 -45.30 -14.62 10.49
CA SER D 153 -44.12 -13.92 10.06
C SER D 153 -44.29 -12.57 9.37
N SER D 154 -43.23 -11.77 9.47
CA SER D 154 -43.04 -10.51 8.74
C SER D 154 -42.69 -10.67 7.25
N TRP D 155 -42.25 -11.87 6.86
CA TRP D 155 -41.84 -12.20 5.51
C TRP D 155 -42.83 -11.62 4.52
N PRO D 156 -42.31 -10.94 3.45
CA PRO D 156 -43.23 -10.31 2.51
C PRO D 156 -44.00 -11.24 1.61
N LYS D 157 -43.40 -12.33 1.18
CA LYS D 157 -44.07 -13.22 0.21
C LYS D 157 -45.17 -14.07 0.84
N SER D 158 -46.38 -13.51 0.88
CA SER D 158 -47.48 -14.17 1.60
C SER D 158 -48.86 -13.87 1.02
N SER D 159 -48.93 -13.28 -0.18
CA SER D 159 -50.21 -12.92 -0.77
C SER D 159 -51.02 -14.16 -1.16
N PRO D 160 -52.37 -14.05 -1.07
CA PRO D 160 -53.26 -15.14 -1.51
C PRO D 160 -52.98 -15.56 -2.95
N GLY D 161 -52.70 -14.58 -3.80
CA GLY D 161 -52.39 -14.83 -5.19
C GLY D 161 -51.14 -15.69 -5.29
N TYR D 162 -50.15 -15.36 -4.47
CA TYR D 162 -48.90 -16.11 -4.43
C TYR D 162 -49.10 -17.61 -4.07
N PHE D 163 -49.82 -17.88 -2.99
CA PHE D 163 -50.07 -19.26 -2.61
C PHE D 163 -50.94 -19.99 -3.63
N PHE D 164 -51.92 -19.28 -4.19
CA PHE D 164 -52.73 -19.82 -5.28
C PHE D 164 -51.86 -20.25 -6.46
N ASP D 165 -50.90 -19.39 -6.85
CA ASP D 165 -49.96 -19.69 -7.93
C ASP D 165 -49.14 -20.93 -7.61
N VAL D 166 -48.60 -20.99 -6.39
CA VAL D 166 -47.82 -22.13 -5.95
C VAL D 166 -48.70 -23.39 -6.04
N GLN D 167 -49.93 -23.29 -5.53
CA GLN D 167 -50.84 -24.43 -5.52
C GLN D 167 -51.16 -24.91 -6.93
N ASN D 168 -51.37 -23.96 -7.84
CA ASN D 168 -51.62 -24.26 -9.24
C ASN D 168 -50.44 -24.93 -9.94
N ARG D 169 -49.21 -24.48 -9.66
CA ARG D 169 -48.01 -25.05 -10.27
C ARG D 169 -47.91 -26.49 -9.84
N LEU D 170 -48.17 -26.75 -8.57
CA LEU D 170 -48.15 -28.12 -8.04
C LEU D 170 -49.25 -28.98 -8.64
N LYS D 171 -50.43 -28.40 -8.79
CA LYS D 171 -51.58 -29.13 -9.34
C LYS D 171 -51.35 -29.52 -10.79
N LYS D 172 -50.79 -28.60 -11.55
CA LYS D 172 -50.45 -28.87 -12.91
C LYS D 172 -49.40 -29.99 -12.96
N PHE D 173 -48.34 -29.83 -12.17
CA PHE D 173 -47.25 -30.80 -12.03
C PHE D 173 -47.69 -32.24 -11.84
N VAL D 174 -48.66 -32.47 -10.96
CA VAL D 174 -49.14 -33.82 -10.65
C VAL D 174 -50.17 -34.33 -11.62
N GLU D 175 -51.01 -33.44 -12.16
CA GLU D 175 -52.09 -33.84 -13.08
C GLU D 175 -51.60 -34.65 -14.28
N GLY D 176 -50.28 -34.72 -14.44
CA GLY D 176 -49.66 -35.48 -15.53
C GLY D 176 -49.28 -36.90 -15.13
N GLY D 177 -49.44 -37.21 -13.85
CA GLY D 177 -49.08 -38.54 -13.35
C GLY D 177 -47.61 -38.63 -13.08
N GLN D 178 -46.88 -37.59 -13.47
CA GLN D 178 -45.45 -37.57 -13.23
C GLN D 178 -45.13 -36.86 -11.93
N LEU D 179 -45.36 -37.54 -10.82
CA LEU D 179 -45.20 -36.95 -9.47
C LEU D 179 -43.75 -36.76 -9.03
N GLY D 180 -42.81 -37.29 -9.83
CA GLY D 180 -41.37 -37.13 -9.60
C GLY D 180 -40.89 -37.57 -8.23
N ILE D 181 -40.28 -36.64 -7.50
CA ILE D 181 -39.83 -36.87 -6.13
C ILE D 181 -40.97 -37.10 -5.11
N PHE D 182 -42.21 -36.85 -5.52
CA PHE D 182 -43.35 -37.02 -4.60
C PHE D 182 -43.99 -38.38 -4.76
N ARG D 183 -43.47 -39.18 -5.70
CA ARG D 183 -44.12 -40.43 -6.08
C ARG D 183 -43.96 -41.48 -5.02
N ASN D 184 -45.06 -42.19 -4.75
CA ASN D 184 -45.11 -43.30 -3.80
C ASN D 184 -44.72 -42.83 -2.40
N GLY D 185 -45.02 -41.57 -2.10
CA GLY D 185 -44.75 -41.01 -0.78
C GLY D 185 -45.71 -41.53 0.27
N TYR D 186 -45.58 -40.99 1.48
CA TYR D 186 -46.38 -41.46 2.60
C TYR D 186 -47.56 -40.54 2.88
N TRP D 187 -48.01 -39.84 1.84
CA TRP D 187 -49.03 -38.78 1.94
C TRP D 187 -50.33 -39.36 2.45
N GLY D 188 -50.95 -38.70 3.43
CA GLY D 188 -52.16 -39.20 4.07
C GLY D 188 -51.89 -40.04 5.31
N HIS D 189 -50.63 -40.31 5.62
CA HIS D 189 -50.26 -40.99 6.85
C HIS D 189 -50.84 -40.22 8.06
N PRO D 190 -51.41 -40.96 9.03
CA PRO D 190 -52.08 -40.36 10.19
C PRO D 190 -51.16 -39.47 11.03
N GLN D 191 -49.86 -39.65 10.91
CA GLN D 191 -48.92 -38.80 11.64
C GLN D 191 -48.72 -37.43 11.00
N TYR D 192 -49.22 -37.25 9.77
CA TYR D 192 -49.25 -35.93 9.13
C TYR D 192 -50.32 -35.10 9.79
N LYS D 193 -49.89 -34.04 10.50
CA LYS D 193 -50.76 -33.29 11.41
C LYS D 193 -50.99 -31.82 11.04
N LEU D 194 -50.27 -31.30 10.06
CA LEU D 194 -50.51 -29.94 9.61
C LEU D 194 -51.83 -29.78 8.88
N PRO D 195 -52.54 -28.68 9.13
CA PRO D 195 -53.73 -28.37 8.34
C PRO D 195 -53.31 -28.08 6.89
N PRO D 196 -54.24 -28.21 5.90
CA PRO D 196 -53.88 -28.00 4.49
C PRO D 196 -53.16 -26.66 4.24
N GLU D 197 -53.58 -25.60 4.91
CA GLU D 197 -52.95 -24.31 4.79
C GLU D 197 -51.51 -24.28 5.25
N ALA D 198 -51.19 -25.06 6.25
CA ALA D 198 -49.83 -25.10 6.77
C ALA D 198 -48.94 -25.90 5.83
N ASN D 199 -49.53 -26.88 5.15
CA ASN D 199 -48.83 -27.68 4.15
C ASN D 199 -48.49 -26.85 2.91
N LEU D 200 -49.45 -26.04 2.47
CA LEU D 200 -49.22 -25.12 1.34
C LEU D 200 -48.14 -24.08 1.67
N MET D 201 -48.26 -23.44 2.83
CA MET D 201 -47.23 -22.55 3.33
C MET D 201 -45.86 -23.22 3.36
N GLY D 202 -45.80 -24.42 3.92
CA GLY D 202 -44.57 -25.19 4.01
C GLY D 202 -43.96 -25.49 2.65
N PHE D 203 -44.80 -25.96 1.72
CA PHE D 203 -44.32 -26.35 0.40
C PHE D 203 -43.82 -25.14 -0.38
N ALA D 204 -44.53 -24.02 -0.28
CA ALA D 204 -44.08 -22.78 -0.89
C ALA D 204 -42.69 -22.40 -0.38
N HIS D 205 -42.49 -22.53 0.94
CA HIS D 205 -41.22 -22.19 1.57
C HIS D 205 -40.13 -23.20 1.19
N TYR D 206 -40.52 -24.44 0.94
CA TYR D 206 -39.61 -25.43 0.40
C TYR D 206 -39.03 -24.96 -0.91
N LEU D 207 -39.90 -24.48 -1.80
CA LEU D 207 -39.48 -23.96 -3.10
C LEU D 207 -38.61 -22.71 -2.96
N GLU D 208 -39.01 -21.80 -2.06
CA GLU D 208 -38.25 -20.59 -1.80
C GLU D 208 -36.85 -20.88 -1.27
N ALA D 209 -36.75 -21.91 -0.43
CA ALA D 209 -35.47 -22.33 0.15
C ALA D 209 -34.60 -22.97 -0.93
N LEU D 210 -35.21 -23.78 -1.77
CA LEU D 210 -34.51 -24.41 -2.87
C LEU D 210 -33.83 -23.37 -3.76
N ASP D 211 -34.55 -22.29 -4.06
CA ASP D 211 -34.00 -21.19 -4.81
C ASP D 211 -32.90 -20.48 -4.04
N PHE D 212 -33.19 -20.04 -2.83
CA PHE D 212 -32.29 -19.15 -2.12
C PHE D 212 -31.00 -19.74 -1.58
N GLN D 213 -31.00 -21.05 -1.38
CA GLN D 213 -29.82 -21.70 -0.82
C GLN D 213 -28.58 -21.48 -1.70
N ARG D 214 -28.80 -21.39 -3.01
CA ARG D 214 -27.73 -21.13 -3.99
C ARG D 214 -27.01 -19.79 -3.74
N GLU D 215 -27.72 -18.83 -3.16
CA GLU D 215 -27.14 -17.51 -2.93
C GLU D 215 -26.17 -17.51 -1.78
N ILE D 216 -26.53 -18.22 -0.70
CA ILE D 216 -25.71 -18.26 0.52
C ILE D 216 -24.24 -18.62 0.24
N VAL D 217 -24.05 -19.64 -0.61
CA VAL D 217 -22.72 -20.17 -0.87
C VAL D 217 -21.85 -19.26 -1.73
N LYS D 218 -22.41 -18.14 -2.19
CA LYS D 218 -21.60 -17.16 -2.91
C LYS D 218 -20.47 -16.63 -2.00
N ILE D 219 -20.68 -16.67 -0.69
CA ILE D 219 -19.66 -16.25 0.26
C ILE D 219 -18.45 -17.19 0.18
N HIS D 220 -18.72 -18.48 0.00
CA HIS D 220 -17.68 -19.48 -0.21
C HIS D 220 -16.96 -19.22 -1.54
N ALA D 221 -17.71 -18.81 -2.56
CA ALA D 221 -17.12 -18.51 -3.87
C ALA D 221 -16.16 -17.32 -3.82
N VAL D 222 -16.48 -16.29 -3.05
CA VAL D 222 -15.58 -15.16 -2.90
C VAL D 222 -14.26 -15.55 -2.23
N PHE D 223 -14.34 -16.18 -1.06
CA PHE D 223 -13.16 -16.49 -0.25
C PHE D 223 -12.48 -17.81 -0.60
N GLY D 224 -13.24 -18.73 -1.21
CA GLY D 224 -12.74 -20.05 -1.49
C GLY D 224 -12.89 -20.43 -2.94
N GLY D 225 -13.30 -19.50 -3.78
CA GLY D 225 -13.30 -19.76 -5.21
C GLY D 225 -14.51 -20.46 -5.77
N LYS D 226 -15.09 -21.42 -5.04
CA LYS D 226 -16.20 -22.20 -5.58
C LYS D 226 -16.94 -22.96 -4.49
N ASN D 227 -18.19 -23.34 -4.77
CA ASN D 227 -18.96 -24.19 -3.88
C ASN D 227 -19.84 -25.07 -4.73
N PRO D 228 -19.89 -26.37 -4.46
CA PRO D 228 -19.18 -27.14 -3.40
C PRO D 228 -17.65 -27.22 -3.54
N HIS D 229 -16.99 -27.52 -2.42
CA HIS D 229 -15.56 -27.78 -2.33
C HIS D 229 -14.70 -26.53 -2.59
N PRO D 230 -14.78 -25.53 -1.70
CA PRO D 230 -13.90 -24.37 -1.81
C PRO D 230 -12.44 -24.74 -1.53
N ASN D 231 -11.52 -23.80 -1.76
CA ASN D 231 -10.10 -24.06 -1.59
C ASN D 231 -9.55 -23.37 -0.33
N TRP D 232 -8.52 -24.00 0.24
CA TRP D 232 -7.92 -23.62 1.53
C TRP D 232 -6.41 -23.80 1.43
N ILE D 233 -5.65 -23.27 2.38
CA ILE D 233 -4.22 -23.58 2.46
C ILE D 233 -3.79 -23.76 3.90
N VAL D 234 -2.78 -24.60 4.11
CA VAL D 234 -2.09 -24.71 5.39
C VAL D 234 -1.31 -23.41 5.62
N GLY D 235 -1.61 -22.71 6.72
CA GLY D 235 -1.01 -21.40 6.94
C GLY D 235 -1.97 -20.21 6.81
N GLY D 236 -3.18 -20.44 6.31
CA GLY D 236 -4.23 -19.44 6.32
C GLY D 236 -5.27 -19.66 5.23
N MET D 237 -5.45 -18.66 4.39
CA MET D 237 -6.35 -18.79 3.25
C MET D 237 -5.65 -18.19 2.04
N PRO D 238 -5.93 -18.74 0.84
CA PRO D 238 -5.25 -18.23 -0.39
C PRO D 238 -5.81 -16.91 -0.94
N CYS D 239 -6.95 -16.48 -0.40
CA CYS D 239 -7.63 -15.25 -0.87
C CYS D 239 -6.99 -13.98 -0.32
N ALA D 240 -5.85 -13.60 -0.91
CA ALA D 240 -5.14 -12.36 -0.58
C ALA D 240 -6.04 -11.12 -0.70
N ILE D 241 -5.82 -10.15 0.19
CA ILE D 241 -6.70 -9.02 0.29
C ILE D 241 -5.97 -7.78 -0.17
N ASN D 242 -6.63 -7.00 -1.03
CA ASN D 242 -6.12 -5.72 -1.46
C ASN D 242 -7.27 -4.76 -1.57
N ILE D 243 -7.26 -3.74 -0.72
CA ILE D 243 -8.34 -2.77 -0.68
C ILE D 243 -7.99 -1.48 -1.43
N ASP D 244 -6.78 -0.97 -1.18
CA ASP D 244 -6.46 0.40 -1.50
C ASP D 244 -5.24 0.55 -2.44
N GLU D 245 -4.74 -0.56 -2.97
CA GLU D 245 -3.56 -0.50 -3.83
C GLU D 245 -3.81 -1.05 -5.22
N SER D 246 -2.93 -0.67 -6.13
CA SER D 246 -2.97 -1.08 -7.50
C SER D 246 -3.00 -2.61 -7.62
N GLY D 247 -3.85 -3.10 -8.51
CA GLY D 247 -4.02 -4.54 -8.65
C GLY D 247 -5.06 -5.15 -7.70
N ALA D 248 -5.79 -4.29 -6.98
CA ALA D 248 -6.86 -4.76 -6.11
C ALA D 248 -7.89 -5.55 -6.88
N VAL D 249 -7.93 -5.35 -8.20
CA VAL D 249 -8.84 -6.10 -9.07
C VAL D 249 -8.53 -7.58 -9.06
N GLY D 250 -7.32 -7.93 -8.63
CA GLY D 250 -6.91 -9.32 -8.66
C GLY D 250 -6.94 -9.97 -7.30
N ALA D 251 -7.63 -9.34 -6.37
CA ALA D 251 -7.66 -9.79 -4.99
C ALA D 251 -9.01 -9.53 -4.38
N VAL D 252 -9.17 -9.90 -3.11
CA VAL D 252 -10.37 -9.57 -2.37
C VAL D 252 -10.38 -8.08 -2.08
N ASN D 253 -11.29 -7.35 -2.74
CA ASN D 253 -11.39 -5.91 -2.62
C ASN D 253 -12.71 -5.48 -2.06
N MET D 254 -12.89 -4.18 -1.97
CA MET D 254 -14.11 -3.62 -1.43
C MET D 254 -15.33 -4.10 -2.13
N GLU D 255 -15.27 -4.23 -3.44
CA GLU D 255 -16.40 -4.72 -4.21
C GLU D 255 -16.72 -6.17 -3.87
N ARG D 256 -15.70 -6.98 -3.64
CA ARG D 256 -15.91 -8.38 -3.27
C ARG D 256 -16.50 -8.46 -1.89
N LEU D 257 -16.02 -7.61 -1.01
CA LEU D 257 -16.50 -7.61 0.33
C LEU D 257 -17.95 -7.14 0.37
N ASN D 258 -18.28 -6.17 -0.49
CA ASN D 258 -19.64 -5.66 -0.57
C ASN D 258 -20.59 -6.78 -0.95
N LEU D 259 -20.14 -7.65 -1.85
CA LEU D 259 -20.96 -8.78 -2.23
C LEU D 259 -21.21 -9.70 -1.03
N VAL D 260 -20.16 -9.97 -0.26
CA VAL D 260 -20.25 -10.81 0.92
C VAL D 260 -21.27 -10.25 1.93
N GLN D 261 -21.18 -8.95 2.19
CA GLN D 261 -22.11 -8.28 3.09
C GLN D 261 -23.57 -8.37 2.62
N SER D 262 -23.77 -8.23 1.33
CA SER D 262 -25.09 -8.34 0.78
C SER D 262 -25.69 -9.74 0.94
N ILE D 263 -24.87 -10.78 0.86
CA ILE D 263 -25.32 -12.17 1.07
C ILE D 263 -25.67 -12.46 2.55
N ILE D 264 -24.84 -11.95 3.47
CA ILE D 264 -25.05 -12.11 4.90
C ILE D 264 -26.42 -11.55 5.36
N THR D 265 -26.72 -10.33 4.93
CA THR D 265 -27.99 -9.67 5.23
C THR D 265 -29.15 -10.51 4.72
N ARG D 266 -29.09 -10.93 3.45
CA ARG D 266 -30.16 -11.72 2.85
C ARG D 266 -30.35 -13.09 3.50
N THR D 267 -29.24 -13.69 3.96
CA THR D 267 -29.26 -15.00 4.59
C THR D 267 -29.92 -14.95 5.98
N ALA D 268 -29.56 -13.94 6.76
CA ALA D 268 -30.12 -13.80 8.09
C ALA D 268 -31.60 -13.51 7.99
N ASP D 269 -31.96 -12.72 6.98
CA ASP D 269 -33.35 -12.32 6.71
C ASP D 269 -34.19 -13.54 6.35
N PHE D 270 -33.67 -14.44 5.52
CA PHE D 270 -34.43 -15.63 5.13
C PHE D 270 -34.59 -16.58 6.31
N ILE D 271 -33.49 -16.81 7.04
CA ILE D 271 -33.50 -17.76 8.15
C ILE D 271 -34.45 -17.30 9.27
N ASN D 272 -34.34 -16.04 9.66
CA ASN D 272 -35.16 -15.50 10.75
C ASN D 272 -36.66 -15.40 10.48
N ASN D 273 -37.03 -15.19 9.21
CA ASN D 273 -38.44 -14.94 8.87
C ASN D 273 -39.13 -16.01 8.04
N VAL D 274 -38.38 -16.99 7.56
CA VAL D 274 -38.99 -18.14 6.87
C VAL D 274 -38.74 -19.44 7.64
N MET D 275 -37.48 -19.81 7.83
CA MET D 275 -37.14 -21.06 8.48
C MET D 275 -37.54 -21.08 9.93
N ILE D 276 -37.19 -20.06 10.67
CA ILE D 276 -37.53 -19.99 12.09
C ILE D 276 -39.05 -20.14 12.33
N PRO D 277 -39.90 -19.28 11.71
CA PRO D 277 -41.34 -19.46 11.93
C PRO D 277 -41.88 -20.82 11.48
N ASP D 278 -41.32 -21.39 10.43
CA ASP D 278 -41.76 -22.72 9.98
C ASP D 278 -41.37 -23.82 10.96
N ALA D 279 -40.23 -23.63 11.62
CA ALA D 279 -39.77 -24.60 12.59
C ALA D 279 -40.73 -24.55 13.76
N LEU D 280 -41.03 -23.33 14.17
CA LEU D 280 -41.94 -23.06 15.27
C LEU D 280 -43.34 -23.58 14.97
N ALA D 281 -43.76 -23.47 13.72
CA ALA D 281 -45.06 -23.96 13.28
C ALA D 281 -45.14 -25.48 13.32
N ILE D 282 -44.11 -26.16 12.85
CA ILE D 282 -44.07 -27.62 12.91
C ILE D 282 -44.14 -28.09 14.35
N GLY D 283 -43.41 -27.37 15.22
CA GLY D 283 -43.49 -27.56 16.67
C GLY D 283 -44.92 -27.49 17.23
N GLN D 284 -45.64 -26.43 16.90
CA GLN D 284 -47.02 -26.24 17.34
C GLN D 284 -47.93 -27.40 16.91
N PHE D 285 -47.75 -27.91 15.70
CA PHE D 285 -48.64 -28.95 15.18
C PHE D 285 -48.19 -30.38 15.44
N ASN D 286 -46.97 -30.54 15.97
CA ASN D 286 -46.42 -31.88 16.22
C ASN D 286 -45.79 -32.03 17.61
N LYS D 287 -46.45 -31.45 18.61
CA LYS D 287 -46.01 -31.45 20.00
C LYS D 287 -45.74 -32.84 20.61
N PRO D 288 -46.58 -33.88 20.30
CA PRO D 288 -46.23 -35.21 20.83
C PRO D 288 -44.80 -35.69 20.51
N TRP D 289 -44.23 -35.16 19.43
CA TRP D 289 -42.90 -35.52 19.03
C TRP D 289 -41.84 -34.82 19.88
N SER D 290 -42.27 -34.02 20.84
CA SER D 290 -41.35 -33.49 21.85
C SER D 290 -41.06 -34.54 22.92
N GLU D 291 -41.72 -35.69 22.80
CA GLU D 291 -41.54 -36.80 23.71
C GLU D 291 -41.12 -38.10 23.00
N ILE D 292 -40.85 -38.03 21.70
CA ILE D 292 -40.50 -39.20 20.90
C ILE D 292 -39.06 -39.06 20.40
N GLY D 293 -38.32 -40.16 20.41
CA GLY D 293 -36.98 -40.20 19.87
C GLY D 293 -35.92 -39.50 20.71
N THR D 294 -36.15 -39.44 22.02
CA THR D 294 -35.16 -38.88 22.98
C THR D 294 -33.78 -39.54 22.85
N GLY D 295 -33.74 -40.87 22.82
CA GLY D 295 -32.49 -41.60 22.73
C GLY D 295 -31.48 -41.24 23.80
N LEU D 296 -30.25 -40.93 23.39
CA LEU D 296 -29.18 -40.64 24.32
C LEU D 296 -29.13 -39.18 24.74
N SER D 297 -30.04 -38.36 24.20
CA SER D 297 -29.96 -36.92 24.39
C SER D 297 -30.27 -36.47 25.83
N ASP D 298 -30.91 -37.33 26.61
CA ASP D 298 -31.10 -37.07 28.04
C ASP D 298 -30.07 -37.81 28.92
N LYS D 299 -29.08 -38.43 28.27
CA LYS D 299 -28.06 -39.26 28.95
C LYS D 299 -26.63 -38.80 28.64
N CYS D 300 -26.23 -38.88 27.36
CA CYS D 300 -24.85 -38.58 26.93
C CYS D 300 -24.75 -37.73 25.67
N VAL D 301 -24.18 -36.54 25.83
CA VAL D 301 -24.04 -35.60 24.71
C VAL D 301 -22.62 -35.06 24.66
N LEU D 302 -22.16 -34.73 23.45
CA LEU D 302 -20.76 -34.34 23.23
C LEU D 302 -20.60 -33.19 22.27
N SER D 303 -19.73 -32.25 22.62
CA SER D 303 -19.31 -31.20 21.71
C SER D 303 -17.83 -30.88 21.90
N TYR D 304 -17.09 -30.77 20.80
CA TYR D 304 -15.67 -30.37 20.87
C TYR D 304 -15.54 -28.86 21.00
N GLY D 305 -16.54 -28.14 20.49
CA GLY D 305 -16.51 -26.69 20.44
C GLY D 305 -15.99 -26.20 19.10
N ALA D 306 -16.26 -24.94 18.78
CA ALA D 306 -15.93 -24.41 17.47
C ALA D 306 -15.85 -22.89 17.48
N PHE D 307 -15.53 -22.32 16.32
CA PHE D 307 -15.43 -20.87 16.13
C PHE D 307 -14.48 -20.18 17.09
N PRO D 308 -13.16 -20.47 16.98
CA PRO D 308 -12.19 -19.77 17.82
C PRO D 308 -12.14 -18.31 17.47
N ASP D 309 -12.52 -17.46 18.41
CA ASP D 309 -12.54 -16.03 18.14
C ASP D 309 -11.16 -15.39 18.35
N ILE D 310 -10.33 -16.05 19.14
CA ILE D 310 -8.93 -15.66 19.29
C ILE D 310 -8.14 -16.57 18.37
N ALA D 311 -7.39 -15.96 17.46
CA ALA D 311 -6.67 -16.70 16.43
C ALA D 311 -5.64 -17.64 17.05
N ASN D 312 -5.70 -18.90 16.62
CA ASN D 312 -4.76 -19.96 17.04
C ASN D 312 -4.95 -20.40 18.48
N ASP D 313 -5.96 -19.83 19.14
CA ASP D 313 -6.34 -20.24 20.50
C ASP D 313 -7.62 -21.10 20.45
N PHE D 314 -7.51 -22.35 20.85
CA PHE D 314 -8.64 -23.27 20.79
C PHE D 314 -9.20 -23.56 22.19
N GLY D 315 -8.82 -22.70 23.14
CA GLY D 315 -9.24 -22.85 24.52
C GLY D 315 -10.67 -22.43 24.79
N GLU D 316 -11.05 -22.48 26.05
CA GLU D 316 -12.41 -22.20 26.46
C GLU D 316 -12.74 -20.71 26.33
N LYS D 317 -11.73 -19.87 26.52
CA LYS D 317 -11.83 -18.42 26.39
C LYS D 317 -11.97 -17.92 24.95
N SER D 318 -11.81 -18.84 23.99
CA SER D 318 -11.81 -18.47 22.58
C SER D 318 -12.97 -19.01 21.74
N LEU D 319 -13.33 -20.28 21.95
CA LEU D 319 -14.36 -20.91 21.14
C LEU D 319 -15.73 -20.29 21.41
N LEU D 320 -16.35 -19.71 20.38
CA LEU D 320 -17.67 -19.09 20.52
C LEU D 320 -18.79 -20.13 20.67
N MET D 321 -18.58 -21.33 20.14
CA MET D 321 -19.47 -22.46 20.33
C MET D 321 -18.83 -23.37 21.35
N PRO D 322 -19.46 -23.51 22.53
CA PRO D 322 -18.86 -24.22 23.67
C PRO D 322 -18.69 -25.71 23.46
N GLY D 323 -17.63 -26.25 24.02
CA GLY D 323 -17.38 -27.68 24.00
C GLY D 323 -17.56 -28.29 25.38
N GLY D 324 -17.69 -29.61 25.41
CA GLY D 324 -17.84 -30.32 26.65
C GLY D 324 -18.66 -31.59 26.46
N ALA D 325 -18.60 -32.45 27.48
CA ALA D 325 -19.36 -33.70 27.46
C ALA D 325 -20.22 -33.88 28.71
N VAL D 326 -21.39 -34.49 28.52
CA VAL D 326 -22.23 -34.87 29.62
C VAL D 326 -22.47 -36.36 29.51
N ILE D 327 -22.29 -37.06 30.63
CA ILE D 327 -22.59 -38.47 30.70
C ILE D 327 -23.50 -38.77 31.87
N ASN D 328 -24.19 -39.91 31.79
CA ASN D 328 -25.11 -40.42 32.84
C ASN D 328 -26.24 -39.45 33.18
N GLY D 329 -26.64 -38.63 32.22
CA GLY D 329 -27.67 -37.64 32.43
C GLY D 329 -27.28 -36.57 33.43
N ASP D 330 -26.02 -36.54 33.87
CA ASP D 330 -25.60 -35.50 34.78
C ASP D 330 -25.23 -34.19 34.07
N PHE D 331 -26.25 -33.41 33.68
CA PHE D 331 -26.02 -32.16 32.96
C PHE D 331 -25.46 -31.05 33.86
N ASN D 332 -25.25 -31.38 35.14
CA ASN D 332 -24.72 -30.44 36.10
C ASN D 332 -23.22 -30.41 36.17
N ASN D 333 -22.60 -31.38 35.51
CA ASN D 333 -21.17 -31.39 35.35
C ASN D 333 -20.82 -31.63 33.92
N VAL D 334 -20.57 -30.54 33.23
CA VAL D 334 -20.12 -30.56 31.85
C VAL D 334 -18.62 -30.82 31.91
N LEU D 335 -18.21 -31.94 31.34
CA LEU D 335 -16.84 -32.37 31.48
C LEU D 335 -15.99 -31.86 30.33
N PRO D 336 -14.71 -31.52 30.60
CA PRO D 336 -13.80 -31.02 29.55
C PRO D 336 -13.37 -32.14 28.62
N VAL D 337 -13.20 -31.80 27.34
CA VAL D 337 -12.77 -32.79 26.35
C VAL D 337 -11.30 -32.59 25.90
N ASP D 338 -10.54 -33.69 25.89
CA ASP D 338 -9.18 -33.65 25.38
C ASP D 338 -8.99 -34.69 24.28
N LEU D 339 -8.69 -34.23 23.08
CA LEU D 339 -8.59 -35.11 21.94
C LEU D 339 -7.22 -35.81 21.79
N VAL D 340 -6.30 -35.49 22.69
CA VAL D 340 -5.02 -36.18 22.74
C VAL D 340 -5.08 -37.37 23.71
N ASP D 341 -5.89 -37.21 24.78
CA ASP D 341 -6.11 -38.24 25.81
C ASP D 341 -6.59 -39.57 25.23
N PRO D 342 -5.73 -40.61 25.32
CA PRO D 342 -6.05 -41.93 24.76
C PRO D 342 -7.17 -42.61 25.52
N GLN D 343 -7.55 -42.03 26.66
CA GLN D 343 -8.62 -42.58 27.49
C GLN D 343 -10.03 -42.08 27.09
N GLN D 344 -10.09 -40.95 26.36
CA GLN D 344 -11.36 -40.34 25.98
C GLN D 344 -11.96 -40.89 24.68
N VAL D 345 -11.51 -40.37 23.54
CA VAL D 345 -12.09 -40.81 22.27
C VAL D 345 -11.45 -42.11 21.80
N GLN D 346 -12.28 -43.13 21.60
CA GLN D 346 -11.82 -44.43 21.12
C GLN D 346 -12.80 -44.99 20.13
N GLU D 347 -12.32 -45.79 19.19
CA GLU D 347 -13.21 -46.43 18.22
C GLU D 347 -13.16 -47.96 18.30
N PHE D 348 -14.34 -48.58 18.30
CA PHE D 348 -14.46 -50.03 18.36
C PHE D 348 -14.96 -50.55 17.02
N VAL D 349 -14.50 -51.74 16.64
CA VAL D 349 -14.88 -52.32 15.35
C VAL D 349 -15.45 -53.72 15.45
N ASP D 350 -15.73 -54.18 16.67
CA ASP D 350 -16.23 -55.54 16.88
C ASP D 350 -17.59 -55.80 16.24
N HIS D 351 -18.34 -54.73 15.97
CA HIS D 351 -19.59 -54.81 15.24
C HIS D 351 -19.52 -54.11 13.88
N ALA D 352 -18.31 -53.81 13.43
CA ALA D 352 -18.08 -53.12 12.14
C ALA D 352 -17.21 -53.95 11.20
N TRP D 353 -17.25 -53.65 9.92
CA TRP D 353 -16.52 -54.42 8.92
C TRP D 353 -15.04 -54.01 8.78
N TYR D 354 -14.31 -54.05 9.89
CA TYR D 354 -12.90 -53.70 9.93
C TYR D 354 -12.12 -54.70 10.76
N ARG D 355 -10.80 -54.57 10.75
CA ARG D 355 -9.95 -55.52 11.48
C ARG D 355 -9.05 -54.83 12.50
N TYR D 356 -9.12 -55.32 13.73
CA TYR D 356 -8.19 -54.92 14.79
C TYR D 356 -7.37 -56.16 15.22
N PRO D 357 -6.18 -55.93 15.82
CA PRO D 357 -5.46 -57.04 16.47
C PRO D 357 -6.29 -57.63 17.58
N ASN D 358 -7.02 -56.76 18.28
CA ASN D 358 -7.95 -57.18 19.30
C ASN D 358 -9.20 -56.31 19.17
N ASP D 359 -10.25 -56.88 18.59
CA ASP D 359 -11.50 -56.13 18.42
C ASP D 359 -12.30 -55.91 19.72
N GLN D 360 -11.79 -56.39 20.86
CA GLN D 360 -12.48 -56.19 22.14
C GLN D 360 -12.01 -54.93 22.85
N VAL D 361 -11.12 -54.18 22.21
CA VAL D 361 -10.64 -52.93 22.78
C VAL D 361 -10.76 -51.80 21.79
N GLY D 362 -10.95 -50.59 22.31
CA GLY D 362 -11.14 -49.40 21.49
C GLY D 362 -9.80 -48.74 21.24
N ARG D 363 -9.65 -48.13 20.06
CA ARG D 363 -8.40 -47.48 19.70
C ARG D 363 -8.56 -45.98 19.52
N HIS D 364 -7.73 -45.22 20.22
CA HIS D 364 -7.67 -43.78 20.06
C HIS D 364 -7.15 -43.53 18.65
N PRO D 365 -7.66 -42.49 17.95
CA PRO D 365 -7.33 -42.30 16.55
C PRO D 365 -5.84 -42.22 16.23
N PHE D 366 -5.04 -41.72 17.18
CA PHE D 366 -3.57 -41.76 17.03
C PHE D 366 -3.05 -43.19 16.98
N ASP D 367 -3.88 -44.12 17.42
CA ASP D 367 -3.55 -45.54 17.31
C ASP D 367 -4.52 -46.18 16.32
N GLY D 368 -5.19 -45.36 15.51
CA GLY D 368 -6.26 -45.82 14.63
C GLY D 368 -5.83 -46.81 13.58
N ILE D 369 -6.71 -47.74 13.25
CA ILE D 369 -6.47 -48.68 12.15
C ILE D 369 -7.69 -48.75 11.27
N THR D 370 -7.50 -48.55 9.96
CA THR D 370 -8.58 -48.69 8.99
C THR D 370 -8.24 -49.81 8.01
N ASP D 371 -8.59 -51.02 8.42
CA ASP D 371 -8.35 -52.22 7.64
C ASP D 371 -9.70 -52.84 7.30
N PRO D 372 -10.25 -52.48 6.15
CA PRO D 372 -11.58 -52.93 5.78
C PRO D 372 -11.75 -54.37 5.35
N TRP D 373 -12.68 -55.05 6.01
CA TRP D 373 -13.01 -56.38 5.60
C TRP D 373 -14.50 -56.63 5.72
N TYR D 374 -15.15 -56.80 4.59
CA TYR D 374 -16.56 -57.10 4.59
C TYR D 374 -16.83 -58.52 5.05
N ASN D 375 -17.20 -58.67 6.31
CA ASN D 375 -17.50 -59.97 6.89
C ASN D 375 -18.80 -59.92 7.66
N PRO D 376 -19.94 -60.11 6.92
CA PRO D 376 -21.24 -59.98 7.56
C PRO D 376 -21.69 -61.13 8.41
N GLY D 377 -21.11 -62.30 8.23
CA GLY D 377 -21.60 -63.48 8.92
C GLY D 377 -22.92 -63.93 8.32
N ASP D 378 -23.70 -64.72 9.06
CA ASP D 378 -24.95 -65.28 8.55
C ASP D 378 -26.02 -64.20 8.45
N VAL D 379 -26.45 -63.88 7.24
CA VAL D 379 -27.38 -62.78 7.11
C VAL D 379 -28.70 -63.10 6.46
N LYS D 380 -29.16 -64.32 6.71
CA LYS D 380 -30.41 -64.79 6.15
C LYS D 380 -30.50 -64.48 4.66
N GLY D 381 -29.45 -64.80 3.91
CA GLY D 381 -29.40 -64.52 2.48
C GLY D 381 -28.16 -65.16 1.94
N SER D 382 -27.31 -64.34 1.33
CA SER D 382 -25.95 -64.75 0.93
C SER D 382 -25.00 -63.62 1.28
N ASP D 383 -23.83 -63.54 0.66
CA ASP D 383 -22.98 -62.40 1.00
C ASP D 383 -23.29 -61.17 0.17
N THR D 384 -23.88 -61.40 -0.99
CA THR D 384 -24.31 -60.33 -1.89
C THR D 384 -25.84 -60.17 -1.92
N ASN D 385 -26.49 -60.72 -0.90
CA ASN D 385 -27.93 -60.66 -0.82
C ASN D 385 -28.37 -60.60 0.62
N ILE D 386 -28.07 -59.51 1.29
CA ILE D 386 -28.46 -59.35 2.67
C ILE D 386 -29.97 -59.17 2.79
N GLN D 387 -30.63 -60.09 3.49
CA GLN D 387 -32.03 -59.89 3.80
C GLN D 387 -32.19 -59.40 5.22
N GLN D 388 -31.24 -59.72 6.09
CA GLN D 388 -31.26 -59.25 7.46
C GLN D 388 -29.86 -59.20 8.00
N LEU D 389 -29.46 -58.06 8.52
CA LEU D 389 -28.15 -57.93 9.14
C LEU D 389 -28.15 -58.70 10.45
N ASN D 390 -27.10 -59.46 10.66
CA ASN D 390 -26.91 -60.12 11.93
C ASN D 390 -26.33 -59.05 12.82
N GLU D 391 -27.14 -58.47 13.68
CA GLU D 391 -26.65 -57.42 14.55
C GLU D 391 -25.86 -57.91 15.76
N GLN D 392 -25.73 -59.23 15.87
CA GLN D 392 -24.90 -59.88 16.86
C GLN D 392 -23.44 -59.70 16.47
N GLU D 393 -23.15 -59.83 15.17
CA GLU D 393 -21.77 -59.72 14.68
C GLU D 393 -21.47 -58.36 14.05
N ARG D 394 -20.85 -58.39 12.87
CA ARG D 394 -20.44 -57.21 12.13
C ARG D 394 -21.54 -56.82 11.16
N TYR D 395 -21.96 -55.56 11.24
CA TYR D 395 -23.11 -55.15 10.44
C TYR D 395 -23.04 -53.73 9.88
N SER D 396 -21.86 -53.12 9.84
CA SER D 396 -21.75 -51.74 9.34
C SER D 396 -20.35 -51.38 8.87
N TRP D 397 -20.28 -50.43 7.94
CA TRP D 397 -19.03 -49.83 7.51
C TRP D 397 -18.65 -48.65 8.39
N ILE D 398 -19.49 -48.34 9.38
CA ILE D 398 -19.19 -47.26 10.31
C ILE D 398 -18.51 -47.77 11.58
N LYS D 399 -17.37 -47.18 11.96
CA LYS D 399 -16.73 -47.52 13.24
C LYS D 399 -17.60 -47.07 14.40
N ALA D 400 -17.35 -47.63 15.59
CA ALA D 400 -18.11 -47.27 16.78
C ALA D 400 -17.31 -46.40 17.76
N PRO D 401 -17.51 -45.07 17.71
CA PRO D 401 -16.77 -44.16 18.60
C PRO D 401 -17.39 -44.11 19.97
N ARG D 402 -16.55 -44.01 21.00
CA ARG D 402 -17.04 -43.85 22.37
C ARG D 402 -16.19 -42.81 23.08
N TRP D 403 -16.77 -42.13 24.06
CA TRP D 403 -16.04 -41.16 24.87
C TRP D 403 -15.97 -41.65 26.30
N ARG D 404 -14.76 -41.99 26.76
CA ARG D 404 -14.56 -42.64 28.06
C ARG D 404 -15.46 -43.87 28.19
N GLY D 405 -15.63 -44.62 27.10
CA GLY D 405 -16.48 -45.80 27.09
C GLY D 405 -17.97 -45.53 26.93
N ASN D 406 -18.37 -44.26 26.84
CA ASN D 406 -19.79 -43.89 26.78
C ASN D 406 -20.26 -43.66 25.38
N ALA D 407 -21.44 -44.16 25.05
CA ALA D 407 -22.04 -43.84 23.76
C ALA D 407 -22.65 -42.43 23.81
N MET D 408 -22.26 -41.59 22.87
CA MET D 408 -22.72 -40.19 22.87
C MET D 408 -23.54 -39.79 21.67
N GLU D 409 -24.37 -38.78 21.89
CA GLU D 409 -25.05 -38.10 20.79
C GLU D 409 -24.32 -36.78 20.49
N VAL D 410 -24.13 -36.48 19.20
CA VAL D 410 -23.53 -35.22 18.79
C VAL D 410 -24.49 -34.46 17.89
N GLY D 411 -24.21 -33.18 17.67
CA GLY D 411 -25.01 -32.38 16.76
C GLY D 411 -25.60 -31.14 17.40
N PRO D 412 -26.55 -30.50 16.70
CA PRO D 412 -27.22 -29.28 17.17
C PRO D 412 -27.86 -29.42 18.55
N LEU D 413 -28.59 -30.52 18.80
CA LEU D 413 -29.22 -30.72 20.11
C LEU D 413 -28.18 -30.89 21.20
N ALA D 414 -27.18 -31.71 20.91
CA ALA D 414 -26.06 -31.93 21.81
C ALA D 414 -25.38 -30.61 22.19
N ARG D 415 -25.04 -29.81 21.17
CA ARG D 415 -24.38 -28.52 21.36
C ARG D 415 -25.24 -27.55 22.18
N THR D 416 -26.55 -27.56 21.90
CA THR D 416 -27.47 -26.67 22.57
C THR D 416 -27.50 -26.99 24.06
N LEU D 417 -27.60 -28.28 24.38
CA LEU D 417 -27.62 -28.74 25.76
C LEU D 417 -26.33 -28.38 26.50
N ILE D 418 -25.20 -28.60 25.84
CA ILE D 418 -23.87 -28.27 26.40
C ILE D 418 -23.77 -26.78 26.67
N ALA D 419 -24.07 -25.97 25.66
CA ALA D 419 -24.04 -24.51 25.81
C ALA D 419 -25.00 -24.05 26.91
N TYR D 420 -26.20 -24.64 26.94
CA TYR D 420 -27.24 -24.24 27.88
C TYR D 420 -26.77 -24.47 29.31
N HIS D 421 -26.22 -25.65 29.56
CA HIS D 421 -25.88 -26.05 30.92
C HIS D 421 -24.53 -25.52 31.35
N LYS D 422 -23.77 -24.99 30.41
CA LYS D 422 -22.55 -24.28 30.75
C LYS D 422 -22.89 -22.84 31.11
N GLY D 423 -24.15 -22.46 30.95
CA GLY D 423 -24.60 -21.13 31.30
C GLY D 423 -24.27 -20.02 30.33
N ASP D 424 -24.26 -20.32 29.03
CA ASP D 424 -24.09 -19.29 28.00
C ASP D 424 -25.37 -18.51 27.98
N ALA D 425 -25.29 -17.25 28.40
CA ALA D 425 -26.49 -16.43 28.54
C ALA D 425 -27.34 -16.31 27.28
N ALA D 426 -26.68 -16.03 26.16
CA ALA D 426 -27.39 -15.90 24.90
C ALA D 426 -28.19 -17.14 24.58
N THR D 427 -27.56 -18.30 24.76
CA THR D 427 -28.19 -19.60 24.50
C THR D 427 -29.39 -19.87 25.43
N VAL D 428 -29.21 -19.56 26.71
CA VAL D 428 -30.25 -19.82 27.70
C VAL D 428 -31.49 -19.03 27.35
N GLU D 429 -31.30 -17.74 27.13
CA GLU D 429 -32.39 -16.87 26.80
C GLU D 429 -33.11 -17.29 25.53
N SER D 430 -32.33 -17.67 24.53
CA SER D 430 -32.87 -18.08 23.26
C SER D 430 -33.73 -19.33 23.36
N VAL D 431 -33.23 -20.34 24.07
CA VAL D 431 -33.94 -21.62 24.22
C VAL D 431 -35.23 -21.57 25.04
N ASP D 432 -35.19 -20.79 26.10
CA ASP D 432 -36.34 -20.63 26.96
C ASP D 432 -37.45 -19.92 26.24
N ARG D 433 -37.10 -18.94 25.44
CA ARG D 433 -38.07 -18.22 24.64
C ARG D 433 -38.72 -19.17 23.65
N MET D 434 -37.92 -19.95 22.97
CA MET D 434 -38.41 -20.90 21.97
C MET D 434 -39.40 -21.92 22.58
N MET D 435 -39.06 -22.43 23.76
CA MET D 435 -39.88 -23.41 24.43
C MET D 435 -41.11 -22.77 25.05
N SER D 436 -40.95 -21.55 25.55
CA SER D 436 -42.07 -20.81 26.12
C SER D 436 -43.15 -20.56 25.06
N ALA D 437 -42.72 -20.17 23.87
CA ALA D 437 -43.60 -20.00 22.71
C ALA D 437 -44.33 -21.28 22.35
N LEU D 438 -43.69 -22.42 22.60
CA LEU D 438 -44.30 -23.71 22.28
C LEU D 438 -45.13 -24.28 23.43
N ASN D 439 -45.03 -23.60 24.56
CA ASN D 439 -45.63 -24.08 25.78
C ASN D 439 -45.23 -25.52 26.00
N LEU D 440 -43.91 -25.72 26.01
CA LEU D 440 -43.27 -26.99 26.33
C LEU D 440 -42.21 -26.75 27.40
N PRO D 441 -41.91 -27.77 28.23
CA PRO D 441 -40.78 -27.71 29.19
C PRO D 441 -39.44 -27.69 28.47
N LEU D 442 -38.36 -27.36 29.19
CA LEU D 442 -36.98 -27.50 28.65
C LEU D 442 -36.70 -28.91 28.12
N SER D 443 -37.13 -29.94 28.87
CA SER D 443 -36.99 -31.37 28.50
C SER D 443 -37.49 -31.75 27.11
N GLY D 444 -38.37 -30.93 26.55
CA GLY D 444 -38.97 -31.21 25.26
C GLY D 444 -38.00 -31.11 24.10
N ILE D 445 -36.90 -30.43 24.37
CA ILE D 445 -35.81 -30.28 23.43
C ILE D 445 -35.08 -31.62 23.19
N GLN D 446 -35.07 -32.46 24.19
CA GLN D 446 -34.41 -33.74 24.13
C GLN D 446 -35.34 -34.72 23.45
N SER D 447 -35.48 -34.55 22.13
CA SER D 447 -36.44 -35.31 21.32
C SER D 447 -36.20 -35.13 19.83
N THR D 448 -36.90 -35.93 19.02
CA THR D 448 -36.86 -35.81 17.57
C THR D 448 -37.24 -34.38 17.16
N LEU D 449 -38.35 -33.88 17.70
CA LEU D 449 -38.77 -32.50 17.42
C LEU D 449 -37.69 -31.50 17.86
N GLY D 450 -37.14 -31.71 19.06
CA GLY D 450 -36.10 -30.84 19.61
C GLY D 450 -34.86 -30.70 18.75
N ARG D 451 -34.44 -31.80 18.11
CA ARG D 451 -33.33 -31.73 17.16
C ARG D 451 -33.60 -30.72 16.02
N ILE D 452 -34.78 -30.81 15.43
CA ILE D 452 -35.16 -29.92 14.35
C ILE D 452 -35.23 -28.48 14.83
N LEU D 453 -35.80 -28.27 16.01
CA LEU D 453 -35.87 -26.93 16.59
C LEU D 453 -34.48 -26.37 16.84
N CYS D 454 -33.59 -27.20 17.39
CA CYS D 454 -32.24 -26.76 17.72
C CYS D 454 -31.44 -26.42 16.47
N ARG D 455 -31.67 -27.19 15.41
CA ARG D 455 -31.00 -26.96 14.13
C ARG D 455 -31.40 -25.58 13.59
N ALA D 456 -32.69 -25.28 13.63
CA ALA D 456 -33.18 -24.01 13.13
C ALA D 456 -32.59 -22.85 13.94
N HIS D 457 -32.56 -23.01 15.24
CA HIS D 457 -32.00 -22.03 16.14
C HIS D 457 -30.53 -21.82 15.89
N GLU D 458 -29.85 -22.87 15.47
CA GLU D 458 -28.42 -22.81 15.14
C GLU D 458 -28.20 -21.98 13.87
N ALA D 459 -29.09 -22.16 12.91
CA ALA D 459 -29.04 -21.42 11.67
C ALA D 459 -29.16 -19.95 11.98
N GLN D 460 -30.05 -19.61 12.90
CA GLN D 460 -30.21 -18.24 13.32
C GLN D 460 -28.98 -17.74 14.06
N TRP D 461 -28.43 -18.56 14.94
CA TRP D 461 -27.18 -18.24 15.64
C TRP D 461 -26.02 -17.97 14.65
N ALA D 462 -25.85 -18.89 13.68
CA ALA D 462 -24.78 -18.79 12.69
C ALA D 462 -24.89 -17.53 11.81
N ALA D 463 -26.12 -17.23 11.38
CA ALA D 463 -26.41 -16.06 10.57
C ALA D 463 -26.03 -14.81 11.30
N GLY D 464 -26.27 -14.80 12.60
CA GLY D 464 -25.89 -13.69 13.44
C GLY D 464 -24.40 -13.57 13.52
N LYS D 465 -23.75 -14.72 13.69
CA LYS D 465 -22.30 -14.80 13.76
C LYS D 465 -21.60 -14.33 12.49
N LEU D 466 -22.16 -14.68 11.33
CA LEU D 466 -21.62 -14.19 10.08
C LEU D 466 -21.35 -12.69 10.12
N GLN D 467 -22.36 -11.91 10.47
CA GLN D 467 -22.22 -10.49 10.51
C GLN D 467 -21.16 -10.06 11.52
N TYR D 468 -21.08 -10.78 12.62
CA TYR D 468 -20.07 -10.49 13.62
C TYR D 468 -18.65 -10.60 13.02
N PHE D 469 -18.37 -11.77 12.43
CA PHE D 469 -17.09 -12.07 11.81
C PHE D 469 -16.74 -11.07 10.71
N PHE D 470 -17.69 -10.78 9.83
CA PHE D 470 -17.51 -9.80 8.78
C PHE D 470 -17.09 -8.45 9.35
N ASP D 471 -17.74 -8.03 10.43
CA ASP D 471 -17.40 -6.76 11.07
C ASP D 471 -15.99 -6.73 11.63
N LYS D 472 -15.57 -7.89 12.17
CA LYS D 472 -14.23 -8.11 12.68
C LYS D 472 -13.19 -7.98 11.56
N LEU D 473 -13.50 -8.60 10.42
CA LEU D 473 -12.65 -8.49 9.25
C LEU D 473 -12.49 -7.04 8.82
N MET D 474 -13.62 -6.34 8.66
CA MET D 474 -13.60 -4.96 8.20
C MET D 474 -12.88 -4.01 9.16
N THR D 475 -12.97 -4.29 10.45
CA THR D 475 -12.23 -3.51 11.45
C THR D 475 -10.72 -3.66 11.24
N ASN D 476 -10.29 -4.89 10.95
CA ASN D 476 -8.87 -5.16 10.71
C ASN D 476 -8.38 -4.41 9.49
N LEU D 477 -9.20 -4.44 8.45
CA LEU D 477 -8.94 -3.74 7.20
C LEU D 477 -8.86 -2.23 7.36
N LYS D 478 -9.72 -1.66 8.21
CA LYS D 478 -9.67 -0.24 8.50
C LYS D 478 -8.39 0.11 9.25
N ASN D 479 -7.92 -0.84 10.05
CA ASN D 479 -6.67 -0.66 10.81
C ASN D 479 -5.39 -1.08 10.06
N GLY D 480 -5.54 -1.38 8.77
CA GLY D 480 -4.45 -1.82 7.93
C GLY D 480 -3.89 -3.21 8.24
N ASN D 481 -4.75 -4.08 8.73
CA ASN D 481 -4.34 -5.43 9.00
C ASN D 481 -4.92 -6.30 7.91
N LEU D 482 -4.06 -6.66 6.94
CA LEU D 482 -4.51 -7.32 5.73
C LEU D 482 -4.04 -8.78 5.60
N ALA D 483 -3.07 -9.18 6.41
CA ALA D 483 -2.41 -10.47 6.24
C ALA D 483 -3.38 -11.65 6.26
N THR D 484 -3.27 -12.57 5.31
CA THR D 484 -4.16 -13.74 5.24
C THR D 484 -3.47 -15.09 5.26
N ALA D 485 -2.16 -15.06 5.31
CA ALA D 485 -1.41 -16.29 5.32
C ALA D 485 -0.08 -16.19 6.00
N SER D 486 0.32 -17.28 6.62
CA SER D 486 1.67 -17.46 7.17
C SER D 486 2.41 -18.49 6.30
N THR D 487 3.47 -18.03 5.64
CA THR D 487 4.20 -18.81 4.68
C THR D 487 5.44 -19.50 5.28
N GLU D 488 5.94 -18.89 6.34
CA GLU D 488 7.09 -19.31 7.13
C GLU D 488 7.48 -20.80 7.29
N LYS D 489 6.49 -21.66 7.38
CA LYS D 489 6.72 -23.04 7.54
C LYS D 489 5.93 -23.78 6.51
N TRP D 490 5.99 -23.27 5.28
CA TRP D 490 5.30 -23.85 4.15
C TRP D 490 6.19 -24.90 3.54
N GLU D 491 7.49 -24.70 3.68
CA GLU D 491 8.46 -25.59 3.07
C GLU D 491 8.66 -26.74 4.02
N PRO D 492 8.55 -27.97 3.51
CA PRO D 492 8.69 -29.21 4.29
C PRO D 492 10.00 -29.23 5.05
N ALA D 493 11.03 -28.58 4.53
CA ALA D 493 12.34 -28.52 5.18
C ALA D 493 12.31 -27.87 6.56
N THR D 494 11.25 -27.10 6.84
CA THR D 494 11.13 -26.34 8.09
C THR D 494 10.36 -27.13 9.13
N TRP D 495 9.73 -28.23 8.71
CA TRP D 495 8.88 -29.05 9.59
C TRP D 495 9.69 -29.91 10.54
N PRO D 496 9.15 -30.25 11.72
CA PRO D 496 9.73 -31.34 12.52
C PRO D 496 9.74 -32.63 11.73
N THR D 497 10.78 -33.44 11.92
CA THR D 497 10.96 -34.69 11.19
C THR D 497 9.83 -35.62 11.47
N GLU D 498 9.44 -35.65 12.74
CA GLU D 498 8.26 -36.37 13.19
C GLU D 498 7.41 -35.41 14.02
N CYS D 499 6.10 -35.43 13.78
CA CYS D 499 5.17 -34.64 14.59
C CYS D 499 3.74 -35.12 14.36
N ARG D 500 2.84 -34.76 15.26
CA ARG D 500 1.46 -35.14 15.12
C ARG D 500 0.56 -34.03 15.64
N GLY D 501 -0.66 -33.96 15.13
CA GLY D 501 -1.59 -32.92 15.57
C GLY D 501 -3.04 -33.30 15.45
N VAL D 502 -3.88 -32.52 16.13
CA VAL D 502 -5.32 -32.74 16.08
C VAL D 502 -6.04 -31.50 15.59
N GLY D 503 -6.98 -31.69 14.68
CA GLY D 503 -7.81 -30.59 14.23
C GLY D 503 -9.23 -30.92 14.54
N PHE D 504 -9.91 -30.01 15.18
CA PHE D 504 -11.31 -30.24 15.54
C PHE D 504 -12.20 -29.02 15.32
N THR D 505 -13.46 -29.28 15.10
CA THR D 505 -14.46 -28.23 15.00
C THR D 505 -15.84 -28.84 15.13
N GLU D 506 -16.86 -27.97 15.08
CA GLU D 506 -18.23 -28.42 15.09
C GLU D 506 -18.81 -28.33 13.69
N ALA D 507 -18.93 -29.49 13.03
CA ALA D 507 -19.64 -29.58 11.79
C ALA D 507 -21.16 -29.37 12.01
N PRO D 508 -21.91 -29.05 10.95
CA PRO D 508 -23.37 -28.96 11.05
C PRO D 508 -24.04 -30.12 11.80
N ARG D 509 -23.42 -31.29 11.75
CA ARG D 509 -23.99 -32.50 12.33
C ARG D 509 -23.32 -32.92 13.65
N GLY D 510 -22.29 -32.20 14.07
CA GLY D 510 -21.72 -32.47 15.36
C GLY D 510 -20.22 -32.42 15.41
N ALA D 511 -19.65 -33.11 16.40
CA ALA D 511 -18.22 -33.00 16.71
C ALA D 511 -17.35 -33.70 15.65
N LEU D 512 -16.41 -32.96 15.06
CA LEU D 512 -15.52 -33.51 14.04
C LEU D 512 -14.08 -33.41 14.47
N GLY D 513 -13.32 -34.46 14.18
CA GLY D 513 -11.90 -34.47 14.49
C GLY D 513 -11.06 -35.11 13.40
N HIS D 514 -9.94 -34.47 13.10
CA HIS D 514 -8.90 -35.08 12.27
C HIS D 514 -7.61 -35.26 13.07
N TRP D 515 -7.13 -36.50 13.11
CA TRP D 515 -5.86 -36.83 13.78
C TRP D 515 -4.83 -37.19 12.71
N ALA D 516 -3.71 -36.44 12.69
CA ALA D 516 -2.70 -36.58 11.65
C ALA D 516 -1.30 -36.72 12.21
N ALA D 517 -0.56 -37.66 11.67
CA ALA D 517 0.83 -37.86 12.04
C ALA D 517 1.71 -37.68 10.82
N ILE D 518 2.72 -36.84 10.93
CA ILE D 518 3.65 -36.55 9.85
C ILE D 518 5.05 -37.13 10.11
N ARG D 519 5.60 -37.82 9.11
CA ARG D 519 6.97 -38.37 9.21
C ARG D 519 7.73 -38.11 7.92
N ASP D 520 8.80 -37.34 8.01
CA ASP D 520 9.72 -37.10 6.90
C ASP D 520 9.06 -36.34 5.76
N GLY D 521 8.19 -35.41 6.15
CA GLY D 521 7.42 -34.60 5.22
C GLY D 521 6.25 -35.25 4.55
N LYS D 522 5.90 -36.45 5.01
CA LYS D 522 4.79 -37.22 4.47
C LYS D 522 3.82 -37.66 5.56
N ILE D 523 2.62 -38.02 5.17
CA ILE D 523 1.60 -38.40 6.12
C ILE D 523 1.76 -39.83 6.53
N ASP D 524 2.12 -40.02 7.79
CA ASP D 524 2.36 -41.33 8.33
C ASP D 524 1.05 -41.93 8.81
N LEU D 525 0.17 -41.06 9.32
CA LEU D 525 -1.16 -41.46 9.78
C LEU D 525 -2.19 -40.33 9.62
N TYR D 526 -3.38 -40.69 9.17
CA TYR D 526 -4.49 -39.75 9.09
C TYR D 526 -5.76 -40.46 9.45
N GLN D 527 -6.35 -40.12 10.60
CA GLN D 527 -7.59 -40.75 11.06
C GLN D 527 -8.71 -39.74 11.32
N CYS D 528 -9.91 -40.07 10.85
CA CYS D 528 -11.04 -39.18 10.96
C CYS D 528 -12.14 -39.80 11.80
N VAL D 529 -12.60 -39.05 12.81
CA VAL D 529 -13.85 -39.38 13.51
C VAL D 529 -14.85 -38.25 13.26
N VAL D 530 -15.95 -38.63 12.62
CA VAL D 530 -16.89 -37.70 12.02
C VAL D 530 -18.22 -37.76 12.81
N PRO D 531 -18.95 -36.63 12.89
CA PRO D 531 -20.20 -36.62 13.67
C PRO D 531 -21.17 -37.79 13.41
N THR D 532 -21.48 -38.11 12.17
CA THR D 532 -22.42 -39.20 11.89
C THR D 532 -21.80 -40.54 12.28
N THR D 533 -20.47 -40.59 12.39
CA THR D 533 -19.81 -41.80 12.87
C THR D 533 -20.25 -42.05 14.29
N TRP D 534 -20.28 -40.99 15.09
CA TRP D 534 -20.81 -41.04 16.45
C TRP D 534 -22.28 -41.45 16.46
N ASN D 535 -23.12 -40.69 15.79
CA ASN D 535 -24.57 -40.90 15.85
C ASN D 535 -25.07 -42.22 15.24
N ALA D 536 -24.49 -42.61 14.11
CA ALA D 536 -24.91 -43.81 13.39
C ALA D 536 -24.10 -45.03 13.81
N SER D 537 -23.25 -44.86 14.83
CA SER D 537 -22.39 -45.92 15.37
C SER D 537 -23.08 -47.27 15.61
N PRO D 538 -22.40 -48.36 15.25
CA PRO D 538 -22.85 -49.69 15.64
C PRO D 538 -22.52 -49.98 17.11
N ARG D 539 -22.87 -51.17 17.59
CA ARG D 539 -22.65 -51.51 18.99
C ARG D 539 -21.19 -51.79 19.32
N ASP D 540 -20.88 -51.78 20.61
CA ASP D 540 -19.52 -52.03 21.11
C ASP D 540 -19.40 -53.37 21.86
N PRO D 541 -18.23 -53.70 22.44
CA PRO D 541 -18.18 -55.02 23.11
C PRO D 541 -19.10 -55.14 24.31
N LYS D 542 -19.52 -54.02 24.89
CA LYS D 542 -20.47 -54.02 25.99
C LYS D 542 -21.91 -54.13 25.52
N GLY D 543 -22.11 -54.15 24.21
CA GLY D 543 -23.46 -54.18 23.63
C GLY D 543 -24.19 -52.85 23.69
N GLN D 544 -23.44 -51.78 23.97
CA GLN D 544 -23.98 -50.41 24.01
C GLN D 544 -24.41 -49.91 22.62
N ILE D 545 -25.58 -49.31 22.57
CA ILE D 545 -26.14 -48.84 21.32
C ILE D 545 -25.85 -47.35 21.10
N GLY D 546 -25.75 -46.96 19.83
CA GLY D 546 -25.46 -45.58 19.46
C GLY D 546 -26.71 -44.72 19.43
N ALA D 547 -26.53 -43.45 19.11
CA ALA D 547 -27.58 -42.45 19.10
C ALA D 547 -28.78 -42.81 18.24
N TYR D 548 -28.55 -43.26 17.01
CA TYR D 548 -29.66 -43.62 16.11
C TYR D 548 -30.50 -44.74 16.67
N GLU D 549 -29.83 -45.82 17.07
CA GLU D 549 -30.51 -47.02 17.57
C GLU D 549 -31.25 -46.72 18.85
N ALA D 550 -30.68 -45.86 19.69
CA ALA D 550 -31.32 -45.45 20.95
C ALA D 550 -32.57 -44.64 20.70
N ALA D 551 -32.46 -43.68 19.78
CA ALA D 551 -33.56 -42.81 19.45
C ALA D 551 -34.73 -43.55 18.80
N LEU D 552 -34.46 -44.63 18.10
CA LEU D 552 -35.52 -45.40 17.46
C LEU D 552 -36.22 -46.37 18.40
N MET D 553 -35.56 -46.70 19.52
CA MET D 553 -36.12 -47.58 20.53
C MET D 553 -37.43 -47.03 21.11
N ASN D 554 -38.37 -47.93 21.40
CA ASN D 554 -39.64 -47.60 22.05
C ASN D 554 -40.57 -46.74 21.19
N THR D 555 -40.29 -46.66 19.90
CA THR D 555 -41.10 -45.82 19.00
C THR D 555 -42.29 -46.58 18.44
N LYS D 556 -43.45 -45.96 18.55
CA LYS D 556 -44.70 -46.51 18.02
C LYS D 556 -44.83 -46.27 16.53
N MET D 557 -45.23 -47.29 15.79
CA MET D 557 -45.44 -47.15 14.35
C MET D 557 -46.90 -47.37 14.03
N ALA D 558 -47.49 -46.44 13.31
CA ALA D 558 -48.90 -46.53 12.99
C ALA D 558 -49.13 -47.52 11.88
N ILE D 559 -48.20 -47.61 10.96
CA ILE D 559 -48.29 -48.53 9.85
C ILE D 559 -46.88 -48.96 9.59
N PRO D 560 -46.59 -50.28 9.78
CA PRO D 560 -45.18 -50.69 9.65
C PRO D 560 -44.71 -50.88 8.23
N GLU D 561 -45.64 -51.11 7.31
CA GLU D 561 -45.29 -51.20 5.91
C GLU D 561 -44.81 -49.82 5.38
N GLN D 562 -45.00 -48.75 6.17
CA GLN D 562 -44.59 -47.35 5.86
C GLN D 562 -43.90 -46.62 7.02
N PRO D 563 -42.55 -46.70 7.04
CA PRO D 563 -41.68 -46.32 8.16
C PRO D 563 -41.53 -44.80 8.38
N LEU D 564 -42.64 -44.06 8.38
CA LEU D 564 -42.60 -42.60 8.50
C LEU D 564 -41.97 -42.13 9.81
N GLU D 565 -42.27 -42.83 10.90
CA GLU D 565 -41.73 -42.51 12.23
C GLU D 565 -40.23 -42.76 12.31
N ILE D 566 -39.78 -43.85 11.68
CA ILE D 566 -38.35 -44.16 11.56
C ILE D 566 -37.66 -43.05 10.78
N LEU D 567 -38.24 -42.67 9.64
CA LEU D 567 -37.66 -41.60 8.82
C LEU D 567 -37.57 -40.27 9.57
N ARG D 568 -38.64 -39.94 10.31
CA ARG D 568 -38.71 -38.69 11.08
C ARG D 568 -37.59 -38.57 12.08
N THR D 569 -37.36 -39.64 12.83
CA THR D 569 -36.33 -39.66 13.85
C THR D 569 -34.92 -39.63 13.25
N LEU D 570 -34.67 -40.48 12.26
CA LEU D 570 -33.37 -40.53 11.60
C LEU D 570 -33.06 -39.18 10.95
N HIS D 571 -34.01 -38.67 10.18
CA HIS D 571 -33.81 -37.41 9.50
C HIS D 571 -33.55 -36.25 10.48
N SER D 572 -34.06 -36.37 11.70
CA SER D 572 -33.87 -35.31 12.69
C SER D 572 -32.40 -35.19 13.08
N PHE D 573 -31.65 -36.28 12.89
CA PHE D 573 -30.20 -36.30 13.14
C PHE D 573 -29.37 -35.71 12.01
N ASP D 574 -30.00 -35.61 10.82
CA ASP D 574 -29.37 -35.14 9.59
C ASP D 574 -28.21 -36.08 9.23
N PRO D 575 -28.51 -37.38 8.93
CA PRO D 575 -27.47 -38.34 8.64
C PRO D 575 -26.62 -38.00 7.39
N CYS D 576 -25.31 -37.97 7.56
CA CYS D 576 -24.39 -37.90 6.43
C CYS D 576 -23.49 -39.15 6.40
N LEU D 577 -23.85 -40.10 5.53
CA LEU D 577 -23.22 -41.41 5.56
C LEU D 577 -21.82 -41.49 4.95
N ALA D 578 -21.56 -40.68 3.92
CA ALA D 578 -20.21 -40.56 3.37
C ALA D 578 -19.26 -39.98 4.43
N CYS D 579 -19.76 -38.99 5.17
CA CYS D 579 -19.05 -38.48 6.34
C CYS D 579 -18.76 -39.58 7.37
N SER D 580 -19.77 -40.39 7.68
CA SER D 580 -19.66 -41.38 8.74
C SER D 580 -18.61 -42.43 8.43
N THR D 581 -18.49 -42.78 7.16
CA THR D 581 -17.65 -43.90 6.73
C THR D 581 -16.32 -43.45 6.12
N HIS D 582 -16.37 -42.35 5.37
CA HIS D 582 -15.18 -41.77 4.69
C HIS D 582 -14.21 -42.83 4.11
N LYS E 4 -9.23 23.42 18.09
CA LYS E 4 -9.76 22.04 18.13
C LYS E 4 -9.11 21.18 19.27
N PRO E 5 -9.95 20.36 20.00
CA PRO E 5 -9.39 19.52 21.11
C PRO E 5 -8.46 18.39 20.66
N ARG E 6 -7.46 18.05 21.47
CA ARG E 6 -6.47 17.04 21.14
C ARG E 6 -6.88 15.67 21.63
N ILE E 7 -6.44 14.65 20.92
CA ILE E 7 -6.87 13.28 21.23
C ILE E 7 -6.32 12.87 22.61
N PRO E 8 -7.21 12.38 23.49
CA PRO E 8 -6.81 11.96 24.84
C PRO E 8 -5.94 10.69 24.81
N VAL E 9 -4.81 10.73 25.51
CA VAL E 9 -3.91 9.58 25.57
C VAL E 9 -3.67 9.19 27.02
N VAL E 10 -3.87 7.91 27.31
CA VAL E 10 -3.59 7.36 28.63
C VAL E 10 -2.38 6.45 28.54
N TRP E 11 -1.32 6.83 29.26
CA TRP E 11 -0.06 6.09 29.24
C TRP E 11 0.15 5.42 30.58
N ILE E 12 0.00 4.10 30.61
CA ILE E 12 0.16 3.31 31.86
C ILE E 12 1.44 2.51 31.86
N HIS E 13 1.93 2.14 33.03
CA HIS E 13 3.20 1.39 33.14
C HIS E 13 3.07 0.12 33.96
N GLY E 14 3.46 -1.02 33.39
CA GLY E 14 3.49 -2.31 34.08
C GLY E 14 4.88 -2.55 34.60
N LEU E 15 5.35 -3.79 34.49
CA LEU E 15 6.74 -4.10 34.82
C LEU E 15 7.58 -3.63 33.66
N GLU E 16 8.50 -2.72 33.91
CA GLU E 16 9.29 -2.14 32.84
C GLU E 16 10.53 -1.46 33.38
N CYS E 17 11.34 -0.85 32.52
CA CYS E 17 12.54 -0.14 32.94
C CYS E 17 12.45 1.36 32.66
N THR E 18 11.33 1.77 32.09
CA THR E 18 11.12 3.17 31.70
C THR E 18 12.02 3.63 30.50
N GLY E 19 12.65 2.66 29.82
CA GLY E 19 13.45 2.92 28.64
C GLY E 19 12.62 3.48 27.50
N CYS E 20 11.37 3.00 27.39
CA CYS E 20 10.46 3.44 26.36
C CYS E 20 9.97 4.88 26.55
N THR E 21 9.59 5.24 27.77
CA THR E 21 9.27 6.63 28.11
C THR E 21 10.46 7.52 27.84
N GLU E 22 11.65 7.07 28.26
CA GLU E 22 12.87 7.81 28.00
C GLU E 22 13.11 8.01 26.50
N SER E 23 12.88 6.95 25.72
CA SER E 23 13.10 7.00 24.29
C SER E 23 12.17 8.02 23.68
N PHE E 24 10.90 7.99 24.10
CA PHE E 24 9.89 8.91 23.59
C PHE E 24 10.32 10.38 23.69
N ILE E 25 10.86 10.76 24.86
CA ILE E 25 11.30 12.14 25.06
C ILE E 25 12.61 12.51 24.36
N ARG E 26 13.22 11.55 23.66
CA ARG E 26 14.42 11.82 22.87
C ARG E 26 14.08 12.30 21.48
N SER E 27 12.78 12.27 21.14
CA SER E 27 12.31 12.58 19.80
C SER E 27 12.83 13.94 19.32
N ALA E 28 13.41 13.93 18.13
CA ALA E 28 14.03 15.12 17.56
C ALA E 28 13.03 15.93 16.72
N HIS E 29 12.08 15.21 16.13
CA HIS E 29 11.12 15.81 15.23
C HIS E 29 9.89 14.89 15.07
N PRO E 30 8.73 15.30 15.62
CA PRO E 30 8.59 16.50 16.44
C PRO E 30 9.18 16.28 17.83
N LEU E 31 9.63 17.37 18.47
CA LEU E 31 10.02 17.34 19.86
C LEU E 31 8.88 16.80 20.75
N ALA E 32 9.24 16.06 21.79
CA ALA E 32 8.25 15.50 22.72
C ALA E 32 7.46 16.62 23.33
N LYS E 33 8.12 17.76 23.56
CA LYS E 33 7.49 18.97 24.05
C LYS E 33 6.29 19.38 23.19
N ASP E 34 6.47 19.38 21.88
CA ASP E 34 5.43 19.78 20.94
C ASP E 34 4.34 18.71 20.76
N VAL E 35 4.72 17.44 20.88
CA VAL E 35 3.77 16.33 20.89
C VAL E 35 2.78 16.54 22.02
N ILE E 36 3.31 16.83 23.21
CA ILE E 36 2.53 16.97 24.42
C ILE E 36 1.68 18.25 24.39
N LEU E 37 2.23 19.35 23.91
CA LEU E 37 1.51 20.64 23.93
C LEU E 37 0.55 20.81 22.77
N SER E 38 0.88 20.25 21.62
CA SER E 38 0.14 20.57 20.40
C SER E 38 -0.53 19.41 19.65
N LEU E 39 0.00 18.20 19.76
CA LEU E 39 -0.52 17.08 18.95
C LEU E 39 -1.43 16.10 19.66
N ILE E 40 -1.19 15.84 20.94
CA ILE E 40 -2.07 14.95 21.67
C ILE E 40 -2.39 15.52 23.04
N SER E 41 -3.22 14.80 23.79
CA SER E 41 -3.51 15.16 25.17
C SER E 41 -3.05 14.03 26.09
N LEU E 42 -1.81 14.14 26.57
CA LEU E 42 -1.25 13.14 27.47
C LEU E 42 -1.92 13.40 28.79
N ASP E 43 -3.02 12.68 29.03
CA ASP E 43 -3.90 12.92 30.18
C ASP E 43 -3.55 12.12 31.43
N TYR E 44 -2.77 11.05 31.24
CA TYR E 44 -2.26 10.24 32.36
C TYR E 44 -0.92 9.58 32.01
N ASP E 45 0.06 9.79 32.89
CA ASP E 45 1.41 9.26 32.70
C ASP E 45 2.18 9.44 34.00
N ASP E 46 2.39 8.33 34.71
CA ASP E 46 2.97 8.33 36.05
C ASP E 46 4.33 9.00 36.14
N THR E 47 5.08 8.93 35.05
CA THR E 47 6.44 9.45 35.02
C THR E 47 6.49 10.97 35.03
N LEU E 48 5.51 11.60 34.39
CA LEU E 48 5.58 13.03 34.12
C LEU E 48 4.50 13.87 34.78
N MET E 49 3.37 13.26 35.18
CA MET E 49 2.21 14.01 35.70
C MET E 49 2.47 14.59 37.09
N ALA E 50 1.88 15.74 37.36
CA ALA E 50 2.03 16.40 38.65
C ALA E 50 1.35 15.67 39.82
N ALA E 51 0.10 15.26 39.60
CA ALA E 51 -0.71 14.62 40.62
C ALA E 51 -0.16 13.26 41.00
N ALA E 52 -0.22 12.95 42.31
CA ALA E 52 0.19 11.66 42.83
C ALA E 52 -0.93 11.05 43.68
N GLY E 53 -0.79 9.77 44.01
CA GLY E 53 -1.72 9.08 44.90
C GLY E 53 -3.16 9.19 44.50
N THR E 54 -3.98 9.68 45.44
CA THR E 54 -5.42 9.79 45.23
C THR E 54 -5.74 10.82 44.16
N GLN E 55 -4.93 11.87 44.06
CA GLN E 55 -5.07 12.85 42.97
C GLN E 55 -4.84 12.21 41.61
N ALA E 56 -3.84 11.35 41.53
CA ALA E 56 -3.53 10.62 40.30
C ALA E 56 -4.62 9.64 39.94
N GLU E 57 -5.17 8.96 40.94
CA GLU E 57 -6.27 8.04 40.74
C GLU E 57 -7.50 8.74 40.18
N GLU E 58 -7.80 9.93 40.72
CA GLU E 58 -8.94 10.75 40.30
C GLU E 58 -8.82 11.14 38.84
N VAL E 59 -7.61 11.53 38.43
CA VAL E 59 -7.33 11.84 37.03
C VAL E 59 -7.61 10.63 36.16
N PHE E 60 -7.03 9.50 36.52
CA PHE E 60 -7.24 8.26 35.81
C PHE E 60 -8.74 8.00 35.58
N GLU E 61 -9.50 7.93 36.66
CA GLU E 61 -10.94 7.64 36.62
C GLU E 61 -11.70 8.65 35.75
N ASP E 62 -11.38 9.91 35.95
CA ASP E 62 -12.06 11.00 35.24
C ASP E 62 -11.85 10.91 33.74
N ILE E 63 -10.63 10.60 33.32
CA ILE E 63 -10.31 10.54 31.90
C ILE E 63 -10.97 9.35 31.22
N ILE E 64 -10.87 8.18 31.83
CA ILE E 64 -11.37 6.97 31.19
C ILE E 64 -12.88 6.91 31.21
N THR E 65 -13.48 7.71 32.09
CA THR E 65 -14.93 7.84 32.16
C THR E 65 -15.43 8.88 31.19
N GLN E 66 -14.87 10.09 31.30
CA GLN E 66 -15.28 11.20 30.45
C GLN E 66 -15.05 10.92 28.97
N TYR E 67 -13.88 10.35 28.64
CA TYR E 67 -13.52 10.08 27.27
C TYR E 67 -13.63 8.61 26.91
N ASN E 68 -14.54 7.89 27.57
CA ASN E 68 -14.76 6.46 27.32
C ASN E 68 -15.03 6.14 25.86
N GLY E 69 -14.29 5.18 25.31
CA GLY E 69 -14.39 4.83 23.91
C GLY E 69 -13.64 5.75 22.95
N LYS E 70 -12.98 6.77 23.48
CA LYS E 70 -12.40 7.81 22.61
C LYS E 70 -10.92 8.06 22.83
N TYR E 71 -10.35 7.49 23.87
CA TYR E 71 -8.92 7.72 24.15
C TYR E 71 -8.06 6.59 23.62
N ILE E 72 -6.80 6.90 23.38
CA ILE E 72 -5.80 5.93 23.00
C ILE E 72 -5.12 5.50 24.28
N LEU E 73 -4.99 4.18 24.44
CA LEU E 73 -4.21 3.64 25.55
C LEU E 73 -2.79 3.28 25.14
N ALA E 74 -1.82 3.96 25.75
CA ALA E 74 -0.43 3.61 25.54
C ALA E 74 0.08 2.79 26.72
N VAL E 75 0.64 1.62 26.40
CA VAL E 75 1.10 0.70 27.44
C VAL E 75 2.59 0.48 27.41
N GLU E 76 3.25 0.81 28.50
CA GLU E 76 4.66 0.54 28.65
C GLU E 76 4.81 -0.54 29.73
N GLY E 77 5.68 -1.51 29.46
CA GLY E 77 5.82 -2.66 30.34
C GLY E 77 4.71 -3.68 30.19
N ASN E 78 4.65 -4.63 31.12
CA ASN E 78 3.71 -5.74 31.00
C ASN E 78 3.21 -6.18 32.37
N PRO E 79 2.06 -6.91 32.40
CA PRO E 79 1.53 -7.44 33.65
C PRO E 79 2.09 -8.81 34.04
N PRO E 80 2.47 -8.99 35.31
CA PRO E 80 2.86 -10.30 35.86
C PRO E 80 1.67 -11.11 36.36
N LEU E 81 1.64 -12.39 36.01
CA LEU E 81 0.54 -13.27 36.45
C LEU E 81 0.86 -14.00 37.75
N GLY E 82 2.15 -14.13 38.07
CA GLY E 82 2.59 -14.74 39.33
C GLY E 82 2.12 -14.00 40.57
N GLU E 83 1.96 -14.74 41.67
CA GLU E 83 1.56 -14.16 42.95
C GLU E 83 0.31 -13.31 42.84
N GLN E 84 -0.69 -13.81 42.13
CA GLN E 84 -1.97 -13.13 41.92
C GLN E 84 -1.81 -11.73 41.38
N GLY E 85 -0.74 -11.51 40.65
CA GLY E 85 -0.52 -10.24 40.01
C GLY E 85 0.20 -9.22 40.86
N MET E 86 0.48 -9.59 42.11
CA MET E 86 1.06 -8.64 43.06
C MET E 86 2.58 -8.44 42.92
N PHE E 87 3.14 -8.97 41.84
CA PHE E 87 4.50 -8.64 41.46
C PHE E 87 4.61 -7.20 40.92
N CYS E 88 3.47 -6.67 40.49
CA CYS E 88 3.34 -5.27 40.11
C CYS E 88 2.05 -4.67 40.73
N ILE E 89 2.22 -3.80 41.73
CA ILE E 89 1.10 -3.27 42.51
C ILE E 89 0.84 -1.79 42.23
N SER E 90 -0.40 -1.50 41.86
CA SER E 90 -0.82 -0.11 41.65
C SER E 90 -2.11 0.17 42.43
N SER E 91 -2.01 1.19 43.30
CA SER E 91 -3.05 1.55 44.25
C SER E 91 -3.53 0.36 45.08
N GLY E 92 -2.58 -0.39 45.62
CA GLY E 92 -2.88 -1.55 46.43
C GLY E 92 -3.47 -2.74 45.71
N ARG E 93 -3.54 -2.70 44.38
CA ARG E 93 -4.16 -3.77 43.63
C ARG E 93 -3.26 -4.21 42.49
N PRO E 94 -3.48 -5.44 41.94
CA PRO E 94 -2.63 -5.90 40.84
C PRO E 94 -2.74 -4.99 39.63
N PHE E 95 -1.61 -4.71 38.98
CA PHE E 95 -1.56 -3.82 37.83
C PHE E 95 -2.48 -4.29 36.70
N ILE E 96 -2.63 -5.60 36.55
CA ILE E 96 -3.49 -6.17 35.51
C ILE E 96 -4.93 -5.65 35.58
N GLU E 97 -5.40 -5.28 36.77
CA GLU E 97 -6.77 -4.72 36.92
C GLU E 97 -6.88 -3.31 36.32
N LYS E 98 -5.83 -2.52 36.49
CA LYS E 98 -5.76 -1.19 35.93
C LYS E 98 -5.64 -1.32 34.43
N LEU E 99 -4.83 -2.26 33.96
CA LEU E 99 -4.66 -2.56 32.55
C LEU E 99 -5.98 -2.90 31.86
N LYS E 100 -6.72 -3.85 32.44
CA LYS E 100 -8.00 -4.27 31.87
C LYS E 100 -9.04 -3.16 31.87
N ARG E 101 -9.06 -2.39 32.95
CA ARG E 101 -9.95 -1.25 33.08
C ARG E 101 -9.63 -0.19 32.02
N ALA E 102 -8.34 0.14 31.87
CA ALA E 102 -7.92 1.11 30.87
C ALA E 102 -8.18 0.62 29.44
N ALA E 103 -7.84 -0.64 29.17
CA ALA E 103 -8.13 -1.28 27.88
C ALA E 103 -9.60 -1.22 27.47
N ALA E 104 -10.50 -1.43 28.44
CA ALA E 104 -11.94 -1.52 28.17
C ALA E 104 -12.56 -0.28 27.52
N GLY E 105 -12.02 0.89 27.87
CA GLY E 105 -12.50 2.16 27.35
C GLY E 105 -11.69 2.73 26.22
N ALA E 106 -10.56 2.10 25.87
CA ALA E 106 -9.70 2.58 24.79
C ALA E 106 -10.25 2.25 23.41
N SER E 107 -9.97 3.11 22.44
CA SER E 107 -10.33 2.83 21.06
C SER E 107 -9.22 1.99 20.41
N ALA E 108 -7.99 2.22 20.83
CA ALA E 108 -6.84 1.45 20.36
C ALA E 108 -5.75 1.41 21.40
N ILE E 109 -4.92 0.38 21.33
CA ILE E 109 -3.82 0.23 22.27
C ILE E 109 -2.52 0.27 21.52
N ILE E 110 -1.58 1.10 22.00
CA ILE E 110 -0.20 1.10 21.49
C ILE E 110 0.63 0.34 22.50
N ALA E 111 1.24 -0.76 22.07
CA ALA E 111 2.16 -1.55 22.92
C ALA E 111 3.58 -1.10 22.70
N TRP E 112 4.07 -0.18 23.54
CA TRP E 112 5.41 0.36 23.38
C TRP E 112 6.47 -0.70 23.75
N GLY E 113 7.49 -0.83 22.91
CA GLY E 113 8.66 -1.63 23.25
C GLY E 113 8.41 -3.13 23.28
N THR E 114 9.48 -3.87 23.49
CA THR E 114 9.46 -5.33 23.53
C THR E 114 8.69 -5.85 24.73
N CYS E 115 8.80 -5.16 25.85
CA CYS E 115 8.04 -5.48 27.06
C CYS E 115 6.56 -5.68 26.80
N ALA E 116 5.87 -4.63 26.33
CA ALA E 116 4.43 -4.72 26.06
C ALA E 116 4.10 -5.62 24.88
N SER E 117 5.00 -5.67 23.90
CA SER E 117 4.78 -6.43 22.68
C SER E 117 4.96 -7.91 22.92
N TRP E 118 6.03 -8.28 23.63
CA TRP E 118 6.45 -9.66 23.70
C TRP E 118 6.70 -10.16 25.12
N GLY E 119 7.30 -9.31 25.95
CA GLY E 119 7.68 -9.77 27.27
C GLY E 119 9.01 -9.22 27.72
N CYS E 120 9.98 -9.17 26.80
CA CYS E 120 11.31 -8.62 27.06
C CYS E 120 12.00 -9.32 28.24
N VAL E 121 12.90 -8.59 28.91
CA VAL E 121 13.86 -9.19 29.83
C VAL E 121 13.23 -9.94 31.00
N GLN E 122 12.17 -9.40 31.59
CA GLN E 122 11.49 -10.06 32.70
C GLN E 122 10.81 -11.37 32.28
N ALA E 123 10.43 -11.48 31.01
CA ALA E 123 9.86 -12.71 30.48
C ALA E 123 10.90 -13.76 30.09
N ALA E 124 12.19 -13.39 30.13
CA ALA E 124 13.27 -14.34 29.84
C ALA E 124 13.33 -15.46 30.90
N ARG E 125 13.92 -16.62 30.57
CA ARG E 125 14.08 -17.75 31.49
C ARG E 125 14.61 -17.33 32.83
N PRO E 126 13.97 -17.78 33.93
CA PRO E 126 12.79 -18.65 33.90
C PRO E 126 11.47 -17.93 34.13
N ASN E 127 11.42 -16.65 33.77
CA ASN E 127 10.22 -15.80 33.95
C ASN E 127 9.62 -15.89 35.35
N PRO E 128 10.39 -15.43 36.36
CA PRO E 128 9.98 -15.55 37.76
C PRO E 128 8.57 -15.01 38.06
N THR E 129 8.15 -13.98 37.35
CA THR E 129 6.89 -13.29 37.71
C THR E 129 5.76 -13.65 36.76
N GLN E 130 6.03 -14.52 35.81
CA GLN E 130 5.09 -14.82 34.72
C GLN E 130 4.61 -13.54 34.02
N ALA E 131 5.60 -12.72 33.60
CA ALA E 131 5.36 -11.53 32.82
C ALA E 131 4.78 -11.93 31.47
N THR E 132 3.72 -11.25 31.07
CA THR E 132 2.93 -11.64 29.90
C THR E 132 2.71 -10.42 29.02
N PRO E 133 2.88 -10.59 27.68
CA PRO E 133 2.64 -9.47 26.76
C PRO E 133 1.15 -9.11 26.72
N ILE E 134 0.86 -7.83 26.43
CA ILE E 134 -0.48 -7.24 26.52
C ILE E 134 -1.51 -7.99 25.70
N ASP E 135 -1.11 -8.43 24.51
CA ASP E 135 -2.03 -9.07 23.58
C ASP E 135 -2.47 -10.47 24.02
N LYS E 136 -1.77 -11.02 25.00
CA LYS E 136 -2.19 -12.28 25.60
C LYS E 136 -3.24 -12.07 26.68
N VAL E 137 -3.35 -10.83 27.17
CA VAL E 137 -4.27 -10.45 28.23
C VAL E 137 -5.50 -9.72 27.69
N ILE E 138 -5.28 -8.75 26.80
CA ILE E 138 -6.35 -8.03 26.11
C ILE E 138 -6.56 -8.61 24.70
N THR E 139 -7.75 -9.11 24.40
CA THR E 139 -7.97 -9.83 23.13
C THR E 139 -9.02 -9.20 22.23
N ASP E 140 -9.66 -8.15 22.71
CA ASP E 140 -10.84 -7.58 22.04
C ASP E 140 -10.59 -6.15 21.57
N LYS E 141 -9.32 -5.78 21.44
CA LYS E 141 -8.96 -4.43 21.04
C LYS E 141 -7.83 -4.49 20.04
N PRO E 142 -7.83 -3.55 19.08
CA PRO E 142 -6.69 -3.40 18.18
C PRO E 142 -5.42 -3.03 18.96
N ILE E 143 -4.37 -3.84 18.80
CA ILE E 143 -3.11 -3.57 19.47
C ILE E 143 -1.97 -3.41 18.49
N ILE E 144 -1.33 -2.24 18.52
CA ILE E 144 -0.22 -1.94 17.63
C ILE E 144 1.06 -2.19 18.40
N LYS E 145 1.82 -3.21 17.99
CA LYS E 145 3.09 -3.53 18.65
C LYS E 145 4.19 -2.66 18.09
N VAL E 146 4.88 -1.94 18.96
CA VAL E 146 6.04 -1.13 18.53
C VAL E 146 7.30 -1.65 19.24
N PRO E 147 7.80 -2.83 18.83
CA PRO E 147 8.85 -3.50 19.61
C PRO E 147 10.24 -2.84 19.49
N GLY E 148 11.20 -3.38 20.25
CA GLY E 148 12.51 -2.75 20.40
C GLY E 148 12.73 -2.40 21.87
N CYS E 149 13.98 -2.37 22.28
CA CYS E 149 14.29 -2.19 23.68
C CYS E 149 15.29 -1.06 23.90
N PRO E 150 14.82 0.17 23.80
CA PRO E 150 13.48 0.62 23.45
C PRO E 150 13.33 0.79 21.93
N PRO E 151 12.12 1.15 21.44
CA PRO E 151 12.05 1.50 20.02
C PRO E 151 12.81 2.79 19.75
N ILE E 152 13.11 3.04 18.48
CA ILE E 152 13.77 4.28 18.07
C ILE E 152 12.89 5.49 18.40
N PRO E 153 13.45 6.48 19.12
CA PRO E 153 12.71 7.69 19.51
C PRO E 153 11.89 8.29 18.37
N ASP E 154 12.50 8.51 17.21
CA ASP E 154 11.83 9.16 16.11
C ASP E 154 10.86 8.23 15.39
N VAL E 155 11.00 6.93 15.58
CA VAL E 155 10.00 5.98 15.11
C VAL E 155 8.72 6.08 15.95
N MET E 156 8.90 6.17 17.27
CA MET E 156 7.80 6.35 18.21
C MET E 156 7.00 7.59 17.87
N SER E 157 7.68 8.72 17.75
CA SER E 157 7.01 9.97 17.43
C SER E 157 6.38 9.96 16.03
N ALA E 158 7.06 9.34 15.06
CA ALA E 158 6.54 9.24 13.69
C ALA E 158 5.22 8.45 13.64
N ILE E 159 5.16 7.36 14.42
CA ILE E 159 3.93 6.57 14.54
C ILE E 159 2.82 7.39 15.19
N ILE E 160 3.16 8.17 16.21
CA ILE E 160 2.18 9.05 16.85
C ILE E 160 1.64 10.08 15.85
N THR E 161 2.54 10.78 15.18
CA THR E 161 2.14 11.81 14.22
C THR E 161 1.34 11.20 13.07
N TYR E 162 1.64 9.96 12.69
CA TYR E 162 0.89 9.30 11.63
C TYR E 162 -0.58 9.16 12.02
N MET E 163 -0.80 8.66 13.23
CA MET E 163 -2.13 8.39 13.73
C MET E 163 -2.96 9.67 13.96
N VAL E 164 -2.30 10.72 14.43
CA VAL E 164 -2.92 12.05 14.54
C VAL E 164 -3.24 12.68 13.16
N THR E 165 -2.24 12.90 12.33
CA THR E 165 -2.38 13.50 11.01
C THR E 165 -3.30 12.72 10.07
N PHE E 166 -3.09 11.41 9.92
CA PHE E 166 -3.89 10.61 9.00
C PHE E 166 -5.14 10.02 9.65
N ASP E 167 -5.29 10.24 10.96
CA ASP E 167 -6.48 9.85 11.70
C ASP E 167 -6.80 8.36 11.53
N ARG E 168 -5.77 7.52 11.61
CA ARG E 168 -5.93 6.08 11.43
C ARG E 168 -4.76 5.32 12.03
N LEU E 169 -4.95 4.02 12.28
CA LEU E 169 -3.87 3.15 12.71
C LEU E 169 -2.96 2.81 11.53
N PRO E 170 -1.65 2.70 11.78
CA PRO E 170 -0.74 2.33 10.72
C PRO E 170 -0.98 0.90 10.27
N ASP E 171 -0.71 0.59 9.01
CA ASP E 171 -0.87 -0.78 8.54
C ASP E 171 0.16 -1.64 9.24
N VAL E 172 -0.25 -2.86 9.57
CA VAL E 172 0.58 -3.73 10.38
C VAL E 172 0.76 -5.08 9.69
N ASP E 173 1.86 -5.75 10.01
CA ASP E 173 2.06 -7.14 9.61
C ASP E 173 1.11 -8.07 10.39
N ARG E 174 1.31 -9.37 10.22
CA ARG E 174 0.52 -10.37 10.95
C ARG E 174 0.86 -10.47 12.42
N MET E 175 1.95 -9.81 12.82
CA MET E 175 2.40 -9.75 14.20
C MET E 175 1.90 -8.48 14.88
N GLY E 176 1.29 -7.58 14.13
CA GLY E 176 0.81 -6.31 14.65
C GLY E 176 1.83 -5.18 14.71
N ARG E 177 2.93 -5.35 13.99
CA ARG E 177 3.96 -4.30 13.85
C ARG E 177 3.69 -3.40 12.64
N PRO E 178 3.84 -2.07 12.83
CA PRO E 178 3.71 -1.13 11.73
C PRO E 178 4.68 -1.46 10.59
N LEU E 179 4.14 -1.79 9.42
CA LEU E 179 4.92 -2.08 8.22
C LEU E 179 5.96 -1.03 7.89
N MET E 180 5.63 0.24 8.10
CA MET E 180 6.51 1.35 7.75
C MET E 180 7.92 1.22 8.32
N PHE E 181 8.04 0.81 9.58
CA PHE E 181 9.35 0.75 10.22
C PHE E 181 9.77 -0.69 10.53
N TYR E 182 8.86 -1.64 10.41
CA TYR E 182 9.18 -3.02 10.73
C TYR E 182 8.94 -3.99 9.58
N GLY E 183 8.81 -3.47 8.38
CA GLY E 183 8.58 -4.31 7.20
C GLY E 183 9.83 -4.98 6.66
N GLN E 184 10.99 -4.45 7.02
CA GLN E 184 12.25 -4.99 6.54
C GLN E 184 13.21 -5.33 7.66
N ARG E 185 14.21 -6.17 7.36
CA ARG E 185 15.17 -6.59 8.40
C ARG E 185 16.37 -5.62 8.49
N ILE E 186 16.97 -5.51 9.67
CA ILE E 186 18.18 -4.68 9.86
C ILE E 186 19.21 -5.00 8.79
N HIS E 187 19.39 -6.28 8.56
CA HIS E 187 20.34 -6.86 7.62
C HIS E 187 20.03 -6.49 6.17
N ASP E 188 18.81 -6.06 5.89
CA ASP E 188 18.48 -5.71 4.53
C ASP E 188 18.63 -4.23 4.23
N LYS E 189 19.10 -3.47 5.21
CA LYS E 189 19.41 -2.08 5.02
C LYS E 189 20.67 -1.70 5.77
N CYS E 190 21.56 -2.66 5.98
CA CYS E 190 22.77 -2.43 6.78
C CYS E 190 23.89 -1.96 5.90
N TYR E 191 24.53 -0.87 6.31
CA TYR E 191 25.58 -0.26 5.49
C TYR E 191 26.88 -1.10 5.47
N ARG E 192 26.87 -2.20 6.21
CA ARG E 192 27.99 -3.13 6.23
C ARG E 192 27.71 -4.39 5.43
N ARG E 193 26.61 -4.41 4.67
CA ARG E 193 26.27 -5.59 3.85
C ARG E 193 27.30 -5.93 2.81
N ALA E 194 28.01 -4.91 2.33
CA ALA E 194 29.09 -5.10 1.35
C ALA E 194 30.14 -6.07 1.90
N HIS E 195 30.53 -5.84 3.15
CA HIS E 195 31.49 -6.69 3.82
C HIS E 195 30.92 -8.09 4.08
N PHE E 196 29.66 -8.16 4.50
CA PHE E 196 28.99 -9.45 4.70
C PHE E 196 29.06 -10.30 3.43
N ASP E 197 28.67 -9.67 2.32
CA ASP E 197 28.57 -10.32 1.01
C ASP E 197 29.92 -10.66 0.41
N ALA E 198 30.95 -9.94 0.85
CA ALA E 198 32.32 -10.19 0.41
C ALA E 198 32.99 -11.26 1.25
N GLY E 199 32.45 -11.54 2.43
CA GLY E 199 33.09 -12.45 3.37
C GLY E 199 34.13 -11.73 4.22
N GLU E 200 33.89 -10.45 4.49
CA GLU E 200 34.81 -9.63 5.27
C GLU E 200 34.26 -9.35 6.67
N PHE E 201 34.81 -10.06 7.66
CA PHE E 201 34.22 -10.08 9.00
C PHE E 201 35.17 -9.66 10.10
N VAL E 202 34.66 -8.96 11.08
CA VAL E 202 35.35 -8.82 12.35
C VAL E 202 35.44 -10.22 12.98
N GLN E 203 36.63 -10.59 13.46
CA GLN E 203 36.78 -11.89 14.14
C GLN E 203 37.05 -11.76 15.63
N SER E 204 37.70 -10.68 16.03
CA SER E 204 37.79 -10.32 17.44
C SER E 204 37.73 -8.80 17.60
N TRP E 205 37.35 -8.34 18.79
CA TRP E 205 37.19 -6.91 19.03
C TRP E 205 38.46 -6.13 18.76
N ASP E 206 38.31 -4.99 18.11
CA ASP E 206 39.39 -4.05 17.86
C ASP E 206 40.49 -4.60 16.96
N ASP E 207 40.19 -5.64 16.17
CA ASP E 207 41.13 -6.08 15.13
C ASP E 207 41.10 -5.08 13.98
N ASP E 208 41.94 -5.30 12.98
CA ASP E 208 41.96 -4.40 11.81
C ASP E 208 40.64 -4.33 11.08
N ALA E 209 39.92 -5.46 11.05
CA ALA E 209 38.61 -5.56 10.42
C ALA E 209 37.62 -4.67 11.14
N ALA E 210 37.69 -4.65 12.47
CA ALA E 210 36.81 -3.79 13.25
C ALA E 210 37.10 -2.31 13.02
N ARG E 211 38.38 -1.97 12.86
CA ARG E 211 38.78 -0.58 12.65
C ARG E 211 38.47 -0.07 11.24
N LYS E 212 38.04 -0.98 10.36
CA LYS E 212 37.62 -0.63 9.00
C LYS E 212 36.10 -0.78 8.87
N GLY E 213 35.42 -1.15 9.95
CA GLY E 213 33.96 -1.25 9.96
C GLY E 213 33.43 -2.41 9.15
N TYR E 214 34.13 -3.54 9.22
CA TYR E 214 33.66 -4.78 8.61
C TYR E 214 32.44 -5.37 9.33
N CYS E 215 31.83 -6.36 8.69
CA CYS E 215 30.57 -6.95 9.14
C CYS E 215 30.77 -7.61 10.48
N LEU E 216 29.71 -7.62 11.28
CA LEU E 216 29.76 -8.14 12.63
C LEU E 216 29.02 -9.48 12.76
N TYR E 217 28.83 -10.16 11.64
CA TYR E 217 28.06 -11.40 11.60
C TYR E 217 28.68 -12.46 12.49
N LYS E 218 30.00 -12.53 12.45
CA LYS E 218 30.71 -13.56 13.20
C LYS E 218 30.84 -13.19 14.67
N MET E 219 30.57 -11.93 14.99
CA MET E 219 30.56 -11.49 16.38
C MET E 219 29.16 -11.66 16.99
N GLY E 220 28.26 -12.31 16.25
CA GLY E 220 26.95 -12.65 16.79
C GLY E 220 25.81 -11.72 16.42
N CYS E 221 26.04 -10.82 15.48
CA CYS E 221 25.01 -9.87 15.03
C CYS E 221 23.72 -10.56 14.59
N LYS E 222 22.61 -10.14 15.21
CA LYS E 222 21.33 -10.78 14.95
C LYS E 222 20.47 -9.99 13.96
N GLY E 223 21.11 -9.00 13.34
CA GLY E 223 20.58 -8.29 12.19
C GLY E 223 19.81 -9.11 11.15
N PRO E 224 20.35 -10.26 10.72
CA PRO E 224 19.65 -11.05 9.69
C PRO E 224 18.26 -11.57 10.07
N THR E 225 17.90 -11.48 11.35
CA THR E 225 16.62 -12.03 11.81
C THR E 225 15.79 -11.02 12.57
N THR E 226 16.22 -9.76 12.55
CA THR E 226 15.58 -8.70 13.33
C THR E 226 14.92 -7.64 12.43
N TYR E 227 13.61 -7.43 12.64
CA TYR E 227 12.86 -6.40 11.93
C TYR E 227 12.84 -5.11 12.74
N ASN E 228 13.34 -4.04 12.14
CA ASN E 228 13.39 -2.73 12.77
C ASN E 228 13.97 -1.72 11.78
N ALA E 229 14.06 -0.44 12.17
CA ALA E 229 14.48 0.62 11.25
C ALA E 229 15.84 1.19 11.58
N CYS E 230 16.58 0.52 12.47
CA CYS E 230 17.84 1.09 12.99
C CYS E 230 18.94 1.34 11.94
N SER E 231 18.96 0.50 10.90
CA SER E 231 19.97 0.64 9.84
C SER E 231 19.62 1.76 8.84
N SER E 232 18.37 2.27 8.88
CA SER E 232 17.97 3.34 7.99
C SER E 232 17.68 4.61 8.70
N THR E 233 16.73 4.57 9.62
CA THR E 233 16.36 5.74 10.40
C THR E 233 17.45 6.07 11.38
N ARG E 234 18.01 5.05 12.00
CA ARG E 234 19.08 5.18 12.98
C ARG E 234 18.62 5.82 14.29
N TRP E 235 19.55 6.08 15.19
CA TRP E 235 19.23 6.42 16.56
C TRP E 235 19.66 7.83 16.91
N ASN E 236 18.85 8.48 17.73
CA ASN E 236 19.20 9.77 18.33
C ASN E 236 19.53 10.83 17.30
N ASP E 237 18.55 11.11 16.44
CA ASP E 237 18.65 12.11 15.39
C ASP E 237 19.63 11.62 14.32
N GLY E 238 19.55 10.33 14.01
CA GLY E 238 20.35 9.73 12.96
C GLY E 238 21.84 9.71 13.23
N VAL E 239 22.24 9.89 14.49
CA VAL E 239 23.65 9.91 14.85
C VAL E 239 24.32 8.53 14.70
N SER E 240 23.67 7.48 15.20
CA SER E 240 24.23 6.13 15.08
C SER E 240 23.22 5.03 15.22
N PHE E 241 23.68 3.78 15.22
CA PHE E 241 22.92 2.61 15.67
C PHE E 241 23.92 1.54 16.10
N PRO E 242 23.48 0.52 16.86
CA PRO E 242 24.40 -0.49 17.43
C PRO E 242 25.55 -0.97 16.51
N ILE E 243 25.22 -1.42 15.30
CA ILE E 243 26.19 -1.93 14.35
C ILE E 243 27.20 -0.84 13.97
N GLN E 244 26.71 0.39 13.77
CA GLN E 244 27.60 1.48 13.37
C GLN E 244 28.65 1.79 14.43
N SER E 245 28.30 1.62 15.71
CA SER E 245 29.27 1.87 16.76
C SER E 245 30.04 0.60 17.13
N GLY E 246 29.90 -0.45 16.33
CA GLY E 246 30.77 -1.61 16.43
C GLY E 246 30.27 -2.82 17.20
N HIS E 247 29.00 -2.79 17.64
CA HIS E 247 28.42 -3.96 18.30
C HIS E 247 27.34 -4.57 17.41
N GLY E 248 27.27 -5.88 17.36
CA GLY E 248 26.27 -6.57 16.55
C GLY E 248 24.89 -6.42 17.14
N CYS E 249 23.87 -6.46 16.27
CA CYS E 249 22.47 -6.38 16.72
C CYS E 249 22.17 -7.52 17.69
N LEU E 250 21.57 -7.17 18.84
CA LEU E 250 21.15 -8.16 19.85
C LEU E 250 19.85 -8.85 19.44
N GLY E 251 19.12 -8.22 18.51
CA GLY E 251 17.81 -8.70 18.07
C GLY E 251 16.68 -8.17 18.94
N CYS E 252 16.91 -7.00 19.55
CA CYS E 252 16.06 -6.51 20.65
C CYS E 252 14.62 -6.17 20.26
N ALA E 253 14.35 -6.13 18.96
CA ALA E 253 12.99 -5.89 18.47
C ALA E 253 12.20 -7.18 18.31
N GLU E 254 12.86 -8.32 18.51
CA GLU E 254 12.25 -9.62 18.22
C GLU E 254 11.79 -10.39 19.46
N ASN E 255 10.69 -11.10 19.29
CA ASN E 255 10.10 -11.92 20.34
C ASN E 255 11.05 -12.94 20.96
N GLY E 256 11.26 -12.86 22.28
CA GLY E 256 12.12 -13.81 22.98
C GLY E 256 13.59 -13.78 22.57
N PHE E 257 14.08 -12.60 22.21
CA PHE E 257 15.46 -12.49 21.76
C PHE E 257 16.47 -12.77 22.89
N TRP E 258 16.06 -12.53 24.14
CA TRP E 258 16.93 -12.76 25.29
C TRP E 258 17.29 -14.25 25.42
N ASP E 259 16.39 -15.11 24.96
CA ASP E 259 16.60 -16.54 25.06
C ASP E 259 17.04 -17.21 23.75
N ARG E 260 17.57 -16.45 22.81
CA ARG E 260 18.00 -17.01 21.52
C ARG E 260 19.48 -17.38 21.46
N GLY E 261 19.99 -17.90 22.56
CA GLY E 261 21.40 -18.15 22.69
C GLY E 261 22.17 -16.88 23.01
N SER E 262 23.45 -17.03 23.31
CA SER E 262 24.32 -15.90 23.57
C SER E 262 24.31 -14.88 22.42
N PHE E 263 24.43 -13.60 22.80
CA PHE E 263 24.44 -12.51 21.84
C PHE E 263 25.68 -12.58 20.95
N TYR E 264 26.66 -13.29 21.46
CA TYR E 264 27.90 -13.41 20.77
C TYR E 264 28.03 -14.73 20.05
N SER E 265 26.91 -15.35 19.79
CA SER E 265 26.91 -16.56 19.01
C SER E 265 26.32 -16.24 17.66
N ARG E 266 26.98 -16.70 16.62
CA ARG E 266 26.51 -16.62 15.24
C ARG E 266 25.02 -16.99 15.12
N VAL E 267 24.30 -16.28 14.27
CA VAL E 267 22.91 -16.59 13.98
C VAL E 267 22.85 -17.74 12.96
N VAL E 268 21.78 -18.55 12.99
CA VAL E 268 21.73 -19.72 12.13
C VAL E 268 20.62 -19.74 11.10
N ASP E 269 20.85 -20.50 10.03
CA ASP E 269 19.90 -20.67 8.89
C ASP E 269 19.81 -19.41 8.01
N ILE E 270 20.80 -18.55 8.15
CA ILE E 270 20.97 -17.42 7.25
C ILE E 270 21.99 -17.81 6.18
N PRO E 271 21.58 -17.88 4.90
CA PRO E 271 22.52 -18.11 3.82
C PRO E 271 23.70 -17.15 3.86
N GLN E 272 24.91 -17.69 3.80
CA GLN E 272 26.12 -16.88 3.82
C GLN E 272 27.23 -17.43 2.94
N MET E 273 27.49 -16.72 1.84
CA MET E 273 28.52 -17.17 0.95
C MET E 273 29.21 -15.99 0.32
N GLY E 274 30.34 -15.59 0.90
CA GLY E 274 31.18 -14.46 0.47
C GLY E 274 31.61 -14.45 -1.00
N THR E 275 31.84 -13.28 -1.56
CA THR E 275 32.25 -13.20 -2.96
C THR E 275 33.74 -13.33 -3.04
N HIS E 276 34.43 -12.57 -2.23
CA HIS E 276 35.87 -12.54 -2.24
C HIS E 276 36.47 -13.59 -1.34
N SER E 277 35.75 -13.99 -0.30
CA SER E 277 36.23 -15.06 0.56
C SER E 277 36.15 -16.39 -0.20
N THR E 278 35.17 -16.56 -1.07
CA THR E 278 35.06 -17.77 -1.88
C THR E 278 36.05 -17.74 -3.00
N ALA E 279 36.17 -16.61 -3.66
CA ALA E 279 37.08 -16.53 -4.79
C ALA E 279 38.53 -16.50 -4.39
N ASP E 280 38.83 -16.09 -3.17
CA ASP E 280 40.19 -16.12 -2.69
C ASP E 280 40.58 -17.56 -2.47
N THR E 281 39.64 -18.36 -1.98
CA THR E 281 39.83 -19.77 -1.72
C THR E 281 39.97 -20.56 -3.00
N VAL E 282 39.10 -20.32 -3.98
CA VAL E 282 39.22 -21.02 -5.25
C VAL E 282 40.57 -20.70 -5.93
N GLY E 283 41.05 -19.48 -5.73
CA GLY E 283 42.33 -19.05 -6.29
C GLY E 283 43.50 -19.77 -5.68
N LEU E 284 43.58 -19.81 -4.36
CA LEU E 284 44.69 -20.44 -3.66
C LEU E 284 44.69 -21.95 -3.76
N THR E 285 43.50 -22.54 -3.78
CA THR E 285 43.37 -23.94 -4.13
C THR E 285 43.99 -24.23 -5.52
N ALA E 286 43.71 -23.40 -6.51
CA ALA E 286 44.26 -23.60 -7.84
C ALA E 286 45.76 -23.27 -7.89
N LEU E 287 46.15 -22.15 -7.29
CA LEU E 287 47.54 -21.70 -7.27
C LEU E 287 48.46 -22.67 -6.52
N GLY E 288 47.96 -23.31 -5.47
CA GLY E 288 48.77 -24.23 -4.70
C GLY E 288 48.90 -25.53 -5.44
N VAL E 289 47.84 -25.95 -6.11
CA VAL E 289 47.89 -27.14 -6.93
C VAL E 289 48.94 -26.92 -8.03
N VAL E 290 49.04 -25.70 -8.52
CA VAL E 290 50.01 -25.36 -9.56
C VAL E 290 51.43 -25.14 -9.01
N ALA E 291 51.61 -24.26 -8.03
CA ALA E 291 52.93 -23.95 -7.46
C ALA E 291 53.65 -25.17 -6.86
N ALA E 292 52.88 -26.10 -6.32
CA ALA E 292 53.43 -27.31 -5.73
C ALA E 292 53.88 -28.30 -6.81
N ALA E 293 53.21 -28.26 -7.96
CA ALA E 293 53.54 -29.13 -9.10
C ALA E 293 54.83 -28.67 -9.77
N VAL E 294 54.98 -27.35 -9.86
CA VAL E 294 56.21 -26.74 -10.36
C VAL E 294 57.32 -26.96 -9.35
N GLY E 295 57.04 -26.86 -8.08
CA GLY E 295 58.04 -27.13 -7.07
C GLY E 295 58.28 -26.01 -6.11
N VAL E 296 57.51 -24.95 -6.25
CA VAL E 296 57.75 -23.80 -5.41
C VAL E 296 56.71 -23.60 -4.30
N HIS E 297 56.37 -24.69 -3.61
CA HIS E 297 55.48 -24.63 -2.46
C HIS E 297 55.87 -23.56 -1.43
N ALA E 298 57.17 -23.28 -1.31
CA ALA E 298 57.69 -22.26 -0.41
C ALA E 298 57.15 -20.85 -0.75
N SER F 2 -0.99 -0.99 67.80
CA SER F 2 -0.41 0.35 67.54
C SER F 2 0.90 0.53 68.28
N THR F 3 2.01 0.44 67.54
CA THR F 3 3.33 0.51 68.14
C THR F 3 3.96 1.88 68.24
N GLN F 4 5.03 1.93 69.01
CA GLN F 4 5.79 3.13 69.23
C GLN F 4 7.10 2.65 69.82
N TYR F 5 8.21 3.04 69.20
CA TYR F 5 9.59 2.70 69.62
C TYR F 5 10.61 3.77 69.20
N GLU F 6 11.85 3.65 69.68
CA GLU F 6 12.91 4.64 69.40
C GLU F 6 13.92 4.04 68.46
N THR F 7 14.36 4.81 67.48
CA THR F 7 15.48 4.37 66.64
C THR F 7 16.13 5.56 65.97
N GLN F 8 17.46 5.56 65.96
CA GLN F 8 18.25 6.59 65.28
C GLN F 8 17.87 8.02 65.66
N GLY F 9 17.43 8.21 66.90
CA GLY F 9 16.99 9.52 67.35
C GLY F 9 15.54 9.83 67.02
N TYR F 10 14.85 8.90 66.37
CA TYR F 10 13.45 9.13 65.99
C TYR F 10 12.49 8.39 66.89
N THR F 11 11.30 8.96 67.02
CA THR F 11 10.23 8.26 67.70
C THR F 11 9.24 7.80 66.65
N ILE F 12 9.16 6.48 66.45
CA ILE F 12 8.29 5.89 65.43
C ILE F 12 6.95 5.53 66.04
N ASN F 13 5.92 6.27 65.66
CA ASN F 13 4.60 6.14 66.25
C ASN F 13 3.56 6.01 65.14
N ASN F 14 2.94 4.84 65.04
CA ASN F 14 1.93 4.62 64.02
C ASN F 14 0.50 4.78 64.52
N ALA F 15 0.33 5.53 65.61
CA ALA F 15 -0.99 6.00 66.06
C ALA F 15 -1.33 7.24 65.22
N GLY F 16 -2.56 7.71 65.26
CA GLY F 16 -2.91 8.90 64.50
C GLY F 16 -3.37 8.51 63.10
N ARG F 17 -3.77 9.50 62.32
CA ARG F 17 -4.34 9.27 61.00
C ARG F 17 -3.29 8.67 60.05
N ARG F 18 -3.70 7.69 59.23
CA ARG F 18 -2.84 7.04 58.22
C ARG F 18 -3.09 7.58 56.81
N LEU F 19 -2.03 8.10 56.18
CA LEU F 19 -2.14 8.65 54.83
C LEU F 19 -1.43 7.76 53.83
N VAL F 20 -2.07 7.53 52.68
CA VAL F 20 -1.50 6.65 51.66
C VAL F 20 -1.27 7.40 50.35
N VAL F 21 -0.05 7.36 49.85
CA VAL F 21 0.26 7.91 48.54
C VAL F 21 0.67 6.78 47.59
N ASP F 22 -0.27 6.33 46.77
CA ASP F 22 -0.07 5.23 45.83
C ASP F 22 -0.98 5.37 44.58
N PRO F 23 -0.39 5.66 43.41
CA PRO F 23 1.05 5.65 43.10
C PRO F 23 1.83 6.93 43.42
N ILE F 24 3.11 6.78 43.72
CA ILE F 24 4.02 7.91 43.70
C ILE F 24 4.33 8.22 42.24
N THR F 25 4.07 9.45 41.81
CA THR F 25 4.37 9.84 40.43
C THR F 25 5.65 10.67 40.32
N ARG F 26 6.03 10.98 39.08
CA ARG F 26 7.27 11.70 38.77
C ARG F 26 8.47 11.05 39.45
N ILE F 27 8.47 9.72 39.41
CA ILE F 27 9.60 8.89 39.76
C ILE F 27 9.70 7.82 38.70
N GLU F 28 10.79 7.07 38.73
CA GLU F 28 10.88 5.92 37.86
C GLU F 28 10.19 4.77 38.58
N GLY F 29 9.34 4.05 37.86
CA GLY F 29 8.83 2.77 38.37
C GLY F 29 7.75 2.91 39.41
N HIS F 30 7.60 1.88 40.25
CA HIS F 30 6.42 1.78 41.13
C HIS F 30 6.74 1.89 42.61
N MET F 31 6.20 2.91 43.27
CA MET F 31 6.40 3.08 44.71
C MET F 31 5.09 3.39 45.42
N ARG F 32 4.96 2.86 46.63
CA ARG F 32 3.86 3.20 47.53
C ARG F 32 4.43 3.78 48.82
N CYS F 33 3.84 4.86 49.30
CA CYS F 33 4.26 5.44 50.56
C CYS F 33 3.10 5.61 51.50
N GLU F 34 3.31 5.25 52.76
CA GLU F 34 2.31 5.44 53.80
C GLU F 34 2.93 6.19 54.96
N VAL F 35 2.17 7.11 55.54
CA VAL F 35 2.60 7.85 56.73
C VAL F 35 1.51 7.95 57.79
N ASN F 36 1.93 8.17 59.03
CA ASN F 36 1.02 8.53 60.10
C ASN F 36 1.34 9.93 60.56
N ILE F 37 0.30 10.73 60.77
CA ILE F 37 0.48 12.09 61.25
C ILE F 37 -0.27 12.32 62.56
N ASN F 38 0.31 13.12 63.43
CA ASN F 38 -0.32 13.40 64.69
C ASN F 38 -1.39 14.48 64.52
N ASP F 39 -1.70 15.17 65.60
CA ASP F 39 -2.71 16.22 65.61
C ASP F 39 -2.22 17.60 65.14
N GLN F 40 -0.90 17.78 65.08
CA GLN F 40 -0.29 18.99 64.51
C GLN F 40 0.09 18.73 63.06
N ASN F 41 -0.44 17.64 62.50
CA ASN F 41 -0.20 17.30 61.11
C ASN F 41 1.27 17.00 60.85
N VAL F 42 1.94 16.49 61.86
CA VAL F 42 3.35 16.13 61.74
C VAL F 42 3.47 14.63 61.53
N ILE F 43 4.33 14.24 60.61
CA ILE F 43 4.59 12.81 60.34
C ILE F 43 5.33 12.14 61.49
N THR F 44 4.73 11.10 62.05
CA THR F 44 5.29 10.39 63.19
C THR F 44 5.69 8.98 62.80
N ASN F 45 5.36 8.61 61.58
CA ASN F 45 5.68 7.29 61.05
C ASN F 45 5.74 7.37 59.53
N ALA F 46 6.72 6.71 58.92
CA ALA F 46 6.85 6.70 57.45
C ALA F 46 7.14 5.30 56.93
N VAL F 47 6.46 4.94 55.84
CA VAL F 47 6.55 3.59 55.29
C VAL F 47 6.90 3.63 53.79
N SER F 48 8.09 3.13 53.45
CA SER F 48 8.54 3.08 52.05
C SER F 48 8.30 1.71 51.47
N CYS F 49 7.58 1.66 50.37
CA CYS F 49 7.25 0.39 49.75
C CYS F 49 7.52 0.39 48.24
N GLY F 50 8.34 -0.57 47.79
CA GLY F 50 8.56 -0.82 46.38
C GLY F 50 7.51 -1.79 45.88
N THR F 51 6.74 -1.36 44.90
CA THR F 51 5.57 -2.11 44.48
C THR F 51 5.79 -2.83 43.15
N MET F 52 7.03 -3.18 42.84
CA MET F 52 7.35 -3.92 41.63
C MET F 52 8.50 -4.89 41.85
N PHE F 53 8.52 -5.96 41.06
CA PHE F 53 9.63 -6.90 41.03
C PHE F 53 9.73 -7.63 39.70
N ARG F 54 10.94 -7.77 39.19
CA ARG F 54 11.15 -8.49 37.95
C ARG F 54 12.00 -9.77 38.10
N GLY F 55 13.09 -9.67 38.84
CA GLY F 55 13.89 -10.83 39.14
C GLY F 55 15.09 -11.09 38.27
N LEU F 56 15.85 -10.04 38.00
CA LEU F 56 16.98 -10.16 37.11
C LEU F 56 18.08 -11.03 37.68
N GLU F 57 18.26 -11.00 38.99
CA GLU F 57 19.23 -11.84 39.65
C GLU F 57 18.92 -13.32 39.42
N ILE F 58 17.67 -13.65 39.14
CA ILE F 58 17.27 -15.04 38.90
C ILE F 58 17.46 -15.37 37.44
N ILE F 59 17.13 -14.40 36.60
CA ILE F 59 17.19 -14.54 35.14
C ILE F 59 18.64 -14.70 34.63
N LEU F 60 19.59 -14.14 35.37
CA LEU F 60 21.01 -14.19 34.98
C LEU F 60 21.72 -15.53 35.24
N GLN F 61 21.04 -16.46 35.90
CA GLN F 61 21.62 -17.76 36.23
C GLN F 61 21.75 -18.64 35.01
N GLY F 62 22.96 -19.20 34.82
CA GLY F 62 23.24 -20.08 33.69
C GLY F 62 23.74 -19.37 32.46
N ARG F 63 23.75 -18.04 32.49
CA ARG F 63 24.06 -17.22 31.32
C ARG F 63 25.55 -17.07 31.14
N ASP F 64 25.97 -16.61 29.97
CA ASP F 64 27.34 -16.36 29.71
C ASP F 64 27.63 -14.97 30.25
N PRO F 65 28.60 -14.88 31.14
CA PRO F 65 29.05 -13.62 31.77
C PRO F 65 29.26 -12.46 30.77
N ARG F 66 29.64 -12.78 29.52
CA ARG F 66 29.83 -11.75 28.50
C ARG F 66 28.49 -11.11 28.05
N ASP F 67 27.39 -11.82 28.25
CA ASP F 67 26.07 -11.29 27.92
C ASP F 67 25.44 -10.51 29.07
N ALA F 68 26.03 -10.59 30.25
CA ALA F 68 25.44 -10.06 31.47
C ALA F 68 25.06 -8.57 31.41
N TRP F 69 25.99 -7.74 30.93
CA TRP F 69 25.79 -6.29 30.84
C TRP F 69 24.48 -5.93 30.14
N ALA F 70 24.10 -6.73 29.15
CA ALA F 70 22.93 -6.46 28.33
C ALA F 70 21.63 -6.67 29.10
N PHE F 71 21.58 -7.76 29.87
CA PHE F 71 20.42 -8.04 30.74
C PHE F 71 20.28 -6.98 31.82
N VAL F 72 21.36 -6.74 32.57
CA VAL F 72 21.30 -5.85 33.73
C VAL F 72 21.15 -4.37 33.36
N GLU F 73 21.52 -4.01 32.15
CA GLU F 73 21.31 -2.62 31.71
C GLU F 73 19.82 -2.31 31.77
N ARG F 74 19.01 -3.33 31.46
CA ARG F 74 17.55 -3.21 31.41
C ARG F 74 16.90 -3.20 32.79
N ILE F 75 17.72 -3.15 33.83
CA ILE F 75 17.21 -2.89 35.18
C ILE F 75 16.54 -1.52 35.20
N CYS F 76 17.11 -0.56 34.47
CA CYS F 76 16.60 0.81 34.43
C CYS F 76 16.93 1.54 33.12
N GLY F 77 15.92 2.14 32.51
CA GLY F 77 16.08 2.94 31.32
C GLY F 77 16.42 4.40 31.62
N VAL F 78 16.22 4.81 32.87
CA VAL F 78 16.52 6.20 33.29
C VAL F 78 18.00 6.36 33.57
N CYS F 79 18.52 5.55 34.50
CA CYS F 79 19.97 5.48 34.74
C CYS F 79 20.61 4.52 33.75
N THR F 80 20.26 4.66 32.47
CA THR F 80 20.66 3.68 31.47
C THR F 80 22.18 3.67 31.24
N GLY F 81 22.75 2.47 31.29
CA GLY F 81 24.18 2.33 31.07
C GLY F 81 25.00 2.06 32.31
N VAL F 82 24.56 2.56 33.46
CA VAL F 82 25.33 2.42 34.70
C VAL F 82 25.44 0.96 35.19
N HIS F 83 24.37 0.19 35.01
CA HIS F 83 24.36 -1.22 35.37
C HIS F 83 25.24 -2.02 34.43
N ALA F 84 25.26 -1.63 33.15
CA ALA F 84 26.18 -2.21 32.16
C ALA F 84 27.65 -1.99 32.52
N LEU F 85 27.97 -0.76 32.94
CA LEU F 85 29.31 -0.40 33.40
C LEU F 85 29.70 -1.21 34.62
N ALA F 86 28.78 -1.32 35.59
CA ALA F 86 28.99 -2.15 36.79
C ALA F 86 29.17 -3.62 36.42
N SER F 87 28.40 -4.08 35.44
CA SER F 87 28.46 -5.46 35.00
C SER F 87 29.80 -5.83 34.39
N VAL F 88 30.29 -5.02 33.45
CA VAL F 88 31.60 -5.28 32.87
C VAL F 88 32.71 -5.13 33.92
N TYR F 89 32.58 -4.17 34.83
CA TYR F 89 33.50 -4.05 35.94
C TYR F 89 33.62 -5.38 36.69
N ALA F 90 32.47 -5.95 37.08
CA ALA F 90 32.40 -7.18 37.87
C ALA F 90 32.98 -8.40 37.13
N ILE F 91 32.57 -8.59 35.89
CA ILE F 91 33.01 -9.75 35.12
C ILE F 91 34.50 -9.67 34.83
N GLU F 92 34.98 -8.46 34.55
CA GLU F 92 36.40 -8.22 34.38
C GLU F 92 37.17 -8.45 35.70
N ASP F 93 36.54 -8.14 36.82
CA ASP F 93 37.15 -8.34 38.12
C ASP F 93 37.29 -9.83 38.41
N ALA F 94 36.23 -10.58 38.12
CA ALA F 94 36.20 -12.01 38.34
C ALA F 94 37.27 -12.74 37.52
N ILE F 95 37.29 -12.49 36.22
CA ILE F 95 38.17 -13.18 35.30
C ILE F 95 39.60 -12.65 35.39
N GLY F 96 39.77 -11.37 35.69
CA GLY F 96 41.07 -10.75 35.77
C GLY F 96 41.46 -10.12 34.44
N ILE F 97 40.56 -9.31 33.88
CA ILE F 97 40.79 -8.64 32.62
C ILE F 97 41.18 -7.19 32.88
N LYS F 98 42.19 -6.69 32.14
CA LYS F 98 42.53 -5.28 32.19
C LYS F 98 42.17 -4.64 30.86
N VAL F 99 41.38 -3.58 30.89
CA VAL F 99 40.97 -2.90 29.66
C VAL F 99 41.97 -1.81 29.25
N PRO F 100 42.07 -1.50 27.94
CA PRO F 100 42.96 -0.42 27.49
C PRO F 100 42.53 0.95 28.01
N ASP F 101 43.46 1.91 28.03
CA ASP F 101 43.22 3.24 28.56
C ASP F 101 42.03 3.95 27.90
N ASN F 102 41.97 3.90 26.58
CA ASN F 102 40.87 4.53 25.84
C ASN F 102 39.53 3.93 26.22
N ALA F 103 39.49 2.62 26.45
CA ALA F 103 38.26 1.96 26.87
C ALA F 103 37.81 2.52 28.22
N ASN F 104 38.75 2.74 29.12
CA ASN F 104 38.44 3.28 30.44
C ASN F 104 37.96 4.72 30.32
N ILE F 105 38.69 5.51 29.55
CA ILE F 105 38.31 6.92 29.32
C ILE F 105 36.91 7.05 28.72
N ILE F 106 36.62 6.24 27.69
CA ILE F 106 35.29 6.21 27.05
C ILE F 106 34.20 5.81 28.05
N ARG F 107 34.49 4.82 28.90
CA ARG F 107 33.54 4.38 29.90
C ARG F 107 33.27 5.48 30.92
N ASN F 108 34.31 6.20 31.32
CA ASN F 108 34.13 7.39 32.17
C ASN F 108 33.28 8.48 31.48
N ILE F 109 33.48 8.66 30.18
CA ILE F 109 32.68 9.58 29.38
C ILE F 109 31.22 9.14 29.40
N MET F 110 30.96 7.86 29.16
CA MET F 110 29.61 7.33 29.19
C MET F 110 28.92 7.64 30.54
N LEU F 111 29.63 7.43 31.64
CA LEU F 111 29.09 7.69 32.96
C LEU F 111 28.82 9.18 33.20
N ALA F 112 29.78 10.02 32.85
CA ALA F 112 29.64 11.46 33.03
C ALA F 112 28.47 11.99 32.22
N THR F 113 28.35 11.48 31.00
CA THR F 113 27.25 11.82 30.10
C THR F 113 25.92 11.49 30.81
N LEU F 114 25.87 10.30 31.41
CA LEU F 114 24.67 9.86 32.11
C LEU F 114 24.34 10.76 33.29
N TRP F 115 25.36 11.08 34.08
CA TRP F 115 25.21 12.00 35.20
C TRP F 115 24.59 13.31 34.72
N CYS F 116 25.15 13.88 33.65
CA CYS F 116 24.66 15.15 33.15
C CYS F 116 23.17 15.07 32.75
N HIS F 117 22.83 14.06 31.93
CA HIS F 117 21.48 13.89 31.42
C HIS F 117 20.46 13.57 32.52
N ASP F 118 20.82 12.62 33.39
CA ASP F 118 19.92 12.15 34.42
C ASP F 118 19.60 13.26 35.42
N HIS F 119 20.63 13.96 35.89
CA HIS F 119 20.47 15.06 36.83
C HIS F 119 19.64 16.20 36.25
N LEU F 120 19.84 16.48 34.96
CA LEU F 120 19.11 17.54 34.29
C LEU F 120 17.60 17.22 34.19
N VAL F 121 17.28 16.01 33.73
CA VAL F 121 15.89 15.60 33.53
C VAL F 121 15.14 15.50 34.86
N HIS F 122 15.81 14.99 35.88
CA HIS F 122 15.20 14.92 37.19
C HIS F 122 14.83 16.29 37.75
N PHE F 123 15.78 17.22 37.71
CA PHE F 123 15.58 18.58 38.22
C PHE F 123 14.33 19.23 37.64
N TYR F 124 14.12 19.13 36.34
CA TYR F 124 12.97 19.78 35.70
C TYR F 124 11.74 18.89 35.56
N GLN F 125 11.89 17.75 34.88
CA GLN F 125 10.74 16.88 34.57
C GLN F 125 10.22 16.07 35.74
N LEU F 126 11.07 15.76 36.72
CA LEU F 126 10.64 14.95 37.86
C LEU F 126 10.40 15.75 39.12
N ALA F 127 11.47 16.37 39.63
CA ALA F 127 11.39 17.17 40.86
C ALA F 127 10.82 18.60 40.69
N GLY F 128 10.93 19.14 39.49
CA GLY F 128 10.63 20.54 39.21
C GLY F 128 9.29 21.10 39.68
N MET F 129 8.22 20.38 39.33
CA MET F 129 6.87 20.87 39.61
C MET F 129 6.50 20.84 41.10
N ASP F 130 7.40 20.35 41.95
CA ASP F 130 7.20 20.42 43.39
C ASP F 130 7.49 21.82 43.86
N TRP F 131 8.30 22.53 43.09
CA TRP F 131 8.85 23.83 43.48
C TRP F 131 8.32 24.94 42.60
N ILE F 132 8.05 24.60 41.35
CA ILE F 132 7.50 25.54 40.38
C ILE F 132 5.97 25.39 40.29
N ASP F 133 5.25 26.46 40.61
CA ASP F 133 3.80 26.50 40.40
C ASP F 133 3.50 26.87 38.95
N VAL F 134 3.21 25.87 38.13
CA VAL F 134 3.05 26.05 36.70
C VAL F 134 1.90 26.99 36.37
N LEU F 135 0.78 26.82 37.05
CA LEU F 135 -0.40 27.63 36.79
C LEU F 135 -0.24 29.07 37.30
N ASP F 136 0.61 29.25 38.30
CA ASP F 136 0.90 30.59 38.81
C ASP F 136 1.70 31.42 37.77
N ALA F 137 2.42 30.73 36.89
CA ALA F 137 3.17 31.37 35.80
C ALA F 137 2.27 32.21 34.89
N LEU F 138 0.99 31.84 34.82
CA LEU F 138 0.00 32.56 34.03
C LEU F 138 -0.24 33.96 34.55
N LYS F 139 0.25 34.23 35.76
CA LYS F 139 0.10 35.51 36.45
C LYS F 139 1.39 36.27 36.53
N ALA F 140 2.39 35.80 35.82
CA ALA F 140 3.68 36.47 35.76
C ALA F 140 3.70 37.61 34.77
N ASP F 141 4.38 38.69 35.14
CA ASP F 141 4.72 39.74 34.19
C ASP F 141 5.99 39.39 33.36
N PRO F 142 5.82 39.19 32.03
CA PRO F 142 6.91 38.86 31.13
C PRO F 142 8.15 39.74 31.32
N ARG F 143 7.96 41.05 31.45
CA ARG F 143 9.05 42.01 31.68
C ARG F 143 9.84 41.77 32.97
N LYS F 144 9.12 41.61 34.08
CA LYS F 144 9.74 41.31 35.37
C LYS F 144 10.39 39.94 35.35
N THR F 145 9.79 39.02 34.60
CA THR F 145 10.37 37.68 34.39
C THR F 145 11.73 37.77 33.69
N SER F 146 11.78 38.53 32.60
CA SER F 146 13.02 38.82 31.88
C SER F 146 14.08 39.44 32.80
N GLU F 147 13.68 40.46 33.55
CA GLU F 147 14.57 41.17 34.48
C GLU F 147 15.15 40.22 35.53
N LEU F 148 14.31 39.31 36.05
CA LEU F 148 14.73 38.30 37.02
C LEU F 148 15.76 37.35 36.41
N ALA F 149 15.40 36.74 35.29
CA ALA F 149 16.28 35.78 34.60
C ALA F 149 17.62 36.40 34.28
N GLN F 150 17.57 37.65 33.80
CA GLN F 150 18.78 38.39 33.45
C GLN F 150 19.61 38.80 34.65
N SER F 151 18.99 38.87 35.81
CA SER F 151 19.73 39.18 37.03
C SER F 151 20.42 37.94 37.58
N LEU F 152 20.01 36.77 37.12
CA LEU F 152 20.57 35.53 37.66
C LEU F 152 21.62 34.89 36.76
N SER F 153 21.51 35.11 35.45
CA SER F 153 22.28 34.32 34.50
C SER F 153 22.64 35.09 33.24
N SER F 154 23.68 34.62 32.56
CA SER F 154 24.07 35.18 31.28
C SER F 154 23.46 34.40 30.11
N TRP F 155 22.61 33.43 30.42
CA TRP F 155 21.88 32.68 29.41
C TRP F 155 21.20 33.63 28.43
N PRO F 156 21.35 33.39 27.12
CA PRO F 156 20.84 34.31 26.12
C PRO F 156 19.31 34.44 26.09
N LYS F 157 18.62 33.31 26.22
CA LYS F 157 17.17 33.26 26.05
C LYS F 157 16.45 33.86 27.26
N SER F 158 16.22 35.17 27.22
CA SER F 158 15.63 35.88 28.35
C SER F 158 14.80 37.12 27.99
N SER F 159 14.40 37.26 26.73
CA SER F 159 13.68 38.47 26.31
C SER F 159 12.26 38.44 26.82
N PRO F 160 11.69 39.62 27.14
CA PRO F 160 10.30 39.76 27.53
C PRO F 160 9.35 39.07 26.53
N GLY F 161 9.63 39.22 25.24
CA GLY F 161 8.83 38.60 24.20
C GLY F 161 8.86 37.10 24.30
N TYR F 162 10.03 36.55 24.62
CA TYR F 162 10.19 35.12 24.75
C TYR F 162 9.30 34.57 25.86
N PHE F 163 9.39 35.18 27.05
CA PHE F 163 8.61 34.74 28.19
C PHE F 163 7.11 34.93 27.97
N PHE F 164 6.76 36.02 27.27
CA PHE F 164 5.39 36.26 26.86
C PHE F 164 4.91 35.11 25.99
N ASP F 165 5.71 34.73 25.01
CA ASP F 165 5.36 33.62 24.12
C ASP F 165 5.14 32.32 24.86
N VAL F 166 6.02 32.02 25.82
CA VAL F 166 5.88 30.82 26.64
C VAL F 166 4.60 30.88 27.45
N GLN F 167 4.38 32.02 28.09
CA GLN F 167 3.18 32.24 28.89
C GLN F 167 1.93 32.08 28.06
N ASN F 168 2.04 32.51 26.82
CA ASN F 168 0.95 32.41 25.89
C ASN F 168 0.65 31.02 25.43
N ARG F 169 1.67 30.21 25.22
CA ARG F 169 1.45 28.87 24.77
C ARG F 169 0.82 28.08 25.92
N LEU F 170 1.28 28.37 27.13
CA LEU F 170 0.67 27.80 28.32
C LEU F 170 -0.82 28.16 28.44
N LYS F 171 -1.11 29.43 28.22
CA LYS F 171 -2.45 29.95 28.25
C LYS F 171 -3.34 29.17 27.33
N LYS F 172 -2.92 29.01 26.09
CA LYS F 172 -3.73 28.31 25.10
C LYS F 172 -3.83 26.81 25.36
N PHE F 173 -2.86 26.27 26.08
CA PHE F 173 -2.85 24.86 26.45
C PHE F 173 -3.94 24.56 27.46
N VAL F 174 -4.06 25.42 28.46
CA VAL F 174 -5.06 25.25 29.48
C VAL F 174 -6.47 25.73 29.14
N GLU F 175 -6.60 26.84 28.42
CA GLU F 175 -7.92 27.36 28.02
C GLU F 175 -8.91 26.33 27.53
N GLY F 176 -8.41 25.24 26.96
CA GLY F 176 -9.26 24.18 26.46
C GLY F 176 -9.75 23.19 27.50
N GLY F 177 -9.13 23.20 28.68
CA GLY F 177 -9.52 22.30 29.75
C GLY F 177 -8.74 21.03 29.75
N GLN F 178 -7.92 20.85 28.75
CA GLN F 178 -7.07 19.66 28.65
C GLN F 178 -5.70 19.96 29.25
N LEU F 179 -5.63 19.93 30.58
CA LEU F 179 -4.43 20.32 31.31
C LEU F 179 -3.33 19.25 31.31
N GLY F 180 -3.67 18.07 30.81
CA GLY F 180 -2.73 16.97 30.65
C GLY F 180 -2.00 16.62 31.92
N ILE F 181 -0.68 16.77 31.89
CA ILE F 181 0.18 16.46 33.03
C ILE F 181 0.08 17.46 34.19
N PHE F 182 -0.55 18.59 33.96
CA PHE F 182 -0.71 19.62 34.99
C PHE F 182 -1.99 19.48 35.75
N ARG F 183 -2.83 18.61 35.27
CA ARG F 183 -4.10 18.42 35.90
C ARG F 183 -4.12 17.79 37.25
N ASN F 184 -5.01 18.33 38.07
CA ASN F 184 -5.28 17.87 39.41
C ASN F 184 -4.03 18.01 40.27
N GLY F 185 -3.19 18.95 39.86
CA GLY F 185 -1.96 19.21 40.56
C GLY F 185 -2.19 19.93 41.85
N TYR F 186 -1.10 20.25 42.50
CA TYR F 186 -1.15 20.87 43.81
C TYR F 186 -0.99 22.37 43.77
N TRP F 187 -1.36 22.96 42.63
CA TRP F 187 -1.15 24.38 42.35
C TRP F 187 -1.90 25.20 43.35
N GLY F 188 -1.22 26.19 43.91
CA GLY F 188 -1.81 27.07 44.92
C GLY F 188 -1.60 26.64 46.35
N HIS F 189 -0.98 25.48 46.53
CA HIS F 189 -0.59 25.00 47.85
C HIS F 189 0.30 26.04 48.53
N PRO F 190 0.07 26.30 49.82
CA PRO F 190 0.78 27.37 50.54
C PRO F 190 2.30 27.23 50.53
N GLN F 191 2.80 26.00 50.29
CA GLN F 191 4.23 25.75 50.24
C GLN F 191 4.90 26.22 48.94
N TYR F 192 4.09 26.53 47.92
CA TYR F 192 4.61 27.16 46.71
C TYR F 192 4.96 28.60 47.04
N LYS F 193 6.24 28.94 46.97
CA LYS F 193 6.75 30.21 47.48
C LYS F 193 7.42 31.09 46.42
N LEU F 194 7.53 30.60 45.19
CA LEU F 194 8.09 31.40 44.13
C LEU F 194 7.13 32.51 43.74
N PRO F 195 7.66 33.71 43.45
CA PRO F 195 6.84 34.74 42.82
C PRO F 195 6.48 34.32 41.39
N PRO F 196 5.37 34.79 40.83
CA PRO F 196 4.96 34.37 39.48
C PRO F 196 6.04 34.48 38.42
N GLU F 197 6.88 35.51 38.50
CA GLU F 197 7.97 35.69 37.56
C GLU F 197 8.96 34.56 37.64
N ALA F 198 9.19 34.02 38.84
CA ALA F 198 10.10 32.89 39.01
C ALA F 198 9.48 31.62 38.46
N ASN F 199 8.16 31.47 38.58
CA ASN F 199 7.46 30.30 38.06
C ASN F 199 7.51 30.25 36.54
N LEU F 200 7.29 31.40 35.91
CA LEU F 200 7.35 31.50 34.46
C LEU F 200 8.74 31.17 33.96
N MET F 201 9.75 31.76 34.61
CA MET F 201 11.15 31.47 34.30
C MET F 201 11.42 29.97 34.45
N GLY F 202 11.00 29.40 35.57
CA GLY F 202 11.13 27.98 35.83
C GLY F 202 10.49 27.12 34.76
N PHE F 203 9.26 27.43 34.39
CA PHE F 203 8.52 26.63 33.43
C PHE F 203 9.12 26.72 32.03
N ALA F 204 9.55 27.92 31.65
CA ALA F 204 10.26 28.14 30.40
C ALA F 204 11.50 27.24 30.32
N HIS F 205 12.25 27.18 31.43
CA HIS F 205 13.45 26.36 31.51
C HIS F 205 13.14 24.86 31.54
N TYR F 206 12.01 24.50 32.16
CA TYR F 206 11.49 23.14 32.06
C TYR F 206 11.37 22.70 30.59
N LEU F 207 10.77 23.54 29.76
CA LEU F 207 10.61 23.26 28.34
C LEU F 207 11.95 23.23 27.62
N GLU F 208 12.82 24.18 27.94
CA GLU F 208 14.17 24.20 27.33
C GLU F 208 14.97 22.95 27.66
N ALA F 209 14.77 22.43 28.87
CA ALA F 209 15.48 21.25 29.33
C ALA F 209 14.93 20.01 28.68
N LEU F 210 13.62 19.96 28.52
CA LEU F 210 12.99 18.81 27.88
C LEU F 210 13.51 18.66 26.45
N ASP F 211 13.66 19.81 25.76
CA ASP F 211 14.24 19.86 24.40
C ASP F 211 15.68 19.41 24.41
N PHE F 212 16.49 20.07 25.24
CA PHE F 212 17.92 19.94 25.15
C PHE F 212 18.45 18.59 25.60
N GLN F 213 17.76 17.94 26.53
CA GLN F 213 18.26 16.70 27.12
C GLN F 213 18.53 15.63 26.06
N ARG F 214 17.73 15.66 24.98
CA ARG F 214 17.88 14.73 23.84
C ARG F 214 19.27 14.81 23.17
N GLU F 215 19.89 15.99 23.22
CA GLU F 215 21.19 16.23 22.60
C GLU F 215 22.32 15.59 23.39
N ILE F 216 22.26 15.71 24.70
CA ILE F 216 23.30 15.16 25.57
C ILE F 216 23.64 13.69 25.27
N VAL F 217 22.62 12.86 25.11
CA VAL F 217 22.81 11.43 24.93
C VAL F 217 23.38 11.04 23.57
N LYS F 218 23.53 12.02 22.68
CA LYS F 218 24.21 11.75 21.40
C LYS F 218 25.63 11.20 21.62
N ILE F 219 26.26 11.59 22.73
CA ILE F 219 27.56 11.10 23.12
C ILE F 219 27.51 9.58 23.33
N HIS F 220 26.44 9.11 23.98
CA HIS F 220 26.19 7.67 24.14
C HIS F 220 25.97 7.01 22.78
N ALA F 221 25.32 7.73 21.87
CA ALA F 221 25.06 7.20 20.53
C ALA F 221 26.38 6.92 19.78
N VAL F 222 27.31 7.87 19.88
CA VAL F 222 28.59 7.74 19.20
C VAL F 222 29.37 6.52 19.70
N PHE F 223 29.57 6.43 21.01
CA PHE F 223 30.43 5.39 21.58
C PHE F 223 29.69 4.09 21.81
N GLY F 224 28.36 4.19 21.97
CA GLY F 224 27.56 3.05 22.39
C GLY F 224 26.44 2.68 21.45
N GLY F 225 26.34 3.38 20.32
CA GLY F 225 25.36 3.01 19.32
C GLY F 225 23.98 3.62 19.48
N LYS F 226 23.51 3.76 20.73
CA LYS F 226 22.13 4.19 20.98
C LYS F 226 21.88 4.60 22.41
N ASN F 227 20.91 5.49 22.58
CA ASN F 227 20.41 5.80 23.90
C ASN F 227 18.90 5.94 23.86
N PRO F 228 18.17 5.32 24.81
CA PRO F 228 18.63 4.51 25.95
C PRO F 228 19.23 3.16 25.58
N HIS F 229 19.98 2.61 26.56
CA HIS F 229 20.61 1.26 26.50
C HIS F 229 21.72 1.10 25.46
N PRO F 230 22.82 1.84 25.62
CA PRO F 230 23.97 1.68 24.73
C PRO F 230 24.63 0.28 24.83
N ASN F 231 25.57 0.00 23.93
CA ASN F 231 26.25 -1.27 23.97
C ASN F 231 27.69 -1.21 24.56
N TRP F 232 28.11 -2.32 25.17
CA TRP F 232 29.38 -2.42 25.91
C TRP F 232 29.97 -3.79 25.61
N ILE F 233 31.22 -4.00 25.97
CA ILE F 233 31.78 -5.35 25.94
C ILE F 233 32.66 -5.61 27.17
N VAL F 234 32.74 -6.87 27.54
CA VAL F 234 33.71 -7.31 28.53
C VAL F 234 35.08 -7.26 27.88
N GLY F 235 35.97 -6.46 28.46
CA GLY F 235 37.28 -6.25 27.86
C GLY F 235 37.51 -4.86 27.29
N GLY F 236 36.47 -4.04 27.22
CA GLY F 236 36.60 -2.64 26.83
C GLY F 236 35.33 -2.02 26.28
N MET F 237 35.44 -1.49 25.06
CA MET F 237 34.29 -0.98 24.34
C MET F 237 34.36 -1.47 22.91
N PRO F 238 33.20 -1.65 22.22
CA PRO F 238 33.20 -2.16 20.84
C PRO F 238 33.41 -1.07 19.81
N CYS F 239 33.41 0.19 20.27
CA CYS F 239 33.62 1.31 19.37
C CYS F 239 35.09 1.45 18.97
N ALA F 240 35.54 0.64 18.00
CA ALA F 240 36.91 0.72 17.45
C ALA F 240 37.27 2.13 16.92
N ILE F 241 38.51 2.55 17.12
CA ILE F 241 38.92 3.88 16.71
C ILE F 241 39.86 3.85 15.51
N ASN F 242 39.59 4.70 14.52
CA ASN F 242 40.43 4.86 13.35
C ASN F 242 40.39 6.31 12.91
N ILE F 243 41.51 7.00 13.09
CA ILE F 243 41.60 8.43 12.78
C ILE F 243 42.22 8.69 11.41
N ASP F 244 43.31 8.02 11.08
CA ASP F 244 44.15 8.41 9.96
C ASP F 244 44.34 7.30 8.92
N GLU F 245 43.55 6.25 9.02
CA GLU F 245 43.70 5.10 8.12
C GLU F 245 42.48 4.87 7.22
N SER F 246 42.69 4.13 6.14
CA SER F 246 41.64 3.66 5.26
C SER F 246 40.54 2.97 6.05
N GLY F 247 39.30 3.29 5.73
CA GLY F 247 38.17 2.67 6.40
C GLY F 247 37.78 3.36 7.71
N ALA F 248 38.39 4.52 7.99
CA ALA F 248 38.01 5.33 9.15
C ALA F 248 36.54 5.69 9.16
N VAL F 249 35.90 5.65 7.99
CA VAL F 249 34.46 5.88 7.88
C VAL F 249 33.65 4.84 8.63
N GLY F 250 34.26 3.68 8.90
CA GLY F 250 33.59 2.57 9.56
C GLY F 250 33.90 2.49 11.05
N ALA F 251 34.44 3.57 11.61
CA ALA F 251 34.90 3.57 13.00
C ALA F 251 34.74 4.95 13.61
N VAL F 252 35.13 5.09 14.86
CA VAL F 252 35.11 6.38 15.54
C VAL F 252 36.23 7.22 14.95
N ASN F 253 35.88 8.17 14.11
CA ASN F 253 36.87 9.02 13.45
C ASN F 253 36.91 10.41 14.04
N MET F 254 37.62 11.29 13.37
CA MET F 254 37.72 12.71 13.76
C MET F 254 36.37 13.40 13.73
N GLU F 255 35.55 13.03 12.75
CA GLU F 255 34.24 13.63 12.60
C GLU F 255 33.31 13.19 13.75
N ARG F 256 33.39 11.95 14.17
CA ARG F 256 32.57 11.44 15.25
C ARG F 256 32.97 12.08 16.54
N LEU F 257 34.25 12.36 16.69
CA LEU F 257 34.74 12.92 17.91
C LEU F 257 34.49 14.39 17.93
N ASN F 258 34.42 14.98 16.75
CA ASN F 258 34.08 16.39 16.61
C ASN F 258 32.66 16.65 17.10
N LEU F 259 31.79 15.68 16.84
CA LEU F 259 30.42 15.69 17.30
C LEU F 259 30.33 15.60 18.82
N VAL F 260 31.10 14.68 19.39
CA VAL F 260 31.16 14.48 20.82
C VAL F 260 31.58 15.75 21.49
N GLN F 261 32.55 16.44 20.91
CA GLN F 261 33.06 17.67 21.49
C GLN F 261 32.06 18.79 21.44
N SER F 262 31.27 18.84 20.38
CA SER F 262 30.23 19.86 20.24
C SER F 262 29.13 19.67 21.30
N ILE F 263 28.82 18.42 21.61
CA ILE F 263 27.81 18.10 22.63
C ILE F 263 28.26 18.45 24.05
N ILE F 264 29.51 18.15 24.37
CA ILE F 264 30.13 18.51 25.65
C ILE F 264 30.04 20.02 25.95
N THR F 265 30.40 20.86 25.00
CA THR F 265 30.35 22.31 25.20
C THR F 265 28.94 22.82 25.47
N ARG F 266 27.97 22.30 24.72
CA ARG F 266 26.57 22.73 24.84
C ARG F 266 25.94 22.19 26.11
N THR F 267 26.39 21.04 26.58
CA THR F 267 25.86 20.40 27.77
C THR F 267 26.31 21.20 28.99
N ALA F 268 27.57 21.59 28.98
CA ALA F 268 28.18 22.32 30.07
C ALA F 268 27.58 23.68 30.13
N ASP F 269 27.19 24.18 28.98
CA ASP F 269 26.63 25.51 28.87
C ASP F 269 25.26 25.60 29.51
N PHE F 270 24.41 24.64 29.17
CA PHE F 270 23.05 24.60 29.65
C PHE F 270 23.01 24.35 31.15
N ILE F 271 23.88 23.49 31.63
CA ILE F 271 23.89 23.17 33.03
C ILE F 271 24.39 24.33 33.84
N ASN F 272 25.44 24.98 33.37
CA ASN F 272 26.03 26.11 34.11
C ASN F 272 25.21 27.38 34.17
N ASN F 273 24.44 27.61 33.11
CA ASN F 273 23.67 28.83 32.94
C ASN F 273 22.17 28.69 33.08
N VAL F 274 21.65 27.48 33.04
CA VAL F 274 20.22 27.30 33.20
C VAL F 274 19.96 26.58 34.49
N MET F 275 20.36 25.31 34.57
CA MET F 275 20.13 24.49 35.75
C MET F 275 20.70 25.10 37.02
N ILE F 276 21.98 25.39 37.03
CA ILE F 276 22.62 25.97 38.19
C ILE F 276 21.88 27.20 38.74
N PRO F 277 21.66 28.25 37.88
CA PRO F 277 21.00 29.43 38.47
C PRO F 277 19.60 29.13 38.96
N ASP F 278 18.91 28.19 38.31
CA ASP F 278 17.58 27.76 38.72
C ASP F 278 17.58 27.02 40.05
N ALA F 279 18.63 26.23 40.28
CA ALA F 279 18.81 25.54 41.54
C ALA F 279 19.00 26.55 42.68
N LEU F 280 19.86 27.54 42.47
CA LEU F 280 20.13 28.59 43.45
C LEU F 280 18.92 29.46 43.72
N ALA F 281 18.12 29.68 42.68
CA ALA F 281 16.89 30.47 42.79
C ALA F 281 15.86 29.77 43.66
N ILE F 282 15.65 28.48 43.41
CA ILE F 282 14.79 27.65 44.26
C ILE F 282 15.28 27.68 45.72
N GLY F 283 16.59 27.60 45.90
CA GLY F 283 17.20 27.79 47.20
C GLY F 283 16.83 29.10 47.88
N GLN F 284 16.94 30.20 47.14
CA GLN F 284 16.67 31.53 47.70
C GLN F 284 15.24 31.70 48.20
N PHE F 285 14.29 31.12 47.47
CA PHE F 285 12.88 31.27 47.79
C PHE F 285 12.29 30.12 48.62
N ASN F 286 13.12 29.16 49.02
CA ASN F 286 12.65 28.04 49.83
C ASN F 286 13.66 27.66 50.92
N LYS F 287 14.26 28.69 51.52
CA LYS F 287 15.24 28.50 52.60
C LYS F 287 14.75 27.62 53.77
N PRO F 288 13.48 27.70 54.19
CA PRO F 288 13.06 26.78 55.26
C PRO F 288 13.31 25.30 54.97
N TRP F 289 13.32 24.91 53.70
CA TRP F 289 13.54 23.51 53.35
C TRP F 289 15.01 23.04 53.46
N SER F 290 15.86 23.95 53.92
CA SER F 290 17.23 23.64 54.28
C SER F 290 17.24 23.05 55.67
N GLU F 291 16.06 23.01 56.28
CA GLU F 291 15.91 22.47 57.62
C GLU F 291 14.87 21.36 57.64
N ILE F 292 14.40 20.96 56.47
CA ILE F 292 13.39 19.92 56.39
C ILE F 292 13.92 18.70 55.64
N GLY F 293 13.59 17.50 56.15
CA GLY F 293 13.96 16.27 55.49
C GLY F 293 15.42 15.89 55.57
N THR F 294 16.09 16.27 56.66
CA THR F 294 17.48 15.88 56.92
C THR F 294 17.67 14.37 56.85
N GLY F 295 16.82 13.64 57.59
CA GLY F 295 16.90 12.18 57.65
C GLY F 295 18.23 11.67 58.15
N LEU F 296 18.84 10.75 57.39
CA LEU F 296 20.08 10.10 57.81
C LEU F 296 21.31 10.90 57.41
N SER F 297 21.11 11.98 56.66
CA SER F 297 22.20 12.71 56.02
C SER F 297 23.10 13.43 57.02
N ASP F 298 22.64 13.65 58.25
CA ASP F 298 23.52 14.16 59.30
C ASP F 298 24.02 13.04 60.21
N LYS F 299 23.76 11.79 59.82
CA LYS F 299 24.09 10.63 60.63
C LYS F 299 24.94 9.58 59.90
N CYS F 300 24.40 9.03 58.80
CA CYS F 300 25.04 7.95 58.04
C CYS F 300 24.95 8.13 56.53
N VAL F 301 26.10 8.31 55.89
CA VAL F 301 26.18 8.48 54.43
C VAL F 301 27.23 7.54 53.83
N LEU F 302 27.00 7.14 52.59
CA LEU F 302 27.85 6.13 51.94
C LEU F 302 28.16 6.42 50.47
N SER F 303 29.41 6.21 50.09
CA SER F 303 29.84 6.27 48.70
C SER F 303 30.91 5.21 48.41
N TYR F 304 30.77 4.52 47.29
CA TYR F 304 31.78 3.54 46.87
C TYR F 304 32.95 4.23 46.14
N GLY F 305 32.66 5.37 45.54
CA GLY F 305 33.62 6.05 44.68
C GLY F 305 33.39 5.68 43.22
N ALA F 306 33.86 6.53 42.31
CA ALA F 306 33.65 6.31 40.88
C ALA F 306 34.70 7.05 40.04
N PHE F 307 34.62 6.85 38.72
CA PHE F 307 35.52 7.50 37.74
C PHE F 307 37.01 7.21 37.99
N PRO F 308 37.43 5.93 37.82
CA PRO F 308 38.84 5.61 37.93
C PRO F 308 39.64 6.27 36.83
N ASP F 309 40.46 7.25 37.20
CA ASP F 309 41.27 7.96 36.24
C ASP F 309 42.42 7.10 35.73
N ILE F 310 42.95 6.28 36.61
CA ILE F 310 43.95 5.31 36.22
C ILE F 310 43.26 4.00 35.84
N ALA F 311 43.45 3.57 34.60
CA ALA F 311 42.74 2.42 34.07
C ALA F 311 43.03 1.14 34.88
N ASN F 312 41.95 0.43 35.20
CA ASN F 312 42.01 -0.83 35.97
C ASN F 312 42.42 -0.63 37.43
N ASP F 313 42.63 0.61 37.83
CA ASP F 313 42.94 0.94 39.21
C ASP F 313 41.70 1.56 39.89
N PHE F 314 41.16 0.85 40.87
CA PHE F 314 39.96 1.29 41.57
C PHE F 314 40.29 1.78 42.97
N GLY F 315 41.55 2.16 43.15
CA GLY F 315 42.02 2.62 44.44
C GLY F 315 41.67 4.07 44.68
N GLU F 316 42.01 4.53 45.88
CA GLU F 316 41.67 5.86 46.37
C GLU F 316 42.29 7.04 45.60
N LYS F 317 43.52 6.91 45.12
CA LYS F 317 44.12 7.98 44.33
C LYS F 317 43.58 7.99 42.90
N SER F 318 43.01 6.86 42.45
CA SER F 318 42.50 6.76 41.08
C SER F 318 41.12 7.36 40.90
N LEU F 319 40.20 6.99 41.80
CA LEU F 319 38.80 7.41 41.71
C LEU F 319 38.66 8.92 41.86
N LEU F 320 38.13 9.56 40.82
CA LEU F 320 37.98 11.01 40.82
C LEU F 320 36.83 11.45 41.72
N MET F 321 35.83 10.58 41.87
CA MET F 321 34.74 10.78 42.79
C MET F 321 35.01 9.90 44.02
N PRO F 322 35.31 10.54 45.17
CA PRO F 322 35.75 9.85 46.39
C PRO F 322 34.70 8.88 46.94
N GLY F 323 35.19 7.78 47.52
CA GLY F 323 34.38 6.81 48.23
C GLY F 323 34.60 6.93 49.72
N GLY F 324 33.68 6.35 50.50
CA GLY F 324 33.82 6.35 51.94
C GLY F 324 32.50 6.29 52.68
N ALA F 325 32.57 5.95 53.97
CA ALA F 325 31.39 5.90 54.79
C ALA F 325 31.55 6.72 56.07
N VAL F 326 30.45 7.36 56.47
CA VAL F 326 30.36 8.07 57.74
C VAL F 326 29.20 7.49 58.54
N ILE F 327 29.44 7.19 59.81
CA ILE F 327 28.38 6.69 60.69
C ILE F 327 28.35 7.49 61.98
N ASN F 328 27.20 7.44 62.67
CA ASN F 328 26.97 8.12 63.95
C ASN F 328 27.23 9.62 63.91
N GLY F 329 27.00 10.23 62.74
CA GLY F 329 27.25 11.66 62.55
C GLY F 329 28.69 12.11 62.69
N ASP F 330 29.63 11.16 62.71
CA ASP F 330 31.04 11.49 62.85
C ASP F 330 31.67 11.68 61.46
N PHE F 331 31.49 12.90 60.92
CA PHE F 331 32.00 13.25 59.59
C PHE F 331 33.49 13.54 59.59
N ASN F 332 34.03 13.71 60.80
CA ASN F 332 35.45 13.91 61.01
C ASN F 332 36.25 12.59 60.79
N ASN F 333 35.53 11.48 60.56
CA ASN F 333 36.09 10.14 60.42
C ASN F 333 35.43 9.33 59.30
N VAL F 334 35.93 9.56 58.08
CA VAL F 334 35.42 8.89 56.88
C VAL F 334 36.09 7.53 56.78
N LEU F 335 35.27 6.50 56.79
CA LEU F 335 35.77 5.13 56.85
C LEU F 335 35.89 4.51 55.46
N PRO F 336 36.92 3.67 55.26
CA PRO F 336 37.11 3.01 53.97
C PRO F 336 36.07 1.91 53.74
N VAL F 337 35.66 1.73 52.49
CA VAL F 337 34.65 0.73 52.15
C VAL F 337 35.23 -0.45 51.38
N ASP F 338 34.93 -1.67 51.83
CA ASP F 338 35.36 -2.86 51.13
C ASP F 338 34.17 -3.71 50.76
N LEU F 339 34.01 -3.98 49.46
CA LEU F 339 32.84 -4.70 48.98
C LEU F 339 32.96 -6.21 49.01
N VAL F 340 34.15 -6.70 49.38
CA VAL F 340 34.38 -8.14 49.56
C VAL F 340 34.15 -8.55 51.04
N ASP F 341 34.42 -7.62 51.94
CA ASP F 341 34.23 -7.81 53.37
C ASP F 341 32.79 -8.20 53.69
N PRO F 342 32.59 -9.43 54.17
CA PRO F 342 31.24 -9.93 54.46
C PRO F 342 30.63 -9.26 55.70
N GLN F 343 31.42 -8.41 56.35
CA GLN F 343 30.95 -7.65 57.52
C GLN F 343 30.47 -6.22 57.19
N GLN F 344 30.64 -5.81 55.94
CA GLN F 344 30.25 -4.45 55.61
C GLN F 344 28.85 -4.41 54.98
N VAL F 345 28.76 -4.71 53.70
CA VAL F 345 27.46 -4.66 53.02
C VAL F 345 26.70 -5.96 53.18
N GLN F 346 25.53 -5.85 53.75
CA GLN F 346 24.65 -6.99 53.97
C GLN F 346 23.21 -6.58 53.64
N GLU F 347 22.39 -7.54 53.26
CA GLU F 347 21.00 -7.29 52.99
C GLU F 347 20.06 -8.13 53.86
N PHE F 348 19.10 -7.46 54.49
CA PHE F 348 18.09 -8.10 55.31
C PHE F 348 16.77 -8.18 54.57
N VAL F 349 15.99 -9.22 54.84
CA VAL F 349 14.67 -9.40 54.20
C VAL F 349 13.50 -9.67 55.18
N ASP F 350 13.72 -9.38 56.46
CA ASP F 350 12.69 -9.64 57.45
C ASP F 350 11.49 -8.73 57.25
N HIS F 351 11.70 -7.59 56.63
CA HIS F 351 10.59 -6.70 56.30
C HIS F 351 10.34 -6.61 54.80
N ALA F 352 10.93 -7.55 54.05
CA ALA F 352 10.79 -7.60 52.60
C ALA F 352 10.15 -8.90 52.14
N TRP F 353 9.61 -8.88 50.93
CA TRP F 353 8.91 -10.04 50.39
C TRP F 353 9.87 -11.07 49.77
N TYR F 354 10.82 -11.51 50.58
CA TYR F 354 11.76 -12.55 50.18
C TYR F 354 11.93 -13.58 51.31
N ARG F 355 12.62 -14.67 51.01
CA ARG F 355 12.76 -15.82 51.90
C ARG F 355 14.24 -16.14 52.14
N TYR F 356 14.68 -16.02 53.39
CA TYR F 356 16.01 -16.49 53.84
C TYR F 356 15.88 -17.74 54.69
N PRO F 357 16.99 -18.49 54.87
CA PRO F 357 16.99 -19.55 55.88
C PRO F 357 16.87 -18.96 57.28
N ASN F 358 17.43 -17.78 57.48
CA ASN F 358 17.27 -17.03 58.71
C ASN F 358 17.08 -15.54 58.41
N ASP F 359 15.85 -15.05 58.46
CA ASP F 359 15.58 -13.65 58.14
C ASP F 359 16.05 -12.65 59.22
N GLN F 360 16.63 -13.15 60.31
CA GLN F 360 17.10 -12.30 61.38
C GLN F 360 18.58 -11.90 61.23
N VAL F 361 19.19 -12.37 60.13
CA VAL F 361 20.59 -12.07 59.82
C VAL F 361 20.72 -11.54 58.40
N GLY F 362 21.70 -10.66 58.20
CA GLY F 362 21.96 -10.07 56.90
C GLY F 362 22.92 -10.92 56.07
N ARG F 363 22.74 -10.90 54.76
CA ARG F 363 23.58 -11.65 53.86
C ARG F 363 24.37 -10.78 52.90
N HIS F 364 25.68 -10.90 52.95
CA HIS F 364 26.56 -10.24 52.00
C HIS F 364 26.17 -10.72 50.59
N PRO F 365 26.27 -9.84 49.59
CA PRO F 365 25.78 -10.24 48.24
C PRO F 365 26.41 -11.50 47.66
N PHE F 366 27.64 -11.83 48.03
CA PHE F 366 28.24 -13.12 47.63
C PHE F 366 27.51 -14.34 48.24
N ASP F 367 26.76 -14.07 49.31
CA ASP F 367 25.91 -15.07 49.95
C ASP F 367 24.45 -14.73 49.70
N GLY F 368 24.21 -13.84 48.72
CA GLY F 368 22.88 -13.31 48.46
C GLY F 368 21.87 -14.35 48.02
N ILE F 369 20.64 -14.16 48.44
CA ILE F 369 19.56 -14.98 47.94
C ILE F 369 18.41 -14.10 47.46
N THR F 370 17.88 -14.43 46.29
CA THR F 370 16.70 -13.77 45.78
C THR F 370 15.60 -14.80 45.62
N ASP F 371 14.93 -15.09 46.73
CA ASP F 371 13.82 -16.01 46.68
C ASP F 371 12.57 -15.24 46.98
N PRO F 372 11.86 -14.83 45.88
CA PRO F 372 10.66 -14.03 46.11
C PRO F 372 9.56 -14.75 46.85
N TRP F 373 9.02 -14.07 47.85
CA TRP F 373 7.92 -14.53 48.64
C TRP F 373 6.93 -13.38 48.90
N TYR F 374 5.84 -13.34 48.14
CA TYR F 374 4.81 -12.34 48.37
C TYR F 374 3.96 -12.74 49.58
N ASN F 375 4.16 -11.98 50.68
CA ASN F 375 3.58 -12.30 51.99
C ASN F 375 3.34 -11.00 52.78
N PRO F 376 2.22 -10.36 52.53
CA PRO F 376 1.95 -9.08 53.14
C PRO F 376 1.42 -9.16 54.56
N GLY F 377 0.84 -10.31 54.89
CA GLY F 377 0.23 -10.54 56.18
C GLY F 377 -1.04 -9.77 56.42
N ASP F 378 -1.18 -9.30 57.66
CA ASP F 378 -2.36 -8.54 58.10
C ASP F 378 -2.37 -7.11 57.53
N VAL F 379 -3.14 -6.92 56.49
CA VAL F 379 -3.26 -5.62 55.88
C VAL F 379 -4.74 -5.43 55.95
N LYS F 380 -5.24 -4.20 55.89
CA LYS F 380 -6.69 -4.03 55.75
C LYS F 380 -6.95 -4.45 54.32
N GLY F 381 -8.03 -5.18 54.08
CA GLY F 381 -8.30 -5.72 52.75
C GLY F 381 -7.49 -6.97 52.53
N SER F 382 -7.41 -7.47 51.29
CA SER F 382 -6.76 -8.75 51.02
C SER F 382 -5.33 -8.68 50.51
N ASP F 383 -4.84 -9.83 50.02
CA ASP F 383 -3.52 -9.95 49.37
C ASP F 383 -3.53 -9.22 48.03
N THR F 384 -4.71 -9.10 47.43
CA THR F 384 -4.87 -8.41 46.16
C THR F 384 -5.55 -7.05 46.33
N ASN F 385 -5.55 -6.54 47.55
CA ASN F 385 -6.13 -5.25 47.83
C ASN F 385 -5.55 -4.70 49.11
N ILE F 386 -4.43 -4.02 48.99
CA ILE F 386 -3.78 -3.48 50.14
C ILE F 386 -4.27 -2.09 50.40
N GLN F 387 -4.81 -1.90 51.60
CA GLN F 387 -5.31 -0.61 52.00
C GLN F 387 -4.38 -0.02 53.02
N GLN F 388 -3.73 -0.88 53.78
CA GLN F 388 -2.68 -0.45 54.66
C GLN F 388 -1.70 -1.54 54.79
N LEU F 389 -0.45 -1.23 54.48
CA LEU F 389 0.62 -2.19 54.70
C LEU F 389 0.93 -2.35 56.18
N ASN F 390 1.35 -3.55 56.54
CA ASN F 390 1.79 -3.82 57.88
C ASN F 390 3.30 -3.79 57.97
N GLU F 391 3.81 -2.72 58.52
CA GLU F 391 5.23 -2.54 58.63
C GLU F 391 5.89 -3.26 59.80
N GLN F 392 5.13 -4.10 60.49
CA GLN F 392 5.67 -5.05 61.46
C GLN F 392 6.06 -6.36 60.78
N GLU F 393 5.45 -6.62 59.64
CA GLU F 393 5.72 -7.82 58.93
C GLU F 393 6.47 -7.41 57.72
N ARG F 394 6.27 -8.10 56.62
CA ARG F 394 6.95 -7.76 55.39
C ARG F 394 6.08 -6.82 54.57
N TYR F 395 6.67 -5.72 54.11
CA TYR F 395 5.95 -4.70 53.36
C TYR F 395 6.58 -4.12 52.08
N SER F 396 7.55 -4.79 51.47
CA SER F 396 8.18 -4.23 50.26
C SER F 396 8.87 -5.26 49.40
N TRP F 397 9.05 -4.93 48.14
CA TRP F 397 9.85 -5.77 47.22
C TRP F 397 11.33 -5.34 47.25
N ILE F 398 11.66 -4.33 48.03
CA ILE F 398 13.02 -3.86 48.13
C ILE F 398 13.69 -4.52 49.32
N LYS F 399 14.88 -5.09 49.13
CA LYS F 399 15.66 -5.63 50.24
C LYS F 399 16.19 -4.49 51.12
N ALA F 400 16.68 -4.83 52.31
CA ALA F 400 17.16 -3.81 53.24
C ALA F 400 18.66 -3.89 53.37
N PRO F 401 19.40 -3.06 52.60
CA PRO F 401 20.86 -3.03 52.72
C PRO F 401 21.34 -2.23 53.93
N ARG F 402 22.40 -2.72 54.56
CA ARG F 402 23.05 -2.03 55.69
C ARG F 402 24.58 -2.11 55.53
N TRP F 403 25.28 -1.12 56.07
CA TRP F 403 26.71 -1.13 56.04
C TRP F 403 27.19 -1.22 57.47
N ARG F 404 27.75 -2.39 57.81
CA ARG F 404 28.24 -2.67 59.17
C ARG F 404 27.09 -2.53 60.12
N GLY F 405 25.91 -2.96 59.69
CA GLY F 405 24.71 -2.82 60.51
C GLY F 405 24.02 -1.46 60.54
N ASN F 406 24.59 -0.49 59.85
CA ASN F 406 24.06 0.83 59.84
C ASN F 406 23.22 1.16 58.64
N ALA F 407 22.11 1.84 58.86
CA ALA F 407 21.28 2.33 57.77
C ALA F 407 21.93 3.58 57.16
N MET F 408 22.15 3.56 55.86
CA MET F 408 22.89 4.62 55.18
C MET F 408 22.04 5.40 54.18
N GLU F 409 22.36 6.67 53.99
CA GLU F 409 21.89 7.43 52.82
C GLU F 409 22.96 7.47 51.73
N VAL F 410 22.55 7.18 50.50
CA VAL F 410 23.45 7.30 49.33
C VAL F 410 22.96 8.39 48.37
N GLY F 411 23.83 8.81 47.45
CA GLY F 411 23.44 9.74 46.41
C GLY F 411 24.26 11.01 46.44
N PRO F 412 23.84 12.01 45.64
CA PRO F 412 24.53 13.30 45.46
C PRO F 412 24.86 14.04 46.76
N LEU F 413 23.92 14.06 47.72
CA LEU F 413 24.19 14.68 49.02
C LEU F 413 25.19 13.86 49.83
N ALA F 414 24.98 12.55 49.85
CA ALA F 414 25.91 11.64 50.48
C ALA F 414 27.32 11.85 49.91
N ARG F 415 27.45 11.80 48.57
CA ARG F 415 28.78 11.91 47.91
C ARG F 415 29.47 13.23 48.22
N THR F 416 28.67 14.29 48.21
CA THR F 416 29.14 15.64 48.47
C THR F 416 29.72 15.75 49.88
N LEU F 417 28.98 15.23 50.88
CA LEU F 417 29.45 15.24 52.26
C LEU F 417 30.74 14.45 52.42
N ILE F 418 30.80 13.27 51.81
CA ILE F 418 32.02 12.42 51.81
C ILE F 418 33.18 13.20 51.20
N ALA F 419 32.98 13.71 49.99
CA ALA F 419 34.02 14.44 49.27
C ALA F 419 34.46 15.69 50.03
N TYR F 420 33.50 16.42 50.58
CA TYR F 420 33.77 17.61 51.37
C TYR F 420 34.66 17.26 52.57
N HIS F 421 34.26 16.23 53.29
CA HIS F 421 34.93 15.89 54.54
C HIS F 421 36.19 15.08 54.34
N LYS F 422 36.40 14.58 53.12
CA LYS F 422 37.69 13.98 52.76
C LYS F 422 38.68 15.08 52.36
N GLY F 423 38.20 16.32 52.30
CA GLY F 423 39.05 17.46 51.98
C GLY F 423 39.35 17.66 50.50
N ASP F 424 38.43 17.22 49.64
CA ASP F 424 38.56 17.46 48.20
C ASP F 424 38.41 18.95 47.93
N ALA F 425 39.49 19.58 47.47
CA ALA F 425 39.59 21.04 47.32
C ALA F 425 38.47 21.67 46.46
N ALA F 426 38.18 21.04 45.31
CA ALA F 426 37.16 21.53 44.39
C ALA F 426 35.75 21.50 45.03
N THR F 427 35.43 20.39 45.70
CA THR F 427 34.14 20.25 46.36
C THR F 427 33.98 21.26 47.51
N VAL F 428 35.02 21.41 48.33
CA VAL F 428 35.01 22.37 49.45
C VAL F 428 34.68 23.78 48.97
N GLU F 429 35.33 24.22 47.89
CA GLU F 429 35.14 25.57 47.32
C GLU F 429 33.73 25.87 46.83
N SER F 430 33.15 24.97 46.03
CA SER F 430 31.80 25.19 45.47
C SER F 430 30.67 25.02 46.46
N VAL F 431 30.81 24.11 47.41
CA VAL F 431 29.81 23.98 48.44
C VAL F 431 29.81 25.26 49.26
N ASP F 432 30.96 25.62 49.79
CA ASP F 432 31.11 26.78 50.64
C ASP F 432 30.51 28.01 50.00
N ARG F 433 30.82 28.17 48.71
CA ARG F 433 30.44 29.30 47.91
C ARG F 433 28.94 29.33 47.71
N MET F 434 28.40 28.19 47.34
CA MET F 434 26.96 27.99 47.16
C MET F 434 26.18 28.29 48.44
N MET F 435 26.60 27.73 49.57
CA MET F 435 25.92 28.00 50.85
C MET F 435 26.08 29.45 51.26
N SER F 436 27.21 30.04 50.91
CA SER F 436 27.42 31.46 51.17
C SER F 436 26.47 32.32 50.37
N ALA F 437 26.27 32.00 49.09
CA ALA F 437 25.34 32.74 48.23
C ALA F 437 23.90 32.66 48.69
N LEU F 438 23.53 31.58 49.37
CA LEU F 438 22.18 31.41 49.88
C LEU F 438 21.98 31.90 51.32
N ASN F 439 23.07 32.42 51.90
CA ASN F 439 23.11 32.87 53.28
C ASN F 439 22.68 31.85 54.32
N LEU F 440 23.09 30.62 54.10
CA LEU F 440 22.76 29.51 54.96
C LEU F 440 24.03 28.93 55.54
N PRO F 441 23.94 28.27 56.69
CA PRO F 441 25.15 27.56 57.17
C PRO F 441 25.45 26.27 56.37
N LEU F 442 26.61 25.64 56.61
CA LEU F 442 26.96 24.38 55.93
C LEU F 442 25.90 23.29 56.20
N SER F 443 25.45 23.19 57.45
CA SER F 443 24.45 22.21 57.87
C SER F 443 23.18 22.24 57.01
N GLY F 444 22.96 23.35 56.32
CA GLY F 444 21.81 23.52 55.46
C GLY F 444 21.77 22.58 54.27
N ILE F 445 22.92 22.03 53.91
CA ILE F 445 22.99 21.09 52.81
C ILE F 445 22.36 19.75 53.18
N GLN F 446 22.35 19.44 54.47
CA GLN F 446 21.82 18.17 54.99
C GLN F 446 20.31 18.30 55.13
N SER F 447 19.64 18.29 53.98
CA SER F 447 18.21 18.54 53.91
C SER F 447 17.65 18.21 52.54
N THR F 448 16.31 18.26 52.43
CA THR F 448 15.61 18.08 51.15
C THR F 448 16.10 19.08 50.11
N LEU F 449 16.17 20.35 50.50
CA LEU F 449 16.73 21.39 49.63
C LEU F 449 18.16 21.05 49.20
N GLY F 450 19.00 20.67 50.17
CA GLY F 450 20.39 20.34 49.92
C GLY F 450 20.64 19.22 48.95
N ARG F 451 19.77 18.21 48.92
CA ARG F 451 19.85 17.13 47.93
C ARG F 451 19.71 17.65 46.51
N ILE F 452 18.77 18.57 46.32
CA ILE F 452 18.54 19.19 45.01
C ILE F 452 19.74 20.04 44.60
N LEU F 453 20.26 20.85 45.53
CA LEU F 453 21.44 21.68 45.31
C LEU F 453 22.65 20.82 44.92
N CYS F 454 22.86 19.73 45.66
CA CYS F 454 23.97 18.82 45.41
C CYS F 454 23.87 18.15 44.04
N ARG F 455 22.63 17.84 43.64
CA ARG F 455 22.39 17.22 42.35
C ARG F 455 22.81 18.15 41.22
N ALA F 456 22.45 19.44 41.35
CA ALA F 456 22.78 20.43 40.34
C ALA F 456 24.26 20.68 40.23
N HIS F 457 24.92 20.75 41.38
CA HIS F 457 26.36 20.90 41.50
C HIS F 457 27.12 19.72 40.86
N GLU F 458 26.57 18.53 41.04
CA GLU F 458 27.14 17.31 40.48
C GLU F 458 27.08 17.31 38.97
N ALA F 459 25.98 17.80 38.41
CA ALA F 459 25.82 17.94 36.97
C ALA F 459 26.91 18.88 36.41
N GLN F 460 27.18 19.95 37.14
CA GLN F 460 28.20 20.91 36.74
C GLN F 460 29.57 20.25 36.80
N TRP F 461 29.80 19.49 37.87
CA TRP F 461 31.02 18.72 38.05
C TRP F 461 31.21 17.69 36.93
N ALA F 462 30.16 16.96 36.59
CA ALA F 462 30.21 15.93 35.54
C ALA F 462 30.51 16.53 34.17
N ALA F 463 29.85 17.66 33.86
CA ALA F 463 30.05 18.39 32.61
C ALA F 463 31.48 18.84 32.47
N GLY F 464 32.07 19.34 33.55
CA GLY F 464 33.49 19.68 33.59
C GLY F 464 34.37 18.48 33.29
N LYS F 465 34.03 17.34 33.89
CA LYS F 465 34.77 16.09 33.74
C LYS F 465 34.71 15.52 32.34
N LEU F 466 33.57 15.70 31.66
CA LEU F 466 33.42 15.34 30.26
C LEU F 466 34.58 15.88 29.40
N GLN F 467 34.85 17.18 29.52
CA GLN F 467 35.92 17.83 28.76
C GLN F 467 37.28 17.25 29.12
N TYR F 468 37.49 16.99 30.39
CA TYR F 468 38.73 16.42 30.86
C TYR F 468 38.95 15.06 30.20
N PHE F 469 37.97 14.19 30.31
CA PHE F 469 38.07 12.84 29.74
C PHE F 469 38.26 12.91 28.24
N PHE F 470 37.50 13.78 27.58
CA PHE F 470 37.63 13.95 26.12
C PHE F 470 39.06 14.35 25.72
N ASP F 471 39.65 15.29 26.46
CA ASP F 471 41.02 15.71 26.23
C ASP F 471 42.02 14.59 26.50
N LYS F 472 41.72 13.79 27.53
CA LYS F 472 42.48 12.61 27.88
C LYS F 472 42.48 11.61 26.72
N LEU F 473 41.34 11.45 26.07
CA LEU F 473 41.23 10.55 24.94
C LEU F 473 42.03 11.08 23.75
N MET F 474 41.85 12.36 23.43
CA MET F 474 42.54 12.99 22.31
C MET F 474 44.07 12.95 22.44
N THR F 475 44.56 13.11 23.67
CA THR F 475 45.99 13.02 23.95
C THR F 475 46.56 11.65 23.57
N ASN F 476 45.82 10.60 23.93
CA ASN F 476 46.21 9.24 23.57
C ASN F 476 46.24 9.06 22.07
N LEU F 477 45.22 9.60 21.38
CA LEU F 477 45.12 9.51 19.92
C LEU F 477 46.26 10.26 19.22
N LYS F 478 46.63 11.41 19.78
CA LYS F 478 47.78 12.16 19.27
C LYS F 478 49.08 11.35 19.43
N ASN F 479 49.14 10.54 20.50
CA ASN F 479 50.30 9.70 20.78
C ASN F 479 50.24 8.31 20.14
N GLY F 480 49.27 8.11 19.24
CA GLY F 480 49.12 6.86 18.52
C GLY F 480 48.60 5.72 19.37
N ASN F 481 47.91 6.04 20.46
CA ASN F 481 47.32 5.05 21.33
C ASN F 481 45.83 4.91 21.02
N LEU F 482 45.47 3.87 20.27
CA LEU F 482 44.13 3.72 19.72
C LEU F 482 43.32 2.58 20.32
N ALA F 483 43.98 1.67 21.05
CA ALA F 483 43.36 0.40 21.51
C ALA F 483 42.14 0.65 22.39
N THR F 484 41.08 -0.08 22.09
CA THR F 484 39.85 0.08 22.84
C THR F 484 39.32 -1.20 23.42
N ALA F 485 39.99 -2.31 23.17
CA ALA F 485 39.55 -3.61 23.67
C ALA F 485 40.72 -4.58 23.94
N SER F 486 40.62 -5.33 25.02
CA SER F 486 41.52 -6.42 25.31
C SER F 486 40.79 -7.74 25.15
N THR F 487 41.23 -8.59 24.23
CA THR F 487 40.54 -9.85 23.94
C THR F 487 41.34 -11.09 24.30
N GLU F 488 42.44 -10.89 25.01
CA GLU F 488 43.26 -11.96 25.52
C GLU F 488 42.40 -12.99 26.27
N LYS F 489 41.43 -12.51 27.04
CA LYS F 489 40.58 -13.38 27.84
C LYS F 489 39.13 -13.42 27.42
N TRP F 490 38.88 -13.18 26.15
CA TRP F 490 37.51 -13.15 25.65
C TRP F 490 36.87 -14.54 25.56
N GLU F 491 37.67 -15.53 25.22
CA GLU F 491 37.18 -16.90 25.13
C GLU F 491 37.02 -17.52 26.52
N PRO F 492 35.84 -18.13 26.79
CA PRO F 492 35.53 -18.80 28.08
C PRO F 492 36.56 -19.84 28.53
N ALA F 493 37.23 -20.47 27.56
CA ALA F 493 38.26 -21.45 27.85
C ALA F 493 39.42 -20.84 28.63
N THR F 494 39.62 -19.53 28.53
CA THR F 494 40.77 -18.87 29.18
C THR F 494 40.45 -18.45 30.63
N TRP F 495 39.18 -18.58 31.00
CA TRP F 495 38.71 -18.13 32.31
C TRP F 495 39.05 -19.15 33.38
N PRO F 496 39.22 -18.67 34.63
CA PRO F 496 39.27 -19.61 35.76
C PRO F 496 37.99 -20.44 35.79
N THR F 497 38.08 -21.72 36.10
CA THR F 497 36.92 -22.60 36.18
C THR F 497 35.90 -22.05 37.18
N GLU F 498 36.41 -21.40 38.21
CA GLU F 498 35.60 -20.81 39.21
C GLU F 498 36.28 -19.53 39.62
N CYS F 499 35.52 -18.44 39.66
CA CYS F 499 36.03 -17.14 40.09
C CYS F 499 34.85 -16.24 40.39
N ARG F 500 35.12 -15.12 41.05
CA ARG F 500 34.06 -14.19 41.46
C ARG F 500 34.60 -12.78 41.62
N GLY F 501 33.78 -11.78 41.28
CA GLY F 501 34.23 -10.42 41.28
C GLY F 501 33.18 -9.40 41.63
N VAL F 502 33.64 -8.20 41.97
CA VAL F 502 32.79 -7.08 42.32
C VAL F 502 32.96 -5.93 41.33
N GLY F 503 31.84 -5.41 40.85
CA GLY F 503 31.84 -4.22 40.05
C GLY F 503 31.11 -3.13 40.78
N PHE F 504 31.72 -1.97 40.93
CA PHE F 504 31.09 -0.87 41.64
C PHE F 504 31.32 0.47 40.98
N THR F 505 30.37 1.37 41.19
CA THR F 505 30.46 2.73 40.68
C THR F 505 29.45 3.63 41.42
N GLU F 506 29.49 4.93 41.13
CA GLU F 506 28.51 5.86 41.63
C GLU F 506 27.53 6.23 40.54
N ALA F 507 26.35 5.62 40.60
CA ALA F 507 25.23 5.96 39.74
C ALA F 507 24.70 7.35 40.12
N PRO F 508 23.92 7.99 39.23
CA PRO F 508 23.31 9.31 39.53
C PRO F 508 22.63 9.38 40.93
N ARG F 509 22.06 8.26 41.37
CA ARG F 509 21.34 8.17 42.63
C ARG F 509 22.15 7.61 43.80
N GLY F 510 23.37 7.13 43.53
CA GLY F 510 24.28 6.68 44.58
C GLY F 510 25.13 5.45 44.33
N ALA F 511 25.54 4.81 45.41
CA ALA F 511 26.48 3.70 45.36
C ALA F 511 25.87 2.46 44.74
N LEU F 512 26.45 1.99 43.63
CA LEU F 512 25.97 0.79 42.93
C LEU F 512 27.01 -0.34 42.96
N GLY F 513 26.55 -1.56 43.22
CA GLY F 513 27.42 -2.72 43.21
C GLY F 513 26.80 -3.93 42.54
N HIS F 514 27.60 -4.61 41.75
CA HIS F 514 27.25 -5.91 41.19
C HIS F 514 28.22 -6.95 41.70
N TRP F 515 27.69 -8.04 42.24
CA TRP F 515 28.50 -9.12 42.74
C TRP F 515 28.21 -10.33 41.87
N ALA F 516 29.26 -10.87 41.25
CA ALA F 516 29.11 -11.95 40.30
C ALA F 516 30.03 -13.11 40.60
N ALA F 517 29.52 -14.31 40.43
CA ALA F 517 30.32 -15.50 40.57
C ALA F 517 30.19 -16.33 39.30
N ILE F 518 31.31 -16.80 38.80
CA ILE F 518 31.32 -17.64 37.58
C ILE F 518 31.76 -19.08 37.87
N ARG F 519 31.14 -20.03 37.17
CA ARG F 519 31.48 -21.44 37.32
C ARG F 519 31.21 -22.21 36.04
N ASP F 520 32.28 -22.66 35.39
CA ASP F 520 32.26 -23.42 34.11
C ASP F 520 31.78 -22.61 32.97
N GLY F 521 32.19 -21.35 32.99
CA GLY F 521 31.82 -20.42 31.95
C GLY F 521 30.40 -19.89 32.03
N LYS F 522 29.72 -20.19 33.14
CA LYS F 522 28.35 -19.72 33.31
C LYS F 522 28.24 -18.89 34.59
N ILE F 523 27.31 -17.93 34.61
CA ILE F 523 26.98 -17.17 35.84
C ILE F 523 26.45 -18.16 36.88
N ASP F 524 27.11 -18.21 38.04
CA ASP F 524 26.63 -19.03 39.14
C ASP F 524 25.75 -18.23 40.10
N LEU F 525 26.20 -17.02 40.43
CA LEU F 525 25.46 -16.07 41.22
C LEU F 525 25.64 -14.67 40.68
N TYR F 526 24.54 -13.92 40.63
CA TYR F 526 24.61 -12.51 40.26
C TYR F 526 23.71 -11.74 41.22
N GLN F 527 24.32 -10.95 42.10
CA GLN F 527 23.55 -10.15 43.04
C GLN F 527 23.80 -8.64 42.91
N CYS F 528 22.71 -7.87 42.91
CA CYS F 528 22.79 -6.41 42.78
C CYS F 528 22.32 -5.69 44.02
N VAL F 529 23.10 -4.70 44.44
CA VAL F 529 22.64 -3.76 45.45
C VAL F 529 22.75 -2.38 44.81
N VAL F 530 21.58 -1.74 44.70
CA VAL F 530 21.41 -0.54 43.89
C VAL F 530 21.12 0.67 44.80
N PRO F 531 21.49 1.90 44.38
CA PRO F 531 21.32 3.09 45.25
C PRO F 531 19.93 3.29 45.86
N THR F 532 18.88 3.13 45.06
CA THR F 532 17.52 3.30 45.59
C THR F 532 17.16 2.14 46.52
N THR F 533 17.81 0.98 46.36
CA THR F 533 17.65 -0.10 47.31
C THR F 533 18.06 0.38 48.70
N TRP F 534 19.18 1.08 48.79
CA TRP F 534 19.63 1.69 50.05
C TRP F 534 18.62 2.70 50.60
N ASN F 535 18.32 3.74 49.80
CA ASN F 535 17.50 4.85 50.25
C ASN F 535 16.06 4.47 50.54
N ALA F 536 15.47 3.65 49.68
CA ALA F 536 14.08 3.24 49.83
C ALA F 536 13.91 1.98 50.68
N SER F 537 15.01 1.53 51.29
CA SER F 537 15.07 0.33 52.14
C SER F 537 13.96 0.27 53.21
N PRO F 538 13.40 -0.93 53.42
CA PRO F 538 12.51 -1.17 54.56
C PRO F 538 13.32 -1.36 55.85
N ARG F 539 12.65 -1.70 56.92
CA ARG F 539 13.33 -1.83 58.21
C ARG F 539 14.09 -3.15 58.34
N ASP F 540 14.96 -3.21 59.34
CA ASP F 540 15.77 -4.40 59.60
C ASP F 540 15.35 -5.03 60.94
N PRO F 541 15.99 -6.15 61.36
CA PRO F 541 15.56 -6.77 62.62
C PRO F 541 15.67 -5.86 63.83
N LYS F 542 16.54 -4.86 63.76
CA LYS F 542 16.68 -3.88 64.84
C LYS F 542 15.58 -2.83 64.84
N GLY F 543 14.76 -2.81 63.79
CA GLY F 543 13.73 -1.79 63.56
C GLY F 543 14.27 -0.47 63.02
N GLN F 544 15.51 -0.50 62.52
CA GLN F 544 16.14 0.69 61.95
C GLN F 544 15.50 1.08 60.62
N ILE F 545 15.26 2.38 60.45
CA ILE F 545 14.60 2.88 59.25
C ILE F 545 15.62 3.35 58.17
N GLY F 546 15.20 3.24 56.92
CA GLY F 546 16.01 3.68 55.78
C GLY F 546 15.93 5.18 55.55
N ALA F 547 16.71 5.64 54.57
CA ALA F 547 16.83 7.06 54.23
C ALA F 547 15.51 7.78 53.97
N TYR F 548 14.62 7.18 53.18
CA TYR F 548 13.32 7.78 52.86
C TYR F 548 12.47 7.98 54.10
N GLU F 549 12.35 6.91 54.89
CA GLU F 549 11.50 6.91 56.05
C GLU F 549 12.03 7.91 57.06
N ALA F 550 13.35 8.00 57.17
CA ALA F 550 14.00 8.91 58.12
C ALA F 550 13.74 10.36 57.74
N ALA F 551 13.89 10.64 56.45
CA ALA F 551 13.76 11.99 55.94
C ALA F 551 12.33 12.49 56.03
N LEU F 552 11.35 11.58 55.94
CA LEU F 552 9.94 11.96 56.06
C LEU F 552 9.49 12.21 57.51
N MET F 553 10.20 11.62 58.46
CA MET F 553 9.92 11.80 59.87
C MET F 553 9.97 13.28 60.28
N ASN F 554 9.07 13.65 61.20
CA ASN F 554 8.98 15.00 61.78
C ASN F 554 8.63 16.10 60.77
N THR F 555 8.09 15.71 59.62
CA THR F 555 7.71 16.66 58.59
C THR F 555 6.30 17.19 58.82
N LYS F 556 6.16 18.51 58.85
CA LYS F 556 4.87 19.20 58.95
C LYS F 556 4.13 19.18 57.61
N MET F 557 2.84 18.85 57.66
CA MET F 557 2.02 18.89 56.45
C MET F 557 0.97 19.98 56.58
N ALA F 558 0.91 20.88 55.61
CA ALA F 558 -0.08 21.97 55.67
C ALA F 558 -1.48 21.44 55.38
N ILE F 559 -1.58 20.47 54.47
CA ILE F 559 -2.84 19.89 54.08
C ILE F 559 -2.60 18.40 53.81
N PRO F 560 -2.97 17.56 54.77
CA PRO F 560 -2.71 16.12 54.70
C PRO F 560 -3.22 15.41 53.44
N GLU F 561 -4.28 15.89 52.84
CA GLU F 561 -4.81 15.22 51.67
C GLU F 561 -4.15 15.63 50.36
N GLN F 562 -3.37 16.72 50.41
CA GLN F 562 -2.56 17.14 49.29
C GLN F 562 -1.10 16.98 49.74
N PRO F 563 -0.47 15.78 49.51
CA PRO F 563 0.83 15.45 50.12
C PRO F 563 2.11 16.00 49.47
N LEU F 564 2.11 17.31 49.23
CA LEU F 564 3.20 18.03 48.56
C LEU F 564 4.54 17.91 49.28
N GLU F 565 4.51 18.01 50.61
CA GLU F 565 5.73 17.88 51.41
C GLU F 565 6.35 16.47 51.26
N ILE F 566 5.49 15.45 51.25
CA ILE F 566 5.97 14.08 51.08
C ILE F 566 6.65 13.93 49.74
N LEU F 567 5.99 14.45 48.72
CA LEU F 567 6.53 14.40 47.37
C LEU F 567 7.87 15.14 47.25
N ARG F 568 7.95 16.35 47.80
CA ARG F 568 9.18 17.15 47.78
C ARG F 568 10.36 16.38 48.34
N THR F 569 10.15 15.75 49.49
CA THR F 569 11.23 15.05 50.14
C THR F 569 11.61 13.83 49.32
N LEU F 570 10.63 13.01 48.97
CA LEU F 570 10.91 11.78 48.20
C LEU F 570 11.62 12.08 46.88
N HIS F 571 11.07 13.04 46.15
CA HIS F 571 11.60 13.45 44.86
C HIS F 571 13.01 14.01 44.99
N SER F 572 13.35 14.58 46.15
CA SER F 572 14.72 15.09 46.36
C SER F 572 15.74 13.95 46.36
N PHE F 573 15.28 12.74 46.60
CA PHE F 573 16.11 11.54 46.55
C PHE F 573 16.26 10.99 45.15
N ASP F 574 15.38 11.40 44.25
CA ASP F 574 15.36 10.93 42.87
C ASP F 574 15.12 9.42 42.84
N PRO F 575 13.98 8.96 43.35
CA PRO F 575 13.70 7.51 43.44
C PRO F 575 13.63 6.80 42.08
N CYS F 576 14.38 5.73 41.94
CA CYS F 576 14.29 4.82 40.80
C CYS F 576 13.92 3.41 41.28
N LEU F 577 12.65 3.06 41.13
CA LEU F 577 12.13 1.85 41.77
C LEU F 577 12.44 0.55 41.03
N ALA F 578 12.56 0.62 39.71
CA ALA F 578 13.02 -0.51 38.92
C ALA F 578 14.44 -0.87 39.30
N CYS F 579 15.27 0.15 39.50
CA CYS F 579 16.62 -0.04 40.07
C CYS F 579 16.60 -0.72 41.45
N SER F 580 15.77 -0.19 42.36
CA SER F 580 15.75 -0.65 43.76
C SER F 580 15.39 -2.12 43.88
N THR F 581 14.51 -2.59 42.98
CA THR F 581 13.99 -3.95 43.07
C THR F 581 14.61 -4.92 42.07
N HIS F 582 14.87 -4.43 40.87
CA HIS F 582 15.45 -5.23 39.78
C HIS F 582 14.95 -6.67 39.74
N LYS G 4 47.15 32.35 22.28
CA LYS G 4 48.19 31.78 21.37
C LYS G 4 47.70 31.73 19.91
N PRO G 5 48.47 32.31 18.96
CA PRO G 5 48.11 32.39 17.54
C PRO G 5 47.60 31.14 16.90
N ARG G 6 46.64 31.37 16.03
CA ARG G 6 46.04 30.37 15.20
C ARG G 6 46.74 30.39 13.87
N ILE G 7 46.69 29.26 13.18
CA ILE G 7 47.41 29.09 11.93
C ILE G 7 46.84 29.89 10.76
N PRO G 8 47.69 30.70 10.09
CA PRO G 8 47.18 31.49 8.98
C PRO G 8 46.70 30.64 7.82
N VAL G 9 45.52 30.96 7.30
CA VAL G 9 44.95 30.26 6.15
C VAL G 9 44.54 31.24 5.06
N VAL G 10 45.05 31.01 3.86
CA VAL G 10 44.72 31.84 2.69
C VAL G 10 43.86 31.01 1.77
N TRP G 11 42.63 31.48 1.56
CA TRP G 11 41.64 30.79 0.75
C TRP G 11 41.39 31.57 -0.53
N ILE G 12 41.88 31.04 -1.64
CA ILE G 12 41.72 31.69 -2.95
C ILE G 12 40.74 30.93 -3.84
N HIS G 13 40.20 31.65 -4.83
CA HIS G 13 39.17 31.11 -5.70
C HIS G 13 39.56 31.30 -7.16
N GLY G 14 39.54 30.22 -7.92
CA GLY G 14 39.71 30.28 -9.37
C GLY G 14 38.36 30.19 -10.03
N LEU G 15 38.29 29.40 -11.11
CA LEU G 15 37.01 29.13 -11.77
C LEU G 15 36.28 28.11 -10.96
N GLU G 16 35.07 28.46 -10.54
CA GLU G 16 34.39 27.77 -9.45
C GLU G 16 32.89 28.09 -9.50
N CYS G 17 32.12 27.42 -8.65
CA CYS G 17 30.71 27.76 -8.45
C CYS G 17 30.48 28.21 -7.01
N THR G 18 31.55 28.16 -6.20
CA THR G 18 31.54 28.55 -4.78
C THR G 18 30.77 27.54 -3.92
N GLY G 19 30.44 26.38 -4.50
CA GLY G 19 29.84 25.28 -3.77
C GLY G 19 30.65 24.76 -2.60
N CYS G 20 31.97 24.82 -2.74
CA CYS G 20 32.86 24.30 -1.70
C CYS G 20 32.91 25.22 -0.47
N THR G 21 33.00 26.53 -0.71
CA THR G 21 32.85 27.53 0.36
C THR G 21 31.49 27.38 1.08
N GLU G 22 30.43 27.17 0.30
CA GLU G 22 29.09 26.93 0.84
C GLU G 22 29.07 25.68 1.68
N SER G 23 29.69 24.61 1.17
CA SER G 23 29.76 23.35 1.91
C SER G 23 30.49 23.54 3.23
N PHE G 24 31.61 24.26 3.18
CA PHE G 24 32.38 24.52 4.38
C PHE G 24 31.56 25.12 5.52
N ILE G 25 30.71 26.11 5.22
CA ILE G 25 29.94 26.79 6.26
C ILE G 25 28.72 25.98 6.73
N ARG G 26 28.46 24.85 6.08
CA ARG G 26 27.40 23.94 6.55
C ARG G 26 27.83 23.06 7.71
N SER G 27 29.12 23.12 8.08
CA SER G 27 29.71 22.25 9.10
C SER G 27 28.94 22.28 10.43
N ALA G 28 28.52 21.10 10.88
CA ALA G 28 27.77 20.95 12.11
C ALA G 28 28.65 20.87 13.35
N HIS G 29 29.85 20.32 13.19
CA HIS G 29 30.74 20.08 14.33
C HIS G 29 32.19 19.87 13.86
N PRO G 30 33.05 20.85 14.12
CA PRO G 30 32.71 22.15 14.71
C PRO G 30 31.95 23.08 13.72
N LEU G 31 31.17 24.00 14.26
CA LEU G 31 30.55 25.06 13.46
C LEU G 31 31.62 25.86 12.77
N ALA G 32 31.33 26.28 11.54
CA ALA G 32 32.26 27.11 10.76
C ALA G 32 32.63 28.37 11.55
N LYS G 33 31.66 28.88 12.30
CA LYS G 33 31.87 30.03 13.18
C LYS G 33 33.03 29.78 14.14
N ASP G 34 33.04 28.60 14.77
CA ASP G 34 34.08 28.26 15.75
C ASP G 34 35.42 27.95 15.10
N VAL G 35 35.37 27.36 13.90
CA VAL G 35 36.58 27.18 13.08
C VAL G 35 37.29 28.52 12.83
N ILE G 36 36.53 29.51 12.37
CA ILE G 36 37.05 30.81 12.00
C ILE G 36 37.52 31.60 13.22
N LEU G 37 36.76 31.54 14.30
CA LEU G 37 37.10 32.32 15.49
C LEU G 37 38.15 31.71 16.43
N SER G 38 38.26 30.40 16.46
CA SER G 38 39.18 29.78 17.41
C SER G 38 40.05 28.64 16.92
N LEU G 39 39.85 28.16 15.70
CA LEU G 39 40.67 27.06 15.18
C LEU G 39 41.77 27.44 14.22
N ILE G 40 41.50 28.44 13.39
CA ILE G 40 42.44 28.89 12.40
C ILE G 40 42.37 30.39 12.30
N SER G 41 43.16 30.95 11.42
CA SER G 41 43.09 32.36 11.14
C SER G 41 42.80 32.50 9.67
N LEU G 42 41.53 32.65 9.33
CA LEU G 42 41.13 32.80 7.95
C LEU G 42 41.46 34.21 7.51
N ASP G 43 42.65 34.38 6.93
CA ASP G 43 43.25 35.70 6.72
C ASP G 43 42.90 36.30 5.37
N TYR G 44 42.43 35.45 4.47
CA TYR G 44 42.02 35.89 3.15
C TYR G 44 40.99 34.92 2.57
N ASP G 45 39.88 35.47 2.12
CA ASP G 45 38.77 34.71 1.54
C ASP G 45 37.80 35.70 0.90
N ASP G 46 37.84 35.77 -0.43
CA ASP G 46 37.04 36.72 -1.18
C ASP G 46 35.56 36.69 -0.84
N THR G 47 35.05 35.52 -0.46
CA THR G 47 33.62 35.35 -0.20
C THR G 47 33.15 35.99 1.09
N LEU G 48 34.03 36.08 2.08
CA LEU G 48 33.62 36.47 3.42
C LEU G 48 34.31 37.72 3.96
N MET G 49 35.40 38.14 3.36
CA MET G 49 36.22 39.22 3.93
C MET G 49 35.60 40.60 3.72
N ALA G 50 35.87 41.52 4.65
CA ALA G 50 35.29 42.87 4.59
C ALA G 50 35.92 43.73 3.50
N ALA G 51 37.25 43.70 3.45
CA ALA G 51 38.03 44.51 2.51
C ALA G 51 37.80 44.06 1.07
N ALA G 52 37.72 45.05 0.19
CA ALA G 52 37.64 44.79 -1.26
C ALA G 52 38.72 45.57 -2.03
N GLY G 53 38.85 45.26 -3.33
CA GLY G 53 39.75 45.99 -4.20
C GLY G 53 41.16 46.09 -3.66
N THR G 54 41.66 47.31 -3.56
CA THR G 54 43.05 47.57 -3.14
C THR G 54 43.26 47.21 -1.66
N GLN G 55 42.21 47.31 -0.87
CA GLN G 55 42.27 46.88 0.53
C GLN G 55 42.45 45.36 0.62
N ALA G 56 41.74 44.63 -0.24
CA ALA G 56 41.86 43.17 -0.33
C ALA G 56 43.26 42.75 -0.81
N GLU G 57 43.81 43.52 -1.73
CA GLU G 57 45.12 43.25 -2.27
C GLU G 57 46.22 43.42 -1.24
N GLU G 58 46.17 44.51 -0.50
CA GLU G 58 47.18 44.70 0.51
C GLU G 58 47.04 43.73 1.71
N VAL G 59 45.87 43.14 1.92
CA VAL G 59 45.71 42.06 2.89
C VAL G 59 46.44 40.85 2.37
N PHE G 60 46.11 40.45 1.15
CA PHE G 60 46.74 39.32 0.48
C PHE G 60 48.27 39.39 0.56
N GLU G 61 48.81 40.49 0.04
CA GLU G 61 50.25 40.75 0.11
C GLU G 61 50.82 40.67 1.53
N ASP G 62 50.15 41.31 2.48
CA ASP G 62 50.63 41.37 3.86
C ASP G 62 50.70 40.00 4.53
N ILE G 63 49.72 39.16 4.25
CA ILE G 63 49.65 37.83 4.86
C ILE G 63 50.73 36.89 4.30
N ILE G 64 50.81 36.81 2.98
CA ILE G 64 51.77 35.92 2.34
C ILE G 64 53.21 36.37 2.56
N THR G 65 53.41 37.64 2.89
CA THR G 65 54.75 38.16 3.16
C THR G 65 55.13 37.90 4.61
N GLN G 66 54.34 38.41 5.52
CA GLN G 66 54.62 38.28 6.92
C GLN G 66 54.60 36.83 7.42
N TYR G 67 53.75 36.00 6.86
CA TYR G 67 53.66 34.61 7.25
C TYR G 67 54.20 33.69 6.18
N ASN G 68 55.14 34.18 5.38
CA ASN G 68 55.79 33.38 4.34
C ASN G 68 56.37 32.06 4.85
N GLY G 69 56.03 30.98 4.16
CA GLY G 69 56.42 29.65 4.56
C GLY G 69 55.68 29.07 5.76
N LYS G 70 54.73 29.83 6.30
CA LYS G 70 54.03 29.43 7.51
C LYS G 70 52.49 29.18 7.38
N TYR G 71 51.90 29.65 6.28
CA TYR G 71 50.46 29.56 6.09
C TYR G 71 49.99 28.40 5.25
N ILE G 72 48.75 27.98 5.47
CA ILE G 72 48.14 26.97 4.61
C ILE G 72 47.40 27.66 3.47
N LEU G 73 47.63 27.21 2.24
CA LEU G 73 46.86 27.71 1.13
C LEU G 73 45.72 26.76 0.82
N ALA G 74 44.50 27.26 0.95
CA ALA G 74 43.33 26.52 0.53
C ALA G 74 42.88 27.06 -0.83
N VAL G 75 42.66 26.14 -1.77
CA VAL G 75 42.32 26.53 -3.13
C VAL G 75 40.97 26.00 -3.57
N GLU G 76 40.08 26.90 -3.94
CA GLU G 76 38.79 26.51 -4.46
C GLU G 76 38.79 26.87 -5.94
N GLY G 77 38.23 25.97 -6.75
CA GLY G 77 38.21 26.16 -8.18
C GLY G 77 39.56 25.87 -8.79
N ASN G 78 39.74 26.24 -10.06
CA ASN G 78 40.95 25.91 -10.81
C ASN G 78 41.33 27.00 -11.82
N PRO G 79 42.62 27.04 -12.22
CA PRO G 79 43.04 28.04 -13.21
C PRO G 79 42.78 27.59 -14.66
N PRO G 80 42.30 28.51 -15.51
CA PRO G 80 42.19 28.27 -16.95
C PRO G 80 43.48 28.66 -17.67
N LEU G 81 43.89 27.83 -18.62
CA LEU G 81 45.09 28.10 -19.37
C LEU G 81 44.81 28.80 -20.69
N GLY G 82 43.58 28.69 -21.18
CA GLY G 82 43.17 29.35 -22.42
C GLY G 82 43.20 30.87 -22.34
N GLU G 83 43.35 31.51 -23.51
CA GLU G 83 43.38 32.97 -23.62
C GLU G 83 44.34 33.64 -22.64
N GLN G 84 45.51 33.05 -22.50
CA GLN G 84 46.55 33.53 -21.59
C GLN G 84 46.13 33.62 -20.12
N GLY G 85 45.13 32.82 -19.77
CA GLY G 85 44.66 32.77 -18.40
C GLY G 85 43.58 33.79 -18.04
N MET G 86 43.17 34.61 -19.02
CA MET G 86 42.22 35.70 -18.79
C MET G 86 40.74 35.24 -18.80
N PHE G 87 40.52 33.93 -18.82
CA PHE G 87 39.22 33.34 -18.53
C PHE G 87 38.88 33.46 -17.05
N CYS G 88 39.89 33.78 -16.23
CA CYS G 88 39.67 34.07 -14.83
C CYS G 88 40.60 35.17 -14.41
N ILE G 89 40.05 36.37 -14.22
CA ILE G 89 40.86 37.56 -13.98
C ILE G 89 40.73 38.03 -12.53
N SER G 90 41.88 38.21 -11.88
CA SER G 90 41.94 38.77 -10.54
C SER G 90 42.90 39.95 -10.46
N SER G 91 42.37 41.12 -10.08
CA SER G 91 43.10 42.40 -10.06
C SER G 91 43.73 42.73 -11.42
N GLY G 92 42.98 42.52 -12.49
CA GLY G 92 43.44 42.77 -13.85
C GLY G 92 44.51 41.82 -14.40
N ARG G 93 44.80 40.74 -13.67
CA ARG G 93 45.83 39.79 -14.09
C ARG G 93 45.26 38.37 -14.08
N PRO G 94 45.90 37.43 -14.81
CA PRO G 94 45.43 36.03 -14.82
C PRO G 94 45.47 35.46 -13.42
N PHE G 95 44.43 34.74 -13.05
CA PHE G 95 44.35 34.15 -11.73
C PHE G 95 45.55 33.25 -11.42
N ILE G 96 46.01 32.51 -12.42
CA ILE G 96 47.16 31.61 -12.27
C ILE G 96 48.38 32.29 -11.63
N GLU G 97 48.53 33.60 -11.82
CA GLU G 97 49.62 34.35 -11.22
C GLU G 97 49.45 34.49 -9.70
N LYS G 98 48.20 34.67 -9.26
CA LYS G 98 47.83 34.73 -7.85
C LYS G 98 47.98 33.38 -7.21
N LEU G 99 47.55 32.36 -7.94
CA LEU G 99 47.72 30.98 -7.49
C LEU G 99 49.18 30.64 -7.21
N LYS G 100 50.05 30.92 -8.18
CA LYS G 100 51.48 30.58 -8.08
C LYS G 100 52.19 31.37 -6.99
N ARG G 101 51.84 32.65 -6.88
CA ARG G 101 52.43 33.52 -5.86
C ARG G 101 52.03 33.06 -4.45
N ALA G 102 50.75 32.69 -4.28
CA ALA G 102 50.23 32.13 -3.04
C ALA G 102 50.85 30.77 -2.72
N ALA G 103 50.90 29.90 -3.71
CA ALA G 103 51.51 28.57 -3.60
C ALA G 103 53.00 28.60 -3.21
N ALA G 104 53.73 29.63 -3.65
CA ALA G 104 55.16 29.73 -3.36
C ALA G 104 55.45 29.90 -1.86
N GLY G 105 54.60 30.62 -1.15
CA GLY G 105 54.81 30.88 0.27
C GLY G 105 54.08 29.94 1.23
N ALA G 106 53.24 29.04 0.70
CA ALA G 106 52.48 28.09 1.53
C ALA G 106 53.33 26.94 2.06
N SER G 107 53.03 26.47 3.27
CA SER G 107 53.68 25.27 3.80
C SER G 107 52.99 24.01 3.23
N ALA G 108 51.70 24.11 2.95
CA ALA G 108 50.97 23.02 2.32
C ALA G 108 49.78 23.58 1.56
N ILE G 109 49.17 22.78 0.71
CA ILE G 109 48.03 23.23 -0.06
C ILE G 109 46.84 22.30 0.09
N ILE G 110 45.68 22.87 0.42
CA ILE G 110 44.44 22.11 0.44
C ILE G 110 43.73 22.34 -0.88
N ALA G 111 43.49 21.27 -1.63
CA ALA G 111 42.69 21.36 -2.86
C ALA G 111 41.23 20.99 -2.60
N TRP G 112 40.38 21.98 -2.35
CA TRP G 112 38.96 21.74 -2.05
C TRP G 112 38.18 21.31 -3.28
N GLY G 113 37.40 20.23 -3.14
CA GLY G 113 36.44 19.83 -4.16
C GLY G 113 37.07 19.25 -5.42
N THR G 114 36.19 18.75 -6.29
CA THR G 114 36.59 18.21 -7.59
C THR G 114 37.27 19.23 -8.52
N CYS G 115 36.85 20.49 -8.47
CA CYS G 115 37.46 21.58 -9.25
C CYS G 115 38.98 21.64 -9.06
N ALA G 116 39.41 21.88 -7.82
CA ALA G 116 40.82 22.01 -7.50
C ALA G 116 41.56 20.68 -7.66
N SER G 117 40.88 19.59 -7.30
CA SER G 117 41.47 18.25 -7.37
C SER G 117 41.64 17.71 -8.79
N TRP G 118 40.62 17.87 -9.62
CA TRP G 118 40.56 17.17 -10.90
C TRP G 118 40.22 18.10 -12.07
N GLY G 119 39.32 19.04 -11.85
CA GLY G 119 38.89 19.93 -12.92
C GLY G 119 37.40 20.24 -12.89
N CYS G 120 36.61 19.22 -12.53
CA CYS G 120 35.15 19.31 -12.43
C CYS G 120 34.50 19.77 -13.74
N VAL G 121 33.33 20.40 -13.62
CA VAL G 121 32.45 20.65 -14.77
C VAL G 121 33.06 21.50 -15.89
N GLN G 122 33.87 22.50 -15.54
CA GLN G 122 34.46 23.36 -16.54
C GLN G 122 35.50 22.61 -17.37
N ALA G 123 36.04 21.54 -16.78
CA ALA G 123 37.05 20.73 -17.44
C ALA G 123 36.44 19.66 -18.34
N ALA G 124 35.12 19.48 -18.26
CA ALA G 124 34.42 18.50 -19.10
C ALA G 124 34.47 18.90 -20.58
N ARG G 125 34.25 17.94 -21.47
CA ARG G 125 34.30 18.17 -22.91
C ARG G 125 33.40 19.31 -23.35
N PRO G 126 33.97 20.26 -24.12
CA PRO G 126 35.33 20.23 -24.64
C PRO G 126 36.31 21.15 -23.90
N ASN G 127 36.09 21.36 -22.61
CA ASN G 127 36.95 22.22 -21.78
C ASN G 127 37.32 23.54 -22.46
N PRO G 128 36.32 24.40 -22.74
CA PRO G 128 36.53 25.64 -23.49
C PRO G 128 37.66 26.52 -22.97
N THR G 129 37.93 26.49 -21.67
CA THR G 129 38.85 27.45 -21.07
C THR G 129 40.18 26.84 -20.74
N GLN G 130 40.29 25.54 -21.03
CA GLN G 130 41.45 24.72 -20.60
C GLN G 130 41.63 24.83 -19.09
N ALA G 131 40.56 24.55 -18.36
CA ALA G 131 40.63 24.50 -16.91
C ALA G 131 41.48 23.31 -16.48
N THR G 132 42.38 23.56 -15.54
CA THR G 132 43.40 22.60 -15.13
C THR G 132 43.41 22.46 -13.62
N PRO G 133 43.48 21.22 -13.11
CA PRO G 133 43.63 20.99 -11.66
C PRO G 133 44.94 21.54 -11.11
N ILE G 134 44.97 21.87 -9.83
CA ILE G 134 46.10 22.59 -9.19
C ILE G 134 47.43 21.85 -9.27
N ASP G 135 47.35 20.52 -9.16
CA ASP G 135 48.56 19.72 -9.08
C ASP G 135 49.23 19.58 -10.44
N LYS G 136 48.53 19.98 -11.50
CA LYS G 136 49.18 20.07 -12.81
C LYS G 136 49.86 21.42 -13.02
N VAL G 137 49.68 22.35 -12.08
CA VAL G 137 50.28 23.67 -12.19
C VAL G 137 51.30 23.88 -11.09
N ILE G 138 50.96 23.47 -9.86
CA ILE G 138 51.86 23.51 -8.73
C ILE G 138 52.45 22.12 -8.49
N THR G 139 53.75 21.96 -8.71
CA THR G 139 54.38 20.62 -8.58
C THR G 139 55.47 20.50 -7.53
N ASP G 140 55.72 21.56 -6.77
CA ASP G 140 56.76 21.54 -5.75
C ASP G 140 56.19 21.69 -4.35
N LYS G 141 54.92 21.35 -4.18
CA LYS G 141 54.26 21.50 -2.89
C LYS G 141 53.36 20.30 -2.62
N PRO G 142 53.24 19.92 -1.30
CA PRO G 142 52.33 18.82 -0.98
C PRO G 142 50.93 19.35 -1.16
N ILE G 143 50.13 18.62 -1.93
CA ILE G 143 48.75 19.00 -2.16
C ILE G 143 47.79 17.90 -1.69
N ILE G 144 46.89 18.28 -0.78
CA ILE G 144 45.88 17.36 -0.28
C ILE G 144 44.61 17.53 -1.09
N LYS G 145 44.20 16.49 -1.78
CA LYS G 145 43.00 16.54 -2.58
C LYS G 145 41.79 16.10 -1.76
N VAL G 146 40.82 17.00 -1.66
CA VAL G 146 39.58 16.71 -0.96
C VAL G 146 38.44 16.81 -2.00
N PRO G 147 38.33 15.79 -2.87
CA PRO G 147 37.40 15.87 -3.99
C PRO G 147 35.92 15.72 -3.60
N GLY G 148 35.03 15.83 -4.59
CA GLY G 148 33.60 15.86 -4.35
C GLY G 148 33.02 17.18 -4.81
N CYS G 149 31.74 17.18 -5.21
CA CYS G 149 31.13 18.38 -5.80
C CYS G 149 29.84 18.81 -5.09
N PRO G 150 29.98 19.46 -3.91
CA PRO G 150 31.22 19.70 -3.15
C PRO G 150 31.58 18.49 -2.24
N PRO G 151 32.70 18.59 -1.51
CA PRO G 151 32.90 17.57 -0.47
C PRO G 151 31.86 17.69 0.66
N ILE G 152 31.70 16.62 1.45
CA ILE G 152 30.86 16.65 2.65
C ILE G 152 31.35 17.71 3.64
N PRO G 153 30.45 18.60 4.08
CA PRO G 153 30.73 19.68 5.04
C PRO G 153 31.55 19.23 6.26
N ASP G 154 31.12 18.14 6.90
CA ASP G 154 31.76 17.68 8.12
C ASP G 154 33.07 16.95 7.85
N VAL G 155 33.21 16.42 6.63
CA VAL G 155 34.48 15.88 6.16
C VAL G 155 35.51 17.01 6.02
N MET G 156 35.10 18.14 5.42
CA MET G 156 35.97 19.31 5.31
C MET G 156 36.47 19.81 6.66
N SER G 157 35.55 20.00 7.61
CA SER G 157 35.91 20.47 8.94
C SER G 157 36.75 19.45 9.72
N ALA G 158 36.43 18.18 9.55
CA ALA G 158 37.18 17.10 10.21
C ALA G 158 38.63 17.07 9.74
N ILE G 159 38.84 17.25 8.45
CA ILE G 159 40.19 17.32 7.91
C ILE G 159 40.90 18.54 8.45
N ILE G 160 40.21 19.67 8.52
CA ILE G 160 40.77 20.86 9.15
C ILE G 160 41.17 20.60 10.60
N THR G 161 40.24 20.05 11.39
CA THR G 161 40.50 19.82 12.81
C THR G 161 41.61 18.82 13.04
N TYR G 162 41.71 17.82 12.16
CA TYR G 162 42.81 16.87 12.23
C TYR G 162 44.17 17.56 12.13
N MET G 163 44.31 18.43 11.12
CA MET G 163 45.57 19.13 10.83
C MET G 163 45.94 20.10 11.93
N VAL G 164 44.95 20.76 12.52
CA VAL G 164 45.20 21.62 13.66
C VAL G 164 45.57 20.83 14.93
N THR G 165 44.73 19.86 15.30
CA THR G 165 44.91 19.07 16.51
C THR G 165 46.19 18.24 16.48
N PHE G 166 46.34 17.46 15.42
CA PHE G 166 47.45 16.55 15.34
C PHE G 166 48.69 17.16 14.74
N ASP G 167 48.60 18.42 14.31
CA ASP G 167 49.72 19.16 13.79
C ASP G 167 50.47 18.45 12.64
N ARG G 168 49.72 17.97 11.66
CA ARG G 168 50.27 17.22 10.56
C ARG G 168 49.21 17.00 9.50
N LEU G 169 49.66 16.76 8.29
CA LEU G 169 48.80 16.41 7.17
C LEU G 169 48.24 15.01 7.31
N PRO G 170 47.00 14.79 6.87
CA PRO G 170 46.41 13.44 6.91
C PRO G 170 47.11 12.50 5.94
N ASP G 171 47.15 11.21 6.26
CA ASP G 171 47.74 10.26 5.33
C ASP G 171 46.87 10.14 4.09
N VAL G 172 47.50 10.02 2.94
CA VAL G 172 46.80 10.10 1.67
C VAL G 172 47.04 8.83 0.85
N ASP G 173 46.10 8.52 -0.03
CA ASP G 173 46.20 7.38 -0.92
C ASP G 173 47.06 7.79 -2.09
N ARG G 174 47.11 6.96 -3.11
CA ARG G 174 48.01 7.18 -4.23
C ARG G 174 47.64 8.35 -5.11
N MET G 175 46.53 9.02 -4.78
CA MET G 175 46.06 10.17 -5.53
C MET G 175 46.07 11.46 -4.74
N GLY G 176 46.50 11.41 -3.49
CA GLY G 176 46.55 12.59 -2.62
C GLY G 176 45.28 12.87 -1.82
N ARG G 177 44.37 11.90 -1.81
CA ARG G 177 43.12 12.00 -1.05
C ARG G 177 43.31 11.41 0.34
N PRO G 178 42.84 12.12 1.38
CA PRO G 178 42.93 11.61 2.76
C PRO G 178 42.25 10.23 2.90
N LEU G 179 43.04 9.25 3.35
CA LEU G 179 42.58 7.87 3.50
C LEU G 179 41.37 7.76 4.41
N MET G 180 41.33 8.60 5.45
CA MET G 180 40.24 8.60 6.45
C MET G 180 38.84 8.66 5.85
N PHE G 181 38.65 9.51 4.84
CA PHE G 181 37.34 9.65 4.25
C PHE G 181 37.22 9.13 2.83
N TYR G 182 38.37 8.90 2.19
CA TYR G 182 38.37 8.49 0.79
C TYR G 182 39.01 7.13 0.58
N GLY G 183 39.23 6.39 1.67
CA GLY G 183 39.88 5.09 1.62
C GLY G 183 38.99 3.99 1.05
N GLN G 184 37.68 4.18 1.14
CA GLN G 184 36.70 3.21 0.67
C GLN G 184 35.71 3.85 -0.27
N ARG G 185 35.04 3.02 -1.02
CA ARG G 185 34.05 3.52 -1.92
C ARG G 185 32.66 3.54 -1.32
N ILE G 186 31.77 4.29 -1.97
CA ILE G 186 30.38 4.44 -1.56
C ILE G 186 29.71 3.09 -1.54
N HIS G 187 29.95 2.33 -2.59
CA HIS G 187 29.38 1.00 -2.76
C HIS G 187 29.81 0.04 -1.64
N ASP G 188 30.94 0.34 -0.98
CA ASP G 188 31.50 -0.52 0.07
C ASP G 188 30.77 -0.32 1.39
N LYS G 189 30.02 0.76 1.50
CA LYS G 189 29.35 1.12 2.74
C LYS G 189 27.92 1.63 2.49
N CYS G 190 27.30 1.21 1.40
CA CYS G 190 25.97 1.63 1.06
C CYS G 190 24.93 0.73 1.70
N TYR G 191 23.95 1.34 2.36
CA TYR G 191 22.91 0.60 3.07
C TYR G 191 21.90 -0.08 2.12
N ARG G 192 22.09 0.08 0.83
CA ARG G 192 21.26 -0.64 -0.13
C ARG G 192 21.99 -1.82 -0.77
N ARG G 193 23.20 -2.12 -0.29
CA ARG G 193 23.98 -3.28 -0.76
C ARG G 193 23.24 -4.61 -0.73
N ALA G 194 22.38 -4.75 0.27
CA ALA G 194 21.60 -5.95 0.42
C ALA G 194 20.77 -6.19 -0.83
N HIS G 195 20.15 -5.13 -1.34
CA HIS G 195 19.31 -5.25 -2.53
C HIS G 195 20.20 -5.49 -3.77
N PHE G 196 21.30 -4.76 -3.88
CA PHE G 196 22.25 -4.94 -4.97
C PHE G 196 22.59 -6.41 -5.15
N ASP G 197 23.10 -7.05 -4.12
CA ASP G 197 23.55 -8.44 -4.25
C ASP G 197 22.38 -9.37 -4.39
N ALA G 198 21.20 -8.96 -3.93
CA ALA G 198 20.01 -9.79 -4.04
C ALA G 198 19.47 -9.77 -5.45
N GLY G 199 19.85 -8.76 -6.21
CA GLY G 199 19.29 -8.57 -7.54
C GLY G 199 17.99 -7.78 -7.54
N GLU G 200 17.85 -6.88 -6.56
CA GLU G 200 16.64 -6.11 -6.36
C GLU G 200 16.93 -4.66 -6.72
N PHE G 201 16.43 -4.26 -7.89
CA PHE G 201 16.81 -2.96 -8.48
C PHE G 201 15.61 -2.08 -8.85
N VAL G 202 15.75 -0.79 -8.62
CA VAL G 202 14.87 0.18 -9.22
C VAL G 202 15.07 0.10 -10.74
N GLN G 203 13.97 -0.03 -11.49
CA GLN G 203 14.02 -0.07 -12.94
C GLN G 203 13.52 1.21 -13.59
N SER G 204 12.52 1.81 -13.00
CA SER G 204 12.07 3.13 -13.42
C SER G 204 11.68 3.97 -12.18
N TRP G 205 11.76 5.29 -12.29
CA TRP G 205 11.54 6.17 -11.15
C TRP G 205 10.15 5.95 -10.55
N ASP G 206 10.10 5.93 -9.22
CA ASP G 206 8.86 5.81 -8.44
C ASP G 206 8.06 4.51 -8.69
N ASP G 207 8.75 3.45 -9.14
CA ASP G 207 8.12 2.12 -9.16
C ASP G 207 8.09 1.53 -7.74
N ASP G 208 7.54 0.34 -7.57
CA ASP G 208 7.49 -0.23 -6.23
C ASP G 208 8.84 -0.45 -5.63
N ALA G 209 9.79 -0.82 -6.47
CA ALA G 209 11.14 -1.00 -6.01
C ALA G 209 11.67 0.27 -5.38
N ALA G 210 11.41 1.42 -6.01
CA ALA G 210 11.98 2.69 -5.56
C ALA G 210 11.36 3.08 -4.22
N ARG G 211 10.11 2.70 -4.04
CA ARG G 211 9.35 3.01 -2.83
C ARG G 211 9.74 2.13 -1.66
N LYS G 212 10.51 1.08 -1.93
CA LYS G 212 11.02 0.22 -0.87
C LYS G 212 12.52 0.44 -0.65
N GLY G 213 13.10 1.39 -1.37
CA GLY G 213 14.53 1.72 -1.25
C GLY G 213 15.47 0.68 -1.84
N TYR G 214 15.07 0.06 -2.95
CA TYR G 214 15.92 -0.89 -3.66
C TYR G 214 17.13 -0.21 -4.30
N CYS G 215 18.08 -1.03 -4.75
CA CYS G 215 19.36 -0.55 -5.27
C CYS G 215 19.17 0.27 -6.54
N LEU G 216 20.04 1.26 -6.74
CA LEU G 216 19.92 2.18 -7.86
C LEU G 216 20.97 1.88 -8.93
N TYR G 217 21.45 0.66 -8.92
CA TYR G 217 22.53 0.24 -9.82
C TYR G 217 22.09 0.32 -11.27
N LYS G 218 20.86 -0.09 -11.53
CA LYS G 218 20.30 -0.04 -12.86
C LYS G 218 19.84 1.36 -13.29
N MET G 219 19.83 2.30 -12.37
CA MET G 219 19.48 3.68 -12.67
C MET G 219 20.74 4.48 -12.91
N GLY G 220 21.87 3.78 -12.99
CA GLY G 220 23.17 4.36 -13.34
C GLY G 220 24.07 4.74 -12.18
N CYS G 221 23.74 4.27 -10.97
CA CYS G 221 24.53 4.61 -9.80
C CYS G 221 26.03 4.31 -10.01
N LYS G 222 26.86 5.33 -9.76
CA LYS G 222 28.32 5.19 -9.94
C LYS G 222 29.04 5.00 -8.61
N GLY G 223 28.25 4.67 -7.58
CA GLY G 223 28.77 4.22 -6.30
C GLY G 223 29.90 3.20 -6.34
N PRO G 224 29.76 2.12 -7.17
CA PRO G 224 30.81 1.08 -7.21
C PRO G 224 32.19 1.58 -7.59
N THR G 225 32.29 2.77 -8.16
CA THR G 225 33.58 3.26 -8.62
C THR G 225 33.96 4.60 -7.99
N THR G 226 33.26 5.00 -6.94
CA THR G 226 33.46 6.33 -6.38
C THR G 226 33.97 6.31 -4.94
N TYR G 227 35.09 6.97 -4.68
CA TYR G 227 35.63 7.01 -3.33
C TYR G 227 35.18 8.27 -2.58
N ASN G 228 34.42 8.07 -1.49
CA ASN G 228 33.92 9.16 -0.68
C ASN G 228 33.28 8.60 0.58
N ALA G 229 32.82 9.47 1.49
CA ALA G 229 32.29 9.07 2.80
C ALA G 229 30.76 9.21 2.92
N CYS G 230 30.10 9.45 1.79
CA CYS G 230 28.68 9.82 1.77
C CYS G 230 27.78 8.73 2.30
N SER G 231 28.19 7.48 2.16
CA SER G 231 27.34 6.41 2.66
C SER G 231 27.56 6.12 4.14
N SER G 232 28.50 6.81 4.75
CA SER G 232 28.80 6.61 6.16
C SER G 232 28.61 7.85 6.94
N THR G 233 29.34 8.88 6.57
CA THR G 233 29.25 10.15 7.24
C THR G 233 27.96 10.87 6.82
N ARG G 234 27.59 10.68 5.57
CA ARG G 234 26.38 11.26 5.04
C ARG G 234 26.43 12.78 5.08
N TRP G 235 25.35 13.43 4.67
CA TRP G 235 25.36 14.85 4.35
C TRP G 235 24.53 15.65 5.32
N ASN G 236 25.02 16.84 5.63
CA ASN G 236 24.24 17.85 6.35
C ASN G 236 23.80 17.34 7.71
N ASP G 237 24.79 17.02 8.54
CA ASP G 237 24.57 16.52 9.90
C ASP G 237 23.92 15.12 9.87
N GLY G 238 24.41 14.30 8.94
CA GLY G 238 23.96 12.94 8.79
C GLY G 238 22.52 12.75 8.38
N VAL G 239 21.92 13.76 7.78
CA VAL G 239 20.49 13.69 7.40
C VAL G 239 20.25 12.73 6.24
N SER G 240 21.09 12.82 5.21
CA SER G 240 20.91 11.99 4.03
C SER G 240 22.17 11.97 3.17
N PHE G 241 22.09 11.27 2.04
CA PHE G 241 23.06 11.38 0.96
C PHE G 241 22.32 10.97 -0.32
N PRO G 242 22.87 11.29 -1.50
CA PRO G 242 22.19 11.08 -2.78
C PRO G 242 21.37 9.82 -2.94
N ILE G 243 21.97 8.67 -2.68
CA ILE G 243 21.30 7.36 -2.80
C ILE G 243 20.10 7.22 -1.85
N GLN G 244 20.27 7.72 -0.62
CA GLN G 244 19.22 7.60 0.38
C GLN G 244 17.97 8.35 -0.03
N SER G 245 18.13 9.50 -0.68
CA SER G 245 17.00 10.26 -1.18
C SER G 245 16.58 9.81 -2.60
N GLY G 246 17.05 8.64 -3.03
CA GLY G 246 16.56 7.98 -4.25
C GLY G 246 17.27 8.24 -5.58
N HIS G 247 18.40 8.96 -5.58
CA HIS G 247 19.16 9.18 -6.83
C HIS G 247 20.49 8.48 -6.75
N GLY G 248 20.87 7.80 -7.83
CA GLY G 248 22.16 7.13 -7.90
C GLY G 248 23.33 8.10 -7.82
N CYS G 249 24.44 7.65 -7.23
CA CYS G 249 25.68 8.42 -7.19
C CYS G 249 26.13 8.84 -8.62
N LEU G 250 26.45 10.11 -8.77
CA LEU G 250 26.92 10.63 -10.04
C LEU G 250 28.40 10.32 -10.25
N GLY G 251 29.10 10.03 -9.16
CA GLY G 251 30.54 9.84 -9.18
C GLY G 251 31.27 11.16 -9.01
N CYS G 252 30.61 12.13 -8.37
CA CYS G 252 31.09 13.51 -8.26
C CYS G 252 32.43 13.72 -7.55
N ALA G 253 32.87 12.74 -6.79
CA ALA G 253 34.21 12.79 -6.15
C ALA G 253 35.35 12.29 -7.07
N GLU G 254 35.00 11.74 -8.23
CA GLU G 254 35.97 11.08 -9.08
C GLU G 254 36.44 11.91 -10.25
N ASN G 255 37.73 11.80 -10.53
CA ASN G 255 38.36 12.46 -11.69
C ASN G 255 37.61 12.28 -13.02
N GLY G 256 37.13 13.40 -13.55
CA GLY G 256 36.50 13.48 -14.86
C GLY G 256 35.16 12.78 -14.99
N PHE G 257 34.41 12.75 -13.90
CA PHE G 257 33.18 11.96 -13.84
C PHE G 257 32.12 12.48 -14.78
N TRP G 258 32.20 13.78 -15.08
CA TRP G 258 31.29 14.44 -16.01
C TRP G 258 31.28 13.79 -17.40
N ASP G 259 32.44 13.32 -17.85
CA ASP G 259 32.58 12.71 -19.16
C ASP G 259 32.47 11.19 -19.14
N ARG G 260 31.99 10.65 -18.05
CA ARG G 260 31.76 9.23 -17.98
C ARG G 260 30.31 8.84 -18.25
N GLY G 261 29.93 9.10 -19.47
CA GLY G 261 28.70 8.57 -20.04
C GLY G 261 27.55 9.23 -19.41
N SER G 262 26.35 8.78 -19.76
CA SER G 262 25.16 9.22 -19.06
C SER G 262 25.21 8.80 -17.58
N PHE G 263 24.79 9.68 -16.69
CA PHE G 263 24.66 9.32 -15.30
C PHE G 263 23.68 8.16 -15.10
N TYR G 264 22.83 7.88 -16.08
CA TYR G 264 21.76 6.90 -15.91
C TYR G 264 21.96 5.61 -16.64
N SER G 265 23.17 5.38 -17.13
CA SER G 265 23.47 4.11 -17.79
C SER G 265 24.65 3.39 -17.14
N ARG G 266 24.53 2.06 -17.12
CA ARG G 266 25.61 1.20 -16.64
C ARG G 266 26.84 1.19 -17.56
N VAL G 267 26.59 1.20 -18.87
CA VAL G 267 27.67 1.21 -19.86
C VAL G 267 27.86 2.65 -20.33
N VAL G 268 29.05 3.20 -20.12
CA VAL G 268 29.30 4.63 -20.30
C VAL G 268 30.35 5.02 -21.35
N ASP G 269 30.34 6.32 -21.67
CA ASP G 269 31.29 6.92 -22.62
C ASP G 269 32.74 6.55 -22.33
N ILE G 270 33.46 6.14 -23.37
CA ILE G 270 34.93 6.10 -23.32
C ILE G 270 35.38 7.37 -24.03
N PRO G 271 35.90 8.34 -23.26
CA PRO G 271 36.28 9.60 -23.88
C PRO G 271 37.23 9.43 -25.05
N GLN G 272 38.34 8.77 -24.85
CA GLN G 272 39.33 8.61 -25.88
C GLN G 272 38.86 7.89 -27.13
N MET G 273 37.59 7.60 -27.24
CA MET G 273 37.14 6.88 -28.40
C MET G 273 36.10 7.54 -29.26
N GLY G 274 35.83 8.83 -29.02
CA GLY G 274 34.80 9.53 -29.77
C GLY G 274 33.96 10.46 -28.93
N THR G 275 32.84 10.87 -29.47
CA THR G 275 31.95 11.79 -28.80
C THR G 275 31.11 11.07 -27.78
N HIS G 276 30.41 10.03 -28.24
CA HIS G 276 29.53 9.27 -27.39
C HIS G 276 29.65 7.78 -27.63
N SER G 277 30.88 7.28 -27.65
CA SER G 277 31.12 5.88 -27.91
C SER G 277 31.39 5.14 -26.64
N THR G 278 30.73 4.02 -26.45
CA THR G 278 30.91 3.24 -25.23
C THR G 278 31.42 1.86 -25.54
N ALA G 279 31.49 1.01 -24.53
CA ALA G 279 31.95 -0.33 -24.73
C ALA G 279 31.00 -1.14 -25.51
N ASP G 280 29.71 -0.85 -25.43
CA ASP G 280 28.74 -1.59 -26.22
C ASP G 280 28.65 -1.10 -27.65
N THR G 281 29.02 0.16 -27.85
CA THR G 281 29.03 0.77 -29.17
C THR G 281 30.19 0.25 -29.98
N VAL G 282 31.40 0.49 -29.49
CA VAL G 282 32.63 0.05 -30.13
C VAL G 282 32.67 -1.47 -30.19
N GLY G 283 32.24 -2.11 -29.10
CA GLY G 283 32.18 -3.55 -28.98
C GLY G 283 31.28 -4.24 -29.97
N LEU G 284 30.02 -3.88 -29.99
CA LEU G 284 29.09 -4.50 -30.93
C LEU G 284 29.41 -4.18 -32.38
N THR G 285 29.91 -2.98 -32.63
CA THR G 285 30.30 -2.61 -33.97
C THR G 285 31.35 -3.60 -34.43
N ALA G 286 32.36 -3.83 -33.59
CA ALA G 286 33.41 -4.79 -33.90
C ALA G 286 32.84 -6.19 -34.12
N LEU G 287 31.89 -6.58 -33.28
CA LEU G 287 31.22 -7.86 -33.42
C LEU G 287 30.49 -8.02 -34.74
N GLY G 288 29.86 -6.96 -35.21
CA GLY G 288 29.10 -6.99 -36.45
C GLY G 288 29.98 -6.78 -37.67
N VAL G 289 31.18 -6.23 -37.45
CA VAL G 289 32.14 -6.04 -38.53
C VAL G 289 32.64 -7.43 -38.91
N VAL G 290 32.92 -8.25 -37.90
CA VAL G 290 33.46 -9.59 -38.09
C VAL G 290 32.44 -10.53 -38.73
N ALA G 291 31.19 -10.42 -38.29
CA ALA G 291 30.11 -11.18 -38.89
C ALA G 291 30.04 -10.87 -40.38
N ALA G 292 30.25 -9.61 -40.74
CA ALA G 292 30.28 -9.22 -42.14
C ALA G 292 31.35 -10.00 -42.91
N ALA G 293 32.56 -10.06 -42.35
CA ALA G 293 33.64 -10.80 -42.97
C ALA G 293 33.26 -12.28 -43.18
N VAL G 294 32.60 -12.88 -42.19
CA VAL G 294 32.08 -14.23 -42.32
C VAL G 294 30.87 -14.22 -43.24
N SER H 2 38.45 61.36 -23.45
CA SER H 2 37.26 61.02 -22.65
C SER H 2 36.00 61.53 -23.37
N THR H 3 34.93 60.75 -23.31
CA THR H 3 33.66 61.10 -23.96
C THR H 3 32.55 61.31 -22.95
N GLN H 4 31.42 61.77 -23.48
CA GLN H 4 30.22 62.01 -22.69
C GLN H 4 29.00 61.80 -23.58
N TYR H 5 27.99 61.13 -23.06
CA TYR H 5 26.74 60.96 -23.78
C TYR H 5 25.57 60.80 -22.80
N GLU H 6 24.35 60.77 -23.34
CA GLU H 6 23.14 60.67 -22.50
C GLU H 6 22.28 59.47 -22.81
N THR H 7 21.94 58.73 -21.77
CA THR H 7 21.10 57.57 -21.91
C THR H 7 20.26 57.35 -20.66
N GLN H 8 19.00 56.96 -20.87
CA GLN H 8 18.08 56.62 -19.79
C GLN H 8 18.04 57.65 -18.63
N GLY H 9 18.19 58.93 -18.98
CA GLY H 9 18.19 60.01 -18.00
C GLY H 9 19.53 60.27 -17.33
N TYR H 10 20.55 59.50 -17.72
CA TYR H 10 21.88 59.68 -17.15
C TYR H 10 22.84 60.40 -18.10
N THR H 11 23.76 61.16 -17.50
CA THR H 11 24.91 61.69 -18.21
C THR H 11 26.15 60.83 -17.90
N ILE H 12 26.57 60.08 -18.92
CA ILE H 12 27.73 59.18 -18.80
C ILE H 12 28.99 59.95 -19.24
N ASN H 13 29.83 60.25 -18.27
CA ASN H 13 31.03 61.07 -18.48
C ASN H 13 32.28 60.40 -17.87
N ASN H 14 33.20 59.94 -18.71
CA ASN H 14 34.39 59.23 -18.22
C ASN H 14 35.62 60.14 -18.12
N ALA H 15 35.38 61.45 -18.06
CA ALA H 15 36.43 62.38 -17.65
C ALA H 15 36.51 62.34 -16.12
N GLY H 16 37.52 62.97 -15.54
CA GLY H 16 37.70 62.93 -14.09
C GLY H 16 38.30 61.63 -13.58
N ARG H 17 38.64 61.64 -12.29
CA ARG H 17 39.37 60.56 -11.64
C ARG H 17 38.70 59.18 -11.81
N ARG H 18 39.47 58.20 -12.25
CA ARG H 18 39.00 56.82 -12.41
C ARG H 18 39.33 56.04 -11.16
N LEU H 19 38.38 55.21 -10.71
CA LEU H 19 38.61 54.32 -9.58
C LEU H 19 38.37 52.88 -9.98
N VAL H 20 39.21 51.97 -9.49
CA VAL H 20 39.09 50.55 -9.79
C VAL H 20 38.91 49.73 -8.52
N VAL H 21 37.85 48.94 -8.49
CA VAL H 21 37.63 47.98 -7.40
C VAL H 21 37.67 46.57 -7.95
N ASP H 22 38.81 45.92 -7.78
CA ASP H 22 39.07 44.58 -8.28
C ASP H 22 40.09 43.89 -7.35
N PRO H 23 39.65 42.82 -6.64
CA PRO H 23 38.38 42.13 -6.76
C PRO H 23 37.22 42.73 -5.94
N ILE H 24 36.00 42.52 -6.41
CA ILE H 24 34.84 42.77 -5.59
C ILE H 24 34.70 41.56 -4.65
N THR H 25 34.73 41.83 -3.35
CA THR H 25 34.60 40.76 -2.36
C THR H 25 33.17 40.70 -1.80
N ARG H 26 32.93 39.65 -1.02
CA ARG H 26 31.63 39.35 -0.43
C ARG H 26 30.55 39.32 -1.50
N ILE H 27 30.92 38.70 -2.63
CA ILE H 27 29.97 38.35 -3.68
C ILE H 27 30.30 36.91 -4.06
N GLU H 28 29.47 36.30 -4.89
CA GLU H 28 29.83 35.02 -5.47
C GLU H 28 30.63 35.32 -6.74
N GLY H 29 31.75 34.63 -6.89
CA GLY H 29 32.53 34.69 -8.14
C GLY H 29 33.42 35.91 -8.31
N HIS H 30 33.71 36.24 -9.57
CA HIS H 30 34.70 37.25 -9.90
C HIS H 30 34.11 38.46 -10.60
N MET H 31 34.25 39.62 -9.98
CA MET H 31 33.75 40.86 -10.56
C MET H 31 34.74 41.99 -10.43
N ARG H 32 34.83 42.79 -11.48
CA ARG H 32 35.64 44.01 -11.48
C ARG H 32 34.70 45.19 -11.68
N CYS H 33 34.91 46.25 -10.90
CA CYS H 33 34.13 47.46 -11.08
C CYS H 33 35.04 48.68 -11.28
N GLU H 34 34.71 49.50 -12.27
CA GLU H 34 35.43 50.76 -12.47
C GLU H 34 34.45 51.92 -12.53
N VAL H 35 34.84 53.04 -11.91
CA VAL H 35 34.02 54.26 -11.93
C VAL H 35 34.83 55.51 -12.19
N ASN H 36 34.17 56.53 -12.69
CA ASN H 36 34.75 57.87 -12.78
C ASN H 36 34.02 58.80 -11.87
N ILE H 37 34.77 59.61 -11.14
CA ILE H 37 34.19 60.60 -10.25
C ILE H 37 34.63 61.99 -10.64
N ASN H 38 33.72 62.94 -10.46
CA ASN H 38 34.02 64.33 -10.73
C ASN H 38 34.79 64.91 -9.55
N ASP H 39 34.89 66.23 -9.50
CA ASP H 39 35.63 66.88 -8.42
C ASP H 39 34.84 66.96 -7.13
N GLN H 40 33.55 66.67 -7.18
CA GLN H 40 32.71 66.71 -5.98
C GLN H 40 32.58 65.29 -5.43
N ASN H 41 33.37 64.39 -6.00
CA ASN H 41 33.39 63.01 -5.62
C ASN H 41 32.12 62.27 -5.98
N VAL H 42 31.49 62.65 -7.06
CA VAL H 42 30.27 61.99 -7.47
C VAL H 42 30.55 61.12 -8.69
N ILE H 43 30.02 59.91 -8.70
CA ILE H 43 30.21 59.00 -9.82
C ILE H 43 29.46 59.50 -11.05
N THR H 44 30.22 59.72 -12.13
CA THR H 44 29.68 60.19 -13.42
C THR H 44 29.73 59.11 -14.49
N ASN H 45 30.37 58.00 -14.14
CA ASN H 45 30.52 56.86 -15.04
C ASN H 45 30.72 55.59 -14.20
N ALA H 46 30.11 54.48 -14.64
CA ALA H 46 30.21 53.20 -13.96
C ALA H 46 30.41 52.05 -14.95
N VAL H 47 31.29 51.12 -14.61
CA VAL H 47 31.61 50.01 -15.49
C VAL H 47 31.51 48.70 -14.75
N SER H 48 30.60 47.85 -15.20
CA SER H 48 30.43 46.53 -14.60
C SER H 48 31.12 45.44 -15.41
N CYS H 49 32.05 44.71 -14.81
CA CYS H 49 32.82 43.69 -15.51
C CYS H 49 32.81 42.30 -14.84
N GLY H 50 32.32 41.29 -15.57
CA GLY H 50 32.45 39.90 -15.15
C GLY H 50 33.82 39.34 -15.54
N THR H 51 34.62 38.98 -14.53
CA THR H 51 36.00 38.57 -14.74
C THR H 51 36.22 37.06 -14.76
N MET H 52 35.18 36.30 -15.12
CA MET H 52 35.29 34.85 -15.18
C MET H 52 34.43 34.29 -16.31
N PHE H 53 34.76 33.09 -16.78
CA PHE H 53 33.94 32.37 -17.75
C PHE H 53 34.30 30.89 -17.72
N ARG H 54 33.30 30.01 -17.81
CA ARG H 54 33.54 28.56 -17.82
C ARG H 54 32.99 27.89 -19.07
N GLY H 55 31.80 28.31 -19.50
CA GLY H 55 31.29 27.86 -20.78
C GLY H 55 30.40 26.66 -20.72
N LEU H 56 29.44 26.68 -19.82
CA LEU H 56 28.53 25.56 -19.68
C LEU H 56 27.64 25.33 -20.87
N GLU H 57 27.26 26.39 -21.52
CA GLU H 57 26.48 26.28 -22.75
C GLU H 57 27.21 25.49 -23.85
N ILE H 58 28.54 25.59 -23.86
CA ILE H 58 29.33 24.85 -24.83
C ILE H 58 29.47 23.39 -24.39
N ILE H 59 29.76 23.19 -23.11
CA ILE H 59 30.01 21.87 -22.55
C ILE H 59 28.80 20.95 -22.68
N LEU H 60 27.62 21.55 -22.69
CA LEU H 60 26.40 20.79 -22.71
C LEU H 60 26.07 20.24 -24.09
N GLN H 61 26.90 20.54 -25.06
CA GLN H 61 26.52 20.18 -26.40
C GLN H 61 26.65 18.71 -26.66
N GLY H 62 25.66 18.19 -27.35
CA GLY H 62 25.62 16.78 -27.69
C GLY H 62 25.19 15.84 -26.59
N ARG H 63 25.08 16.33 -25.37
CA ARG H 63 24.79 15.48 -24.22
C ARG H 63 23.33 15.07 -24.08
N ASP H 64 23.10 14.06 -23.26
CA ASP H 64 21.77 13.56 -22.93
C ASP H 64 21.00 14.58 -22.09
N PRO H 65 19.87 15.04 -22.61
CA PRO H 65 19.04 16.01 -21.94
C PRO H 65 18.74 15.63 -20.49
N ARG H 66 18.65 14.33 -20.19
CA ARG H 66 18.33 13.88 -18.85
C ARG H 66 19.46 14.17 -17.87
N ASP H 67 20.66 14.37 -18.39
CA ASP H 67 21.83 14.65 -17.55
C ASP H 67 22.04 16.12 -17.38
N ALA H 68 21.35 16.91 -18.18
CA ALA H 68 21.57 18.36 -18.26
C ALA H 68 21.52 19.07 -16.91
N TRP H 69 20.48 18.77 -16.10
CA TRP H 69 20.29 19.41 -14.79
C TRP H 69 21.52 19.38 -13.88
N ALA H 70 22.28 18.28 -13.98
CA ALA H 70 23.44 18.04 -13.12
C ALA H 70 24.59 18.98 -13.49
N PHE H 71 24.81 19.14 -14.81
CA PHE H 71 25.81 20.08 -15.32
C PHE H 71 25.48 21.54 -14.94
N VAL H 72 24.25 21.97 -15.24
CA VAL H 72 23.92 23.38 -15.08
C VAL H 72 23.78 23.76 -13.62
N GLU H 73 23.47 22.80 -12.75
CA GLU H 73 23.38 23.09 -11.32
C GLU H 73 24.70 23.63 -10.84
N ARG H 74 25.79 23.15 -11.46
CA ARG H 74 27.14 23.59 -11.11
C ARG H 74 27.52 24.95 -11.67
N ILE H 75 26.61 25.61 -12.37
CA ILE H 75 26.80 27.04 -12.66
C ILE H 75 27.02 27.83 -11.37
N CYS H 76 26.29 27.50 -10.30
CA CYS H 76 26.43 28.23 -9.03
C CYS H 76 26.13 27.35 -7.79
N GLY H 77 26.99 27.44 -6.79
CA GLY H 77 26.80 26.70 -5.57
C GLY H 77 26.08 27.51 -4.51
N VAL H 78 25.95 28.82 -4.75
CA VAL H 78 25.21 29.70 -3.85
C VAL H 78 23.68 29.60 -4.10
N CYS H 79 23.29 29.87 -5.34
CA CYS H 79 21.93 29.63 -5.75
C CYS H 79 21.78 28.18 -6.18
N THR H 80 22.24 27.28 -5.32
CA THR H 80 22.28 25.87 -5.68
C THR H 80 20.87 25.28 -5.83
N GLY H 81 20.62 24.64 -6.96
CA GLY H 81 19.35 23.96 -7.17
C GLY H 81 18.47 24.63 -8.20
N VAL H 82 18.59 25.96 -8.31
CA VAL H 82 17.71 26.73 -9.16
C VAL H 82 17.91 26.43 -10.65
N HIS H 83 19.15 26.24 -11.06
CA HIS H 83 19.45 25.94 -12.46
C HIS H 83 19.02 24.53 -12.83
N ALA H 84 19.08 23.63 -11.86
CA ALA H 84 18.58 22.29 -12.04
C ALA H 84 17.06 22.30 -12.24
N LEU H 85 16.38 23.14 -11.45
CA LEU H 85 14.94 23.35 -11.59
C LEU H 85 14.61 23.90 -12.97
N ALA H 86 15.34 24.94 -13.37
CA ALA H 86 15.16 25.52 -14.70
C ALA H 86 15.42 24.47 -15.77
N SER H 87 16.42 23.60 -15.53
CA SER H 87 16.82 22.63 -16.53
C SER H 87 15.75 21.57 -16.77
N VAL H 88 15.25 20.96 -15.69
CA VAL H 88 14.16 19.99 -15.80
C VAL H 88 12.88 20.65 -16.35
N TYR H 89 12.64 21.91 -15.99
CA TYR H 89 11.52 22.62 -16.58
C TYR H 89 11.67 22.62 -18.09
N ALA H 90 12.84 23.05 -18.56
CA ALA H 90 13.11 23.22 -19.99
C ALA H 90 13.00 21.92 -20.74
N ILE H 91 13.61 20.85 -20.20
CA ILE H 91 13.61 19.56 -20.90
C ILE H 91 12.21 18.97 -20.97
N GLU H 92 11.46 19.12 -19.88
CA GLU H 92 10.09 18.63 -19.82
C GLU H 92 9.21 19.44 -20.77
N ASP H 93 9.54 20.72 -20.93
CA ASP H 93 8.82 21.59 -21.87
C ASP H 93 9.04 21.12 -23.32
N ALA H 94 10.28 20.83 -23.66
CA ALA H 94 10.62 20.39 -25.00
C ALA H 94 9.94 19.07 -25.34
N ILE H 95 10.11 18.08 -24.47
CA ILE H 95 9.63 16.71 -24.74
C ILE H 95 8.13 16.60 -24.58
N GLY H 96 7.57 17.41 -23.68
CA GLY H 96 6.15 17.36 -23.39
C GLY H 96 5.84 16.39 -22.26
N ILE H 97 6.51 16.60 -21.14
CA ILE H 97 6.34 15.77 -19.95
C ILE H 97 5.54 16.52 -18.87
N LYS H 98 4.58 15.83 -18.26
CA LYS H 98 3.83 16.39 -17.14
C LYS H 98 4.18 15.64 -15.84
N VAL H 99 4.70 16.37 -14.86
CA VAL H 99 5.10 15.78 -13.59
C VAL H 99 3.89 15.60 -12.64
N PRO H 100 3.97 14.64 -11.71
CA PRO H 100 2.91 14.48 -10.72
C PRO H 100 2.87 15.65 -9.76
N ASP H 101 1.73 15.82 -9.09
CA ASP H 101 1.50 16.93 -8.17
C ASP H 101 2.55 17.03 -7.06
N ASN H 102 2.86 15.91 -6.42
CA ASN H 102 3.85 15.89 -5.34
C ASN H 102 5.23 16.34 -5.80
N ALA H 103 5.56 15.98 -7.03
CA ALA H 103 6.83 16.37 -7.63
C ALA H 103 6.89 17.88 -7.72
N ASN H 104 5.81 18.48 -8.18
CA ASN H 104 5.73 19.92 -8.30
C ASN H 104 5.82 20.62 -6.93
N ILE H 105 5.09 20.08 -5.96
CA ILE H 105 5.09 20.61 -4.63
C ILE H 105 6.49 20.53 -4.03
N ILE H 106 7.15 19.39 -4.19
CA ILE H 106 8.50 19.21 -3.66
C ILE H 106 9.49 20.19 -4.32
N ARG H 107 9.34 20.42 -5.62
CA ARG H 107 10.21 21.33 -6.35
C ARG H 107 10.03 22.75 -5.84
N ASN H 108 8.77 23.13 -5.61
CA ASN H 108 8.42 24.38 -4.95
C ASN H 108 9.03 24.54 -3.56
N ILE H 109 9.07 23.43 -2.80
CA ILE H 109 9.69 23.40 -1.48
C ILE H 109 11.19 23.64 -1.60
N MET H 110 11.81 22.97 -2.59
CA MET H 110 13.23 23.12 -2.84
C MET H 110 13.57 24.58 -3.17
N LEU H 111 12.73 25.20 -3.97
CA LEU H 111 12.97 26.58 -4.39
C LEU H 111 12.79 27.55 -3.22
N ALA H 112 11.71 27.36 -2.46
CA ALA H 112 11.42 28.21 -1.30
C ALA H 112 12.54 28.12 -0.26
N THR H 113 12.99 26.89 0.00
CA THR H 113 14.09 26.63 0.92
C THR H 113 15.31 27.43 0.48
N LEU H 114 15.60 27.40 -0.82
CA LEU H 114 16.75 28.11 -1.38
C LEU H 114 16.63 29.60 -1.14
N TRP H 115 15.49 30.16 -1.51
CA TRP H 115 15.13 31.54 -1.21
C TRP H 115 15.43 31.95 0.25
N CYS H 116 14.95 31.14 1.19
CA CYS H 116 15.16 31.42 2.61
C CYS H 116 16.66 31.39 2.98
N HIS H 117 17.34 30.33 2.59
CA HIS H 117 18.74 30.17 2.93
C HIS H 117 19.60 31.25 2.29
N ASP H 118 19.42 31.42 0.98
CA ASP H 118 20.22 32.36 0.19
C ASP H 118 20.05 33.81 0.69
N HIS H 119 18.79 34.23 0.86
CA HIS H 119 18.49 35.58 1.35
C HIS H 119 19.07 35.82 2.74
N LEU H 120 19.00 34.80 3.60
CA LEU H 120 19.53 34.92 4.96
C LEU H 120 21.03 35.12 5.00
N VAL H 121 21.75 34.24 4.29
CA VAL H 121 23.23 34.30 4.25
C VAL H 121 23.71 35.60 3.59
N HIS H 122 23.02 36.03 2.54
CA HIS H 122 23.41 37.26 1.88
C HIS H 122 23.30 38.45 2.83
N PHE H 123 22.18 38.51 3.54
CA PHE H 123 21.91 39.64 4.41
C PHE H 123 23.03 39.82 5.43
N TYR H 124 23.50 38.71 6.01
CA TYR H 124 24.52 38.77 7.09
C TYR H 124 25.95 38.59 6.61
N GLN H 125 26.21 37.49 5.91
CA GLN H 125 27.57 37.14 5.53
C GLN H 125 28.11 37.94 4.35
N LEU H 126 27.24 38.40 3.47
CA LEU H 126 27.70 39.14 2.28
C LEU H 126 27.50 40.66 2.41
N ALA H 127 26.25 41.09 2.53
CA ALA H 127 25.92 42.52 2.57
C ALA H 127 26.12 43.15 3.94
N GLY H 128 26.07 42.31 4.97
CA GLY H 128 25.99 42.75 6.37
C GLY H 128 27.01 43.76 6.84
N MET H 129 28.26 43.52 6.49
CA MET H 129 29.37 44.33 6.96
C MET H 129 29.46 45.69 6.30
N ASP H 130 28.64 45.93 5.30
CA ASP H 130 28.52 47.27 4.70
C ASP H 130 27.78 48.25 5.62
N TRP H 131 26.95 47.70 6.50
CA TRP H 131 26.05 48.49 7.31
C TRP H 131 26.44 48.37 8.77
N ILE H 132 26.99 47.22 9.14
CA ILE H 132 27.37 46.97 10.53
C ILE H 132 28.86 47.22 10.69
N ASP H 133 29.21 48.15 11.57
CA ASP H 133 30.61 48.39 11.92
C ASP H 133 31.03 47.41 13.01
N VAL H 134 31.64 46.30 12.60
CA VAL H 134 31.98 45.19 13.50
C VAL H 134 32.89 45.65 14.64
N LEU H 135 33.89 46.46 14.32
CA LEU H 135 34.86 46.91 15.32
C LEU H 135 34.26 47.94 16.29
N ASP H 136 33.23 48.65 15.84
CA ASP H 136 32.52 49.59 16.70
C ASP H 136 31.71 48.87 17.80
N ALA H 137 31.32 47.63 17.54
CA ALA H 137 30.62 46.79 18.50
C ALA H 137 31.40 46.58 19.82
N LEU H 138 32.72 46.76 19.75
CA LEU H 138 33.56 46.66 20.93
C LEU H 138 33.34 47.79 21.92
N LYS H 139 32.67 48.85 21.48
CA LYS H 139 32.46 50.03 22.32
C LYS H 139 31.04 50.09 22.89
N ALA H 140 30.21 49.15 22.47
CA ALA H 140 28.81 49.09 22.89
C ALA H 140 28.72 48.82 24.37
N ASP H 141 27.60 49.23 24.95
CA ASP H 141 27.27 48.86 26.30
C ASP H 141 26.42 47.59 26.20
N PRO H 142 26.84 46.49 26.91
CA PRO H 142 26.00 45.30 26.86
C PRO H 142 24.57 45.44 27.43
N ARG H 143 24.34 46.23 28.48
CA ARG H 143 22.97 46.48 28.97
C ARG H 143 22.09 47.11 27.89
N LYS H 144 22.53 48.24 27.32
CA LYS H 144 21.81 48.98 26.26
C LYS H 144 21.56 48.20 24.96
N THR H 145 22.48 47.32 24.60
CA THR H 145 22.30 46.44 23.44
C THR H 145 21.11 45.51 23.65
N SER H 146 21.02 44.93 24.85
CA SER H 146 19.89 44.07 25.19
C SER H 146 18.57 44.85 25.10
N GLU H 147 18.57 46.05 25.67
CA GLU H 147 17.47 46.99 25.68
C GLU H 147 16.93 47.20 24.28
N LEU H 148 17.85 47.50 23.36
CA LEU H 148 17.54 47.75 21.97
C LEU H 148 16.95 46.54 21.27
N ALA H 149 17.63 45.39 21.39
CA ALA H 149 17.18 44.14 20.76
C ALA H 149 15.76 43.74 21.20
N GLN H 150 15.52 43.86 22.51
CA GLN H 150 14.23 43.51 23.10
C GLN H 150 13.18 44.51 22.70
N SER H 151 13.58 45.76 22.43
CA SER H 151 12.64 46.76 21.93
C SER H 151 12.23 46.50 20.49
N LEU H 152 13.02 45.72 19.76
CA LEU H 152 12.76 45.44 18.34
C LEU H 152 12.12 44.09 18.07
N SER H 153 12.31 43.12 18.97
CA SER H 153 11.93 41.74 18.66
C SER H 153 11.59 40.89 19.87
N SER H 154 10.82 39.83 19.61
CA SER H 154 10.46 38.83 20.64
C SER H 154 11.46 37.67 20.71
N TRP H 155 12.51 37.77 19.89
CA TRP H 155 13.59 36.79 19.84
C TRP H 155 14.17 36.60 21.24
N PRO H 156 14.28 35.33 21.68
CA PRO H 156 14.69 35.01 23.04
C PRO H 156 16.10 35.47 23.37
N LYS H 157 17.02 35.33 22.42
CA LYS H 157 18.44 35.52 22.70
C LYS H 157 18.78 37.00 22.75
N SER H 158 18.66 37.59 23.92
CA SER H 158 18.85 39.04 24.02
C SER H 158 19.37 39.54 25.40
N SER H 159 19.86 38.62 26.23
CA SER H 159 20.31 39.00 27.57
C SER H 159 21.59 39.85 27.51
N PRO H 160 21.76 40.78 28.49
CA PRO H 160 23.00 41.55 28.63
C PRO H 160 24.24 40.65 28.70
N GLY H 161 24.13 39.54 29.41
CA GLY H 161 25.20 38.56 29.53
C GLY H 161 25.59 37.97 28.18
N TYR H 162 24.58 37.67 27.37
CA TYR H 162 24.79 37.11 26.04
C TYR H 162 25.55 38.06 25.14
N PHE H 163 25.11 39.32 25.10
CA PHE H 163 25.79 40.33 24.32
C PHE H 163 27.21 40.61 24.84
N PHE H 164 27.36 40.64 26.16
CA PHE H 164 28.68 40.77 26.76
C PHE H 164 29.62 39.64 26.34
N ASP H 165 29.09 38.41 26.29
CA ASP H 165 29.84 37.23 25.85
C ASP H 165 30.28 37.37 24.41
N VAL H 166 29.36 37.83 23.55
CA VAL H 166 29.66 38.04 22.13
C VAL H 166 30.74 39.11 21.96
N GLN H 167 30.60 40.21 22.71
CA GLN H 167 31.57 41.30 22.68
C GLN H 167 32.96 40.86 23.16
N ASN H 168 33.00 40.02 24.19
CA ASN H 168 34.25 39.43 24.68
C ASN H 168 34.94 38.49 23.68
N ARG H 169 34.12 37.63 23.07
CA ARG H 169 34.52 36.74 21.99
C ARG H 169 35.28 37.55 20.92
N LEU H 170 34.65 38.64 20.47
CA LEU H 170 35.19 39.52 19.44
C LEU H 170 36.42 40.30 19.91
N LYS H 171 36.40 40.73 21.16
CA LYS H 171 37.54 41.46 21.73
C LYS H 171 38.80 40.60 21.82
N LYS H 172 38.64 39.35 22.26
CA LYS H 172 39.75 38.39 22.32
C LYS H 172 40.25 38.03 20.92
N PHE H 173 39.32 37.91 19.97
CA PHE H 173 39.62 37.59 18.57
C PHE H 173 40.55 38.61 17.92
N VAL H 174 40.32 39.89 18.20
CA VAL H 174 41.11 40.97 17.62
C VAL H 174 42.36 41.33 18.42
N GLU H 175 42.33 41.07 19.73
CA GLU H 175 43.48 41.34 20.62
C GLU H 175 44.78 40.74 20.12
N GLY H 176 44.69 39.65 19.36
CA GLY H 176 45.84 38.96 18.80
C GLY H 176 46.40 39.55 17.53
N GLY H 177 45.73 40.55 16.99
CA GLY H 177 46.15 41.20 15.75
C GLY H 177 45.71 40.39 14.55
N GLN H 178 45.16 39.21 14.78
CA GLN H 178 44.67 38.37 13.69
C GLN H 178 43.20 38.63 13.38
N LEU H 179 42.93 39.78 12.75
CA LEU H 179 41.57 40.22 12.50
C LEU H 179 40.86 39.44 11.40
N GLY H 180 41.57 38.55 10.72
CA GLY H 180 40.99 37.70 9.68
C GLY H 180 40.12 38.43 8.66
N ILE H 181 38.86 38.03 8.56
CA ILE H 181 37.94 38.64 7.60
C ILE H 181 37.64 40.11 7.89
N PHE H 182 38.04 40.59 9.07
CA PHE H 182 37.78 41.98 9.45
C PHE H 182 38.99 42.85 9.23
N ARG H 183 40.09 42.25 8.75
CA ARG H 183 41.32 43.01 8.56
C ARG H 183 41.22 44.06 7.45
N ASN H 184 41.74 45.25 7.73
CA ASN H 184 41.82 46.34 6.76
C ASN H 184 40.46 46.73 6.19
N GLY H 185 39.43 46.56 7.01
CA GLY H 185 38.07 46.90 6.63
C GLY H 185 37.86 48.40 6.61
N TYR H 186 36.63 48.81 6.34
CA TYR H 186 36.32 50.22 6.18
C TYR H 186 35.73 50.79 7.45
N TRP H 187 36.08 50.16 8.57
CA TRP H 187 35.56 50.51 9.89
C TRP H 187 35.91 51.95 10.22
N GLY H 188 34.90 52.69 10.69
CA GLY H 188 35.06 54.10 11.02
C GLY H 188 34.70 55.04 9.89
N HIS H 189 34.38 54.48 8.72
CA HIS H 189 33.88 55.27 7.60
C HIS H 189 32.64 56.07 8.05
N PRO H 190 32.58 57.36 7.67
CA PRO H 190 31.49 58.24 8.11
C PRO H 190 30.08 57.75 7.72
N GLN H 191 29.99 56.87 6.71
CA GLN H 191 28.70 56.29 6.30
C GLN H 191 28.18 55.18 7.23
N TYR H 192 29.03 54.70 8.14
CA TYR H 192 28.61 53.79 9.20
C TYR H 192 27.82 54.58 10.23
N LYS H 193 26.52 54.30 10.32
CA LYS H 193 25.62 55.16 11.08
C LYS H 193 24.94 54.50 12.26
N LEU H 194 25.11 53.18 12.41
CA LEU H 194 24.55 52.50 13.56
C LEU H 194 25.23 52.98 14.83
N PRO H 195 24.46 53.11 15.92
CA PRO H 195 25.07 53.29 17.24
C PRO H 195 25.78 51.99 17.65
N PRO H 196 26.78 52.07 18.54
CA PRO H 196 27.54 50.90 18.97
C PRO H 196 26.67 49.69 19.39
N GLU H 197 25.57 49.95 20.08
CA GLU H 197 24.64 48.90 20.50
C GLU H 197 23.98 48.23 19.34
N ALA H 198 23.71 48.96 18.28
CA ALA H 198 23.12 48.39 17.08
C ALA H 198 24.13 47.50 16.34
N ASN H 199 25.40 47.91 16.36
CA ASN H 199 26.48 47.11 15.77
C ASN H 199 26.69 45.77 16.48
N LEU H 200 26.71 45.81 17.81
CA LEU H 200 26.85 44.60 18.62
C LEU H 200 25.67 43.65 18.40
N MET H 201 24.45 44.20 18.33
CA MET H 201 23.25 43.42 18.06
C MET H 201 23.35 42.78 16.68
N GLY H 202 23.75 43.57 15.69
CA GLY H 202 23.93 43.08 14.33
C GLY H 202 24.98 41.97 14.22
N PHE H 203 26.12 42.17 14.86
CA PHE H 203 27.21 41.19 14.82
C PHE H 203 26.84 39.88 15.49
N ALA H 204 26.19 39.95 16.64
CA ALA H 204 25.69 38.77 17.31
C ALA H 204 24.79 37.96 16.37
N HIS H 205 23.91 38.66 15.65
CA HIS H 205 22.96 38.04 14.74
C HIS H 205 23.67 37.49 13.51
N TYR H 206 24.75 38.15 13.11
CA TYR H 206 25.65 37.64 12.08
C TYR H 206 26.13 36.22 12.43
N LEU H 207 26.64 36.08 13.64
CA LEU H 207 27.09 34.79 14.14
C LEU H 207 25.95 33.78 14.23
N GLU H 208 24.79 34.23 14.73
CA GLU H 208 23.61 33.35 14.84
C GLU H 208 23.12 32.87 13.49
N ALA H 209 23.22 33.76 12.50
CA ALA H 209 22.81 33.46 11.13
C ALA H 209 23.76 32.46 10.50
N LEU H 210 25.06 32.67 10.72
CA LEU H 210 26.08 31.76 10.22
C LEU H 210 25.86 30.34 10.73
N ASP H 211 25.55 30.21 12.02
CA ASP H 211 25.22 28.93 12.63
C ASP H 211 23.95 28.32 12.05
N PHE H 212 22.88 29.11 12.02
CA PHE H 212 21.56 28.57 11.72
C PHE H 212 21.34 28.18 10.26
N GLN H 213 21.97 28.91 9.35
CA GLN H 213 21.77 28.70 7.91
C GLN H 213 21.99 27.25 7.49
N ARG H 214 22.88 26.56 8.20
CA ARG H 214 23.19 25.16 7.95
C ARG H 214 21.98 24.27 8.15
N GLU H 215 21.06 24.69 9.01
CA GLU H 215 19.89 23.88 9.33
C GLU H 215 18.90 23.91 8.18
N ILE H 216 18.69 25.10 7.64
CA ILE H 216 17.69 25.32 6.59
C ILE H 216 17.80 24.33 5.43
N VAL H 217 19.03 24.06 5.00
CA VAL H 217 19.26 23.21 3.84
C VAL H 217 19.01 21.73 4.13
N LYS H 218 18.70 21.38 5.38
CA LYS H 218 18.37 20.00 5.69
C LYS H 218 17.16 19.51 4.91
N ILE H 219 16.29 20.46 4.55
CA ILE H 219 15.14 20.17 3.70
C ILE H 219 15.58 19.66 2.33
N HIS H 220 16.63 20.31 1.77
CA HIS H 220 17.24 19.87 0.52
C HIS H 220 17.81 18.48 0.64
N ALA H 221 18.42 18.19 1.81
CA ALA H 221 19.05 16.89 2.03
C ALA H 221 18.01 15.80 2.07
N VAL H 222 16.85 16.08 2.66
CA VAL H 222 15.77 15.10 2.70
C VAL H 222 15.25 14.78 1.30
N PHE H 223 14.91 15.81 0.52
CA PHE H 223 14.29 15.60 -0.78
C PHE H 223 15.26 15.41 -1.94
N GLY H 224 16.47 15.96 -1.82
CA GLY H 224 17.47 15.90 -2.89
C GLY H 224 18.83 15.27 -2.54
N GLY H 225 18.91 14.66 -1.36
CA GLY H 225 20.10 13.90 -0.99
C GLY H 225 21.16 14.71 -0.28
N LYS H 226 21.36 15.97 -0.70
CA LYS H 226 22.50 16.75 -0.23
C LYS H 226 22.41 18.24 -0.57
N ASN H 227 23.05 19.07 0.24
CA ASN H 227 23.21 20.48 -0.09
C ASN H 227 24.61 20.89 0.30
N PRO H 228 25.34 21.62 -0.58
CA PRO H 228 24.99 22.12 -1.91
C PRO H 228 24.80 21.06 -3.00
N HIS H 229 24.10 21.45 -4.06
CA HIS H 229 23.87 20.63 -5.26
C HIS H 229 23.05 19.35 -5.04
N PRO H 230 21.77 19.51 -4.68
CA PRO H 230 20.85 18.37 -4.59
C PRO H 230 20.58 17.69 -5.94
N ASN H 231 19.92 16.54 -5.90
CA ASN H 231 19.61 15.78 -7.10
C ASN H 231 18.15 15.95 -7.53
N TRP H 232 17.93 15.78 -8.84
CA TRP H 232 16.64 16.01 -9.46
C TRP H 232 16.48 14.95 -10.55
N ILE H 233 15.32 14.85 -11.16
CA ILE H 233 15.16 14.06 -12.38
C ILE H 233 14.19 14.72 -13.36
N VAL H 234 14.37 14.47 -14.65
CA VAL H 234 13.36 14.79 -15.63
C VAL H 234 12.13 13.87 -15.45
N GLY H 235 10.98 14.48 -15.20
CA GLY H 235 9.77 13.72 -14.93
C GLY H 235 9.28 13.80 -13.49
N GLY H 236 10.07 14.43 -12.61
CA GLY H 236 9.62 14.67 -11.25
C GLY H 236 10.75 14.85 -10.26
N MET H 237 10.71 14.04 -9.21
CA MET H 237 11.81 13.96 -8.25
C MET H 237 12.14 12.49 -7.96
N PRO H 238 13.40 12.20 -7.56
CA PRO H 238 13.75 10.80 -7.32
C PRO H 238 13.39 10.33 -5.92
N CYS H 239 12.95 11.25 -5.07
CA CYS H 239 12.65 10.93 -3.68
C CYS H 239 11.28 10.25 -3.53
N ALA H 240 11.22 8.97 -3.91
CA ALA H 240 9.99 8.18 -3.82
C ALA H 240 9.42 8.23 -2.41
N ILE H 241 8.10 8.28 -2.31
CA ILE H 241 7.43 8.37 -1.03
C ILE H 241 6.78 7.04 -0.61
N ASN H 242 6.99 6.67 0.65
CA ASN H 242 6.32 5.54 1.21
C ASN H 242 6.01 5.86 2.67
N ILE H 243 4.72 5.97 2.98
CA ILE H 243 4.28 6.31 4.33
C ILE H 243 3.86 5.11 5.13
N ASP H 244 3.10 4.23 4.49
CA ASP H 244 2.32 3.23 5.18
C ASP H 244 2.63 1.78 4.74
N GLU H 245 3.67 1.58 3.94
CA GLU H 245 3.98 0.22 3.48
C GLU H 245 5.35 -0.29 3.97
N SER H 246 5.59 -1.59 3.81
CA SER H 246 6.88 -2.16 4.18
C SER H 246 7.98 -1.59 3.27
N GLY H 247 9.12 -1.32 3.89
CA GLY H 247 10.21 -0.70 3.18
C GLY H 247 10.15 0.82 3.13
N ALA H 248 9.22 1.39 3.87
CA ALA H 248 9.15 2.84 4.03
C ALA H 248 10.46 3.40 4.57
N VAL H 249 11.24 2.55 5.23
CA VAL H 249 12.56 2.93 5.75
C VAL H 249 13.51 3.32 4.63
N GLY H 250 13.18 2.90 3.40
CA GLY H 250 14.02 3.20 2.27
C GLY H 250 13.48 4.32 1.41
N ALA H 251 12.56 5.09 1.96
CA ALA H 251 11.90 6.14 1.18
C ALA H 251 11.59 7.34 2.07
N VAL H 252 10.98 8.37 1.47
CA VAL H 252 10.52 9.52 2.23
C VAL H 252 9.30 9.08 3.03
N ASN H 253 9.47 8.95 4.35
CA ASN H 253 8.45 8.42 5.24
C ASN H 253 8.01 9.50 6.22
N MET H 254 7.18 9.12 7.18
CA MET H 254 6.67 10.07 8.14
C MET H 254 7.76 10.75 8.93
N GLU H 255 8.77 10.00 9.34
CA GLU H 255 9.87 10.53 10.09
C GLU H 255 10.62 11.58 9.27
N ARG H 256 10.80 11.30 7.99
CA ARG H 256 11.52 12.22 7.11
C ARG H 256 10.76 13.51 6.98
N LEU H 257 9.45 13.39 6.84
CA LEU H 257 8.61 14.55 6.68
C LEU H 257 8.53 15.32 7.98
N ASN H 258 8.61 14.61 9.11
CA ASN H 258 8.66 15.25 10.41
C ASN H 258 9.85 16.15 10.56
N LEU H 259 10.98 15.70 10.04
CA LEU H 259 12.16 16.53 10.06
C LEU H 259 11.99 17.82 9.24
N VAL H 260 11.41 17.67 8.05
CA VAL H 260 11.18 18.80 7.18
C VAL H 260 10.29 19.81 7.89
N GLN H 261 9.22 19.34 8.51
CA GLN H 261 8.35 20.23 9.24
C GLN H 261 9.11 20.98 10.34
N SER H 262 9.99 20.29 11.06
CA SER H 262 10.68 20.92 12.17
C SER H 262 11.59 22.04 11.69
N ILE H 263 12.18 21.86 10.51
CA ILE H 263 13.08 22.85 9.92
C ILE H 263 12.30 24.07 9.48
N ILE H 264 11.15 23.84 8.85
CA ILE H 264 10.31 24.93 8.34
C ILE H 264 9.93 25.93 9.47
N THR H 265 9.47 25.40 10.58
CA THR H 265 9.07 26.21 11.72
C THR H 265 10.23 27.01 12.24
N ARG H 266 11.40 26.38 12.28
CA ARG H 266 12.61 27.02 12.80
C ARG H 266 13.11 28.13 11.87
N THR H 267 12.98 27.86 10.58
CA THR H 267 13.41 28.78 9.55
C THR H 267 12.51 30.01 9.55
N ALA H 268 11.20 29.79 9.65
CA ALA H 268 10.23 30.90 9.65
C ALA H 268 10.44 31.79 10.85
N ASP H 269 10.74 31.17 11.95
CA ASP H 269 10.95 31.88 13.18
C ASP H 269 12.18 32.77 13.18
N PHE H 270 13.29 32.23 12.67
CA PHE H 270 14.55 32.97 12.64
C PHE H 270 14.43 34.19 11.73
N ILE H 271 13.87 33.99 10.55
CA ILE H 271 13.72 35.06 9.57
C ILE H 271 12.80 36.17 10.10
N ASN H 272 11.70 35.76 10.73
CA ASN H 272 10.71 36.71 11.20
C ASN H 272 11.19 37.52 12.36
N ASN H 273 12.02 36.92 13.22
CA ASN H 273 12.36 37.55 14.51
C ASN H 273 13.80 38.01 14.64
N VAL H 274 14.64 37.57 13.70
CA VAL H 274 16.03 38.05 13.64
C VAL H 274 16.33 38.89 12.40
N MET H 275 16.12 38.32 11.22
CA MET H 275 16.40 39.02 9.98
C MET H 275 15.50 40.22 9.70
N ILE H 276 14.21 40.01 9.76
CA ILE H 276 13.24 41.10 9.58
C ILE H 276 13.50 42.31 10.50
N PRO H 277 13.57 42.12 11.84
CA PRO H 277 13.81 43.31 12.67
C PRO H 277 15.14 43.99 12.38
N ASP H 278 16.15 43.20 12.04
CA ASP H 278 17.46 43.75 11.68
C ASP H 278 17.44 44.55 10.38
N ALA H 279 16.62 44.11 9.43
CA ALA H 279 16.48 44.84 8.16
C ALA H 279 15.85 46.21 8.41
N LEU H 280 14.78 46.21 9.20
CA LEU H 280 14.10 47.44 9.51
C LEU H 280 14.98 48.34 10.33
N ALA H 281 15.80 47.73 11.19
CA ALA H 281 16.71 48.49 12.03
C ALA H 281 17.74 49.20 11.18
N ILE H 282 18.25 48.51 10.16
CA ILE H 282 19.22 49.09 9.23
C ILE H 282 18.58 50.25 8.50
N GLY H 283 17.35 50.03 8.05
CA GLY H 283 16.55 51.05 7.42
C GLY H 283 16.36 52.27 8.29
N GLN H 284 16.00 52.07 9.54
CA GLN H 284 15.77 53.25 10.35
C GLN H 284 17.05 54.02 10.62
N PHE H 285 18.22 53.40 10.53
CA PHE H 285 19.46 54.15 10.75
C PHE H 285 20.14 54.75 9.53
N ASN H 286 19.67 54.36 8.34
CA ASN H 286 20.29 54.80 7.08
C ASN H 286 19.22 55.22 6.09
N LYS H 287 18.27 56.02 6.57
CA LYS H 287 17.15 56.43 5.76
C LYS H 287 17.58 57.16 4.47
N PRO H 288 18.72 57.92 4.55
CA PRO H 288 19.21 58.53 3.31
C PRO H 288 19.41 57.58 2.12
N TRP H 289 19.73 56.33 2.41
CA TRP H 289 19.93 55.37 1.35
C TRP H 289 18.64 54.91 0.73
N SER H 290 17.53 55.52 1.12
CA SER H 290 16.24 55.25 0.46
C SER H 290 16.13 56.07 -0.81
N GLU H 291 17.15 56.87 -1.05
CA GLU H 291 17.21 57.78 -2.19
C GLU H 291 18.53 57.64 -2.97
N ILE H 292 19.32 56.63 -2.63
CA ILE H 292 20.60 56.36 -3.28
C ILE H 292 20.52 55.00 -4.00
N GLY H 293 21.07 54.95 -5.20
CA GLY H 293 21.13 53.71 -5.96
C GLY H 293 19.82 53.26 -6.57
N THR H 294 18.94 54.20 -6.88
CA THR H 294 17.70 53.87 -7.57
C THR H 294 17.94 53.07 -8.86
N GLY H 295 18.84 53.57 -9.71
CA GLY H 295 19.14 52.95 -10.98
C GLY H 295 17.92 52.80 -11.86
N LEU H 296 17.72 51.59 -12.36
CA LEU H 296 16.64 51.32 -13.31
C LEU H 296 15.31 50.99 -12.62
N SER H 297 15.35 50.90 -11.29
CA SER H 297 14.23 50.36 -10.52
C SER H 297 12.97 51.26 -10.57
N ASP H 298 13.16 52.53 -10.92
CA ASP H 298 12.02 53.44 -11.15
C ASP H 298 11.71 53.54 -12.64
N LYS H 299 12.35 52.72 -13.47
CA LYS H 299 12.20 52.79 -14.93
C LYS H 299 11.82 51.44 -15.52
N CYS H 300 12.67 50.43 -15.33
CA CYS H 300 12.47 49.15 -15.99
C CYS H 300 12.80 47.97 -15.08
N VAL H 301 11.79 47.15 -14.82
CA VAL H 301 11.94 45.98 -13.96
C VAL H 301 11.29 44.76 -14.61
N LEU H 302 11.83 43.58 -14.33
CA LEU H 302 11.40 42.35 -15.00
C LEU H 302 11.25 41.16 -14.04
N SER H 303 10.19 40.40 -14.25
CA SER H 303 10.00 39.13 -13.57
C SER H 303 9.35 38.12 -14.52
N TYR H 304 9.81 36.90 -14.47
CA TYR H 304 9.20 35.87 -15.25
C TYR H 304 8.06 35.23 -14.48
N GLY H 305 8.16 35.30 -13.15
CA GLY H 305 7.24 34.62 -12.27
C GLY H 305 7.71 33.24 -11.86
N ALA H 306 7.18 32.72 -10.76
CA ALA H 306 7.67 31.46 -10.22
C ALA H 306 6.63 30.77 -9.35
N PHE H 307 7.01 29.57 -8.88
CA PHE H 307 6.21 28.77 -7.97
C PHE H 307 4.85 28.45 -8.56
N PRO H 308 4.82 27.66 -9.63
CA PRO H 308 3.53 27.24 -10.16
C PRO H 308 2.77 26.37 -9.17
N ASP H 309 1.62 26.86 -8.70
CA ASP H 309 0.83 26.12 -7.72
C ASP H 309 -0.02 25.03 -8.36
N ILE H 310 -0.36 25.21 -9.63
CA ILE H 310 -1.02 24.17 -10.42
C ILE H 310 0.08 23.45 -11.21
N ALA H 311 0.15 22.14 -11.04
CA ALA H 311 1.24 21.36 -11.61
C ALA H 311 1.19 21.42 -13.12
N ASN H 312 2.35 21.71 -13.72
CA ASN H 312 2.52 21.75 -15.17
C ASN H 312 1.83 22.94 -15.82
N ASP H 313 1.26 23.81 -15.00
CA ASP H 313 0.66 25.05 -15.46
C ASP H 313 1.57 26.23 -15.10
N PHE H 314 2.09 26.91 -16.11
CA PHE H 314 2.99 28.04 -15.84
C PHE H 314 2.30 29.36 -16.14
N GLY H 315 0.97 29.31 -16.23
CA GLY H 315 0.15 30.46 -16.54
C GLY H 315 0.02 31.41 -15.37
N GLU H 316 -0.70 32.52 -15.62
CA GLU H 316 -0.81 33.61 -14.65
C GLU H 316 -1.65 33.14 -13.48
N LYS H 317 -2.59 32.28 -13.82
CA LYS H 317 -3.49 31.59 -12.97
C LYS H 317 -2.79 30.67 -11.97
N SER H 318 -1.52 30.37 -12.17
CA SER H 318 -0.80 29.33 -11.42
C SER H 318 0.40 29.83 -10.58
N LEU H 319 1.18 30.72 -11.17
CA LEU H 319 2.41 31.19 -10.52
C LEU H 319 2.10 31.98 -9.27
N LEU H 320 2.57 31.50 -8.13
CA LEU H 320 2.38 32.23 -6.87
C LEU H 320 3.24 33.48 -6.77
N MET H 321 4.35 33.50 -7.47
CA MET H 321 5.15 34.72 -7.61
C MET H 321 4.89 35.32 -9.00
N PRO H 322 4.30 36.53 -9.04
CA PRO H 322 3.84 37.10 -10.32
C PRO H 322 4.98 37.47 -11.26
N GLY H 323 4.73 37.26 -12.55
CA GLY H 323 5.63 37.71 -13.62
C GLY H 323 5.11 38.92 -14.36
N GLY H 324 5.99 39.58 -15.11
CA GLY H 324 5.60 40.73 -15.90
C GLY H 324 6.73 41.71 -15.98
N ALA H 325 6.62 42.67 -16.90
CA ALA H 325 7.66 43.68 -17.10
C ALA H 325 7.07 45.08 -17.07
N VAL H 326 7.87 46.02 -16.56
CA VAL H 326 7.54 47.43 -16.61
C VAL H 326 8.64 48.21 -17.33
N ILE H 327 8.26 49.04 -18.28
CA ILE H 327 9.22 49.89 -18.98
C ILE H 327 8.79 51.35 -18.97
N ASN H 328 9.77 52.24 -19.15
CA ASN H 328 9.57 53.69 -19.21
C ASN H 328 8.97 54.25 -17.94
N GLY H 329 9.21 53.59 -16.81
CA GLY H 329 8.65 54.03 -15.54
C GLY H 329 7.13 53.90 -15.43
N ASP H 330 6.51 53.21 -16.39
CA ASP H 330 5.07 53.04 -16.39
C ASP H 330 4.66 51.80 -15.61
N PHE H 331 4.50 51.94 -14.30
CA PHE H 331 4.16 50.82 -13.42
C PHE H 331 2.67 50.46 -13.39
N ASN H 332 1.85 51.26 -14.06
CA ASN H 332 0.41 51.03 -14.14
C ASN H 332 0.07 50.09 -15.28
N ASN H 333 1.09 49.76 -16.07
CA ASN H 333 0.95 48.91 -17.22
C ASN H 333 2.01 47.79 -17.21
N VAL H 334 1.71 46.76 -16.44
CA VAL H 334 2.59 45.62 -16.34
C VAL H 334 2.38 44.75 -17.56
N LEU H 335 3.44 44.56 -18.34
CA LEU H 335 3.37 43.86 -19.62
C LEU H 335 3.65 42.37 -19.44
N PRO H 336 2.95 41.54 -20.24
CA PRO H 336 3.16 40.10 -20.19
C PRO H 336 4.47 39.66 -20.87
N VAL H 337 5.12 38.67 -20.30
CA VAL H 337 6.41 38.22 -20.80
C VAL H 337 6.25 36.87 -21.52
N ASP H 338 6.81 36.77 -22.73
CA ASP H 338 6.82 35.53 -23.46
C ASP H 338 8.27 35.17 -23.85
N LEU H 339 8.76 34.05 -23.36
CA LEU H 339 10.15 33.65 -23.55
C LEU H 339 10.40 32.93 -24.86
N VAL H 340 9.34 32.70 -25.63
CA VAL H 340 9.49 32.14 -26.96
C VAL H 340 9.61 33.27 -27.99
N ASP H 341 8.94 34.38 -27.71
CA ASP H 341 8.95 35.58 -28.56
C ASP H 341 10.37 36.08 -28.84
N PRO H 342 10.81 36.00 -30.10
CA PRO H 342 12.18 36.40 -30.48
C PRO H 342 12.36 37.90 -30.38
N GLN H 343 11.29 38.58 -30.01
CA GLN H 343 11.28 40.02 -29.99
C GLN H 343 11.41 40.55 -28.58
N GLN H 344 11.38 39.66 -27.60
CA GLN H 344 11.43 40.10 -26.22
C GLN H 344 12.84 39.96 -25.65
N VAL H 345 13.21 38.77 -25.22
CA VAL H 345 14.53 38.57 -24.65
C VAL H 345 15.58 38.37 -25.74
N GLN H 346 16.60 39.22 -25.72
CA GLN H 346 17.68 39.19 -26.69
C GLN H 346 18.96 39.52 -25.99
N GLU H 347 20.06 38.94 -26.45
CA GLU H 347 21.37 39.21 -25.88
C GLU H 347 22.35 39.84 -26.89
N PHE H 348 22.99 40.92 -26.44
CA PHE H 348 23.95 41.64 -27.22
C PHE H 348 25.35 41.39 -26.71
N VAL H 349 26.33 41.33 -27.61
CA VAL H 349 27.71 41.06 -27.22
C VAL H 349 28.72 42.10 -27.72
N ASP H 350 28.22 43.23 -28.26
CA ASP H 350 29.08 44.27 -28.81
C ASP H 350 30.02 44.92 -27.77
N HIS H 351 29.68 44.77 -26.49
CA HIS H 351 30.56 45.20 -25.41
C HIS H 351 30.98 44.03 -24.53
N ALA H 352 30.78 42.82 -25.04
CA ALA H 352 31.13 41.60 -24.33
C ALA H 352 32.16 40.78 -25.10
N TRP H 353 32.86 39.90 -24.39
CA TRP H 353 33.94 39.14 -24.99
C TRP H 353 33.44 37.89 -25.72
N TYR H 354 32.55 38.10 -26.69
CA TYR H 354 32.00 37.01 -27.52
C TYR H 354 31.94 37.45 -28.98
N ARG H 355 31.60 36.53 -29.88
CA ARG H 355 31.60 36.85 -31.29
C ARG H 355 30.27 36.51 -31.92
N TYR H 356 29.66 37.50 -32.56
CA TYR H 356 28.47 37.29 -33.37
C TYR H 356 28.83 37.50 -34.84
N PRO H 357 28.04 36.91 -35.75
CA PRO H 357 28.14 37.31 -37.15
C PRO H 357 27.88 38.82 -37.30
N ASN H 358 26.92 39.33 -36.54
CA ASN H 358 26.64 40.75 -36.48
C ASN H 358 26.44 41.17 -35.02
N ASP H 359 27.44 41.82 -34.44
CA ASP H 359 27.36 42.22 -33.04
C ASP H 359 26.46 43.45 -32.79
N GLN H 360 25.84 43.96 -33.85
CA GLN H 360 24.97 45.13 -33.72
C GLN H 360 23.49 44.75 -33.53
N VAL H 361 23.23 43.45 -33.47
CA VAL H 361 21.88 42.96 -33.26
C VAL H 361 21.85 41.95 -32.12
N GLY H 362 20.74 41.92 -31.39
CA GLY H 362 20.58 41.02 -30.26
C GLY H 362 20.03 39.69 -30.71
N ARG H 363 20.43 38.62 -30.03
CA ARG H 363 19.97 37.28 -30.40
C ARG H 363 19.14 36.67 -29.28
N HIS H 364 17.93 36.24 -29.64
CA HIS H 364 17.06 35.46 -28.76
C HIS H 364 17.79 34.14 -28.42
N PRO H 365 17.63 33.64 -27.18
CA PRO H 365 18.40 32.47 -26.79
C PRO H 365 18.23 31.23 -27.69
N PHE H 366 17.09 31.07 -28.35
CA PHE H 366 16.97 30.00 -29.31
C PHE H 366 17.88 30.18 -30.51
N ASP H 367 18.38 31.40 -30.70
CA ASP H 367 19.35 31.72 -31.75
C ASP H 367 20.66 32.10 -31.10
N GLY H 368 20.85 31.69 -29.85
CA GLY H 368 22.01 32.10 -29.07
C GLY H 368 23.31 31.53 -29.62
N ILE H 369 24.38 32.29 -29.44
CA ILE H 369 25.73 31.85 -29.79
C ILE H 369 26.69 32.11 -28.64
N THR H 370 27.38 31.06 -28.19
CA THR H 370 28.39 31.29 -27.17
C THR H 370 29.78 30.95 -27.73
N ASP H 371 30.41 31.98 -28.28
CA ASP H 371 31.68 31.84 -28.93
C ASP H 371 32.63 32.81 -28.25
N PRO H 372 33.38 32.31 -27.24
CA PRO H 372 34.23 33.16 -26.42
C PRO H 372 35.25 33.86 -27.29
N TRP H 373 35.47 35.13 -27.02
CA TRP H 373 36.38 35.92 -27.79
C TRP H 373 36.96 36.95 -26.86
N TYR H 374 38.07 36.63 -26.22
CA TYR H 374 38.69 37.61 -25.35
C TYR H 374 39.29 38.68 -26.22
N ASN H 375 38.62 39.85 -26.23
CA ASN H 375 39.05 40.98 -27.03
C ASN H 375 38.84 42.31 -26.32
N PRO H 376 39.75 42.64 -25.39
CA PRO H 376 39.56 43.84 -24.60
C PRO H 376 39.88 45.12 -25.36
N GLY H 377 40.46 44.99 -26.55
CA GLY H 377 40.79 46.12 -27.41
C GLY H 377 41.85 47.02 -26.78
N ASP H 378 41.69 48.33 -26.95
CA ASP H 378 42.63 49.31 -26.43
C ASP H 378 42.36 49.61 -24.94
N VAL H 379 42.79 48.69 -24.08
CA VAL H 379 42.71 48.90 -22.65
C VAL H 379 43.90 49.70 -22.32
N LYS H 380 43.91 50.27 -21.14
CA LYS H 380 45.10 50.89 -20.63
C LYS H 380 45.81 49.75 -19.88
N GLY H 381 46.73 49.09 -20.57
CA GLY H 381 47.38 47.90 -20.05
C GLY H 381 47.68 46.94 -21.15
N SER H 382 47.72 45.65 -20.79
CA SER H 382 48.04 44.59 -21.76
C SER H 382 47.06 43.42 -21.72
N ASP H 383 47.45 42.32 -22.34
CA ASP H 383 46.56 41.19 -22.46
C ASP H 383 46.68 40.23 -21.29
N THR H 384 47.31 40.71 -20.24
CA THR H 384 47.50 39.94 -19.05
C THR H 384 47.56 40.93 -17.92
N ASN H 385 47.36 42.22 -18.23
CA ASN H 385 47.39 43.21 -17.15
C ASN H 385 46.50 44.43 -17.41
N ILE H 386 45.22 44.28 -17.05
CA ILE H 386 44.21 45.34 -17.23
C ILE H 386 44.31 46.39 -16.12
N GLN H 387 44.63 47.63 -16.48
CA GLN H 387 44.68 48.73 -15.49
C GLN H 387 43.44 49.59 -15.60
N GLN H 388 42.92 49.72 -16.83
CA GLN H 388 41.65 50.36 -17.14
C GLN H 388 40.98 49.69 -18.33
N LEU H 389 39.76 49.19 -18.10
CA LEU H 389 38.92 48.65 -19.16
C LEU H 389 38.59 49.73 -20.17
N ASN H 390 38.15 49.34 -21.35
CA ASN H 390 37.70 50.31 -22.32
C ASN H 390 36.22 50.08 -22.60
N GLU H 391 35.36 50.76 -21.84
CA GLU H 391 33.89 50.66 -21.95
C GLU H 391 33.27 51.03 -23.28
N GLN H 392 34.03 51.71 -24.13
CA GLN H 392 33.61 51.95 -25.48
C GLN H 392 33.62 50.64 -26.27
N GLU H 393 34.53 49.75 -25.91
CA GLU H 393 34.66 48.47 -26.58
C GLU H 393 34.29 47.35 -25.62
N ARG H 394 34.52 46.10 -26.03
CA ARG H 394 34.29 44.93 -25.18
C ARG H 394 35.06 44.90 -23.84
N TYR H 395 34.30 44.77 -22.75
CA TYR H 395 34.86 44.84 -21.41
C TYR H 395 34.27 43.88 -20.38
N SER H 396 33.66 42.78 -20.82
CA SER H 396 33.11 41.83 -19.86
C SER H 396 32.86 40.45 -20.44
N TRP H 397 32.87 39.45 -19.56
CA TRP H 397 32.48 38.07 -19.90
C TRP H 397 30.98 37.87 -19.81
N ILE H 398 30.26 38.89 -19.40
CA ILE H 398 28.79 38.83 -19.29
C ILE H 398 28.14 39.35 -20.57
N LYS H 399 27.24 38.58 -21.16
CA LYS H 399 26.42 39.06 -22.27
C LYS H 399 25.48 40.18 -21.80
N ALA H 400 24.94 40.95 -22.75
CA ALA H 400 24.02 42.04 -22.43
C ALA H 400 22.60 41.70 -22.83
N PRO H 401 21.78 41.19 -21.87
CA PRO H 401 20.38 40.86 -22.17
C PRO H 401 19.50 42.11 -22.14
N ARG H 402 18.53 42.16 -23.04
CA ARG H 402 17.55 43.25 -23.06
C ARG H 402 16.14 42.69 -23.24
N TRP H 403 15.14 43.40 -22.75
CA TRP H 403 13.75 43.00 -22.99
C TRP H 403 13.04 44.01 -23.90
N ARG H 404 12.71 43.57 -25.12
CA ARG H 404 12.21 44.44 -26.18
C ARG H 404 13.14 45.64 -26.39
N GLY H 405 14.44 45.41 -26.28
CA GLY H 405 15.43 46.47 -26.41
C GLY H 405 15.70 47.29 -25.16
N ASN H 406 14.94 47.03 -24.09
CA ASN H 406 15.07 47.79 -22.85
C ASN H 406 16.01 47.11 -21.85
N ALA H 407 16.83 47.93 -21.17
CA ALA H 407 17.68 47.45 -20.09
C ALA H 407 16.84 47.34 -18.81
N MET H 408 16.82 46.14 -18.22
CA MET H 408 15.94 45.83 -17.10
C MET H 408 16.71 45.52 -15.80
N GLU H 409 16.10 45.87 -14.67
CA GLU H 409 16.56 45.35 -13.39
C GLU H 409 15.72 44.12 -13.04
N VAL H 410 16.39 43.07 -12.55
CA VAL H 410 15.69 41.89 -12.02
C VAL H 410 16.03 41.70 -10.54
N GLY H 411 15.27 40.84 -9.86
CA GLY H 411 15.56 40.52 -8.46
C GLY H 411 14.43 40.81 -7.51
N PRO H 412 14.71 40.72 -6.19
CA PRO H 412 13.71 40.96 -5.12
C PRO H 412 12.96 42.28 -5.25
N LEU H 413 13.68 43.39 -5.49
CA LEU H 413 13.03 44.68 -5.66
C LEU H 413 12.14 44.71 -6.91
N ALA H 414 12.66 44.16 -8.01
CA ALA H 414 11.91 44.05 -9.25
C ALA H 414 10.63 43.27 -9.09
N ARG H 415 10.72 42.09 -8.49
CA ARG H 415 9.58 41.22 -8.26
C ARG H 415 8.57 41.89 -7.35
N THR H 416 9.07 42.55 -6.30
CA THR H 416 8.19 43.25 -5.36
C THR H 416 7.36 44.32 -6.08
N LEU H 417 8.00 45.15 -6.90
CA LEU H 417 7.31 46.17 -7.65
C LEU H 417 6.27 45.57 -8.59
N ILE H 418 6.61 44.47 -9.25
CA ILE H 418 5.71 43.83 -10.21
C ILE H 418 4.49 43.30 -9.46
N ALA H 419 4.72 42.60 -8.35
CA ALA H 419 3.63 42.04 -7.56
C ALA H 419 2.73 43.11 -6.95
N TYR H 420 3.35 44.14 -6.36
CA TYR H 420 2.62 45.26 -5.81
C TYR H 420 1.70 45.88 -6.84
N HIS H 421 2.22 46.19 -8.02
CA HIS H 421 1.48 46.93 -9.03
C HIS H 421 0.53 46.03 -9.83
N LYS H 422 0.68 44.72 -9.69
CA LYS H 422 -0.32 43.80 -10.24
C LYS H 422 -1.45 43.62 -9.22
N GLY H 423 -1.26 44.20 -8.04
CA GLY H 423 -2.31 44.21 -7.03
C GLY H 423 -2.39 42.93 -6.21
N ASP H 424 -1.27 42.22 -6.07
CA ASP H 424 -1.19 41.07 -5.15
C ASP H 424 -1.39 41.54 -3.71
N ALA H 425 -2.52 41.13 -3.11
CA ALA H 425 -2.97 41.70 -1.84
C ALA H 425 -1.94 41.58 -0.73
N ALA H 426 -1.37 40.38 -0.62
CA ALA H 426 -0.35 40.10 0.40
C ALA H 426 0.88 41.01 0.29
N THR H 427 1.38 41.18 -0.93
CA THR H 427 2.53 42.04 -1.19
C THR H 427 2.23 43.52 -0.84
N VAL H 428 1.08 44.01 -1.28
CA VAL H 428 0.65 45.37 -1.00
C VAL H 428 0.67 45.62 0.51
N GLU H 429 0.14 44.65 1.26
CA GLU H 429 -0.01 44.83 2.70
C GLU H 429 1.32 44.83 3.40
N SER H 430 2.13 43.83 3.06
CA SER H 430 3.47 43.65 3.59
C SER H 430 4.44 44.83 3.31
N VAL H 431 4.44 45.32 2.08
CA VAL H 431 5.28 46.43 1.69
C VAL H 431 4.82 47.74 2.35
N ASP H 432 3.51 47.98 2.33
CA ASP H 432 2.97 49.23 2.87
C ASP H 432 3.29 49.35 4.35
N ARG H 433 3.20 48.21 5.02
CA ARG H 433 3.50 48.10 6.44
C ARG H 433 4.98 48.34 6.69
N MET H 434 5.80 47.86 5.78
CA MET H 434 7.24 47.96 5.88
C MET H 434 7.71 49.40 5.66
N MET H 435 7.18 50.03 4.62
CA MET H 435 7.48 51.43 4.35
C MET H 435 6.90 52.37 5.42
N SER H 436 5.74 52.01 5.97
CA SER H 436 5.12 52.78 7.06
C SER H 436 6.01 52.74 8.26
N ALA H 437 6.53 51.55 8.56
CA ALA H 437 7.47 51.34 9.65
C ALA H 437 8.70 52.25 9.57
N LEU H 438 9.14 52.54 8.34
CA LEU H 438 10.32 53.38 8.11
C LEU H 438 9.98 54.84 7.83
N ASN H 439 8.67 55.14 7.89
CA ASN H 439 8.15 56.47 7.62
C ASN H 439 8.56 56.96 6.22
N LEU H 440 8.48 56.04 5.27
CA LEU H 440 8.84 56.34 3.91
C LEU H 440 7.63 56.13 2.97
N PRO H 441 7.49 56.97 1.92
CA PRO H 441 6.50 56.69 0.86
C PRO H 441 6.91 55.45 0.09
N LEU H 442 6.06 54.96 -0.80
CA LEU H 442 6.38 53.79 -1.61
C LEU H 442 7.67 53.94 -2.46
N SER H 443 7.94 55.15 -2.93
CA SER H 443 9.11 55.44 -3.75
C SER H 443 10.44 55.06 -3.07
N GLY H 444 10.45 55.00 -1.74
CA GLY H 444 11.65 54.69 -0.98
C GLY H 444 12.23 53.31 -1.21
N ILE H 445 11.38 52.42 -1.69
CA ILE H 445 11.76 51.07 -1.99
C ILE H 445 12.67 50.99 -3.24
N GLN H 446 12.54 51.97 -4.11
CA GLN H 446 13.29 52.03 -5.34
C GLN H 446 14.67 52.65 -5.06
N SER H 447 15.50 51.86 -4.39
CA SER H 447 16.83 52.28 -3.90
C SER H 447 17.67 51.11 -3.40
N THR H 448 18.94 51.42 -3.11
CA THR H 448 19.87 50.46 -2.50
C THR H 448 19.26 49.87 -1.21
N LEU H 449 18.81 50.75 -0.33
CA LEU H 449 18.13 50.33 0.89
C LEU H 449 16.94 49.46 0.58
N GLY H 450 16.14 49.88 -0.40
CA GLY H 450 14.93 49.16 -0.76
C GLY H 450 15.15 47.73 -1.20
N ARG H 451 16.24 47.51 -1.95
CA ARG H 451 16.66 46.16 -2.37
C ARG H 451 16.89 45.22 -1.17
N ILE H 452 17.57 45.75 -0.15
CA ILE H 452 17.82 45.00 1.08
C ILE H 452 16.52 44.67 1.81
N LEU H 453 15.65 45.67 1.94
CA LEU H 453 14.37 45.49 2.59
C LEU H 453 13.52 44.45 1.86
N CYS H 454 13.54 44.51 0.52
CA CYS H 454 12.71 43.60 -0.27
C CYS H 454 13.21 42.18 -0.16
N ARG H 455 14.52 42.04 -0.10
CA ARG H 455 15.14 40.71 0.10
C ARG H 455 14.65 40.07 1.38
N ALA H 456 14.72 40.83 2.47
CA ALA H 456 14.29 40.37 3.79
C ALA H 456 12.83 39.98 3.78
N HIS H 457 12.00 40.84 3.17
CA HIS H 457 10.59 40.56 2.97
C HIS H 457 10.35 39.26 2.20
N GLU H 458 11.19 39.01 1.20
CA GLU H 458 11.08 37.81 0.37
C GLU H 458 11.41 36.53 1.14
N ALA H 459 12.39 36.63 2.04
CA ALA H 459 12.73 35.51 2.94
C ALA H 459 11.53 35.14 3.83
N GLN H 460 10.88 36.17 4.37
CA GLN H 460 9.65 36.01 5.12
C GLN H 460 8.53 35.38 4.28
N TRP H 461 8.33 35.89 3.07
CA TRP H 461 7.34 35.35 2.14
C TRP H 461 7.58 33.88 1.82
N ALA H 462 8.84 33.54 1.56
CA ALA H 462 9.24 32.18 1.21
C ALA H 462 9.02 31.23 2.35
N ALA H 463 9.41 31.67 3.55
CA ALA H 463 9.21 30.89 4.78
C ALA H 463 7.74 30.52 4.97
N GLY H 464 6.84 31.47 4.70
CA GLY H 464 5.40 31.25 4.79
C GLY H 464 4.97 30.24 3.76
N LYS H 465 5.49 30.38 2.55
CA LYS H 465 5.16 29.46 1.47
C LYS H 465 5.62 28.03 1.71
N LEU H 466 6.79 27.86 2.35
CA LEU H 466 7.25 26.54 2.79
C LEU H 466 6.15 25.75 3.51
N GLN H 467 5.52 26.38 4.51
CA GLN H 467 4.48 25.71 5.28
C GLN H 467 3.29 25.37 4.40
N TYR H 468 2.94 26.30 3.52
CA TYR H 468 1.84 26.10 2.58
C TYR H 468 2.09 24.87 1.70
N PHE H 469 3.28 24.80 1.10
CA PHE H 469 3.64 23.67 0.24
C PHE H 469 3.68 22.38 1.03
N PHE H 470 4.27 22.42 2.22
CA PHE H 470 4.36 21.23 3.05
C PHE H 470 2.97 20.68 3.34
N ASP H 471 2.03 21.58 3.65
CA ASP H 471 0.65 21.20 3.97
C ASP H 471 -0.03 20.63 2.76
N LYS H 472 0.31 21.18 1.59
CA LYS H 472 -0.23 20.70 0.32
C LYS H 472 0.20 19.24 0.14
N LEU H 473 1.50 18.99 0.38
CA LEU H 473 2.10 17.67 0.24
C LEU H 473 1.41 16.65 1.14
N MET H 474 1.28 16.99 2.42
CA MET H 474 0.65 16.15 3.42
C MET H 474 -0.79 15.80 3.12
N THR H 475 -1.54 16.79 2.62
CA THR H 475 -2.91 16.59 2.16
C THR H 475 -2.99 15.50 1.10
N ASN H 476 -2.11 15.57 0.11
CA ASN H 476 -2.04 14.55 -0.93
C ASN H 476 -1.76 13.16 -0.34
N LEU H 477 -0.83 13.10 0.60
CA LEU H 477 -0.45 11.87 1.26
C LEU H 477 -1.58 11.29 2.10
N LYS H 478 -2.31 12.16 2.81
CA LYS H 478 -3.49 11.75 3.53
C LYS H 478 -4.54 11.19 2.59
N ASN H 479 -4.57 11.69 1.35
CA ASN H 479 -5.53 11.22 0.34
C ASN H 479 -5.01 10.13 -0.56
N GLY H 480 -3.87 9.59 -0.18
CA GLY H 480 -3.22 8.51 -0.88
C GLY H 480 -2.69 8.89 -2.25
N ASN H 481 -2.23 10.13 -2.37
CA ASN H 481 -1.63 10.59 -3.59
C ASN H 481 -0.10 10.66 -3.37
N LEU H 482 0.61 9.62 -3.83
CA LEU H 482 2.00 9.44 -3.47
C LEU H 482 2.97 9.65 -4.61
N ALA H 483 2.47 9.66 -5.86
CA ALA H 483 3.31 9.72 -7.06
C ALA H 483 4.26 10.89 -7.05
N THR H 484 5.52 10.60 -7.34
CA THR H 484 6.58 11.62 -7.42
C THR H 484 7.27 11.66 -8.77
N ALA H 485 6.92 10.75 -9.68
CA ALA H 485 7.58 10.75 -10.98
C ALA H 485 6.72 10.22 -12.11
N SER H 486 6.91 10.81 -13.29
CA SER H 486 6.29 10.34 -14.50
C SER H 486 7.37 9.82 -15.44
N THR H 487 7.21 8.60 -15.92
CA THR H 487 8.28 7.96 -16.67
C THR H 487 7.88 7.50 -18.08
N GLU H 488 6.69 7.92 -18.55
CA GLU H 488 6.14 7.50 -19.86
C GLU H 488 7.06 7.93 -20.96
N LYS H 489 7.74 9.05 -20.72
CA LYS H 489 8.70 9.58 -21.68
C LYS H 489 10.10 9.72 -21.07
N TRP H 490 10.55 8.71 -20.33
CA TRP H 490 11.93 8.71 -19.82
C TRP H 490 12.90 8.21 -20.89
N GLU H 491 12.45 7.24 -21.67
CA GLU H 491 13.27 6.66 -22.73
C GLU H 491 13.34 7.58 -23.93
N PRO H 492 14.57 7.85 -24.42
CA PRO H 492 14.81 8.74 -25.58
C PRO H 492 14.01 8.34 -26.82
N ALA H 493 13.75 7.04 -26.99
CA ALA H 493 12.94 6.54 -28.10
C ALA H 493 11.53 7.14 -28.18
N THR H 494 11.03 7.63 -27.04
CA THR H 494 9.69 8.19 -26.94
C THR H 494 9.69 9.68 -27.22
N TRP H 495 10.88 10.28 -27.31
CA TRP H 495 11.00 11.72 -27.54
C TRP H 495 10.71 12.08 -28.99
N PRO H 496 10.24 13.33 -29.24
CA PRO H 496 10.25 13.88 -30.62
C PRO H 496 11.67 13.92 -31.16
N THR H 497 11.85 13.65 -32.44
CA THR H 497 13.18 13.68 -33.09
C THR H 497 13.82 15.03 -32.91
N GLU H 498 13.02 16.06 -33.06
CA GLU H 498 13.44 17.40 -32.84
C GLU H 498 12.40 18.13 -32.03
N CYS H 499 12.83 18.88 -31.02
CA CYS H 499 11.94 19.66 -30.16
C CYS H 499 12.72 20.65 -29.34
N ARG H 500 12.05 21.63 -28.78
CA ARG H 500 12.71 22.66 -28.00
C ARG H 500 11.81 23.17 -26.92
N GLY H 501 12.39 23.74 -25.88
CA GLY H 501 11.58 24.19 -24.77
C GLY H 501 12.25 25.24 -23.95
N VAL H 502 11.48 25.88 -23.09
CA VAL H 502 11.99 26.89 -22.21
C VAL H 502 11.69 26.51 -20.80
N GLY H 503 12.57 26.86 -19.90
CA GLY H 503 12.38 26.60 -18.50
C GLY H 503 12.72 27.87 -17.79
N PHE H 504 11.82 28.34 -16.95
CA PHE H 504 12.03 29.60 -16.29
C PHE H 504 11.56 29.55 -14.87
N THR H 505 12.13 30.42 -14.05
CA THR H 505 11.71 30.56 -12.66
C THR H 505 12.28 31.86 -12.09
N GLU H 506 11.96 32.14 -10.82
CA GLU H 506 12.58 33.26 -10.14
C GLU H 506 13.61 32.78 -9.12
N ALA H 507 14.88 32.90 -9.50
CA ALA H 507 16.00 32.60 -8.61
C ALA H 507 16.10 33.72 -7.58
N PRO H 508 16.77 33.47 -6.43
CA PRO H 508 16.98 34.50 -5.39
C PRO H 508 17.35 35.88 -5.92
N ARG H 509 18.05 35.91 -7.04
CA ARG H 509 18.56 37.16 -7.60
C ARG H 509 17.75 37.71 -8.79
N GLY H 510 16.78 36.94 -9.27
CA GLY H 510 15.89 37.42 -10.30
C GLY H 510 15.48 36.41 -11.34
N ALA H 511 15.15 36.91 -12.53
CA ALA H 511 14.56 36.09 -13.59
C ALA H 511 15.57 35.16 -14.25
N LEU H 512 15.27 33.87 -14.25
CA LEU H 512 16.17 32.88 -14.81
C LEU H 512 15.46 32.08 -15.89
N GLY H 513 16.16 31.89 -17.00
CA GLY H 513 15.64 31.12 -18.12
C GLY H 513 16.67 30.17 -18.70
N HIS H 514 16.21 28.98 -19.07
CA HIS H 514 17.01 28.01 -19.79
C HIS H 514 16.29 27.68 -21.09
N TRP H 515 16.97 27.88 -22.20
CA TRP H 515 16.41 27.54 -23.49
C TRP H 515 17.18 26.35 -24.07
N ALA H 516 16.45 25.28 -24.38
CA ALA H 516 17.08 24.02 -24.79
C ALA H 516 16.46 23.45 -26.04
N ALA H 517 17.32 22.97 -26.94
CA ALA H 517 16.85 22.33 -28.15
C ALA H 517 17.40 20.91 -28.21
N ILE H 518 16.55 19.95 -28.53
CA ILE H 518 16.94 18.54 -28.55
C ILE H 518 16.78 17.99 -29.94
N ARG H 519 17.75 17.22 -30.40
CA ARG H 519 17.72 16.65 -31.72
C ARG H 519 18.30 15.27 -31.66
N ASP H 520 17.51 14.27 -32.05
CA ASP H 520 17.90 12.86 -32.01
C ASP H 520 18.41 12.33 -30.65
N GLY H 521 17.83 12.82 -29.57
CA GLY H 521 18.18 12.40 -28.23
C GLY H 521 19.33 13.14 -27.60
N LYS H 522 19.85 14.15 -28.28
CA LYS H 522 21.01 14.86 -27.76
C LYS H 522 20.76 16.34 -27.73
N ILE H 523 21.44 17.02 -26.84
CA ILE H 523 21.31 18.45 -26.73
C ILE H 523 21.96 19.05 -27.93
N ASP H 524 21.17 19.84 -28.63
CA ASP H 524 21.57 20.48 -29.85
C ASP H 524 21.68 21.96 -29.64
N LEU H 525 21.25 22.43 -28.47
CA LEU H 525 21.38 23.82 -28.10
C LEU H 525 20.98 23.98 -26.66
N TYR H 526 21.79 24.70 -25.89
CA TYR H 526 21.47 25.00 -24.52
C TYR H 526 21.97 26.38 -24.20
N GLN H 527 21.07 27.34 -24.02
CA GLN H 527 21.44 28.73 -23.74
C GLN H 527 20.80 29.19 -22.43
N CYS H 528 21.61 29.85 -21.61
CA CYS H 528 21.15 30.33 -20.30
C CYS H 528 21.21 31.85 -20.21
N VAL H 529 20.11 32.45 -19.75
CA VAL H 529 20.11 33.87 -19.34
C VAL H 529 19.77 33.93 -17.86
N VAL H 530 20.71 34.48 -17.08
CA VAL H 530 20.71 34.31 -15.63
C VAL H 530 20.50 35.70 -15.01
N PRO H 531 19.87 35.78 -13.83
CA PRO H 531 19.56 37.11 -13.26
C PRO H 531 20.73 38.11 -13.18
N THR H 532 21.89 37.67 -12.72
CA THR H 532 23.01 38.60 -12.61
C THR H 532 23.54 38.96 -14.01
N THR H 533 23.25 38.13 -15.01
CA THR H 533 23.53 38.50 -16.40
C THR H 533 22.75 39.77 -16.75
N TRP H 534 21.47 39.82 -16.36
CA TRP H 534 20.68 41.03 -16.52
C TRP H 534 21.29 42.21 -15.77
N ASN H 535 21.41 42.08 -14.46
CA ASN H 535 21.82 43.22 -13.62
C ASN H 535 23.25 43.72 -13.88
N ALA H 536 24.18 42.79 -14.04
CA ALA H 536 25.59 43.13 -14.23
C ALA H 536 25.92 43.36 -15.70
N SER H 537 24.90 43.38 -16.56
CA SER H 537 25.05 43.55 -18.01
C SER H 537 25.96 44.71 -18.40
N PRO H 538 26.78 44.48 -19.44
CA PRO H 538 27.50 45.59 -20.08
C PRO H 538 26.55 46.37 -21.02
N ARG H 539 27.09 47.38 -21.70
CA ARG H 539 26.29 48.23 -22.58
C ARG H 539 25.90 47.54 -23.90
N ASP H 540 24.90 48.11 -24.59
CA ASP H 540 24.39 47.57 -25.85
C ASP H 540 24.75 48.51 -27.01
N PRO H 541 24.32 48.19 -28.26
CA PRO H 541 24.67 49.10 -29.36
C PRO H 541 24.14 50.52 -29.22
N LYS H 542 23.08 50.69 -28.43
CA LYS H 542 22.55 52.02 -28.18
C LYS H 542 23.30 52.72 -27.03
N GLY H 543 24.21 52.00 -26.39
CA GLY H 543 24.98 52.56 -25.29
C GLY H 543 24.17 52.60 -24.01
N GLN H 544 23.07 51.84 -23.98
CA GLN H 544 22.22 51.73 -22.78
C GLN H 544 22.95 50.98 -21.69
N ILE H 545 22.88 51.52 -20.48
CA ILE H 545 23.55 50.93 -19.34
C ILE H 545 22.65 49.96 -18.56
N GLY H 546 23.30 48.97 -17.94
CA GLY H 546 22.60 47.93 -17.16
C GLY H 546 22.34 48.37 -15.73
N ALA H 547 21.67 47.50 -14.98
CA ALA H 547 21.20 47.82 -13.63
C ALA H 547 22.29 48.32 -12.68
N TYR H 548 23.42 47.61 -12.62
CA TYR H 548 24.53 47.97 -11.74
C TYR H 548 25.06 49.36 -12.05
N GLU H 549 25.33 49.59 -13.33
CA GLU H 549 25.97 50.81 -13.78
C GLU H 549 25.00 51.97 -13.56
N ALA H 550 23.72 51.73 -13.79
CA ALA H 550 22.70 52.75 -13.54
C ALA H 550 22.62 53.15 -12.07
N ALA H 551 22.57 52.14 -11.20
CA ALA H 551 22.47 52.34 -9.75
C ALA H 551 23.67 53.06 -9.14
N LEU H 552 24.85 52.86 -9.75
CA LEU H 552 26.07 53.48 -9.25
C LEU H 552 26.17 54.94 -9.68
N MET H 553 25.48 55.28 -10.76
CA MET H 553 25.49 56.64 -11.28
C MET H 553 25.01 57.62 -10.22
N ASN H 554 25.60 58.81 -10.24
CA ASN H 554 25.19 59.93 -9.37
C ASN H 554 25.39 59.67 -7.88
N THR H 555 26.16 58.64 -7.56
CA THR H 555 26.47 58.33 -6.16
C THR H 555 27.65 59.15 -5.60
N LYS H 556 27.41 59.80 -4.47
CA LYS H 556 28.44 60.53 -3.73
C LYS H 556 29.35 59.59 -2.94
N MET H 557 30.65 59.83 -3.00
CA MET H 557 31.62 59.07 -2.22
C MET H 557 32.31 59.98 -1.21
N ALA H 558 32.28 59.58 0.06
CA ALA H 558 32.91 60.38 1.12
C ALA H 558 34.43 60.31 1.07
N ILE H 559 34.96 59.12 0.81
CA ILE H 559 36.40 58.89 0.66
C ILE H 559 36.68 58.01 -0.56
N PRO H 560 37.10 58.63 -1.68
CA PRO H 560 37.18 57.86 -2.93
C PRO H 560 38.05 56.60 -2.82
N GLU H 561 39.05 56.62 -1.94
CA GLU H 561 39.97 55.51 -1.76
C GLU H 561 39.29 54.28 -1.20
N GLN H 562 38.24 54.49 -0.42
CA GLN H 562 37.51 53.41 0.22
C GLN H 562 36.10 53.33 -0.35
N PRO H 563 35.88 52.40 -1.28
CA PRO H 563 34.64 52.36 -2.08
C PRO H 563 33.40 51.76 -1.34
N LEU H 564 33.17 52.22 -0.11
CA LEU H 564 32.07 51.69 0.70
C LEU H 564 30.71 51.85 0.04
N GLU H 565 30.49 53.02 -0.56
CA GLU H 565 29.24 53.31 -1.23
C GLU H 565 29.05 52.42 -2.45
N ILE H 566 30.12 52.18 -3.19
CA ILE H 566 30.05 51.32 -4.36
C ILE H 566 29.70 49.91 -3.92
N LEU H 567 30.39 49.42 -2.89
CA LEU H 567 30.10 48.10 -2.34
C LEU H 567 28.64 47.98 -1.86
N ARG H 568 28.16 48.98 -1.12
CA ARG H 568 26.79 48.97 -0.58
C ARG H 568 25.74 48.74 -1.66
N THR H 569 25.88 49.48 -2.76
CA THR H 569 24.92 49.42 -3.84
C THR H 569 25.04 48.10 -4.57
N LEU H 570 26.26 47.71 -4.92
CA LEU H 570 26.48 46.45 -5.63
C LEU H 570 25.97 45.27 -4.81
N HIS H 571 26.33 45.25 -3.54
CA HIS H 571 25.94 44.17 -2.65
C HIS H 571 24.41 44.08 -2.49
N SER H 572 23.74 45.23 -2.58
CA SER H 572 22.28 45.27 -2.49
C SER H 572 21.61 44.46 -3.58
N PHE H 573 22.32 44.28 -4.70
CA PHE H 573 21.84 43.49 -5.82
C PHE H 573 22.08 42.01 -5.60
N ASP H 574 23.00 41.70 -4.69
CA ASP H 574 23.41 40.32 -4.41
C ASP H 574 24.02 39.67 -5.66
N PRO H 575 25.17 40.20 -6.12
CA PRO H 575 25.81 39.70 -7.35
C PRO H 575 26.31 38.25 -7.28
N CYS H 576 25.91 37.44 -8.26
CA CYS H 576 26.44 36.10 -8.45
C CYS H 576 27.07 36.02 -9.83
N LEU H 577 28.39 36.12 -9.89
CA LEU H 577 29.09 36.26 -11.15
C LEU H 577 29.28 34.96 -11.90
N ALA H 578 29.38 33.85 -11.18
CA ALA H 578 29.44 32.54 -11.82
C ALA H 578 28.15 32.28 -12.56
N CYS H 579 27.06 32.69 -11.92
CA CYS H 579 25.75 32.67 -12.55
C CYS H 579 25.75 33.53 -13.81
N SER H 580 26.26 34.75 -13.69
CA SER H 580 26.12 35.74 -14.75
C SER H 580 26.82 35.29 -16.02
N THR H 581 27.90 34.55 -15.86
CA THR H 581 28.74 34.17 -16.99
C THR H 581 28.54 32.72 -17.39
N HIS H 582 28.40 31.84 -16.41
CA HIS H 582 28.21 30.39 -16.62
C HIS H 582 29.08 29.79 -17.75
N PHE I 14 21.13 -23.11 -52.49
CA PHE I 14 22.40 -23.41 -51.81
C PHE I 14 22.18 -24.01 -50.41
N GLU I 15 23.23 -24.65 -49.88
CA GLU I 15 23.26 -25.38 -48.58
C GLU I 15 24.58 -25.10 -47.82
N ALA I 16 25.33 -26.18 -47.44
CA ALA I 16 26.65 -26.10 -46.75
C ALA I 16 27.37 -27.49 -46.56
N PRO I 17 28.46 -27.53 -45.75
CA PRO I 17 29.08 -28.78 -45.27
C PRO I 17 28.18 -29.59 -44.32
N VAL I 18 28.44 -30.90 -44.21
CA VAL I 18 27.63 -31.86 -43.43
C VAL I 18 27.63 -31.69 -41.90
N ARG I 19 28.66 -31.05 -41.37
CA ARG I 19 28.79 -30.81 -39.94
C ARG I 19 27.96 -29.61 -39.46
N ILE I 20 27.36 -28.88 -40.38
CA ILE I 20 26.48 -27.78 -40.02
C ILE I 20 25.26 -28.42 -39.37
N TRP I 21 24.75 -29.45 -40.02
CA TRP I 21 23.55 -30.12 -39.60
C TRP I 21 23.73 -31.00 -38.36
N HIS I 22 24.78 -30.75 -37.58
CA HIS I 22 25.04 -31.44 -36.31
C HIS I 22 25.17 -30.34 -35.28
N TRP I 23 25.89 -29.29 -35.65
CA TRP I 23 26.12 -28.16 -34.76
C TRP I 23 24.85 -27.39 -34.60
N LEU I 24 23.97 -27.56 -35.55
CA LEU I 24 22.65 -26.98 -35.45
C LEU I 24 21.87 -27.71 -34.33
N THR I 25 21.60 -28.99 -34.53
CA THR I 25 21.00 -29.87 -33.55
C THR I 25 21.52 -29.65 -32.12
N VAL I 26 22.83 -29.47 -31.97
CA VAL I 26 23.43 -29.18 -30.68
C VAL I 26 22.94 -27.84 -30.19
N LEU I 27 22.91 -26.87 -31.08
CA LEU I 27 22.44 -25.54 -30.74
C LEU I 27 20.98 -25.62 -30.35
N CYS I 28 20.19 -26.36 -31.10
CA CYS I 28 18.79 -26.59 -30.80
C CYS I 28 18.63 -27.29 -29.47
N MET I 29 19.31 -28.41 -29.32
CA MET I 29 19.34 -29.16 -28.06
C MET I 29 19.64 -28.25 -26.86
N ALA I 30 20.70 -27.46 -26.93
CA ALA I 30 21.10 -26.60 -25.81
C ALA I 30 20.00 -25.61 -25.47
N VAL I 31 19.22 -25.24 -26.47
CA VAL I 31 18.22 -24.21 -26.30
C VAL I 31 16.93 -24.85 -25.79
N LEU I 32 16.56 -25.99 -26.36
CA LEU I 32 15.36 -26.71 -25.94
C LEU I 32 15.45 -27.18 -24.49
N MET I 33 16.69 -27.41 -24.02
CA MET I 33 16.95 -27.82 -22.64
C MET I 33 16.88 -26.63 -21.69
N VAL I 34 17.80 -25.67 -21.86
CA VAL I 34 17.75 -24.44 -21.08
C VAL I 34 16.35 -23.77 -21.01
N THR I 35 15.62 -23.76 -22.13
CA THR I 35 14.28 -23.12 -22.14
C THR I 35 13.25 -24.03 -21.51
N GLY I 36 13.20 -25.28 -21.93
CA GLY I 36 12.24 -26.24 -21.41
C GLY I 36 12.36 -26.45 -19.90
N TYR I 37 13.59 -26.37 -19.40
CA TYR I 37 13.85 -26.40 -17.98
C TYR I 37 13.03 -25.31 -17.25
N PHE I 38 13.11 -24.08 -17.75
CA PHE I 38 12.45 -22.93 -17.14
C PHE I 38 10.95 -22.79 -17.46
N ILE I 39 10.44 -23.60 -18.38
CA ILE I 39 9.00 -23.70 -18.56
C ILE I 39 8.39 -24.45 -17.38
N GLY I 40 9.16 -25.37 -16.80
CA GLY I 40 8.68 -26.20 -15.70
C GLY I 40 9.09 -25.66 -14.35
N LYS I 41 10.35 -25.22 -14.23
CA LYS I 41 10.80 -24.51 -13.03
C LYS I 41 11.17 -23.09 -13.43
N PRO I 42 10.16 -22.20 -13.50
CA PRO I 42 10.34 -20.83 -14.02
C PRO I 42 11.29 -20.00 -13.20
N LEU I 43 11.87 -18.99 -13.84
CA LEU I 43 12.83 -18.10 -13.19
C LEU I 43 12.13 -17.36 -12.08
N PRO I 44 12.88 -16.62 -11.23
CA PRO I 44 12.19 -15.78 -10.24
C PRO I 44 11.18 -14.81 -10.87
N SER I 45 10.22 -14.32 -10.07
CA SER I 45 9.17 -13.48 -10.61
C SER I 45 9.67 -12.07 -10.80
N VAL I 46 9.19 -11.46 -11.87
CA VAL I 46 9.34 -10.02 -12.08
C VAL I 46 8.05 -9.28 -11.71
N SER I 47 8.09 -7.96 -11.81
CA SER I 47 6.92 -7.16 -11.56
C SER I 47 6.94 -5.90 -12.39
N GLY I 48 5.81 -5.59 -13.00
CA GLY I 48 5.69 -4.37 -13.77
C GLY I 48 4.29 -4.20 -14.32
N GLU I 49 4.21 -4.10 -15.63
CA GLU I 49 2.96 -3.92 -16.29
C GLU I 49 3.01 -4.93 -17.43
N ALA I 50 2.19 -5.97 -17.28
CA ALA I 50 2.23 -7.14 -18.16
C ALA I 50 1.95 -6.83 -19.66
N THR I 51 1.71 -5.58 -19.99
CA THR I 51 1.50 -5.20 -21.37
C THR I 51 2.85 -5.12 -22.05
N TYR I 52 3.85 -4.66 -21.30
CA TYR I 52 5.19 -4.47 -21.84
C TYR I 52 6.18 -5.56 -21.44
N LEU I 53 5.68 -6.67 -20.88
CA LEU I 53 6.54 -7.74 -20.38
C LEU I 53 6.06 -9.02 -20.97
N PHE I 54 7.00 -9.85 -21.39
CA PHE I 54 6.71 -11.09 -22.11
C PHE I 54 7.84 -12.13 -21.92
N TYR I 55 8.60 -12.01 -20.83
CA TYR I 55 9.70 -12.94 -20.53
C TYR I 55 9.34 -14.41 -20.65
N MET I 56 8.36 -14.88 -19.89
CA MET I 56 7.95 -16.27 -20.03
C MET I 56 7.47 -16.58 -21.45
N GLY I 57 6.72 -15.65 -22.03
CA GLY I 57 6.21 -15.82 -23.36
C GLY I 57 7.31 -15.98 -24.41
N TYR I 58 8.43 -15.27 -24.22
CA TYR I 58 9.57 -15.40 -25.12
C TYR I 58 10.32 -16.73 -24.95
N ILE I 59 10.44 -17.20 -23.73
CA ILE I 59 11.04 -18.50 -23.46
C ILE I 59 10.26 -19.61 -24.16
N ARG I 60 8.95 -19.51 -24.10
CA ARG I 60 8.09 -20.52 -24.71
C ARG I 60 8.17 -20.44 -26.21
N LEU I 61 8.38 -19.23 -26.71
CA LEU I 61 8.38 -18.98 -28.14
C LEU I 61 9.67 -19.54 -28.73
N ILE I 62 10.79 -19.19 -28.09
CA ILE I 62 12.10 -19.67 -28.46
C ILE I 62 12.09 -21.20 -28.40
N HIS I 63 11.41 -21.76 -27.40
CA HIS I 63 11.29 -23.20 -27.28
C HIS I 63 10.54 -23.83 -28.46
N PHE I 64 9.35 -23.35 -28.75
CA PHE I 64 8.52 -24.01 -29.77
C PHE I 64 9.16 -23.98 -31.15
N SER I 65 9.91 -22.91 -31.41
CA SER I 65 10.42 -22.66 -32.75
C SER I 65 11.82 -23.29 -32.87
N ALA I 66 12.54 -23.39 -31.76
CA ALA I 66 13.73 -24.25 -31.70
C ALA I 66 13.34 -25.71 -31.89
N GLY I 67 12.17 -26.06 -31.39
CA GLY I 67 11.63 -27.39 -31.57
C GLY I 67 11.18 -27.64 -32.97
N MET I 68 10.87 -26.57 -33.71
CA MET I 68 10.52 -26.68 -35.12
C MET I 68 11.78 -27.00 -35.90
N VAL I 69 12.78 -26.13 -35.78
CA VAL I 69 14.07 -26.30 -36.44
C VAL I 69 14.68 -27.68 -36.12
N PHE I 70 14.80 -27.96 -34.82
CA PHE I 70 15.26 -29.25 -34.33
C PHE I 70 14.56 -30.40 -35.01
N THR I 71 13.23 -30.35 -35.07
CA THR I 71 12.43 -31.43 -35.66
C THR I 71 12.75 -31.66 -37.15
N VAL I 72 12.83 -30.56 -37.90
CA VAL I 72 13.14 -30.61 -39.32
C VAL I 72 14.52 -31.24 -39.55
N VAL I 73 15.54 -30.66 -38.92
CA VAL I 73 16.91 -31.13 -39.05
C VAL I 73 17.03 -32.59 -38.66
N LEU I 74 16.50 -32.96 -37.49
CA LEU I 74 16.52 -34.33 -36.99
C LEU I 74 15.94 -35.32 -38.00
N LEU I 75 14.81 -34.99 -38.62
CA LEU I 75 14.14 -35.90 -39.52
C LEU I 75 14.79 -36.05 -40.85
N MET I 76 15.40 -35.01 -41.36
CA MET I 76 16.17 -35.16 -42.58
C MET I 76 17.47 -35.95 -42.28
N ARG I 77 18.11 -35.61 -41.17
CA ARG I 77 19.30 -36.27 -40.69
C ARG I 77 19.06 -37.77 -40.40
N ILE I 78 17.83 -38.14 -40.09
CA ILE I 78 17.47 -39.54 -39.87
C ILE I 78 17.16 -40.19 -41.20
N TYR I 79 16.50 -39.46 -42.06
CA TYR I 79 16.13 -40.01 -43.33
C TYR I 79 17.36 -40.55 -44.11
N TRP I 80 18.48 -39.82 -44.03
CA TRP I 80 19.70 -40.24 -44.73
C TRP I 80 20.42 -41.46 -44.19
N ALA I 81 20.55 -41.53 -42.86
CA ALA I 81 21.14 -42.71 -42.22
C ALA I 81 20.35 -43.97 -42.56
N PHE I 82 19.03 -43.82 -42.67
CA PHE I 82 18.19 -44.93 -43.08
C PHE I 82 18.49 -45.37 -44.51
N VAL I 83 18.33 -44.46 -45.46
CA VAL I 83 18.68 -44.66 -46.89
C VAL I 83 20.10 -45.28 -47.09
N GLY I 84 21.04 -44.89 -46.22
CA GLY I 84 22.40 -45.42 -46.22
C GLY I 84 22.65 -46.62 -45.32
N ASN I 85 21.70 -47.57 -45.32
CA ASN I 85 21.80 -48.90 -44.65
C ASN I 85 21.73 -49.05 -43.11
N ARG I 86 21.77 -47.96 -42.35
CA ARG I 86 21.72 -48.02 -40.85
C ARG I 86 22.60 -46.97 -40.23
N TYR I 87 23.86 -47.07 -40.60
CA TYR I 87 24.89 -46.13 -40.21
C TYR I 87 25.97 -46.31 -41.27
N SER I 88 26.75 -47.38 -41.13
CA SER I 88 27.91 -47.68 -41.98
C SER I 88 27.78 -47.56 -43.50
N ARG I 89 28.57 -46.67 -44.08
CA ARG I 89 28.52 -46.40 -45.53
C ARG I 89 28.55 -47.66 -46.38
N SER I 100 8.81 -58.91 -36.57
CA SER I 100 9.93 -58.05 -36.94
C SER I 100 11.04 -57.98 -35.87
N TRP I 101 10.92 -58.81 -34.82
CA TRP I 101 11.85 -58.82 -33.67
C TRP I 101 13.10 -59.72 -33.87
N TRP I 102 13.25 -60.30 -35.05
CA TRP I 102 14.44 -61.14 -35.40
C TRP I 102 15.73 -60.38 -35.15
N GLN I 103 16.00 -59.38 -35.99
CA GLN I 103 17.14 -58.49 -35.83
C GLN I 103 17.24 -57.91 -34.43
N GLY I 104 16.14 -57.93 -33.67
CA GLY I 104 16.12 -57.48 -32.28
C GLY I 104 16.65 -58.54 -31.35
N VAL I 105 16.15 -59.77 -31.52
CA VAL I 105 16.59 -60.93 -30.74
C VAL I 105 18.05 -61.29 -31.04
N TRP I 106 18.49 -61.08 -32.28
CA TRP I 106 19.89 -61.29 -32.70
C TRP I 106 20.82 -60.18 -32.21
N TYR I 107 20.32 -58.95 -32.17
CA TYR I 107 21.08 -57.85 -31.62
C TYR I 107 21.44 -58.18 -30.19
N GLU I 108 20.53 -58.88 -29.54
CA GLU I 108 20.66 -59.35 -28.19
C GLU I 108 21.75 -60.40 -27.91
N ILE I 109 21.82 -61.47 -28.72
CA ILE I 109 22.83 -62.53 -28.51
C ILE I 109 24.23 -62.00 -28.67
N ARG I 110 24.48 -61.28 -29.76
CA ARG I 110 25.79 -60.67 -29.99
C ARG I 110 26.03 -59.51 -29.04
N TRP I 111 24.95 -59.01 -28.44
CA TRP I 111 24.98 -57.89 -27.47
C TRP I 111 25.56 -58.26 -26.12
N TYR I 112 25.53 -59.55 -25.78
CA TYR I 112 26.14 -60.04 -24.53
C TYR I 112 27.52 -60.71 -24.78
N LEU I 113 28.56 -59.89 -25.05
CA LEU I 113 29.90 -60.40 -25.31
C LEU I 113 30.77 -60.35 -24.07
N ASN I 126 32.29 -52.30 -29.99
CA ASN I 126 31.54 -51.63 -28.95
C ASN I 126 30.05 -51.74 -29.26
N PRO I 127 29.35 -52.68 -28.61
CA PRO I 127 27.93 -52.95 -28.87
C PRO I 127 26.94 -52.23 -27.97
N ILE I 128 27.36 -51.84 -26.77
CA ILE I 128 26.48 -51.07 -25.89
C ILE I 128 26.65 -49.57 -26.16
N ALA I 129 27.54 -49.18 -27.08
CA ALA I 129 27.69 -47.78 -27.48
C ALA I 129 26.83 -47.40 -28.69
N GLN I 130 26.48 -48.39 -29.51
CA GLN I 130 25.58 -48.18 -30.64
C GLN I 130 24.15 -48.01 -30.12
N ALA I 131 23.72 -48.95 -29.28
CA ALA I 131 22.43 -48.87 -28.59
C ALA I 131 22.23 -47.55 -27.82
N ALA I 132 23.33 -46.88 -27.47
CA ALA I 132 23.30 -45.55 -26.84
C ALA I 132 22.95 -44.46 -27.87
N MET I 133 23.73 -44.37 -28.94
CA MET I 133 23.41 -43.46 -30.06
C MET I 133 22.01 -43.71 -30.66
N PHE I 134 21.57 -44.97 -30.67
CA PHE I 134 20.23 -45.32 -31.16
C PHE I 134 19.19 -44.82 -30.16
N GLY I 135 19.42 -45.10 -28.89
CA GLY I 135 18.50 -44.65 -27.86
C GLY I 135 18.39 -43.15 -27.84
N TYR I 136 19.46 -42.49 -28.22
CA TYR I 136 19.53 -41.04 -28.24
C TYR I 136 18.60 -40.49 -29.30
N PHE I 137 18.61 -41.11 -30.48
CA PHE I 137 17.73 -40.70 -31.55
C PHE I 137 16.31 -41.16 -31.32
N LEU I 138 16.14 -42.12 -30.44
CA LEU I 138 14.83 -42.60 -30.11
C LEU I 138 14.18 -41.68 -29.10
N MET I 139 14.99 -41.08 -28.24
CA MET I 139 14.52 -40.13 -27.26
C MET I 139 14.05 -38.87 -28.01
N SER I 140 14.95 -38.26 -28.82
CA SER I 140 14.66 -37.11 -29.65
C SER I 140 13.32 -37.21 -30.32
N VAL I 141 12.96 -38.40 -30.82
CA VAL I 141 11.71 -38.59 -31.53
C VAL I 141 10.57 -38.66 -30.54
N PHE I 142 10.86 -39.14 -29.35
CA PHE I 142 9.89 -39.18 -28.27
C PHE I 142 9.64 -37.74 -27.79
N MET I 143 10.73 -36.98 -27.65
CA MET I 143 10.66 -35.56 -27.31
C MET I 143 9.91 -34.71 -28.34
N ILE I 144 9.70 -35.28 -29.53
CA ILE I 144 9.03 -34.62 -30.64
C ILE I 144 7.57 -35.03 -30.64
N ILE I 145 7.32 -36.35 -30.55
CA ILE I 145 5.95 -36.87 -30.48
C ILE I 145 5.22 -36.28 -29.27
N THR I 146 5.88 -36.26 -28.11
CA THR I 146 5.31 -35.67 -26.90
C THR I 146 5.27 -34.15 -26.94
N GLY I 147 6.37 -33.53 -27.40
CA GLY I 147 6.48 -32.07 -27.49
C GLY I 147 5.43 -31.43 -28.40
N PHE I 148 5.09 -32.12 -29.50
CA PHE I 148 4.10 -31.65 -30.45
C PHE I 148 2.67 -31.93 -30.02
N ALA I 149 2.50 -32.97 -29.23
CA ALA I 149 1.18 -33.30 -28.70
C ALA I 149 0.74 -32.14 -27.82
N LEU I 150 1.67 -31.56 -27.09
CA LEU I 150 1.41 -30.38 -26.30
C LEU I 150 1.16 -29.12 -27.11
N TYR I 151 2.02 -28.88 -28.09
CA TYR I 151 1.95 -27.70 -28.95
C TYR I 151 0.72 -27.61 -29.86
N SER I 152 0.35 -28.73 -30.47
CA SER I 152 -0.77 -28.81 -31.40
C SER I 152 -2.12 -28.93 -30.73
N GLU I 153 -2.12 -28.94 -29.40
CA GLU I 153 -3.32 -29.18 -28.62
C GLU I 153 -4.50 -28.24 -28.88
N HIS I 154 -4.33 -26.93 -28.58
CA HIS I 154 -5.42 -25.89 -28.63
C HIS I 154 -5.98 -25.65 -29.99
N SER I 155 -6.27 -26.73 -30.72
CA SER I 155 -6.92 -26.73 -32.05
C SER I 155 -6.06 -26.33 -33.28
N GLN I 156 -4.86 -26.90 -33.41
CA GLN I 156 -4.02 -26.62 -34.61
C GLN I 156 -4.71 -27.15 -35.87
N TYR I 157 -5.56 -28.16 -35.67
CA TYR I 157 -6.49 -28.69 -36.66
C TYR I 157 -5.99 -28.82 -38.13
N ALA I 158 -4.72 -29.19 -38.34
CA ALA I 158 -4.27 -29.39 -39.73
C ALA I 158 -3.48 -30.68 -39.96
N ILE I 159 -2.16 -30.57 -39.88
CA ILE I 159 -1.25 -31.68 -40.14
C ILE I 159 -0.80 -32.30 -38.85
N PHE I 160 -1.35 -31.81 -37.76
CA PHE I 160 -1.00 -32.27 -36.44
C PHE I 160 -2.00 -33.23 -35.92
N ALA I 161 -2.89 -33.67 -36.79
CA ALA I 161 -3.98 -34.52 -36.39
C ALA I 161 -3.54 -35.81 -35.70
N PRO I 162 -2.50 -36.47 -36.21
CA PRO I 162 -2.04 -37.68 -35.51
C PRO I 162 -1.59 -37.52 -34.06
N PHE I 163 -0.96 -36.41 -33.71
CA PHE I 163 -0.51 -36.22 -32.33
C PHE I 163 -1.60 -36.28 -31.28
N ARG I 164 -2.84 -36.24 -31.73
CA ARG I 164 -3.97 -36.29 -30.81
C ARG I 164 -4.41 -37.72 -30.53
N TYR I 165 -3.48 -38.63 -30.68
CA TYR I 165 -3.63 -40.00 -30.27
C TYR I 165 -2.75 -40.14 -29.06
N VAL I 166 -1.68 -39.36 -29.02
CA VAL I 166 -0.76 -39.34 -27.90
C VAL I 166 -1.53 -38.91 -26.68
N VAL I 167 -2.42 -37.96 -26.87
CA VAL I 167 -3.23 -37.44 -25.81
C VAL I 167 -4.18 -38.53 -25.32
N GLU I 168 -4.88 -39.16 -26.25
CA GLU I 168 -5.83 -40.22 -25.90
C GLU I 168 -5.14 -41.38 -25.24
N PHE I 169 -3.90 -41.64 -25.66
CA PHE I 169 -3.10 -42.67 -25.07
C PHE I 169 -2.83 -42.39 -23.58
N PHE I 170 -2.33 -41.21 -23.28
CA PHE I 170 -2.12 -40.83 -21.90
C PHE I 170 -3.40 -40.85 -21.08
N TYR I 171 -4.54 -40.59 -21.71
CA TYR I 171 -5.85 -40.72 -21.05
C TYR I 171 -6.18 -42.18 -20.81
N TRP I 172 -5.79 -43.02 -21.78
CA TRP I 172 -6.02 -44.46 -21.71
C TRP I 172 -5.19 -45.07 -20.58
N THR I 173 -3.95 -44.59 -20.44
CA THR I 173 -3.09 -44.79 -19.27
C THR I 173 -3.80 -44.54 -17.92
N GLY I 174 -4.88 -43.77 -17.96
CA GLY I 174 -5.53 -43.34 -16.75
C GLY I 174 -4.95 -42.01 -16.30
N GLY I 175 -4.48 -41.21 -17.26
CA GLY I 175 -3.92 -39.90 -16.96
C GLY I 175 -4.52 -38.78 -17.78
N ASN I 176 -3.84 -37.64 -17.76
CA ASN I 176 -4.24 -36.50 -18.57
C ASN I 176 -3.00 -35.84 -19.17
N SER I 177 -3.19 -34.74 -19.89
CA SER I 177 -2.09 -34.05 -20.54
C SER I 177 -0.98 -33.61 -19.59
N MET I 178 -1.25 -33.65 -18.29
CA MET I 178 -0.21 -33.33 -17.32
C MET I 178 0.91 -34.36 -17.38
N ASP I 179 0.55 -35.59 -17.69
CA ASP I 179 1.51 -36.67 -17.78
C ASP I 179 2.44 -36.51 -18.99
N ILE I 180 1.88 -36.02 -20.10
CA ILE I 180 2.65 -35.62 -21.26
C ILE I 180 3.75 -34.65 -20.84
N HIS I 181 3.41 -33.66 -20.01
CA HIS I 181 4.36 -32.70 -19.49
C HIS I 181 5.43 -33.36 -18.67
N SER I 182 5.04 -34.40 -17.92
CA SER I 182 5.94 -35.05 -16.99
C SER I 182 6.91 -35.94 -17.73
N TRP I 183 6.40 -36.78 -18.62
CA TRP I 183 7.22 -37.63 -19.46
C TRP I 183 8.11 -36.82 -20.41
N HIS I 184 7.60 -35.69 -20.90
CA HIS I 184 8.40 -34.74 -21.68
C HIS I 184 9.55 -34.20 -20.86
N ARG I 185 9.29 -33.78 -19.62
CA ARG I 185 10.36 -33.26 -18.77
C ARG I 185 11.39 -34.34 -18.41
N LEU I 186 10.91 -35.58 -18.29
CA LEU I 186 11.80 -36.71 -17.98
C LEU I 186 12.75 -36.95 -19.14
N GLY I 187 12.22 -36.95 -20.36
CA GLY I 187 12.99 -37.15 -21.58
C GLY I 187 14.16 -36.21 -21.64
N MET I 188 13.91 -34.97 -21.26
CA MET I 188 14.95 -33.97 -21.21
C MET I 188 16.09 -34.33 -20.26
N TRP I 189 15.79 -34.95 -19.14
CA TRP I 189 16.83 -35.35 -18.21
C TRP I 189 17.60 -36.55 -18.75
N LEU I 190 16.89 -37.45 -19.43
CA LEU I 190 17.49 -38.65 -20.00
C LEU I 190 18.46 -38.31 -21.11
N ILE I 191 18.04 -37.45 -22.03
CA ILE I 191 18.93 -36.87 -23.02
C ILE I 191 20.18 -36.26 -22.36
N GLY I 192 20.00 -35.46 -21.30
CA GLY I 192 21.12 -34.86 -20.57
C GLY I 192 22.08 -35.89 -19.98
N ALA I 193 21.55 -37.09 -19.69
CA ALA I 193 22.37 -38.22 -19.24
C ALA I 193 23.33 -38.66 -20.33
N PHE I 194 22.81 -39.05 -21.50
CA PHE I 194 23.66 -39.37 -22.69
C PHE I 194 24.70 -38.31 -22.94
N VAL I 195 24.25 -37.06 -23.08
CA VAL I 195 25.13 -35.91 -23.22
C VAL I 195 26.27 -35.88 -22.19
N ILE I 196 26.03 -36.21 -20.92
CA ILE I 196 27.15 -36.27 -19.96
C ILE I 196 28.12 -37.41 -20.30
N GLY I 197 27.55 -38.54 -20.72
CA GLY I 197 28.31 -39.66 -21.24
C GLY I 197 28.99 -39.29 -22.55
N HIS I 198 28.18 -39.03 -23.57
CA HIS I 198 28.70 -38.70 -24.90
C HIS I 198 29.75 -37.60 -24.83
N VAL I 199 29.59 -36.58 -23.99
CA VAL I 199 30.67 -35.59 -23.84
C VAL I 199 31.94 -36.16 -23.17
N TYR I 200 31.80 -36.95 -22.10
CA TYR I 200 32.96 -37.55 -21.45
C TYR I 200 33.62 -38.58 -22.37
N MET I 201 32.79 -39.28 -23.13
CA MET I 201 33.29 -40.30 -24.03
C MET I 201 34.07 -39.65 -25.18
N ALA I 202 33.58 -38.50 -25.65
CA ALA I 202 34.27 -37.75 -26.72
C ALA I 202 35.57 -37.13 -26.24
N LEU I 203 35.49 -36.38 -25.13
CA LEU I 203 36.69 -35.81 -24.53
C LEU I 203 37.73 -36.89 -24.20
N ARG I 204 37.30 -38.14 -24.00
CA ARG I 204 38.23 -39.27 -23.85
C ARG I 204 38.95 -39.56 -25.19
N GLU I 205 38.54 -38.89 -26.27
CA GLU I 205 39.26 -38.94 -27.54
C GLU I 205 40.17 -37.71 -27.63
N ASP I 206 40.70 -37.31 -26.48
CA ASP I 206 41.72 -36.27 -26.33
C ASP I 206 43.08 -36.98 -26.21
N ILE I 207 43.22 -38.02 -27.04
CA ILE I 207 44.42 -38.84 -27.23
C ILE I 207 45.63 -38.00 -27.63
N PHE J 14 48.84 -33.47 -12.15
CA PHE J 14 48.68 -32.25 -12.97
C PHE J 14 49.31 -32.46 -14.33
N GLU J 15 49.83 -33.66 -14.54
CA GLU J 15 50.51 -34.02 -15.78
C GLU J 15 49.65 -34.94 -16.61
N ALA J 16 48.43 -34.48 -16.81
CA ALA J 16 47.43 -35.07 -17.70
C ALA J 16 47.61 -34.42 -19.09
N PRO J 17 46.72 -34.71 -20.07
CA PRO J 17 46.91 -34.18 -21.46
C PRO J 17 46.88 -32.64 -21.61
N VAL J 18 47.18 -32.16 -22.81
CA VAL J 18 47.00 -30.73 -23.10
C VAL J 18 45.61 -30.45 -23.69
N ARG J 19 44.80 -31.50 -23.85
CA ARG J 19 43.41 -31.38 -24.24
C ARG J 19 42.63 -30.76 -23.10
N ILE J 20 42.90 -31.26 -21.90
CA ILE J 20 42.20 -30.82 -20.71
C ILE J 20 42.30 -29.33 -20.46
N TRP J 21 43.47 -28.73 -20.70
CA TRP J 21 43.68 -27.32 -20.45
C TRP J 21 43.10 -26.41 -21.50
N HIS J 22 42.37 -26.98 -22.44
CA HIS J 22 41.73 -26.20 -23.49
C HIS J 22 40.27 -26.08 -23.14
N TRP J 23 39.64 -27.23 -22.96
CA TRP J 23 38.20 -27.27 -22.75
C TRP J 23 37.80 -26.56 -21.47
N LEU J 24 38.75 -26.44 -20.56
CA LEU J 24 38.54 -25.71 -19.32
C LEU J 24 38.43 -24.21 -19.60
N THR J 25 39.47 -23.68 -20.23
CA THR J 25 39.50 -22.32 -20.78
C THR J 25 38.21 -21.92 -21.50
N VAL J 26 37.69 -22.79 -22.37
CA VAL J 26 36.44 -22.50 -23.07
C VAL J 26 35.28 -22.45 -22.09
N LEU J 27 35.32 -23.33 -21.09
CA LEU J 27 34.28 -23.37 -20.07
C LEU J 27 34.34 -22.10 -19.24
N CYS J 28 35.54 -21.73 -18.79
CA CYS J 28 35.76 -20.47 -18.08
C CYS J 28 35.32 -19.27 -18.89
N MET J 29 35.84 -19.18 -20.11
CA MET J 29 35.48 -18.13 -21.04
C MET J 29 33.97 -17.97 -21.13
N ALA J 30 33.26 -19.06 -21.42
CA ALA J 30 31.81 -19.03 -21.61
C ALA J 30 31.08 -18.52 -20.36
N VAL J 31 31.67 -18.78 -19.20
CA VAL J 31 31.06 -18.39 -17.96
C VAL J 31 31.37 -16.93 -17.68
N LEU J 32 32.63 -16.56 -17.84
CA LEU J 32 33.06 -15.20 -17.55
C LEU J 32 32.40 -14.19 -18.48
N MET J 33 31.92 -14.69 -19.63
CA MET J 33 31.21 -13.86 -20.59
C MET J 33 29.74 -13.69 -20.17
N VAL J 34 29.01 -14.81 -20.17
CA VAL J 34 27.63 -14.84 -19.72
C VAL J 34 27.44 -14.17 -18.36
N THR J 35 28.37 -14.34 -17.43
CA THR J 35 28.24 -13.70 -16.12
C THR J 35 28.62 -12.23 -16.17
N GLY J 36 29.74 -11.94 -16.79
CA GLY J 36 30.23 -10.56 -16.83
C GLY J 36 29.27 -9.65 -17.57
N TYR J 37 28.59 -10.22 -18.58
CA TYR J 37 27.59 -9.50 -19.31
C TYR J 37 26.53 -8.97 -18.35
N PHE J 38 26.05 -9.83 -17.46
CA PHE J 38 24.98 -9.50 -16.53
C PHE J 38 25.43 -8.78 -15.26
N ILE J 39 26.72 -8.56 -15.07
CA ILE J 39 27.18 -7.68 -14.01
C ILE J 39 26.97 -6.25 -14.49
N GLY J 40 26.97 -6.04 -15.81
CA GLY J 40 26.91 -4.71 -16.41
C GLY J 40 25.52 -4.34 -16.93
N LYS J 41 24.89 -5.29 -17.61
CA LYS J 41 23.49 -5.18 -17.93
C LYS J 41 22.71 -6.27 -17.18
N PRO J 42 22.43 -6.01 -15.89
CA PRO J 42 21.80 -6.98 -15.01
C PRO J 42 20.46 -7.50 -15.52
N LEU J 43 20.07 -8.67 -15.05
CA LEU J 43 18.83 -9.29 -15.43
C LEU J 43 17.64 -8.44 -14.90
N PRO J 44 16.39 -8.80 -15.27
CA PRO J 44 15.29 -8.08 -14.63
C PRO J 44 15.32 -8.15 -13.09
N SER J 45 14.64 -7.22 -12.42
CA SER J 45 14.66 -7.17 -10.95
C SER J 45 13.76 -8.22 -10.37
N VAL J 46 14.14 -8.69 -9.18
CA VAL J 46 13.33 -9.60 -8.37
C VAL J 46 12.87 -8.82 -7.16
N SER J 47 12.03 -9.45 -6.35
CA SER J 47 11.52 -8.80 -5.16
C SER J 47 11.26 -9.84 -4.13
N GLY J 48 11.62 -9.53 -2.90
CA GLY J 48 11.39 -10.44 -1.80
C GLY J 48 12.02 -9.88 -0.57
N GLU J 49 12.77 -10.72 0.10
CA GLU J 49 13.45 -10.33 1.31
C GLU J 49 14.93 -10.61 1.05
N ALA J 50 15.74 -9.55 0.99
CA ALA J 50 17.13 -9.63 0.59
C ALA J 50 18.04 -10.46 1.52
N THR J 51 17.49 -10.91 2.64
CA THR J 51 18.23 -11.78 3.52
C THR J 51 18.38 -13.18 2.90
N TYR J 52 17.36 -13.60 2.15
CA TYR J 52 17.34 -14.92 1.56
C TYR J 52 17.60 -14.88 0.05
N LEU J 53 18.01 -13.71 -0.45
CA LEU J 53 18.20 -13.55 -1.88
C LEU J 53 19.60 -13.08 -2.14
N PHE J 54 20.24 -13.63 -3.17
CA PHE J 54 21.63 -13.36 -3.46
C PHE J 54 21.98 -13.58 -4.94
N TYR J 55 21.00 -13.38 -5.81
CA TYR J 55 21.18 -13.66 -7.25
C TYR J 55 22.36 -12.93 -7.89
N MET J 56 22.40 -11.61 -7.75
CA MET J 56 23.53 -10.84 -8.27
C MET J 56 24.83 -11.26 -7.58
N GLY J 57 24.77 -11.45 -6.27
CA GLY J 57 25.93 -11.88 -5.52
C GLY J 57 26.48 -13.19 -6.01
N TYR J 58 25.64 -14.13 -6.44
CA TYR J 58 26.10 -15.42 -6.97
C TYR J 58 26.75 -15.29 -8.34
N ILE J 59 26.15 -14.46 -9.17
CA ILE J 59 26.66 -14.12 -10.48
C ILE J 59 28.07 -13.57 -10.34
N ARG J 60 28.23 -12.60 -9.44
CA ARG J 60 29.51 -11.99 -9.16
C ARG J 60 30.53 -12.97 -8.58
N LEU J 61 30.03 -13.94 -7.85
CA LEU J 61 30.85 -14.94 -7.19
C LEU J 61 31.39 -15.93 -8.22
N ILE J 62 30.47 -16.45 -9.03
CA ILE J 62 30.80 -17.35 -10.11
C ILE J 62 31.81 -16.69 -11.03
N HIS J 63 31.61 -15.40 -11.31
CA HIS J 63 32.55 -14.63 -12.10
C HIS J 63 33.96 -14.65 -11.49
N PHE J 64 34.09 -14.17 -10.26
CA PHE J 64 35.41 -13.91 -9.70
C PHE J 64 36.22 -15.18 -9.58
N SER J 65 35.51 -16.28 -9.33
CA SER J 65 36.20 -17.50 -9.10
C SER J 65 36.46 -18.26 -10.42
N ALA J 66 35.63 -18.02 -11.44
CA ALA J 66 35.92 -18.50 -12.79
C ALA J 66 37.10 -17.71 -13.33
N GLY J 67 37.21 -16.46 -12.91
CA GLY J 67 38.34 -15.62 -13.26
C GLY J 67 39.62 -16.09 -12.60
N MET J 68 39.47 -16.75 -11.45
CA MET J 68 40.60 -17.37 -10.75
C MET J 68 41.12 -18.58 -11.52
N VAL J 69 40.26 -19.58 -11.71
CA VAL J 69 40.56 -20.77 -12.51
C VAL J 69 41.12 -20.40 -13.90
N PHE J 70 40.38 -19.59 -14.64
CA PHE J 70 40.81 -19.12 -15.93
C PHE J 70 42.23 -18.60 -15.92
N THR J 71 42.55 -17.75 -14.96
CA THR J 71 43.86 -17.11 -14.84
C THR J 71 44.97 -18.09 -14.59
N VAL J 72 44.70 -19.04 -13.72
CA VAL J 72 45.64 -20.08 -13.41
C VAL J 72 45.89 -20.90 -14.67
N VAL J 73 44.83 -21.36 -15.31
CA VAL J 73 44.98 -22.16 -16.51
C VAL J 73 45.64 -21.41 -17.67
N LEU J 74 45.36 -20.11 -17.80
CA LEU J 74 46.07 -19.29 -18.78
C LEU J 74 47.52 -19.11 -18.36
N LEU J 75 47.80 -18.82 -17.11
CA LEU J 75 49.21 -18.83 -16.67
C LEU J 75 49.86 -20.22 -16.90
N MET J 76 49.06 -21.24 -17.16
CA MET J 76 49.63 -22.57 -17.42
C MET J 76 49.55 -23.07 -18.86
N ARG J 77 48.65 -22.49 -19.65
CA ARG J 77 48.57 -22.91 -21.04
C ARG J 77 49.66 -22.18 -21.85
N ILE J 78 50.50 -21.39 -21.15
CA ILE J 78 51.66 -20.72 -21.72
C ILE J 78 52.90 -21.48 -21.25
N TYR J 79 53.13 -21.55 -19.92
CA TYR J 79 54.26 -22.32 -19.43
C TYR J 79 54.26 -23.72 -20.03
N TRP J 80 53.10 -24.29 -20.35
CA TRP J 80 53.17 -25.52 -21.13
C TRP J 80 53.55 -25.24 -22.59
N ALA J 81 52.92 -24.21 -23.18
CA ALA J 81 53.13 -23.83 -24.58
C ALA J 81 54.59 -23.50 -24.86
N PHE J 82 55.18 -22.63 -24.03
CA PHE J 82 56.60 -22.31 -24.15
C PHE J 82 57.51 -23.54 -24.02
N VAL J 83 57.23 -24.43 -23.06
CA VAL J 83 58.05 -25.64 -22.89
C VAL J 83 57.65 -26.81 -23.83
N TRP J 101 70.01 -13.06 -19.27
CA TRP J 101 69.57 -11.96 -18.40
C TRP J 101 68.31 -11.26 -18.93
N TRP J 102 68.02 -10.10 -18.37
CA TRP J 102 66.90 -9.22 -18.78
C TRP J 102 67.16 -8.42 -20.09
N GLN J 103 68.43 -8.35 -20.54
CA GLN J 103 68.77 -7.77 -21.84
C GLN J 103 69.26 -8.83 -22.85
N GLY J 104 69.09 -10.11 -22.51
CA GLY J 104 69.38 -11.22 -23.43
C GLY J 104 68.17 -11.78 -24.18
N VAL J 105 67.02 -11.82 -23.51
CA VAL J 105 65.74 -12.19 -24.15
C VAL J 105 65.36 -11.12 -25.15
N TRP J 106 65.70 -9.86 -24.80
CA TRP J 106 65.46 -8.66 -25.62
C TRP J 106 65.89 -8.84 -27.06
N TYR J 107 67.10 -9.39 -27.25
CA TYR J 107 67.67 -9.67 -28.57
C TYR J 107 66.80 -10.56 -29.45
N GLU J 108 65.99 -11.42 -28.84
CA GLU J 108 65.10 -12.30 -29.59
C GLU J 108 63.62 -11.89 -29.58
N ILE J 109 63.17 -11.05 -28.63
CA ILE J 109 61.78 -10.55 -28.65
C ILE J 109 61.63 -9.33 -29.56
N ARG J 110 62.61 -8.42 -29.51
CA ARG J 110 62.63 -7.18 -30.32
C ARG J 110 62.28 -7.35 -31.81
N TRP J 111 62.53 -8.53 -32.36
CA TRP J 111 62.24 -8.80 -33.77
C TRP J 111 60.76 -8.91 -34.06
N TYR J 112 60.00 -9.54 -33.15
CA TYR J 112 58.54 -9.60 -33.24
C TYR J 112 57.91 -8.22 -33.06
N LEU J 113 58.67 -7.30 -32.45
CA LEU J 113 58.31 -5.90 -32.34
C LEU J 113 58.68 -5.09 -33.59
N PHE J 114 59.29 -5.75 -34.58
CA PHE J 114 59.82 -5.14 -35.83
C PHE J 114 60.98 -4.20 -35.56
N PRO J 127 52.39 -17.36 -43.19
CA PRO J 127 51.05 -16.77 -43.17
C PRO J 127 50.76 -16.04 -41.86
N ILE J 128 50.15 -14.86 -41.95
CA ILE J 128 49.83 -14.03 -40.77
C ILE J 128 48.54 -14.46 -40.03
N ALA J 129 48.43 -15.76 -39.75
CA ALA J 129 47.26 -16.36 -39.06
C ALA J 129 47.52 -16.62 -37.56
N GLN J 130 48.72 -16.29 -37.10
CA GLN J 130 49.08 -16.39 -35.69
C GLN J 130 48.67 -15.12 -34.94
N ALA J 131 48.90 -13.94 -35.56
CA ALA J 131 48.57 -12.61 -35.00
C ALA J 131 47.14 -12.50 -34.41
N ALA J 132 46.24 -13.40 -34.87
CA ALA J 132 44.89 -13.49 -34.34
C ALA J 132 44.92 -14.32 -33.06
N MET J 133 45.54 -15.50 -33.15
CA MET J 133 45.73 -16.36 -31.98
C MET J 133 46.60 -15.67 -30.93
N PHE J 134 47.49 -14.79 -31.37
CA PHE J 134 48.30 -14.02 -30.45
C PHE J 134 47.45 -12.95 -29.79
N GLY J 135 46.65 -12.28 -30.59
CA GLY J 135 45.81 -11.19 -30.08
C GLY J 135 44.88 -11.65 -29.00
N TYR J 136 44.35 -12.85 -29.21
CA TYR J 136 43.43 -13.53 -28.30
C TYR J 136 44.05 -13.74 -26.90
N PHE J 137 45.27 -14.22 -26.87
CA PHE J 137 46.00 -14.42 -25.63
C PHE J 137 46.32 -13.08 -24.99
N LEU J 138 46.37 -12.05 -25.81
CA LEU J 138 46.69 -10.73 -25.33
C LEU J 138 45.48 -10.09 -24.67
N MET J 139 44.31 -10.40 -25.19
CA MET J 139 43.08 -9.89 -24.64
C MET J 139 42.87 -10.52 -23.27
N SER J 140 42.97 -11.84 -23.24
CA SER J 140 42.89 -12.63 -22.03
C SER J 140 43.74 -12.01 -20.91
N VAL J 141 44.97 -11.64 -21.23
CA VAL J 141 45.88 -11.05 -20.25
C VAL J 141 45.43 -9.63 -19.87
N PHE J 142 44.85 -8.93 -20.83
CA PHE J 142 44.29 -7.60 -20.57
C PHE J 142 43.05 -7.74 -19.69
N MET J 143 42.24 -8.75 -20.00
CA MET J 143 41.05 -9.07 -19.21
C MET J 143 41.36 -9.51 -17.80
N ILE J 144 42.62 -9.87 -17.56
CA ILE J 144 43.06 -10.34 -16.27
C ILE J 144 43.60 -9.17 -15.49
N ILE J 145 44.49 -8.41 -16.11
CA ILE J 145 45.10 -7.23 -15.50
C ILE J 145 44.01 -6.27 -15.03
N THR J 146 43.04 -6.01 -15.91
CA THR J 146 41.97 -5.07 -15.60
C THR J 146 40.97 -5.69 -14.64
N GLY J 147 40.58 -6.94 -14.93
CA GLY J 147 39.68 -7.68 -14.05
C GLY J 147 40.14 -7.81 -12.60
N PHE J 148 41.44 -8.01 -12.40
CA PHE J 148 41.97 -8.15 -11.05
C PHE J 148 42.16 -6.81 -10.43
N ALA J 149 42.33 -5.80 -11.26
CA ALA J 149 42.51 -4.43 -10.79
C ALA J 149 41.27 -4.04 -10.05
N LEU J 150 40.14 -4.52 -10.55
CA LEU J 150 38.84 -4.28 -9.93
C LEU J 150 38.66 -5.09 -8.65
N TYR J 151 38.89 -6.38 -8.74
CA TYR J 151 38.75 -7.30 -7.62
C TYR J 151 39.70 -7.03 -6.44
N SER J 152 40.94 -6.68 -6.73
CA SER J 152 42.02 -6.51 -5.74
C SER J 152 41.93 -5.26 -4.89
N GLU J 153 41.69 -4.12 -5.51
CA GLU J 153 41.64 -2.84 -4.82
C GLU J 153 40.27 -2.82 -4.28
N HIS J 154 40.16 -3.40 -3.08
CA HIS J 154 38.90 -3.53 -2.33
C HIS J 154 39.22 -3.53 -0.85
N SER J 155 40.44 -3.03 -0.59
CA SER J 155 41.20 -2.97 0.69
C SER J 155 42.02 -4.26 0.96
N GLN J 156 42.26 -5.06 -0.09
CA GLN J 156 43.11 -6.27 0.04
C GLN J 156 44.58 -5.88 0.28
N TYR J 157 45.19 -6.53 1.26
CA TYR J 157 46.62 -6.41 1.50
C TYR J 157 47.23 -7.78 1.17
N ALA J 158 47.93 -7.91 0.03
CA ALA J 158 48.36 -9.24 -0.44
C ALA J 158 49.47 -9.23 -1.50
N ILE J 159 49.25 -10.05 -2.52
CA ILE J 159 50.11 -10.21 -3.67
C ILE J 159 49.50 -9.52 -4.85
N PHE J 160 48.46 -8.74 -4.60
CA PHE J 160 47.75 -7.99 -5.60
C PHE J 160 48.25 -6.59 -5.69
N ALA J 161 49.29 -6.28 -4.94
CA ALA J 161 49.80 -4.92 -4.91
C ALA J 161 50.11 -4.31 -6.28
N PRO J 162 50.66 -5.08 -7.24
CA PRO J 162 50.94 -4.47 -8.57
C PRO J 162 49.72 -3.93 -9.32
N PHE J 163 48.59 -4.60 -9.23
CA PHE J 163 47.38 -4.14 -9.90
C PHE J 163 46.95 -2.74 -9.57
N ARG J 164 47.38 -2.25 -8.41
CA ARG J 164 47.11 -0.88 -8.00
C ARG J 164 47.57 0.10 -9.06
N TYR J 165 48.73 -0.13 -9.66
CA TYR J 165 49.22 0.68 -10.76
C TYR J 165 48.22 0.83 -11.88
N VAL J 166 47.47 -0.22 -12.19
CA VAL J 166 46.44 -0.13 -13.24
C VAL J 166 45.41 0.97 -12.96
N VAL J 167 45.09 1.11 -11.69
CA VAL J 167 44.16 2.10 -11.21
C VAL J 167 44.80 3.46 -11.39
N GLU J 168 46.06 3.60 -11.01
CA GLU J 168 46.70 4.90 -11.08
C GLU J 168 46.86 5.29 -12.52
N PHE J 169 46.97 4.28 -13.37
CA PHE J 169 47.17 4.52 -14.79
C PHE J 169 45.90 5.12 -15.35
N PHE J 170 44.77 4.51 -14.99
CA PHE J 170 43.48 5.01 -15.47
C PHE J 170 43.15 6.40 -14.92
N TYR J 171 43.62 6.72 -13.72
CA TYR J 171 43.55 8.07 -13.15
C TYR J 171 44.47 9.06 -13.86
N TRP J 172 45.61 8.55 -14.34
CA TRP J 172 46.60 9.35 -15.05
C TRP J 172 46.01 9.73 -16.39
N THR J 173 45.36 8.76 -17.03
CA THR J 173 44.51 8.94 -18.22
C THR J 173 43.53 10.12 -18.14
N GLY J 174 43.19 10.52 -16.91
CA GLY J 174 42.20 11.54 -16.66
C GLY J 174 40.84 10.90 -16.40
N GLY J 175 40.87 9.67 -15.90
CA GLY J 175 39.66 8.94 -15.55
C GLY J 175 39.67 8.36 -14.14
N ASN J 176 38.79 7.41 -13.91
CA ASN J 176 38.71 6.71 -12.62
C ASN J 176 38.37 5.26 -12.90
N SER J 177 38.15 4.47 -11.86
CA SER J 177 37.93 3.03 -11.99
C SER J 177 36.71 2.65 -12.79
N MET J 178 35.90 3.64 -13.14
CA MET J 178 34.76 3.37 -14.01
C MET J 178 35.25 2.98 -15.38
N ASP J 179 36.38 3.57 -15.78
CA ASP J 179 36.93 3.31 -17.09
C ASP J 179 37.50 1.91 -17.14
N ILE J 180 38.04 1.45 -16.02
CA ILE J 180 38.48 0.06 -15.90
C ILE J 180 37.30 -0.86 -16.22
N HIS J 181 36.13 -0.50 -15.69
CA HIS J 181 34.90 -1.23 -15.94
C HIS J 181 34.54 -1.21 -17.44
N SER J 182 34.74 -0.06 -18.07
CA SER J 182 34.36 0.14 -19.47
C SER J 182 35.25 -0.67 -20.40
N TRP J 183 36.57 -0.53 -20.20
CA TRP J 183 37.61 -1.21 -20.99
C TRP J 183 37.54 -2.70 -20.76
N HIS J 184 37.30 -3.11 -19.51
CA HIS J 184 36.99 -4.51 -19.20
C HIS J 184 35.83 -5.03 -20.04
N ARG J 185 34.72 -4.31 -20.04
CA ARG J 185 33.55 -4.72 -20.80
C ARG J 185 33.84 -4.81 -22.29
N LEU J 186 34.61 -3.84 -22.79
CA LEU J 186 34.97 -3.79 -24.21
C LEU J 186 35.76 -5.04 -24.58
N GLY J 187 36.67 -5.42 -23.70
CA GLY J 187 37.50 -6.60 -23.89
C GLY J 187 36.69 -7.84 -24.12
N MET J 188 35.63 -8.00 -23.33
CA MET J 188 34.71 -9.12 -23.53
C MET J 188 34.12 -9.15 -24.94
N TRP J 189 33.71 -7.98 -25.45
CA TRP J 189 33.18 -7.89 -26.79
C TRP J 189 34.23 -8.31 -27.83
N LEU J 190 35.47 -7.88 -27.62
CA LEU J 190 36.55 -8.14 -28.57
C LEU J 190 36.90 -9.61 -28.67
N ILE J 191 36.92 -10.28 -27.52
CA ILE J 191 37.16 -11.72 -27.45
C ILE J 191 36.06 -12.41 -28.25
N GLY J 192 34.83 -12.00 -27.99
CA GLY J 192 33.70 -12.58 -28.66
C GLY J 192 33.77 -12.38 -30.15
N ALA J 193 34.45 -11.32 -30.55
CA ALA J 193 34.72 -11.07 -31.96
C ALA J 193 35.60 -12.16 -32.54
N PHE J 194 36.74 -12.45 -31.89
CA PHE J 194 37.63 -13.54 -32.32
C PHE J 194 36.89 -14.85 -32.33
N VAL J 195 36.41 -15.28 -31.17
CA VAL J 195 35.55 -16.43 -31.04
C VAL J 195 34.54 -16.41 -32.20
N ILE J 196 34.08 -15.20 -32.56
CA ILE J 196 33.12 -15.01 -33.61
C ILE J 196 33.79 -15.39 -34.91
N GLY J 197 35.00 -14.87 -35.08
CA GLY J 197 35.82 -15.07 -36.29
C GLY J 197 36.49 -16.43 -36.38
N HIS J 198 37.19 -16.82 -35.33
CA HIS J 198 37.79 -18.14 -35.24
C HIS J 198 36.82 -19.30 -35.49
N VAL J 199 35.52 -19.03 -35.41
CA VAL J 199 34.52 -20.00 -35.83
C VAL J 199 34.35 -19.92 -37.36
N TYR J 200 35.39 -19.46 -38.05
CA TYR J 200 35.46 -19.46 -39.52
C TYR J 200 35.23 -20.89 -39.95
N MET J 201 35.98 -21.79 -39.31
CA MET J 201 36.02 -23.24 -39.50
C MET J 201 37.42 -23.67 -39.13
N ALA J 202 38.44 -22.95 -39.60
CA ALA J 202 39.86 -23.23 -39.28
C ALA J 202 40.34 -22.46 -38.04
FE1 SF4 K . -6.89 -9.21 -26.79
FE2 SF4 K . -8.09 -8.91 -24.42
FE3 SF4 K . -5.78 -7.61 -24.93
FE4 SF4 K . -8.15 -6.93 -26.12
S1 SF4 K . -7.63 -6.72 -23.90
S2 SF4 K . -6.07 -7.06 -27.10
S3 SF4 K . -9.14 -8.98 -26.45
S4 SF4 K . -6.03 -9.86 -24.79
FE1 F3S L . -14.81 0.93 -21.50
FE3 F3S L . -14.21 -1.30 -20.16
FE4 F3S L . -13.05 -0.84 -22.45
S1 F3S L . -16.23 -0.55 -20.65
S2 F3S L . -14.62 0.24 -23.60
S3 F3S L . -12.87 0.39 -20.60
S4 F3S L . -13.88 -2.77 -21.79
S3 ER2 M . -19.06 9.70 -19.09
FE3 ER2 M . -19.13 9.47 -21.37
FE4 ER2 M . -21.14 9.13 -18.23
S4 ER2 M . -22.01 7.62 -19.73
S1 ER2 M . -22.40 11.04 -18.52
FE1 ER2 M . -22.65 9.69 -20.37
FE2 ER2 M . -20.58 11.24 -19.87
S2 ER2 M . -21.17 10.44 -21.92
FE FCO N . -34.23 9.22 -26.06
C1 FCO N . -35.41 10.65 -26.54
N1 FCO N . -36.13 11.51 -26.80
C2 FCO N . -35.72 8.00 -25.90
N2 FCO N . -36.57 7.26 -25.72
C3 FCO N . -34.16 8.77 -27.67
O3 FCO N . -34.13 8.50 -28.80
NI NI O . -32.81 9.76 -23.87
MG MG P . -30.71 17.12 -34.50
CL CL Q . -37.04 -10.08 -8.75
FE1 SF4 R . -1.52 -18.85 -14.42
FE2 SF4 R . -4.18 -18.79 -14.81
FE3 SF4 R . -2.69 -20.29 -16.40
FE4 SF4 R . -3.14 -20.97 -13.82
S1 SF4 R . -4.68 -20.95 -15.50
S2 SF4 R . -1.15 -21.06 -14.90
S3 SF4 R . -3.12 -18.88 -12.78
S4 SF4 R . -2.56 -18.02 -16.25
FE1 F3S S . -11.59 -27.84 -10.82
FE3 F3S S . -12.07 -25.66 -12.41
FE4 F3S S . -9.66 -26.34 -11.78
S1 F3S S . -12.99 -26.16 -10.47
S2 F3S S . -9.79 -27.19 -9.74
S3 F3S S . -11.12 -27.55 -12.95
S4 F3S S . -10.48 -24.28 -11.78
S3 ER2 T . -17.07 -35.95 -8.44
FE3 ER2 T . -15.27 -35.73 -7.05
FE4 ER2 T . -18.89 -35.05 -7.34
S4 ER2 T . -18.00 -33.45 -5.96
S1 ER2 T . -19.59 -36.73 -5.99
FE1 ER2 T . -18.10 -35.42 -4.82
FE2 ER2 T . -17.46 -37.26 -6.63
S2 ER2 T . -16.06 -36.45 -5.02
FE FCO U . -20.37 -34.04 7.79
C1 FCO U . -20.86 -35.35 9.11
N1 FCO U . -21.24 -36.11 9.88
C2 FCO U . -21.32 -32.65 8.73
N2 FCO U . -21.93 -31.81 9.26
C3 FCO U . -18.99 -33.69 8.71
O3 FCO U . -18.05 -33.45 9.38
NI NI V . -21.38 -34.56 5.41
MG MG W . -12.63 -42.79 10.60
CL CL X . -33.66 -13.65 -1.54
FE1 SF4 Y . 26.59 -7.80 9.02
FE2 SF4 Y . 25.03 -5.63 9.14
FE3 SF4 Y . 23.99 -8.06 8.52
FE4 SF4 Y . 24.90 -7.51 11.06
S1 SF4 Y . 23.11 -6.51 10.00
S2 SF4 Y . 25.18 -9.44 9.85
S3 SF4 Y . 26.72 -6.16 10.62
S4 SF4 Y . 25.47 -6.88 7.26
FE1 F3S Z . 17.72 -3.39 18.73
FE3 F3S Z . 18.08 -2.15 16.48
FE4 F3S Z . 19.14 -4.50 16.84
S1 F3S Z . 18.27 -1.29 18.52
S2 F3S Z . 19.71 -4.34 18.96
S3 F3S Z . 16.99 -4.00 16.74
S4 F3S Z . 20.11 -2.73 15.96
S3 ER2 AA . 10.99 -2.61 26.17
FE3 ER2 AA . 12.65 -3.94 26.94
FE4 ER2 AA . 11.33 -0.47 26.97
S4 ER2 AA . 13.59 -0.33 27.13
S1 ER2 AA . 10.56 -0.53 29.17
FE1 ER2 AA . 12.79 -1.06 29.14
FE2 ER2 AA . 10.85 -2.71 28.47
S2 ER2 AA . 12.98 -3.31 29.11
FE FCO BA . 19.70 3.57 39.10
C1 FCO BA . 19.22 3.58 40.96
N1 FCO BA . 18.97 3.59 42.06
C2 FCO BA . 20.63 5.22 39.33
N2 FCO BA . 21.14 6.23 39.44
C3 FCO BA . 21.14 2.74 39.37
O3 FCO BA . 22.13 2.15 39.54
NI NI CA . 17.43 3.79 37.60
MG MG DA . 19.52 -7.26 44.67
CL CL EA . 21.15 24.05 22.88
FE1 SF4 FA . 23.22 0.05 -5.16
FE2 SF4 FA . 24.34 1.52 -3.10
FE3 SF4 FA . 25.91 0.20 -4.79
FE4 SF4 FA . 24.60 2.34 -5.66
S1 SF4 FA . 26.24 2.37 -4.06
S2 SF4 FA . 24.77 0.34 -6.79
S3 SF4 FA . 22.64 2.14 -4.50
S4 SF4 FA . 24.39 -0.75 -3.35
FE1 F3S GA . 28.82 12.78 -4.89
FE3 F3S GA . 28.68 11.23 -2.68
FE4 F3S GA . 28.20 10.24 -5.11
S1 F3S GA . 27.87 13.27 -2.96
S2 F3S GA . 27.51 11.87 -6.41
S3 F3S GA . 30.10 11.08 -4.37
S4 F3S GA . 27.13 9.79 -3.27
S3 ER2 HA . 33.78 21.20 -6.92
FE3 ER2 HA . 32.38 20.90 -8.70
FE4 ER2 HA . 32.88 22.76 -5.51
S4 ER2 HA . 30.66 22.38 -5.89
S1 ER2 HA . 33.37 24.79 -6.45
FE1 ER2 HA . 31.38 24.04 -7.29
FE2 ER2 HA . 33.62 23.18 -8.09
S2 ER2 HA . 31.67 22.96 -9.24
FE FCO IA . 22.02 32.55 -9.44
C1 FCO IA . 22.06 34.26 -10.37
N1 FCO IA . 22.08 35.30 -10.90
C2 FCO IA . 20.63 33.23 -8.28
N2 FCO IA . 19.82 33.67 -7.58
C3 FCO IA . 20.86 31.98 -10.56
O3 FCO IA . 20.07 31.62 -11.34
NI NI JA . 24.30 31.99 -8.17
MG MG KA . 24.26 32.57 -21.44
CL CL LA . 17.78 27.55 15.78
CHA HEM MA . 8.00 -27.99 -22.59
CHB HEM MA . 12.43 -29.65 -23.17
CHC HEM MA . 11.40 -30.80 -27.73
CHD HEM MA . 7.17 -28.57 -27.29
C1A HEM MA . 9.26 -28.46 -22.36
C2A HEM MA . 9.76 -28.69 -21.08
C3A HEM MA . 11.00 -29.17 -21.23
C4A HEM MA . 11.27 -29.22 -22.61
CMA HEM MA . 11.93 -29.55 -20.10
CAA HEM MA . 9.04 -28.42 -19.77
CBA HEM MA . 8.10 -29.54 -19.36
CGA HEM MA . 7.46 -29.20 -18.06
O1A HEM MA . 8.06 -29.14 -16.99
O2A HEM MA . 6.24 -28.98 -18.05
C1B HEM MA . 12.52 -30.14 -24.49
C2B HEM MA . 13.68 -30.80 -25.00
C3B HEM MA . 13.37 -31.14 -26.27
C4B HEM MA . 12.02 -30.64 -26.51
CMB HEM MA . 14.96 -31.08 -24.25
CAB HEM MA . 14.16 -31.84 -27.28
CBB HEM MA . 15.44 -32.10 -27.12
C1C HEM MA . 10.17 -30.23 -28.02
C2C HEM MA . 9.59 -30.20 -29.30
C3C HEM MA . 8.39 -29.57 -29.16
C4C HEM MA . 8.25 -29.22 -27.80
CMC HEM MA . 10.15 -30.78 -30.57
CAC HEM MA . 7.44 -29.33 -30.26
CBC HEM MA . 7.07 -28.09 -30.57
C1D HEM MA . 7.07 -28.28 -25.94
C2D HEM MA . 5.84 -27.72 -25.40
C3D HEM MA . 6.07 -27.53 -24.08
C4D HEM MA . 7.43 -28.02 -23.84
CMD HEM MA . 4.62 -27.39 -26.23
CAD HEM MA . 5.15 -26.97 -23.00
CBD HEM MA . 4.61 -25.59 -23.36
CGD HEM MA . 3.76 -24.95 -22.29
O1D HEM MA . 2.60 -25.32 -22.07
O2D HEM MA . 4.21 -24.01 -21.63
NA HEM MA . 10.18 -28.81 -23.30
NB HEM MA . 11.58 -30.06 -25.42
NC HEM MA . 9.37 -29.59 -27.15
ND HEM MA . 7.99 -28.46 -24.98
FE HEM MA . 9.68 -29.17 -25.16
CHA HEM NA . 33.06 -7.53 -14.57
CHB HEM NA . 33.75 -10.20 -18.52
CHC HEM NA . 37.82 -11.97 -16.63
CHD HEM NA . 36.89 -9.59 -12.55
C1A HEM NA . 32.97 -8.04 -15.84
C2A HEM NA . 32.13 -7.52 -16.84
C3A HEM NA . 32.31 -8.27 -17.94
C4A HEM NA . 33.28 -9.25 -17.65
CMA HEM NA . 31.59 -8.05 -19.24
CAA HEM NA . 31.15 -6.38 -16.75
CBA HEM NA . 31.88 -5.09 -16.43
CGA HEM NA . 30.97 -3.91 -16.49
O1A HEM NA . 30.16 -3.72 -17.41
O2A HEM NA . 31.05 -3.08 -15.57
C1B HEM NA . 34.92 -10.86 -18.32
C2B HEM NA . 35.47 -11.71 -19.29
C3B HEM NA . 36.63 -12.22 -18.77
C4B HEM NA . 36.75 -11.65 -17.44
CMB HEM NA . 34.85 -11.96 -20.62
CAB HEM NA . 37.63 -13.15 -19.32
CBB HEM NA . 37.70 -13.56 -20.59
C1C HEM NA . 37.96 -11.47 -15.35
C2C HEM NA . 39.00 -11.73 -14.45
C3C HEM NA . 38.72 -11.05 -13.31
C4C HEM NA . 37.50 -10.36 -13.50
CMC HEM NA . 40.22 -12.61 -14.63
CAC HEM NA . 39.54 -11.05 -12.09
CBC HEM NA . 39.01 -11.48 -10.96
C1D HEM NA . 35.77 -8.84 -12.83
C2D HEM NA . 35.26 -7.91 -11.83
C3D HEM NA . 34.19 -7.32 -12.39
C4D HEM NA . 34.07 -7.91 -13.72
CMD HEM NA . 35.89 -7.71 -10.48
CAD HEM NA . 33.20 -6.26 -11.89
CBD HEM NA . 33.00 -6.17 -10.37
CGD HEM NA . 31.63 -5.76 -9.85
O1D HEM NA . 31.44 -4.66 -9.32
O2D HEM NA . 30.65 -6.52 -9.90
NA HEM NA . 33.70 -9.08 -16.37
NB HEM NA . 35.69 -10.85 -17.24
NC HEM NA . 37.03 -10.65 -14.74
ND HEM NA . 35.05 -8.81 -13.94
FE HEM NA . 35.31 -9.78 -15.49
#